data_7RQW
#
_entry.id   7RQW
#
_cell.length_a   1.00
_cell.length_b   1.00
_cell.length_c   1.00
_cell.angle_alpha   90.00
_cell.angle_beta   90.00
_cell.angle_gamma   90.00
#
_symmetry.space_group_name_H-M   'P 1'
#
loop_
_entity.id
_entity.type
_entity.pdbx_description
1 polymer 'Transient receptor potential cation channel subfamily V member 1'
2 non-polymer resiniferatoxin
3 non-polymer 1,2-DIOLEOYL-SN-GLYCERO-3-PHOSPHOCHOLINE
4 non-polymer 1-palmitoyl-2-oleoyl-sn-glycero-3-phosphocholine
5 non-polymer '[(2~{R})-1-[2-azanylethoxy(oxidanyl)phosphoryl]oxy-3-hexadecanoyloxy-propan-2-yl] (~{Z})-octadec-9-enoate'
#
_entity_poly.entity_id   1
_entity_poly.type   'polypeptide(L)'
_entity_poly.pdbx_seq_one_letter_code
;MEQRASLDSEESESPPQENSCLDPPDRDPNCKPPPVKPHIFTTRSRTRLFGKGDSEEASPLDCPYEEGGLASCPIITVSS
VLTIQRPGDGPASVRPSSQDSVSAGEKPPRLYDRRSIFDAVAQSNCQELESLLPFLQRSKKRLTDSEFKDPETGKTCLLK
AMLNLHNGQNDTIALLLDVARKTDSLKQFVNASYTDSYYKGQTALHIAIERRNMTLVTLLVENGADVQAAANGDFFKKTK
GRPGFYFGELPLSLAACTNQLAIVKFLLQNSWQPADISARDSVGNTVLHALVEVADNTVDNTKFVTSMYNEILILGAKLH
PTLKLEEITNRKGLTPLALAASSGKIGVLAYILQREIHEPECRHLSRKFTEWAYGPVHSSLYDLSCIDTCEKNSVLEVIA
YSSSETPNRHDMLLVEPLNRLLQDKWDRFVKRIFYFNFFVYCLYMIIFTAAAYYRPVEGLPPYKLKNTVGDYFRVTGEIL
SVSGGVYFFFRGIQYFLQRRPSLKSLFVDSYSEILFFVQSLFMLVSVVLYFSQRKEYVASMVFSLAMGWTNMLYYTRGFQ
QMGIYAVMIEKMILRDLCRFMFVYLVFLFGFSTAVVTLIEDGKNNSLPMESTPHKCRGSACKPGNSYNSLYSTCLELFKF
TIGMGDLEFTENYDFKAVFIILLLAYVILTYILLLNMLIALMGETVNKIAQESKNIWKLQRAITILDTEKSFLKCMRKAF
RSGKLLQVGFTPDGKDDYRWCFRVDEVNWTTWNTNVGIINEDPGNCEGVKRTLSFSLRSGRVSGRNWKNFALVPLLRDAS
TRDRHATQQEEVQLKHYTGSLKPEDAEVFKDSMVPGEKENSLEVLFQGPDYKDDDDKAHHHHHHHHHH
;
_entity_poly.pdbx_strand_id   A,B,C,D
#
loop_
_chem_comp.id
_chem_comp.type
_chem_comp.name
_chem_comp.formula
6EU non-polymer resiniferatoxin 'C37 H40 O9'
6OU non-polymer '[(2~{R})-1-[2-azanylethoxy(oxidanyl)phosphoryl]oxy-3-hexadecanoyloxy-propan-2-yl] (~{Z})-octadec-9-enoate' 'C39 H76 N O8 P'
LBN non-polymer 1-palmitoyl-2-oleoyl-sn-glycero-3-phosphocholine 'C42 H82 N O8 P'
PCW non-polymer 1,2-DIOLEOYL-SN-GLYCERO-3-PHOSPHOCHOLINE 'C44 H85 N O8 P 1'
#
# COMPACT_ATOMS: atom_id res chain seq x y z
N SER A 197 30.24 -11.74 -45.19
CA SER A 197 29.73 -10.89 -44.13
C SER A 197 28.54 -11.53 -43.42
N TYR A 198 27.34 -11.32 -43.97
CA TYR A 198 26.14 -11.85 -43.35
C TYR A 198 26.18 -13.36 -43.27
N TYR A 199 26.59 -14.03 -44.35
CA TYR A 199 26.63 -15.49 -44.42
C TYR A 199 28.05 -16.03 -44.35
N LYS A 200 29.04 -15.21 -44.00
CA LYS A 200 30.43 -15.61 -44.08
C LYS A 200 30.66 -16.94 -43.37
N GLY A 201 31.04 -17.96 -44.13
CA GLY A 201 31.27 -19.28 -43.59
C GLY A 201 30.04 -20.09 -43.32
N GLN A 202 28.85 -19.50 -43.45
CA GLN A 202 27.62 -20.19 -43.12
C GLN A 202 27.31 -21.25 -44.17
N THR A 203 27.02 -22.47 -43.73
CA THR A 203 26.77 -23.59 -44.62
C THR A 203 25.46 -24.26 -44.23
N ALA A 204 25.03 -25.20 -45.07
CA ALA A 204 23.81 -25.94 -44.80
C ALA A 204 23.90 -26.73 -43.50
N LEU A 205 25.11 -27.02 -43.03
CA LEU A 205 25.26 -27.70 -41.75
C LEU A 205 24.66 -26.86 -40.63
N HIS A 206 24.89 -25.54 -40.67
CA HIS A 206 24.33 -24.66 -39.65
C HIS A 206 22.80 -24.71 -39.66
N ILE A 207 22.20 -24.67 -40.85
CA ILE A 207 20.74 -24.71 -40.94
C ILE A 207 20.21 -26.05 -40.44
N ALA A 208 20.84 -27.14 -40.84
CA ALA A 208 20.40 -28.46 -40.39
C ALA A 208 20.48 -28.57 -38.88
N ILE A 209 21.58 -28.09 -38.29
CA ILE A 209 21.72 -28.12 -36.83
C ILE A 209 20.64 -27.26 -36.19
N GLU A 210 20.42 -26.06 -36.73
CA GLU A 210 19.39 -25.17 -36.19
C GLU A 210 17.99 -25.68 -36.47
N ARG A 211 17.83 -26.53 -37.48
CA ARG A 211 16.54 -27.14 -37.78
C ARG A 211 16.36 -28.48 -37.07
N ARG A 212 17.29 -28.85 -36.19
CA ARG A 212 17.20 -30.10 -35.44
C ARG A 212 17.10 -31.30 -36.38
N ASN A 213 17.89 -31.27 -37.44
CA ASN A 213 17.96 -32.36 -38.41
C ASN A 213 19.00 -33.36 -37.93
N MET A 214 18.55 -34.52 -37.45
CA MET A 214 19.47 -35.50 -36.91
C MET A 214 20.40 -36.05 -37.99
N THR A 215 19.86 -36.33 -39.18
CA THR A 215 20.62 -36.99 -40.23
C THR A 215 21.42 -36.01 -41.08
N LEU A 216 20.82 -34.89 -41.49
CA LEU A 216 21.52 -33.97 -42.37
C LEU A 216 22.83 -33.50 -41.75
N VAL A 217 22.80 -33.15 -40.46
CA VAL A 217 24.04 -32.77 -39.77
C VAL A 217 25.04 -33.93 -39.82
N THR A 218 24.56 -35.16 -39.64
CA THR A 218 25.44 -36.32 -39.76
C THR A 218 25.97 -36.44 -41.19
N LEU A 219 25.12 -36.25 -42.18
CA LEU A 219 25.54 -36.43 -43.56
C LEU A 219 26.60 -35.41 -43.97
N LEU A 220 26.47 -34.17 -43.51
CA LEU A 220 27.45 -33.16 -43.87
C LEU A 220 28.85 -33.58 -43.48
N VAL A 221 29.03 -34.04 -42.24
CA VAL A 221 30.36 -34.48 -41.82
C VAL A 221 30.73 -35.80 -42.48
N GLU A 222 29.76 -36.70 -42.68
CA GLU A 222 30.08 -37.98 -43.31
C GLU A 222 30.66 -37.77 -44.70
N ASN A 223 30.16 -36.77 -45.43
CA ASN A 223 30.71 -36.46 -46.75
C ASN A 223 32.17 -36.04 -46.65
N GLY A 224 32.51 -35.30 -45.60
CA GLY A 224 33.87 -34.79 -45.43
C GLY A 224 33.91 -33.33 -45.06
N ALA A 225 32.76 -32.75 -44.71
CA ALA A 225 32.71 -31.36 -44.30
C ALA A 225 33.47 -31.16 -43.00
N ASP A 226 34.19 -30.04 -42.90
CA ASP A 226 35.02 -29.72 -41.75
C ASP A 226 34.29 -28.71 -40.87
N VAL A 227 34.13 -29.04 -39.59
CA VAL A 227 33.47 -28.13 -38.66
C VAL A 227 34.43 -27.14 -38.03
N GLN A 228 35.75 -27.36 -38.14
CA GLN A 228 36.70 -26.45 -37.52
C GLN A 228 36.52 -25.03 -38.03
N ALA A 229 36.08 -24.88 -39.28
CA ALA A 229 35.80 -23.56 -39.81
C ALA A 229 34.63 -22.94 -39.05
N ALA A 230 34.60 -21.60 -39.01
CA ALA A 230 33.58 -20.88 -38.27
C ALA A 230 33.01 -19.75 -39.12
N ALA A 231 31.78 -19.36 -38.81
CA ALA A 231 31.07 -18.31 -39.52
C ALA A 231 30.93 -17.08 -38.63
N ASN A 232 31.41 -15.93 -39.11
CA ASN A 232 31.36 -14.69 -38.36
C ASN A 232 30.73 -13.61 -39.24
N GLY A 233 29.79 -12.86 -38.66
CA GLY A 233 29.14 -11.77 -39.37
C GLY A 233 28.40 -10.87 -38.41
N ASP A 234 27.96 -9.73 -38.94
CA ASP A 234 27.22 -8.78 -38.12
C ASP A 234 25.99 -9.43 -37.51
N PHE A 235 25.36 -10.36 -38.24
CA PHE A 235 24.21 -11.08 -37.71
C PHE A 235 24.61 -12.03 -36.59
N PHE A 236 25.83 -12.57 -36.65
CA PHE A 236 26.26 -13.53 -35.64
C PHE A 236 26.89 -12.85 -34.44
N LYS A 237 27.48 -11.67 -34.62
CA LYS A 237 28.13 -10.97 -33.52
C LYS A 237 27.09 -10.47 -32.51
N LYS A 238 27.55 -10.29 -31.27
CA LYS A 238 26.70 -9.82 -30.18
C LYS A 238 26.60 -8.30 -30.25
N THR A 239 25.71 -7.83 -31.13
CA THR A 239 25.48 -6.41 -31.34
C THR A 239 24.01 -6.12 -31.13
N LYS A 240 23.71 -5.19 -30.21
CA LYS A 240 22.32 -4.84 -29.93
C LYS A 240 21.74 -3.86 -30.96
N GLY A 241 22.59 -3.23 -31.77
CA GLY A 241 22.09 -2.27 -32.74
C GLY A 241 21.18 -2.90 -33.77
N ARG A 242 21.49 -4.11 -34.21
CA ARG A 242 20.75 -4.81 -35.24
C ARG A 242 20.34 -6.19 -34.73
N PRO A 243 19.30 -6.78 -35.32
CA PRO A 243 18.86 -8.12 -34.87
C PRO A 243 19.99 -9.13 -35.04
N GLY A 244 20.08 -10.05 -34.09
CA GLY A 244 21.11 -11.08 -34.14
C GLY A 244 20.97 -12.01 -32.96
N PHE A 245 21.73 -13.10 -33.04
CA PHE A 245 21.71 -14.13 -32.00
C PHE A 245 23.10 -14.75 -31.94
N TYR A 246 23.86 -14.42 -30.90
CA TYR A 246 25.22 -14.92 -30.75
C TYR A 246 25.19 -16.29 -30.08
N PHE A 247 25.47 -17.32 -30.86
CA PHE A 247 25.62 -18.68 -30.36
C PHE A 247 27.06 -19.16 -30.43
N GLY A 248 27.99 -18.26 -30.76
CA GLY A 248 29.36 -18.63 -31.00
C GLY A 248 29.62 -18.93 -32.47
N GLU A 249 30.88 -18.77 -32.87
CA GLU A 249 31.26 -18.98 -34.26
C GLU A 249 31.60 -20.44 -34.56
N LEU A 250 32.09 -21.17 -33.58
CA LEU A 250 32.39 -22.58 -33.79
C LEU A 250 31.10 -23.34 -34.08
N PRO A 251 31.06 -24.18 -35.13
CA PRO A 251 29.85 -25.00 -35.34
C PRO A 251 29.51 -25.87 -34.15
N LEU A 252 30.52 -26.39 -33.44
CA LEU A 252 30.23 -27.10 -32.19
C LEU A 252 29.58 -26.17 -31.18
N SER A 253 30.03 -24.91 -31.11
CA SER A 253 29.39 -23.95 -30.23
C SER A 253 27.94 -23.72 -30.65
N LEU A 254 27.69 -23.65 -31.96
CA LEU A 254 26.33 -23.49 -32.44
C LEU A 254 25.45 -24.67 -32.02
N ALA A 255 25.94 -25.88 -32.24
CA ALA A 255 25.17 -27.06 -31.89
C ALA A 255 24.90 -27.12 -30.40
N ALA A 256 25.91 -26.84 -29.58
CA ALA A 256 25.73 -26.86 -28.14
C ALA A 256 24.73 -25.81 -27.69
N CYS A 257 24.91 -24.57 -28.14
CA CYS A 257 24.02 -23.49 -27.73
C CYS A 257 22.60 -23.66 -28.24
N THR A 258 22.37 -24.55 -29.21
CA THR A 258 21.06 -24.77 -29.80
C THR A 258 20.31 -25.93 -29.16
N ASN A 259 20.79 -26.44 -28.03
CA ASN A 259 20.12 -27.51 -27.29
C ASN A 259 20.02 -28.79 -28.12
N GLN A 260 21.19 -29.30 -28.51
CA GLN A 260 21.28 -30.57 -29.23
C GLN A 260 22.47 -31.34 -28.63
N LEU A 261 22.20 -32.11 -27.59
CA LEU A 261 23.28 -32.80 -26.89
C LEU A 261 23.78 -34.00 -27.69
N ALA A 262 22.87 -34.74 -28.33
CA ALA A 262 23.28 -35.90 -29.10
C ALA A 262 24.18 -35.50 -30.27
N ILE A 263 23.82 -34.42 -30.97
CA ILE A 263 24.60 -34.01 -32.13
C ILE A 263 25.98 -33.55 -31.72
N VAL A 264 26.08 -32.76 -30.65
CA VAL A 264 27.40 -32.31 -30.20
C VAL A 264 28.23 -33.49 -29.73
N LYS A 265 27.60 -34.45 -29.04
CA LYS A 265 28.33 -35.65 -28.64
C LYS A 265 28.87 -36.38 -29.85
N PHE A 266 28.06 -36.51 -30.90
CA PHE A 266 28.51 -37.17 -32.12
C PHE A 266 29.68 -36.42 -32.76
N LEU A 267 29.57 -35.10 -32.85
CA LEU A 267 30.66 -34.32 -33.44
C LEU A 267 31.95 -34.48 -32.64
N LEU A 268 31.86 -34.43 -31.31
CA LEU A 268 33.07 -34.55 -30.50
C LEU A 268 33.75 -35.90 -30.73
N GLN A 269 32.97 -36.97 -30.80
CA GLN A 269 33.49 -38.31 -30.99
C GLN A 269 33.48 -38.74 -32.46
N ASN A 270 33.18 -37.82 -33.37
CA ASN A 270 33.17 -38.15 -34.78
C ASN A 270 34.53 -38.67 -35.22
N SER A 271 34.53 -39.79 -35.93
CA SER A 271 35.77 -40.38 -36.41
C SER A 271 36.42 -39.52 -37.49
N TRP A 272 35.60 -38.94 -38.39
CA TRP A 272 36.16 -38.21 -39.51
C TRP A 272 36.92 -36.97 -39.05
N GLN A 273 36.31 -36.16 -38.21
CA GLN A 273 36.94 -34.92 -37.75
C GLN A 273 36.29 -34.47 -36.45
N PRO A 274 36.75 -34.94 -35.29
CA PRO A 274 36.12 -34.52 -34.03
C PRO A 274 36.25 -33.01 -33.83
N ALA A 275 35.18 -32.41 -33.32
CA ALA A 275 35.19 -30.98 -33.05
C ALA A 275 36.12 -30.67 -31.88
N ASP A 276 36.86 -29.58 -32.00
CA ASP A 276 37.83 -29.19 -30.98
C ASP A 276 37.12 -28.47 -29.85
N ILE A 277 37.07 -29.10 -28.67
CA ILE A 277 36.41 -28.49 -27.52
C ILE A 277 37.10 -27.21 -27.08
N SER A 278 38.38 -27.06 -27.37
CA SER A 278 39.17 -25.92 -26.92
C SER A 278 39.25 -24.79 -27.93
N ALA A 279 38.55 -24.91 -29.06
CA ALA A 279 38.63 -23.89 -30.09
C ALA A 279 38.12 -22.55 -29.57
N ARG A 280 38.77 -21.47 -30.00
CA ARG A 280 38.40 -20.12 -29.62
C ARG A 280 38.15 -19.31 -30.89
N ASP A 281 37.03 -18.60 -30.93
CA ASP A 281 36.67 -17.81 -32.10
C ASP A 281 37.51 -16.53 -32.11
N SER A 282 37.20 -15.64 -33.08
CA SER A 282 37.94 -14.40 -33.20
C SER A 282 37.78 -13.54 -31.94
N VAL A 283 36.57 -13.49 -31.38
CA VAL A 283 36.35 -12.74 -30.15
C VAL A 283 37.16 -13.34 -29.01
N GLY A 284 37.15 -14.67 -28.91
CA GLY A 284 37.88 -15.36 -27.86
C GLY A 284 37.01 -16.31 -27.07
N ASN A 285 35.70 -16.04 -27.06
CA ASN A 285 34.78 -16.88 -26.31
C ASN A 285 34.77 -18.29 -26.88
N THR A 286 35.23 -19.25 -26.10
CA THR A 286 35.16 -20.64 -26.51
C THR A 286 33.75 -21.18 -26.24
N VAL A 287 33.59 -22.49 -26.32
CA VAL A 287 32.26 -23.08 -26.15
C VAL A 287 31.71 -22.75 -24.77
N LEU A 288 32.53 -22.88 -23.73
CA LEU A 288 32.06 -22.60 -22.38
C LEU A 288 31.63 -21.15 -22.22
N HIS A 289 32.40 -20.22 -22.76
CA HIS A 289 31.98 -18.83 -22.73
C HIS A 289 30.61 -18.67 -23.38
N ALA A 290 30.45 -19.24 -24.58
CA ALA A 290 29.20 -19.10 -25.31
C ALA A 290 28.03 -19.62 -24.50
N LEU A 291 28.20 -20.80 -23.90
CA LEU A 291 27.15 -21.31 -23.03
C LEU A 291 26.87 -20.36 -21.88
N VAL A 292 27.91 -19.68 -21.39
CA VAL A 292 27.71 -18.78 -20.26
C VAL A 292 26.83 -17.61 -20.66
N GLU A 293 27.16 -16.91 -21.76
CA GLU A 293 26.38 -15.71 -22.05
C GLU A 293 25.05 -16.04 -22.70
N VAL A 294 24.91 -17.20 -23.33
CA VAL A 294 23.61 -17.57 -23.89
C VAL A 294 22.55 -17.74 -22.81
N ALA A 295 22.94 -17.88 -21.55
CA ALA A 295 21.98 -17.98 -20.47
C ALA A 295 21.16 -16.70 -20.36
N ASP A 296 19.90 -16.85 -19.97
CA ASP A 296 18.98 -15.71 -19.83
C ASP A 296 18.40 -15.60 -18.43
N ASN A 297 18.93 -16.33 -17.45
CA ASN A 297 18.52 -16.20 -16.06
C ASN A 297 17.04 -16.55 -15.88
N THR A 298 16.67 -17.74 -16.33
CA THR A 298 15.35 -18.30 -16.08
C THR A 298 15.53 -19.74 -15.59
N VAL A 299 14.56 -20.22 -14.81
CA VAL A 299 14.71 -21.53 -14.19
C VAL A 299 14.95 -22.59 -15.26
N ASP A 300 14.12 -22.62 -16.29
CA ASP A 300 14.26 -23.63 -17.33
C ASP A 300 15.60 -23.47 -18.06
N ASN A 301 15.88 -22.26 -18.54
CA ASN A 301 17.11 -22.06 -19.31
C ASN A 301 18.34 -22.28 -18.44
N THR A 302 18.33 -21.80 -17.20
CA THR A 302 19.48 -22.02 -16.33
C THR A 302 19.70 -23.49 -16.09
N LYS A 303 18.63 -24.24 -15.79
CA LYS A 303 18.78 -25.67 -15.57
C LYS A 303 19.34 -26.36 -16.81
N PHE A 304 18.80 -26.03 -17.98
CA PHE A 304 19.28 -26.64 -19.22
C PHE A 304 20.75 -26.32 -19.46
N VAL A 305 21.13 -25.06 -19.32
CA VAL A 305 22.50 -24.65 -19.63
C VAL A 305 23.46 -25.31 -18.67
N THR A 306 23.12 -25.36 -17.39
CA THR A 306 23.98 -26.03 -16.42
C THR A 306 24.11 -27.52 -16.71
N SER A 307 22.99 -28.18 -17.06
CA SER A 307 23.03 -29.61 -17.33
C SER A 307 23.93 -29.91 -18.52
N MET A 308 23.76 -29.16 -19.61
CA MET A 308 24.56 -29.41 -20.79
C MET A 308 26.01 -29.00 -20.59
N TYR A 309 26.25 -27.97 -19.76
CA TYR A 309 27.60 -27.62 -19.36
C TYR A 309 28.27 -28.79 -18.64
N ASN A 310 27.55 -29.42 -17.72
CA ASN A 310 28.07 -30.60 -17.03
C ASN A 310 28.39 -31.71 -18.01
N GLU A 311 27.47 -31.97 -18.93
CA GLU A 311 27.67 -33.09 -19.87
C GLU A 311 28.89 -32.84 -20.75
N ILE A 312 29.02 -31.63 -21.29
CA ILE A 312 30.16 -31.34 -22.15
C ILE A 312 31.46 -31.38 -21.35
N LEU A 313 31.43 -30.89 -20.11
CA LEU A 313 32.63 -30.92 -19.29
C LEU A 313 33.08 -32.35 -19.00
N ILE A 314 32.13 -33.22 -18.64
CA ILE A 314 32.47 -34.61 -18.36
C ILE A 314 33.01 -35.29 -19.61
N LEU A 315 32.36 -35.05 -20.76
CA LEU A 315 32.81 -35.68 -21.99
C LEU A 315 34.21 -35.21 -22.38
N GLY A 316 34.47 -33.90 -22.28
CA GLY A 316 35.79 -33.40 -22.59
C GLY A 316 36.85 -33.94 -21.66
N ALA A 317 36.52 -34.03 -20.36
CA ALA A 317 37.48 -34.61 -19.41
C ALA A 317 37.78 -36.05 -19.78
N LYS A 318 36.75 -36.82 -20.16
CA LYS A 318 36.98 -38.19 -20.60
C LYS A 318 37.90 -38.22 -21.82
N LEU A 319 37.66 -37.33 -22.79
CA LEU A 319 38.47 -37.30 -23.99
C LEU A 319 39.89 -36.80 -23.69
N HIS A 320 39.99 -35.69 -22.96
CA HIS A 320 41.28 -35.02 -22.71
C HIS A 320 41.41 -34.74 -21.22
N PRO A 321 41.74 -35.76 -20.43
CA PRO A 321 42.01 -35.50 -19.00
C PRO A 321 43.17 -34.55 -18.77
N THR A 322 44.13 -34.49 -19.70
CA THR A 322 45.32 -33.68 -19.47
C THR A 322 45.00 -32.20 -19.37
N LEU A 323 44.09 -31.71 -20.21
CA LEU A 323 43.79 -30.29 -20.29
C LEU A 323 42.52 -29.98 -19.51
N LYS A 324 42.48 -28.78 -18.92
CA LYS A 324 41.30 -28.27 -18.23
C LYS A 324 40.80 -27.04 -18.99
N LEU A 325 39.53 -27.08 -19.40
CA LEU A 325 38.99 -26.07 -20.30
C LEU A 325 38.53 -24.80 -19.58
N GLU A 326 38.39 -24.82 -18.26
CA GLU A 326 37.84 -23.68 -17.55
C GLU A 326 38.87 -22.58 -17.29
N GLU A 327 40.14 -22.81 -17.61
CA GLU A 327 41.18 -21.81 -17.37
C GLU A 327 41.46 -20.93 -18.57
N ILE A 328 40.83 -21.17 -19.71
CA ILE A 328 41.08 -20.40 -20.92
C ILE A 328 40.15 -19.19 -20.93
N THR A 329 40.73 -18.00 -21.09
CA THR A 329 39.99 -16.76 -21.09
C THR A 329 39.79 -16.24 -22.51
N ASN A 330 38.88 -15.28 -22.64
CA ASN A 330 38.58 -14.65 -23.92
C ASN A 330 39.45 -13.40 -24.09
N ARG A 331 39.12 -12.57 -25.07
CA ARG A 331 39.92 -11.38 -25.33
C ARG A 331 39.94 -10.47 -24.10
N LYS A 332 38.82 -10.34 -23.40
CA LYS A 332 38.77 -9.54 -22.18
C LYS A 332 39.55 -10.18 -21.04
N GLY A 333 40.00 -11.42 -21.20
CA GLY A 333 40.83 -12.05 -20.19
C GLY A 333 40.11 -12.47 -18.93
N LEU A 334 38.90 -13.00 -19.05
CA LEU A 334 38.15 -13.49 -17.90
C LEU A 334 37.53 -14.84 -18.22
N THR A 335 37.60 -15.75 -17.25
CA THR A 335 37.20 -17.14 -17.43
C THR A 335 35.68 -17.26 -17.49
N PRO A 336 35.17 -18.40 -17.94
CA PRO A 336 33.71 -18.59 -17.94
C PRO A 336 33.09 -18.36 -16.57
N LEU A 337 33.76 -18.76 -15.50
CA LEU A 337 33.29 -18.44 -14.16
C LEU A 337 33.22 -16.93 -13.96
N ALA A 338 34.31 -16.24 -14.30
CA ALA A 338 34.32 -14.79 -14.18
C ALA A 338 33.30 -14.15 -15.11
N LEU A 339 33.13 -14.70 -16.31
CA LEU A 339 32.13 -14.18 -17.24
C LEU A 339 30.73 -14.30 -16.65
N ALA A 340 30.40 -15.46 -16.09
CA ALA A 340 29.09 -15.64 -15.50
C ALA A 340 28.88 -14.70 -14.32
N ALA A 341 29.91 -14.54 -13.49
CA ALA A 341 29.78 -13.63 -12.35
C ALA A 341 29.61 -12.19 -12.79
N SER A 342 30.32 -11.77 -13.85
CA SER A 342 30.29 -10.38 -14.27
C SER A 342 29.00 -10.04 -14.98
N SER A 343 28.50 -10.94 -15.83
CA SER A 343 27.32 -10.67 -16.63
C SER A 343 26.02 -10.86 -15.87
N GLY A 344 26.07 -11.22 -14.60
CA GLY A 344 24.88 -11.41 -13.80
C GLY A 344 24.22 -12.75 -13.94
N LYS A 345 24.87 -13.71 -14.62
CA LYS A 345 24.29 -15.04 -14.83
C LYS A 345 24.36 -15.80 -13.51
N ILE A 346 23.37 -15.56 -12.65
CA ILE A 346 23.40 -16.14 -11.31
C ILE A 346 23.27 -17.66 -11.38
N GLY A 347 22.49 -18.17 -12.34
CA GLY A 347 22.32 -19.62 -12.42
C GLY A 347 23.62 -20.33 -12.72
N VAL A 348 24.36 -19.84 -13.72
CA VAL A 348 25.62 -20.48 -14.10
C VAL A 348 26.65 -20.33 -12.98
N LEU A 349 26.69 -19.16 -12.35
CA LEU A 349 27.63 -18.95 -11.25
C LEU A 349 27.32 -19.88 -10.09
N ALA A 350 26.05 -19.98 -9.71
CA ALA A 350 25.66 -20.88 -8.64
C ALA A 350 26.00 -22.32 -8.98
N TYR A 351 25.84 -22.70 -10.25
CA TYR A 351 26.25 -24.03 -10.66
C TYR A 351 27.74 -24.24 -10.46
N ILE A 352 28.56 -23.35 -11.02
CA ILE A 352 30.00 -23.63 -11.06
C ILE A 352 30.58 -23.58 -9.65
N LEU A 353 30.11 -22.66 -8.81
CA LEU A 353 30.72 -22.47 -7.49
C LEU A 353 30.57 -23.72 -6.63
N GLN A 354 29.40 -24.34 -6.64
CA GLN A 354 29.09 -25.49 -5.79
C GLN A 354 28.84 -26.73 -6.64
N ARG A 355 29.67 -26.95 -7.66
CA ARG A 355 29.51 -28.08 -8.55
C ARG A 355 30.06 -29.33 -7.89
N GLU A 356 29.16 -30.27 -7.58
CA GLU A 356 29.51 -31.52 -6.94
C GLU A 356 29.21 -32.66 -7.92
N ILE A 357 30.22 -33.45 -8.25
CA ILE A 357 30.06 -34.62 -9.10
C ILE A 357 30.37 -35.85 -8.26
N HIS A 358 29.37 -36.72 -8.10
CA HIS A 358 29.53 -37.90 -7.27
C HIS A 358 30.24 -39.03 -7.99
N GLU A 359 30.37 -38.96 -9.30
CA GLU A 359 30.89 -40.07 -10.07
C GLU A 359 32.34 -40.36 -9.68
N PRO A 360 32.69 -41.61 -9.35
CA PRO A 360 34.07 -41.87 -8.89
C PRO A 360 35.13 -41.48 -9.90
N GLU A 361 34.90 -41.70 -11.19
CA GLU A 361 35.90 -41.37 -12.19
C GLU A 361 36.03 -39.87 -12.39
N CYS A 362 35.01 -39.09 -12.03
CA CYS A 362 35.01 -37.64 -12.20
C CYS A 362 34.89 -37.01 -10.81
N ARG A 363 36.03 -36.85 -10.15
CA ARG A 363 36.12 -36.22 -8.84
C ARG A 363 36.89 -34.92 -8.85
N HIS A 364 38.01 -34.87 -9.58
CA HIS A 364 38.75 -33.62 -9.68
C HIS A 364 37.91 -32.52 -10.31
N LEU A 365 36.87 -32.91 -11.07
CA LEU A 365 35.97 -31.90 -11.64
C LEU A 365 35.15 -31.23 -10.55
N SER A 366 34.74 -31.98 -9.53
CA SER A 366 33.90 -31.42 -8.48
C SER A 366 34.57 -30.21 -7.84
N ARG A 367 33.77 -29.19 -7.55
CA ARG A 367 34.26 -27.99 -6.88
C ARG A 367 34.03 -28.08 -5.37
N LYS A 368 32.85 -28.55 -4.97
CA LYS A 368 32.49 -28.70 -3.57
C LYS A 368 32.58 -30.18 -3.18
N PHE A 369 33.20 -30.45 -2.04
CA PHE A 369 33.34 -31.79 -1.51
C PHE A 369 32.60 -31.89 -0.18
N THR A 370 31.77 -32.93 -0.04
CA THR A 370 31.00 -33.13 1.19
C THR A 370 31.78 -34.08 2.09
N GLU A 371 32.31 -33.56 3.19
CA GLU A 371 33.16 -34.35 4.08
C GLU A 371 32.36 -35.47 4.75
N TRP A 372 31.22 -35.12 5.35
CA TRP A 372 30.40 -36.11 6.04
C TRP A 372 29.05 -35.49 6.36
N ALA A 373 28.09 -36.34 6.71
CA ALA A 373 26.74 -35.92 7.07
C ALA A 373 26.25 -36.83 8.19
N TYR A 374 26.44 -36.40 9.43
CA TYR A 374 25.93 -37.16 10.56
C TYR A 374 24.41 -37.11 10.64
N GLY A 375 23.79 -36.05 10.12
CA GLY A 375 22.38 -35.85 10.26
C GLY A 375 21.94 -34.61 9.51
N PRO A 376 21.15 -33.74 10.15
CA PRO A 376 20.84 -32.46 9.48
C PRO A 376 22.08 -31.67 9.13
N VAL A 377 23.15 -31.82 9.91
CA VAL A 377 24.43 -31.19 9.61
C VAL A 377 25.14 -31.99 8.53
N HIS A 378 25.77 -31.29 7.59
CA HIS A 378 26.51 -31.92 6.49
C HIS A 378 27.73 -31.05 6.18
N SER A 379 28.86 -31.39 6.79
CA SER A 379 30.09 -30.65 6.54
C SER A 379 30.46 -30.70 5.05
N SER A 380 30.86 -29.56 4.51
CA SER A 380 31.18 -29.42 3.10
C SER A 380 32.47 -28.64 2.94
N LEU A 381 33.21 -28.94 1.87
CA LEU A 381 34.47 -28.28 1.56
C LEU A 381 34.39 -27.69 0.16
N TYR A 382 34.53 -26.37 0.06
CA TYR A 382 34.48 -25.67 -1.22
C TYR A 382 35.89 -25.34 -1.70
N ASP A 383 36.06 -25.27 -3.01
CA ASP A 383 37.40 -25.21 -3.59
C ASP A 383 38.06 -23.87 -3.32
N LEU A 384 37.36 -22.77 -3.57
CA LEU A 384 37.93 -21.44 -3.39
C LEU A 384 39.20 -21.23 -4.20
N SER A 385 39.45 -22.08 -5.21
CA SER A 385 40.70 -21.99 -5.95
C SER A 385 40.86 -20.64 -6.62
N CYS A 386 39.78 -20.10 -7.18
CA CYS A 386 39.84 -18.81 -7.86
C CYS A 386 38.66 -17.94 -7.46
N ILE A 387 38.42 -17.80 -6.15
CA ILE A 387 37.35 -16.95 -5.67
C ILE A 387 37.88 -15.68 -5.02
N ASP A 388 39.04 -15.74 -4.36
CA ASP A 388 39.65 -14.58 -3.73
C ASP A 388 41.14 -14.58 -4.03
N THR A 389 41.69 -13.39 -4.29
CA THR A 389 43.11 -13.21 -4.54
C THR A 389 43.63 -14.24 -5.54
N CYS A 390 42.95 -14.35 -6.67
CA CYS A 390 43.29 -15.33 -7.69
C CYS A 390 44.06 -14.73 -8.85
N GLU A 391 43.59 -13.63 -9.43
CA GLU A 391 44.24 -12.98 -10.56
C GLU A 391 43.69 -11.57 -10.65
N LYS A 392 43.97 -10.88 -11.76
CA LYS A 392 43.41 -9.57 -12.00
C LYS A 392 41.88 -9.58 -12.04
N ASN A 393 41.27 -10.77 -12.05
CA ASN A 393 39.83 -10.91 -11.97
C ASN A 393 39.50 -12.10 -11.08
N SER A 394 38.44 -11.94 -10.28
CA SER A 394 37.96 -13.02 -9.43
C SER A 394 36.48 -12.80 -9.20
N VAL A 395 35.80 -13.86 -8.75
CA VAL A 395 34.34 -13.78 -8.61
C VAL A 395 33.95 -12.68 -7.64
N LEU A 396 34.60 -12.61 -6.48
CA LEU A 396 34.29 -11.55 -5.52
C LEU A 396 34.68 -10.18 -6.05
N GLU A 397 35.90 -10.06 -6.58
CA GLU A 397 36.38 -8.80 -7.09
C GLU A 397 35.59 -8.32 -8.29
N VAL A 398 34.90 -9.21 -8.98
CA VAL A 398 34.09 -8.84 -10.15
C VAL A 398 32.67 -8.50 -9.75
N ILE A 399 32.10 -9.26 -8.81
CA ILE A 399 30.76 -8.95 -8.33
C ILE A 399 30.75 -7.61 -7.62
N ALA A 400 31.77 -7.35 -6.80
CA ALA A 400 31.82 -6.09 -6.05
C ALA A 400 31.90 -4.90 -6.98
N TYR A 401 32.67 -5.00 -8.06
CA TYR A 401 32.93 -3.88 -8.96
C TYR A 401 32.02 -3.90 -10.18
N SER A 402 30.78 -4.34 -10.02
CA SER A 402 29.81 -4.26 -11.10
C SER A 402 29.34 -2.82 -11.27
N SER A 403 28.64 -2.57 -12.37
CA SER A 403 28.22 -1.22 -12.73
C SER A 403 26.83 -0.86 -12.22
N SER A 404 26.19 -1.72 -11.46
CA SER A 404 24.81 -1.62 -11.00
C SER A 404 23.83 -1.96 -12.13
N GLU A 405 24.30 -2.14 -13.36
CA GLU A 405 23.44 -2.64 -14.42
C GLU A 405 23.13 -4.12 -14.24
N THR A 406 24.04 -4.85 -13.62
CA THR A 406 23.81 -6.27 -13.40
C THR A 406 22.57 -6.46 -12.53
N PRO A 407 21.66 -7.37 -12.89
CA PRO A 407 20.40 -7.46 -12.14
C PRO A 407 20.54 -8.18 -10.80
N ASN A 408 21.42 -9.17 -10.73
CA ASN A 408 21.47 -10.10 -9.61
C ASN A 408 22.61 -9.82 -8.64
N ARG A 409 23.29 -8.67 -8.77
CA ARG A 409 24.44 -8.40 -7.92
C ARG A 409 24.06 -8.42 -6.44
N HIS A 410 22.90 -7.86 -6.10
CA HIS A 410 22.44 -7.89 -4.71
C HIS A 410 22.20 -9.31 -4.24
N ASP A 411 21.60 -10.13 -5.09
CA ASP A 411 21.34 -11.54 -4.78
C ASP A 411 22.48 -12.45 -5.20
N MET A 412 23.54 -11.91 -5.79
CA MET A 412 24.67 -12.74 -6.19
C MET A 412 25.52 -13.13 -4.97
N LEU A 413 25.62 -12.25 -3.98
CA LEU A 413 26.39 -12.54 -2.79
C LEU A 413 25.73 -13.56 -1.87
N LEU A 414 24.48 -13.94 -2.15
CA LEU A 414 23.81 -14.93 -1.32
C LEU A 414 24.34 -16.34 -1.54
N VAL A 415 25.04 -16.58 -2.65
CA VAL A 415 25.55 -17.92 -2.92
C VAL A 415 26.47 -18.36 -1.78
N GLU A 416 26.31 -19.61 -1.36
CA GLU A 416 26.86 -20.12 -0.11
C GLU A 416 28.31 -19.74 0.13
N PRO A 417 29.24 -20.21 -0.71
CA PRO A 417 30.66 -19.96 -0.41
C PRO A 417 31.00 -18.49 -0.28
N LEU A 418 30.40 -17.63 -1.12
CA LEU A 418 30.75 -16.21 -1.07
C LEU A 418 30.25 -15.56 0.20
N ASN A 419 29.00 -15.83 0.60
CA ASN A 419 28.50 -15.27 1.84
C ASN A 419 29.32 -15.74 3.03
N ARG A 420 29.61 -17.04 3.09
CA ARG A 420 30.40 -17.55 4.20
C ARG A 420 31.79 -16.92 4.22
N LEU A 421 32.42 -16.79 3.06
CA LEU A 421 33.77 -16.24 2.99
C LEU A 421 33.79 -14.77 3.41
N LEU A 422 32.80 -14.00 2.96
CA LEU A 422 32.75 -12.60 3.35
C LEU A 422 32.51 -12.44 4.84
N GLN A 423 31.60 -13.24 5.41
CA GLN A 423 31.37 -13.15 6.84
C GLN A 423 32.62 -13.54 7.62
N ASP A 424 33.32 -14.58 7.17
CA ASP A 424 34.55 -14.98 7.83
C ASP A 424 35.60 -13.87 7.76
N LYS A 425 35.73 -13.22 6.61
CA LYS A 425 36.68 -12.12 6.49
C LYS A 425 36.30 -10.97 7.42
N TRP A 426 35.00 -10.64 7.48
CA TRP A 426 34.57 -9.55 8.34
C TRP A 426 34.84 -9.86 9.80
N ASP A 427 34.59 -11.10 10.22
CA ASP A 427 34.80 -11.45 11.63
C ASP A 427 36.27 -11.62 11.96
N ARG A 428 37.11 -11.89 10.97
CA ARG A 428 38.50 -12.24 11.28
C ARG A 428 39.37 -11.01 11.51
N PHE A 429 39.54 -10.17 10.49
CA PHE A 429 40.47 -9.04 10.63
C PHE A 429 39.91 -7.74 10.08
N VAL A 430 38.92 -7.82 9.19
CA VAL A 430 38.40 -6.60 8.59
C VAL A 430 37.69 -5.73 9.62
N LYS A 431 37.01 -6.35 10.59
CA LYS A 431 36.15 -5.57 11.48
C LYS A 431 36.96 -4.58 12.30
N ARG A 432 38.06 -5.04 12.91
CA ARG A 432 38.85 -4.14 13.73
C ARG A 432 39.57 -3.09 12.90
N ILE A 433 39.98 -3.43 11.67
CA ILE A 433 40.58 -2.42 10.81
C ILE A 433 39.55 -1.35 10.45
N PHE A 434 38.31 -1.77 10.17
CA PHE A 434 37.27 -0.79 9.88
C PHE A 434 37.01 0.11 11.08
N TYR A 435 36.98 -0.47 12.28
CA TYR A 435 36.72 0.35 13.46
C TYR A 435 37.89 1.27 13.77
N PHE A 436 39.11 0.83 13.51
CA PHE A 436 40.26 1.72 13.66
C PHE A 436 40.22 2.85 12.64
N ASN A 437 39.81 2.56 11.41
CA ASN A 437 39.66 3.59 10.41
C ASN A 437 38.62 4.62 10.84
N PHE A 438 37.49 4.15 11.34
CA PHE A 438 36.44 5.05 11.78
C PHE A 438 36.91 5.89 12.97
N PHE A 439 37.65 5.29 13.89
CA PHE A 439 38.16 6.03 15.04
C PHE A 439 39.16 7.10 14.62
N VAL A 440 40.09 6.76 13.72
CA VAL A 440 41.07 7.76 13.30
C VAL A 440 40.39 8.90 12.54
N TYR A 441 39.40 8.59 11.70
CA TYR A 441 38.72 9.68 11.01
C TYR A 441 37.90 10.52 11.97
N CYS A 442 37.35 9.91 13.02
CA CYS A 442 36.66 10.70 14.04
C CYS A 442 37.63 11.66 14.73
N LEU A 443 38.84 11.19 15.04
CA LEU A 443 39.84 12.07 15.63
C LEU A 443 40.28 13.17 14.66
N TYR A 444 40.43 12.83 13.38
CA TYR A 444 40.80 13.82 12.39
C TYR A 444 39.73 14.89 12.25
N MET A 445 38.46 14.49 12.27
CA MET A 445 37.37 15.46 12.26
C MET A 445 37.37 16.34 13.50
N ILE A 446 37.71 15.77 14.66
CA ILE A 446 37.74 16.58 15.88
C ILE A 446 38.85 17.61 15.81
N ILE A 447 40.04 17.20 15.37
CA ILE A 447 41.15 18.15 15.22
C ILE A 447 40.85 19.19 14.15
N PHE A 448 40.29 18.77 13.02
CA PHE A 448 39.95 19.70 11.96
C PHE A 448 38.94 20.72 12.46
N THR A 449 37.95 20.28 13.23
CA THR A 449 36.96 21.19 13.78
C THR A 449 37.59 22.16 14.76
N ALA A 450 38.49 21.68 15.63
CA ALA A 450 39.07 22.57 16.63
C ALA A 450 40.01 23.59 15.99
N ALA A 451 40.82 23.18 15.03
CA ALA A 451 41.72 24.13 14.38
C ALA A 451 40.96 25.07 13.46
N ALA A 452 39.79 24.66 12.97
CA ALA A 452 38.94 25.56 12.20
C ALA A 452 38.21 26.54 13.11
N TYR A 453 37.86 26.12 14.32
CA TYR A 453 37.11 27.00 15.22
C TYR A 453 37.96 28.16 15.70
N TYR A 454 39.24 27.91 15.99
CA TYR A 454 40.14 28.90 16.59
C TYR A 454 41.07 29.53 15.56
N ARG A 455 40.59 29.78 14.36
CA ARG A 455 41.41 30.42 13.35
C ARG A 455 41.66 31.88 13.73
N PRO A 456 42.89 32.37 13.63
CA PRO A 456 43.14 33.77 13.97
C PRO A 456 42.38 34.71 13.05
N VAL A 457 41.92 35.83 13.61
CA VAL A 457 41.05 36.76 12.89
C VAL A 457 41.73 38.10 12.61
N GLU A 458 42.93 38.32 13.12
CA GLU A 458 43.62 39.60 12.96
C GLU A 458 44.68 39.49 11.87
N GLY A 459 44.61 40.37 10.89
CA GLY A 459 45.58 40.40 9.83
C GLY A 459 45.17 39.55 8.64
N LEU A 460 46.09 39.47 7.68
CA LEU A 460 45.90 38.68 6.48
C LEU A 460 46.77 37.42 6.52
N PRO A 461 46.34 36.34 5.88
CA PRO A 461 47.18 35.14 5.85
C PRO A 461 48.40 35.38 4.97
N PRO A 462 49.54 34.72 5.27
CA PRO A 462 49.79 33.79 6.38
C PRO A 462 49.86 34.48 7.73
N TYR A 463 50.03 33.70 8.79
CA TYR A 463 50.11 34.22 10.14
C TYR A 463 51.41 33.76 10.77
N LYS A 464 52.16 34.70 11.34
CA LYS A 464 53.42 34.38 11.98
C LYS A 464 53.17 33.49 13.19
N LEU A 465 53.98 32.44 13.35
CA LEU A 465 53.80 31.50 14.44
C LEU A 465 54.14 32.16 15.77
N LYS A 466 53.11 32.54 16.52
CA LYS A 466 53.32 33.16 17.81
C LYS A 466 53.96 32.16 18.78
N ASN A 467 54.78 32.69 19.69
CA ASN A 467 55.50 31.86 20.67
C ASN A 467 54.55 31.58 21.83
N THR A 468 53.81 30.48 21.71
CA THR A 468 52.89 30.07 22.75
C THR A 468 52.53 28.60 22.55
N VAL A 469 51.97 28.00 23.60
CA VAL A 469 51.47 26.64 23.49
C VAL A 469 50.24 26.59 22.59
N GLY A 470 49.34 27.56 22.75
CA GLY A 470 48.14 27.59 21.92
C GLY A 470 48.46 27.75 20.44
N ASP A 471 49.39 28.64 20.12
CA ASP A 471 49.80 28.82 18.73
C ASP A 471 50.45 27.55 18.17
N TYR A 472 51.28 26.90 18.97
CA TYR A 472 51.88 25.64 18.52
C TYR A 472 50.81 24.59 18.25
N PHE A 473 49.83 24.48 19.13
CA PHE A 473 48.75 23.53 18.90
C PHE A 473 47.97 23.89 17.65
N ARG A 474 47.72 25.18 17.42
CA ARG A 474 46.96 25.59 16.24
C ARG A 474 47.70 25.24 14.96
N VAL A 475 49.01 25.49 14.91
CA VAL A 475 49.77 25.16 13.71
C VAL A 475 49.86 23.65 13.53
N THR A 476 50.00 22.90 14.62
CA THR A 476 49.98 21.45 14.51
C THR A 476 48.66 20.96 13.95
N GLY A 477 47.56 21.55 14.42
CA GLY A 477 46.25 21.17 13.89
C GLY A 477 46.11 21.48 12.42
N GLU A 478 46.59 22.65 12.00
CA GLU A 478 46.55 22.98 10.57
C GLU A 478 47.33 21.97 9.75
N ILE A 479 48.52 21.59 10.23
CA ILE A 479 49.34 20.63 9.48
C ILE A 479 48.65 19.28 9.41
N LEU A 480 48.05 18.84 10.52
CA LEU A 480 47.34 17.57 10.51
C LEU A 480 46.19 17.63 9.50
N SER A 481 45.46 18.74 9.47
CA SER A 481 44.36 18.88 8.52
C SER A 481 44.85 18.77 7.09
N VAL A 482 45.91 19.51 6.75
CA VAL A 482 46.38 19.50 5.36
C VAL A 482 46.93 18.14 4.98
N SER A 483 47.61 17.46 5.92
CA SER A 483 48.10 16.12 5.63
C SER A 483 46.96 15.17 5.33
N GLY A 484 45.88 15.25 6.11
CA GLY A 484 44.71 14.45 5.79
C GLY A 484 44.17 14.78 4.41
N GLY A 485 44.21 16.07 4.05
CA GLY A 485 43.76 16.46 2.72
C GLY A 485 44.56 15.84 1.61
N VAL A 486 45.89 15.83 1.75
CA VAL A 486 46.74 15.20 0.74
C VAL A 486 46.47 13.69 0.67
N TYR A 487 46.33 13.05 1.82
CA TYR A 487 46.06 11.62 1.82
C TYR A 487 44.79 11.32 1.05
N PHE A 488 43.70 12.05 1.34
CA PHE A 488 42.44 11.79 0.66
C PHE A 488 42.54 12.13 -0.82
N PHE A 489 43.31 13.16 -1.17
CA PHE A 489 43.49 13.52 -2.57
C PHE A 489 44.13 12.39 -3.36
N PHE A 490 45.23 11.83 -2.84
CA PHE A 490 45.91 10.74 -3.54
C PHE A 490 45.05 9.48 -3.55
N ARG A 491 44.35 9.19 -2.45
CA ARG A 491 43.45 8.05 -2.45
C ARG A 491 42.42 8.18 -3.57
N GLY A 492 41.82 9.37 -3.70
CA GLY A 492 40.81 9.55 -4.73
C GLY A 492 41.38 9.44 -6.13
N ILE A 493 42.55 10.02 -6.36
CA ILE A 493 43.15 9.96 -7.69
C ILE A 493 43.47 8.52 -8.07
N GLN A 494 44.07 7.77 -7.14
CA GLN A 494 44.43 6.39 -7.47
C GLN A 494 43.19 5.54 -7.68
N TYR A 495 42.12 5.79 -6.92
CA TYR A 495 40.87 5.08 -7.19
C TYR A 495 40.36 5.38 -8.58
N PHE A 496 40.38 6.65 -8.97
CA PHE A 496 39.86 7.01 -10.29
C PHE A 496 40.73 6.43 -11.40
N LEU A 497 42.04 6.28 -11.17
CA LEU A 497 42.90 5.66 -12.17
C LEU A 497 42.66 4.15 -12.26
N GLN A 498 42.56 3.48 -11.12
CA GLN A 498 42.28 2.05 -11.14
C GLN A 498 40.96 1.76 -11.85
N ARG A 499 39.86 2.31 -11.32
CA ARG A 499 38.56 1.94 -11.85
C ARG A 499 38.31 2.58 -13.21
N ARG A 500 38.62 3.86 -13.36
CA ARG A 500 38.30 4.62 -14.57
C ARG A 500 36.81 4.49 -14.90
N PRO A 501 35.93 4.92 -14.00
CA PRO A 501 34.50 4.75 -14.22
C PRO A 501 34.00 5.60 -15.38
N SER A 502 32.95 5.10 -16.04
CA SER A 502 32.31 5.85 -17.10
C SER A 502 31.63 7.09 -16.55
N LEU A 503 31.51 8.12 -17.39
CA LEU A 503 30.96 9.38 -16.93
C LEU A 503 29.52 9.22 -16.44
N LYS A 504 28.71 8.43 -17.14
CA LYS A 504 27.33 8.24 -16.74
C LYS A 504 27.23 7.57 -15.37
N SER A 505 28.06 6.55 -15.13
CA SER A 505 28.06 5.81 -13.87
C SER A 505 29.11 6.32 -12.90
N LEU A 506 29.49 7.61 -13.02
CA LEU A 506 30.41 8.20 -12.06
C LEU A 506 29.70 8.52 -10.74
N PHE A 507 28.41 8.80 -10.80
CA PHE A 507 27.64 9.16 -9.61
C PHE A 507 26.76 8.04 -9.09
N VAL A 508 26.38 7.09 -9.94
CA VAL A 508 25.51 6.02 -9.49
C VAL A 508 26.26 5.08 -8.55
N ASP A 509 27.55 4.85 -8.84
CA ASP A 509 28.32 3.84 -8.11
C ASP A 509 29.51 4.39 -7.34
N SER A 510 29.81 5.67 -7.43
CA SER A 510 30.94 6.28 -6.74
C SER A 510 30.51 7.58 -6.08
N TYR A 511 29.40 7.54 -5.35
CA TYR A 511 28.95 8.73 -4.62
C TYR A 511 29.92 9.09 -3.50
N SER A 512 30.27 8.11 -2.67
CA SER A 512 31.11 8.41 -1.52
C SER A 512 32.52 8.80 -1.95
N GLU A 513 33.06 8.16 -2.98
CA GLU A 513 34.39 8.51 -3.46
C GLU A 513 34.42 9.91 -4.01
N ILE A 514 33.36 10.30 -4.73
CA ILE A 514 33.25 11.67 -5.22
C ILE A 514 33.24 12.66 -4.05
N LEU A 515 32.50 12.33 -2.99
CA LEU A 515 32.39 13.26 -1.86
C LEU A 515 33.70 13.40 -1.11
N PHE A 516 34.41 12.30 -0.89
CA PHE A 516 35.70 12.40 -0.23
C PHE A 516 36.69 13.18 -1.09
N PHE A 517 36.67 12.96 -2.41
CA PHE A 517 37.53 13.74 -3.30
C PHE A 517 37.17 15.22 -3.25
N VAL A 518 35.88 15.56 -3.16
CA VAL A 518 35.48 16.97 -3.14
C VAL A 518 35.91 17.64 -1.85
N GLN A 519 35.79 16.95 -0.72
CA GLN A 519 36.29 17.51 0.53
C GLN A 519 37.79 17.76 0.47
N SER A 520 38.54 16.78 -0.04
CA SER A 520 39.98 16.97 -0.18
C SER A 520 40.28 18.15 -1.10
N LEU A 521 39.53 18.28 -2.19
CA LEU A 521 39.73 19.39 -3.11
C LEU A 521 39.52 20.72 -2.43
N PHE A 522 38.44 20.85 -1.65
CA PHE A 522 38.16 22.14 -1.03
C PHE A 522 39.24 22.50 -0.04
N MET A 523 39.74 21.53 0.74
CA MET A 523 40.84 21.87 1.64
C MET A 523 42.09 22.26 0.87
N LEU A 524 42.37 21.57 -0.24
CA LEU A 524 43.55 21.91 -1.03
C LEU A 524 43.45 23.33 -1.59
N VAL A 525 42.29 23.70 -2.10
CA VAL A 525 42.10 25.06 -2.60
C VAL A 525 42.23 26.05 -1.45
N SER A 526 41.73 25.69 -0.26
CA SER A 526 41.83 26.58 0.89
C SER A 526 43.28 26.85 1.25
N VAL A 527 44.10 25.80 1.28
CA VAL A 527 45.51 25.99 1.63
C VAL A 527 46.21 26.79 0.54
N VAL A 528 45.86 26.56 -0.72
CA VAL A 528 46.46 27.33 -1.80
C VAL A 528 46.15 28.82 -1.61
N LEU A 529 44.90 29.14 -1.32
CA LEU A 529 44.53 30.55 -1.15
C LEU A 529 45.07 31.14 0.14
N TYR A 530 45.37 30.31 1.14
CA TYR A 530 46.01 30.81 2.35
C TYR A 530 47.49 31.08 2.14
N PHE A 531 48.13 30.33 1.24
CA PHE A 531 49.48 30.65 0.83
C PHE A 531 49.53 31.77 -0.20
N SER A 532 48.39 32.10 -0.81
CA SER A 532 48.31 33.20 -1.76
C SER A 532 47.92 34.51 -1.10
N GLN A 533 47.85 34.55 0.24
CA GLN A 533 47.62 35.78 0.97
C GLN A 533 46.28 36.41 0.63
N ARG A 534 45.23 35.60 0.73
CA ARG A 534 43.85 36.08 0.60
C ARG A 534 43.05 35.59 1.79
N LYS A 535 42.07 36.40 2.19
CA LYS A 535 41.21 36.08 3.33
C LYS A 535 40.16 35.03 2.98
N GLU A 536 40.08 34.63 1.72
CA GLU A 536 39.03 33.75 1.23
C GLU A 536 39.35 32.27 1.42
N TYR A 537 40.21 31.93 2.38
CA TYR A 537 40.43 30.52 2.66
C TYR A 537 39.32 29.95 3.53
N VAL A 538 38.69 30.80 4.35
CA VAL A 538 37.67 30.34 5.28
C VAL A 538 36.40 29.93 4.53
N ALA A 539 36.06 30.63 3.45
CA ALA A 539 34.88 30.29 2.67
C ALA A 539 34.96 28.88 2.11
N SER A 540 36.15 28.47 1.66
CA SER A 540 36.35 27.08 1.25
C SER A 540 36.48 26.16 2.45
N MET A 541 37.02 26.66 3.56
CA MET A 541 37.25 25.80 4.71
C MET A 541 35.95 25.33 5.33
N VAL A 542 34.94 26.20 5.41
CA VAL A 542 33.67 25.75 6.00
C VAL A 542 33.02 24.69 5.12
N PHE A 543 33.01 24.89 3.80
CA PHE A 543 32.54 23.84 2.91
C PHE A 543 33.25 22.53 3.22
N SER A 544 34.58 22.58 3.29
CA SER A 544 35.36 21.38 3.53
C SER A 544 34.97 20.74 4.85
N LEU A 545 34.68 21.55 5.87
CA LEU A 545 34.43 21.01 7.20
C LEU A 545 33.04 20.39 7.32
N ALA A 546 32.01 21.09 6.83
CA ALA A 546 30.67 20.50 6.83
C ALA A 546 30.61 19.25 5.99
N MET A 547 31.27 19.25 4.84
CA MET A 547 31.43 18.01 4.10
C MET A 547 32.07 16.96 4.99
N GLY A 548 33.12 17.33 5.72
CA GLY A 548 33.83 16.36 6.52
C GLY A 548 32.95 15.70 7.55
N TRP A 549 32.08 16.49 8.19
CA TRP A 549 31.26 15.93 9.26
C TRP A 549 30.12 15.10 8.69
N THR A 550 29.42 15.62 7.69
CA THR A 550 28.33 14.86 7.09
C THR A 550 28.82 13.64 6.34
N ASN A 551 30.14 13.49 6.15
CA ASN A 551 30.70 12.32 5.52
C ASN A 551 30.90 11.15 6.47
N MET A 552 30.64 11.28 7.78
CA MET A 552 30.69 10.09 8.62
C MET A 552 29.49 9.18 8.40
N LEU A 553 28.51 9.62 7.62
CA LEU A 553 27.49 8.71 7.14
C LEU A 553 28.06 7.65 6.22
N TYR A 554 29.29 7.83 5.75
CA TYR A 554 29.91 6.77 4.98
C TYR A 554 30.14 5.54 5.85
N TYR A 555 30.41 5.75 7.14
CA TYR A 555 30.78 4.64 8.03
C TYR A 555 29.59 3.96 8.67
N THR A 556 28.39 4.50 8.41
CA THR A 556 27.12 3.91 8.82
C THR A 556 26.81 2.70 7.92
N ARG A 557 27.56 2.55 6.82
CA ARG A 557 27.53 1.39 5.91
C ARG A 557 27.95 0.09 6.62
N GLY A 558 28.81 0.21 7.64
CA GLY A 558 29.25 -0.90 8.50
C GLY A 558 28.24 -1.46 9.50
N PHE A 559 27.06 -0.86 9.70
CA PHE A 559 26.05 -1.44 10.57
C PHE A 559 24.85 -1.87 9.74
N GLN A 560 24.14 -2.89 10.22
CA GLN A 560 22.99 -3.38 9.47
C GLN A 560 21.82 -2.42 9.54
N GLN A 561 21.53 -1.93 10.73
CA GLN A 561 20.38 -1.06 10.92
C GLN A 561 20.53 0.35 10.44
N MET A 562 21.73 0.90 10.55
CA MET A 562 21.98 2.31 10.26
C MET A 562 22.36 2.56 8.81
N GLY A 563 22.48 1.53 7.97
CA GLY A 563 22.94 1.73 6.61
C GLY A 563 21.95 2.49 5.75
N ILE A 564 20.65 2.21 5.93
CA ILE A 564 19.65 2.71 4.99
C ILE A 564 19.62 4.22 4.97
N TYR A 565 19.81 4.86 6.13
CA TYR A 565 19.79 6.32 6.15
C TYR A 565 20.85 6.90 5.24
N ALA A 566 22.01 6.25 5.16
CA ALA A 566 23.06 6.70 4.27
C ALA A 566 22.77 6.36 2.82
N VAL A 567 21.92 5.37 2.58
CA VAL A 567 21.54 5.00 1.22
C VAL A 567 20.40 5.85 0.72
N MET A 568 19.35 6.03 1.52
CA MET A 568 18.25 6.91 1.15
C MET A 568 18.78 8.26 0.72
N ILE A 569 19.48 8.94 1.63
CA ILE A 569 20.01 10.27 1.34
C ILE A 569 20.67 10.32 -0.02
N GLU A 570 21.23 9.21 -0.48
CA GLU A 570 21.90 9.18 -1.77
C GLU A 570 20.88 9.19 -2.90
N LYS A 571 20.01 8.18 -2.95
CA LYS A 571 19.05 8.09 -4.05
C LYS A 571 18.14 9.31 -4.07
N MET A 572 17.64 9.72 -2.91
CA MET A 572 16.75 10.86 -2.84
C MET A 572 17.41 12.14 -3.33
N ILE A 573 18.74 12.20 -3.37
CA ILE A 573 19.40 13.40 -3.87
C ILE A 573 19.72 13.29 -5.35
N LEU A 574 19.75 12.07 -5.90
CA LEU A 574 20.15 11.87 -7.28
C LEU A 574 18.96 11.61 -8.20
N ARG A 575 17.99 10.82 -7.75
CA ARG A 575 16.83 10.54 -8.58
C ARG A 575 15.80 11.66 -8.46
N ASP A 576 15.27 11.86 -7.26
CA ASP A 576 14.12 12.73 -7.09
C ASP A 576 14.50 14.20 -7.21
N LEU A 577 15.33 14.68 -6.30
CA LEU A 577 15.56 16.12 -6.18
C LEU A 577 16.15 16.70 -7.45
N CYS A 578 17.10 15.99 -8.06
CA CYS A 578 17.81 16.53 -9.21
C CYS A 578 16.84 16.87 -10.35
N ARG A 579 15.97 15.93 -10.70
CA ARG A 579 15.06 16.14 -11.83
C ARG A 579 13.84 16.95 -11.45
N PHE A 580 13.44 16.94 -10.17
CA PHE A 580 12.36 17.82 -9.77
C PHE A 580 12.78 19.28 -9.75
N MET A 581 14.07 19.57 -9.64
CA MET A 581 14.49 20.97 -9.68
C MET A 581 14.27 21.61 -11.06
N PHE A 582 14.36 20.82 -12.14
CA PHE A 582 14.00 21.36 -13.45
C PHE A 582 12.54 21.78 -13.48
N VAL A 583 11.66 20.93 -12.96
CA VAL A 583 10.24 21.24 -12.94
C VAL A 583 9.96 22.43 -12.06
N TYR A 584 10.71 22.59 -10.98
CA TYR A 584 10.43 23.69 -10.08
C TYR A 584 10.97 25.02 -10.59
N LEU A 585 12.08 25.02 -11.32
CA LEU A 585 12.70 26.29 -11.67
C LEU A 585 11.98 27.01 -12.80
N VAL A 586 11.35 26.29 -13.72
CA VAL A 586 10.51 26.99 -14.69
C VAL A 586 9.41 27.75 -13.97
N PHE A 587 8.79 27.12 -12.96
CA PHE A 587 7.78 27.78 -12.16
C PHE A 587 8.35 29.00 -11.47
N LEU A 588 9.48 28.83 -10.77
CA LEU A 588 10.03 29.93 -9.99
C LEU A 588 10.43 31.09 -10.89
N PHE A 589 11.15 30.82 -11.98
CA PHE A 589 11.60 31.91 -12.83
C PHE A 589 10.46 32.56 -13.59
N GLY A 590 9.54 31.77 -14.15
CA GLY A 590 8.41 32.38 -14.83
C GLY A 590 7.62 33.28 -13.90
N PHE A 591 7.29 32.79 -12.70
CA PHE A 591 6.48 33.58 -11.80
C PHE A 591 7.26 34.77 -11.23
N SER A 592 8.59 34.67 -11.13
CA SER A 592 9.36 35.78 -10.58
C SER A 592 9.65 36.86 -11.61
N THR A 593 9.97 36.49 -12.85
CA THR A 593 9.97 37.47 -13.92
C THR A 593 8.61 38.17 -14.00
N ALA A 594 7.53 37.39 -13.91
CA ALA A 594 6.19 37.99 -13.92
C ALA A 594 6.01 38.99 -12.79
N VAL A 595 6.38 38.60 -11.57
CA VAL A 595 6.15 39.46 -10.42
C VAL A 595 6.98 40.73 -10.50
N VAL A 596 8.25 40.62 -10.86
CA VAL A 596 9.12 41.79 -10.87
C VAL A 596 8.77 42.72 -12.03
N THR A 597 8.38 42.17 -13.18
CA THR A 597 7.92 43.02 -14.26
C THR A 597 6.66 43.77 -13.86
N LEU A 598 5.74 43.11 -13.15
CA LEU A 598 4.49 43.77 -12.81
C LEU A 598 4.73 45.05 -12.03
N ILE A 599 5.56 44.98 -10.99
CA ILE A 599 5.65 46.09 -10.04
C ILE A 599 7.03 46.72 -10.09
N GLU A 600 7.64 46.76 -11.28
CA GLU A 600 8.93 47.43 -11.41
C GLU A 600 8.82 48.91 -11.10
N ASP A 601 7.63 49.49 -11.27
CA ASP A 601 7.38 50.87 -10.87
C ASP A 601 7.82 51.13 -9.44
N SER A 626 11.80 43.75 -0.56
CA SER A 626 11.21 42.43 -0.63
C SER A 626 11.04 41.98 -2.07
N TYR A 627 10.32 42.79 -2.85
CA TYR A 627 10.07 42.51 -4.26
C TYR A 627 10.70 43.58 -5.14
N ASN A 628 11.81 44.16 -4.71
CA ASN A 628 12.47 45.20 -5.49
C ASN A 628 13.37 44.59 -6.56
N SER A 629 14.21 43.64 -6.18
CA SER A 629 15.19 43.04 -7.07
C SER A 629 14.75 41.63 -7.45
N LEU A 630 15.24 41.16 -8.60
CA LEU A 630 14.90 39.81 -9.01
C LEU A 630 15.45 38.80 -8.02
N TYR A 631 16.62 39.07 -7.44
CA TYR A 631 17.16 38.20 -6.40
C TYR A 631 16.21 38.10 -5.21
N SER A 632 15.70 39.25 -4.76
CA SER A 632 14.82 39.23 -3.59
C SER A 632 13.48 38.61 -3.92
N THR A 633 12.99 38.80 -5.14
CA THR A 633 11.79 38.07 -5.56
C THR A 633 12.04 36.57 -5.52
N CYS A 634 13.20 36.13 -6.02
CA CYS A 634 13.52 34.72 -5.98
C CYS A 634 13.55 34.19 -4.56
N LEU A 635 14.14 34.95 -3.64
CA LEU A 635 14.23 34.48 -2.26
C LEU A 635 12.86 34.45 -1.59
N GLU A 636 12.07 35.52 -1.75
CA GLU A 636 10.74 35.55 -1.12
C GLU A 636 9.86 34.44 -1.66
N LEU A 637 9.93 34.17 -2.96
CA LEU A 637 9.12 33.12 -3.52
C LEU A 637 9.65 31.73 -3.17
N PHE A 638 10.95 31.57 -2.94
CA PHE A 638 11.40 30.27 -2.45
C PHE A 638 10.88 30.00 -1.05
N LYS A 639 10.92 31.00 -0.18
CA LYS A 639 10.31 30.84 1.13
C LYS A 639 8.81 30.58 1.01
N PHE A 640 8.14 31.15 0.00
CA PHE A 640 6.75 30.78 -0.25
C PHE A 640 6.63 29.29 -0.58
N THR A 641 7.56 28.77 -1.36
CA THR A 641 7.53 27.35 -1.70
C THR A 641 7.65 26.49 -0.45
N ILE A 642 8.57 26.83 0.46
CA ILE A 642 8.81 26.01 1.65
C ILE A 642 8.11 26.56 2.89
N GLY A 643 7.00 27.29 2.72
CA GLY A 643 6.15 27.58 3.85
C GLY A 643 6.72 28.54 4.85
N MET A 644 7.66 29.40 4.46
CA MET A 644 8.19 30.43 5.32
C MET A 644 7.93 31.84 4.80
N GLY A 645 6.93 32.00 3.94
CA GLY A 645 6.61 33.31 3.41
C GLY A 645 5.53 34.01 4.21
N ASP A 646 5.36 35.29 3.93
CA ASP A 646 4.32 36.10 4.54
C ASP A 646 3.62 36.92 3.47
N LEU A 647 2.31 36.73 3.35
CA LEU A 647 1.49 37.43 2.37
C LEU A 647 1.03 38.75 2.99
N GLU A 648 1.95 39.71 3.02
CA GLU A 648 1.68 40.96 3.73
C GLU A 648 0.66 41.82 2.98
N PHE A 649 0.85 41.99 1.67
CA PHE A 649 -0.02 42.84 0.87
C PHE A 649 -0.20 44.22 1.51
N THR A 650 0.90 44.76 2.04
CA THR A 650 0.85 46.00 2.82
C THR A 650 1.20 47.23 1.98
N GLU A 651 2.40 47.27 1.41
CA GLU A 651 2.80 48.44 0.64
C GLU A 651 1.93 48.56 -0.62
N ASN A 652 1.74 49.80 -1.06
CA ASN A 652 0.81 50.09 -2.15
C ASN A 652 1.55 49.99 -3.48
N TYR A 653 1.74 48.74 -3.91
CA TYR A 653 2.29 48.50 -5.24
C TYR A 653 1.23 48.77 -6.30
N ASP A 654 1.69 49.08 -7.51
CA ASP A 654 0.75 49.27 -8.61
C ASP A 654 0.09 47.94 -8.95
N PHE A 655 -1.14 48.01 -9.44
CA PHE A 655 -1.91 46.83 -9.85
C PHE A 655 -1.92 45.80 -8.72
N LYS A 656 -2.53 46.20 -7.60
CA LYS A 656 -2.52 45.36 -6.40
C LYS A 656 -3.28 44.06 -6.60
N ALA A 657 -4.44 44.13 -7.28
CA ALA A 657 -5.23 42.92 -7.47
C ALA A 657 -4.45 41.88 -8.26
N VAL A 658 -3.75 42.32 -9.31
CA VAL A 658 -2.98 41.37 -10.12
C VAL A 658 -1.86 40.76 -9.30
N PHE A 659 -1.25 41.57 -8.43
CA PHE A 659 -0.19 41.09 -7.55
C PHE A 659 -0.71 40.00 -6.62
N ILE A 660 -1.88 40.24 -6.02
CA ILE A 660 -2.50 39.26 -5.13
C ILE A 660 -2.82 37.98 -5.88
N ILE A 661 -3.42 38.11 -7.06
CA ILE A 661 -3.77 36.93 -7.84
C ILE A 661 -2.50 36.14 -8.17
N LEU A 662 -1.44 36.83 -8.59
CA LEU A 662 -0.21 36.13 -8.93
C LEU A 662 0.33 35.34 -7.76
N LEU A 663 0.46 35.98 -6.59
CA LEU A 663 1.09 35.25 -5.48
C LEU A 663 0.19 34.18 -4.87
N LEU A 664 -1.14 34.37 -4.85
CA LEU A 664 -2.00 33.28 -4.40
C LEU A 664 -1.94 32.09 -5.35
N ALA A 665 -1.94 32.36 -6.66
CA ALA A 665 -1.71 31.28 -7.61
C ALA A 665 -0.38 30.60 -7.34
N TYR A 666 0.66 31.38 -7.06
CA TYR A 666 1.98 30.80 -6.83
C TYR A 666 1.98 29.90 -5.60
N VAL A 667 1.38 30.36 -4.50
CA VAL A 667 1.34 29.53 -3.29
C VAL A 667 0.59 28.23 -3.54
N ILE A 668 -0.61 28.32 -4.10
CA ILE A 668 -1.40 27.11 -4.31
C ILE A 668 -0.68 26.17 -5.27
N LEU A 669 0.02 26.72 -6.26
CA LEU A 669 0.61 25.90 -7.31
C LEU A 669 1.90 25.23 -6.85
N THR A 670 2.70 25.90 -6.02
CA THR A 670 3.98 25.38 -5.59
C THR A 670 3.94 24.84 -4.16
N TYR A 671 3.42 25.62 -3.22
CA TYR A 671 3.45 25.20 -1.82
C TYR A 671 2.60 23.96 -1.59
N ILE A 672 1.43 23.88 -2.20
CA ILE A 672 0.48 22.80 -1.96
C ILE A 672 0.64 21.69 -2.98
N LEU A 673 0.63 22.03 -4.26
CA LEU A 673 0.64 21.03 -5.31
C LEU A 673 2.03 20.43 -5.47
N LEU A 674 3.03 21.27 -5.72
CA LEU A 674 4.37 20.78 -6.07
C LEU A 674 5.11 20.21 -4.88
N LEU A 675 5.08 20.89 -3.74
CA LEU A 675 5.85 20.41 -2.59
C LEU A 675 5.34 19.06 -2.13
N ASN A 676 4.03 18.87 -2.08
CA ASN A 676 3.49 17.58 -1.69
C ASN A 676 3.65 16.55 -2.79
N MET A 677 3.71 16.97 -4.05
CA MET A 677 4.08 16.03 -5.11
C MET A 677 5.47 15.46 -4.85
N LEU A 678 6.43 16.34 -4.56
CA LEU A 678 7.78 15.88 -4.26
C LEU A 678 7.80 15.02 -3.00
N ILE A 679 7.04 15.40 -1.98
CA ILE A 679 7.04 14.65 -0.73
C ILE A 679 6.50 13.24 -0.95
N ALA A 680 5.44 13.09 -1.73
CA ALA A 680 4.93 11.77 -2.04
C ALA A 680 5.94 10.96 -2.84
N LEU A 681 6.63 11.60 -3.79
CA LEU A 681 7.63 10.87 -4.57
C LEU A 681 8.78 10.38 -3.70
N MET A 682 9.27 11.22 -2.80
CA MET A 682 10.34 10.81 -1.89
C MET A 682 9.86 9.75 -0.90
N GLY A 683 8.60 9.82 -0.47
CA GLY A 683 8.06 8.76 0.36
C GLY A 683 8.03 7.43 -0.35
N GLU A 684 7.69 7.44 -1.64
CA GLU A 684 7.76 6.21 -2.42
C GLU A 684 9.19 5.69 -2.48
N THR A 685 10.17 6.58 -2.69
CA THR A 685 11.56 6.15 -2.68
C THR A 685 11.92 5.48 -1.37
N VAL A 686 11.55 6.12 -0.26
CA VAL A 686 11.92 5.60 1.06
C VAL A 686 11.27 4.24 1.30
N ASN A 687 10.02 4.13 0.90
CA ASN A 687 9.28 2.88 1.02
C ASN A 687 9.95 1.78 0.22
N LYS A 688 10.42 2.13 -0.98
CA LYS A 688 11.03 1.15 -1.88
C LYS A 688 12.36 0.65 -1.32
N ILE A 689 13.20 1.55 -0.83
CA ILE A 689 14.55 1.15 -0.45
C ILE A 689 14.66 0.90 1.04
N ALA A 690 13.52 0.85 1.74
CA ALA A 690 13.51 0.46 3.13
C ALA A 690 13.03 -0.97 3.36
N GLN A 691 12.26 -1.52 2.42
CA GLN A 691 11.80 -2.90 2.57
C GLN A 691 12.95 -3.89 2.48
N GLU A 692 13.83 -3.73 1.50
CA GLU A 692 14.95 -4.64 1.28
C GLU A 692 16.22 -4.08 1.89
N SER A 693 16.26 -4.06 3.23
CA SER A 693 17.43 -3.50 3.91
C SER A 693 18.61 -4.46 3.90
N LYS A 694 18.37 -5.76 4.06
CA LYS A 694 19.48 -6.71 4.14
C LYS A 694 20.30 -6.72 2.85
N ASN A 695 19.63 -6.76 1.70
CA ASN A 695 20.34 -6.73 0.44
C ASN A 695 21.12 -5.43 0.29
N ILE A 696 20.50 -4.31 0.65
CA ILE A 696 21.17 -3.02 0.55
C ILE A 696 22.45 -3.02 1.37
N TRP A 697 22.42 -3.61 2.56
CA TRP A 697 23.56 -3.58 3.45
C TRP A 697 24.66 -4.54 3.03
N LYS A 698 24.30 -5.73 2.55
CA LYS A 698 25.29 -6.77 2.35
C LYS A 698 26.29 -6.39 1.27
N LEU A 699 25.84 -5.74 0.20
CA LEU A 699 26.76 -5.34 -0.85
C LEU A 699 27.71 -4.25 -0.39
N GLN A 700 27.22 -3.31 0.41
CA GLN A 700 28.11 -2.29 0.96
C GLN A 700 29.18 -2.92 1.83
N ARG A 701 28.79 -3.91 2.64
CA ARG A 701 29.78 -4.63 3.45
C ARG A 701 30.79 -5.36 2.56
N ALA A 702 30.32 -5.93 1.45
CA ALA A 702 31.21 -6.64 0.55
C ALA A 702 32.26 -5.69 -0.03
N ILE A 703 31.83 -4.52 -0.49
CA ILE A 703 32.78 -3.57 -1.05
C ILE A 703 33.75 -3.08 0.01
N THR A 704 33.26 -2.84 1.23
CA THR A 704 34.14 -2.45 2.32
C THR A 704 35.21 -3.51 2.58
N ILE A 705 34.81 -4.78 2.61
CA ILE A 705 35.75 -5.86 2.88
C ILE A 705 36.79 -5.93 1.77
N LEU A 706 36.34 -5.84 0.52
CA LEU A 706 37.28 -5.91 -0.60
C LEU A 706 38.30 -4.76 -0.54
N ASP A 707 37.82 -3.54 -0.28
CA ASP A 707 38.74 -2.40 -0.23
C ASP A 707 39.72 -2.51 0.93
N THR A 708 39.24 -2.91 2.11
CA THR A 708 40.16 -3.09 3.23
C THR A 708 41.20 -4.15 2.92
N GLU A 709 40.79 -5.26 2.31
CA GLU A 709 41.75 -6.30 1.96
C GLU A 709 42.78 -5.79 0.95
N LYS A 710 42.34 -5.00 -0.04
CA LYS A 710 43.25 -4.52 -1.06
C LYS A 710 44.17 -3.42 -0.55
N SER A 711 43.77 -2.68 0.47
CA SER A 711 44.57 -1.54 0.91
C SER A 711 45.96 -1.96 1.38
N PHE A 712 46.05 -3.05 2.12
CA PHE A 712 47.30 -3.52 2.72
C PHE A 712 47.60 -4.92 2.21
N LEU A 713 48.68 -5.06 1.44
CA LEU A 713 49.01 -6.36 0.87
C LEU A 713 49.33 -7.38 1.95
N LYS A 714 50.14 -6.99 2.94
CA LYS A 714 50.46 -7.91 4.03
C LYS A 714 49.20 -8.31 4.78
N CYS A 715 48.19 -7.45 4.82
CA CYS A 715 46.92 -7.80 5.45
C CYS A 715 46.32 -9.03 4.79
N MET A 716 46.24 -9.03 3.47
CA MET A 716 45.73 -10.21 2.76
C MET A 716 46.68 -11.39 2.91
N ARG A 717 47.99 -11.14 2.87
CA ARG A 717 48.95 -12.23 2.94
C ARG A 717 48.82 -13.01 4.25
N LYS A 718 48.70 -12.30 5.36
CA LYS A 718 48.57 -12.93 6.67
C LYS A 718 47.13 -13.17 7.08
N ALA A 719 46.15 -12.75 6.28
CA ALA A 719 44.76 -12.98 6.61
C ALA A 719 44.38 -14.44 6.41
N PHE A 720 45.10 -15.16 5.55
CA PHE A 720 44.81 -16.55 5.25
C PHE A 720 43.37 -16.68 4.76
N ARG A 721 43.11 -16.04 3.61
CA ARG A 721 41.74 -15.97 3.10
C ARG A 721 41.09 -17.34 3.06
N SER A 722 41.81 -18.33 2.52
CA SER A 722 41.28 -19.68 2.46
C SER A 722 41.32 -20.31 3.84
N GLY A 723 40.34 -21.18 4.10
CA GLY A 723 40.32 -21.89 5.37
C GLY A 723 41.53 -22.80 5.56
N LYS A 724 41.93 -23.50 4.50
CA LYS A 724 43.04 -24.43 4.59
C LYS A 724 43.61 -24.64 3.19
N LEU A 725 44.77 -25.29 3.13
CA LEU A 725 45.41 -25.67 1.87
C LEU A 725 45.66 -27.17 1.92
N LEU A 726 44.71 -27.96 1.44
CA LEU A 726 44.76 -29.40 1.58
C LEU A 726 44.56 -30.05 0.21
N GLN A 727 45.06 -31.27 0.09
CA GLN A 727 44.85 -32.10 -1.10
C GLN A 727 43.78 -33.14 -0.77
N VAL A 728 42.67 -33.09 -1.49
CA VAL A 728 41.50 -33.91 -1.17
C VAL A 728 41.18 -34.94 -2.25
N GLY A 729 41.87 -34.91 -3.39
CA GLY A 729 41.60 -35.87 -4.44
C GLY A 729 42.84 -36.09 -5.29
N PHE A 730 42.73 -37.08 -6.17
CA PHE A 730 43.82 -37.45 -7.07
C PHE A 730 43.39 -37.18 -8.50
N THR A 731 44.26 -36.52 -9.27
CA THR A 731 43.96 -36.17 -10.65
C THR A 731 44.01 -37.41 -11.54
N PRO A 732 43.36 -37.36 -12.71
CA PRO A 732 43.48 -38.48 -13.66
C PRO A 732 44.92 -38.72 -14.09
N ASP A 733 45.75 -37.68 -14.12
CA ASP A 733 47.15 -37.83 -14.49
C ASP A 733 47.96 -38.58 -13.45
N GLY A 734 47.40 -38.84 -12.27
CA GLY A 734 48.08 -39.59 -11.24
C GLY A 734 48.89 -38.77 -10.26
N LYS A 735 48.98 -37.46 -10.45
CA LYS A 735 49.70 -36.58 -9.55
C LYS A 735 48.73 -35.96 -8.55
N ASP A 736 49.06 -36.03 -7.27
CA ASP A 736 48.20 -35.48 -6.24
C ASP A 736 48.06 -33.98 -6.42
N ASP A 737 46.83 -33.50 -6.28
CA ASP A 737 46.51 -32.08 -6.44
C ASP A 737 46.24 -31.47 -5.07
N TYR A 738 46.92 -30.37 -4.78
CA TYR A 738 46.74 -29.62 -3.54
C TYR A 738 45.98 -28.34 -3.84
N ARG A 739 44.86 -28.13 -3.15
CA ARG A 739 43.99 -27.00 -3.42
C ARG A 739 43.53 -26.39 -2.10
N TRP A 740 43.16 -25.11 -2.15
CA TRP A 740 42.61 -24.46 -0.98
C TRP A 740 41.20 -24.96 -0.71
N CYS A 741 40.72 -24.69 0.50
CA CYS A 741 39.42 -25.19 0.91
C CYS A 741 38.89 -24.31 2.03
N PHE A 742 37.57 -24.41 2.23
CA PHE A 742 36.89 -23.57 3.23
C PHE A 742 35.68 -24.36 3.73
N ARG A 743 35.84 -25.01 4.87
CA ARG A 743 34.79 -25.87 5.39
C ARG A 743 33.57 -25.05 5.79
N VAL A 744 32.38 -25.58 5.49
CA VAL A 744 31.12 -24.94 5.84
C VAL A 744 30.17 -26.02 6.35
N ASP A 745 29.06 -25.58 6.95
CA ASP A 745 28.04 -26.49 7.44
C ASP A 745 26.66 -25.90 7.18
N GLU A 746 25.66 -26.78 7.13
CA GLU A 746 24.28 -26.36 6.87
C GLU A 746 23.33 -27.33 7.53
N VAL A 747 22.08 -26.90 7.71
CA VAL A 747 21.05 -27.68 8.38
C VAL A 747 19.85 -27.79 7.45
N ASN A 748 19.46 -29.03 7.15
CA ASN A 748 18.23 -29.30 6.39
C ASN A 748 17.79 -30.72 6.73
N TRP A 749 16.77 -30.83 7.59
CA TRP A 749 16.25 -32.11 8.02
C TRP A 749 14.87 -32.44 7.46
N THR A 750 14.22 -31.50 6.76
CA THR A 750 12.92 -31.79 6.17
C THR A 750 13.02 -32.85 5.09
N THR A 751 14.20 -33.05 4.51
CA THR A 751 14.40 -34.07 3.49
C THR A 751 14.74 -35.43 4.06
N TRP A 752 14.94 -35.53 5.37
CA TRP A 752 15.30 -36.80 6.00
C TRP A 752 16.53 -37.42 5.33
N SER B 197 -37.13 -26.03 32.19
CA SER B 197 -36.26 -24.92 31.81
C SER B 197 -35.27 -25.35 30.74
N TYR B 198 -34.14 -25.90 31.17
CA TYR B 198 -33.10 -26.32 30.23
C TYR B 198 -33.62 -27.37 29.25
N TYR B 199 -34.34 -28.37 29.76
CA TYR B 199 -34.84 -29.46 28.95
C TYR B 199 -36.34 -29.38 28.72
N LYS B 200 -36.97 -28.24 29.05
CA LYS B 200 -38.43 -28.14 29.02
C LYS B 200 -38.99 -28.61 27.70
N GLY B 201 -39.76 -29.71 27.73
CA GLY B 201 -40.34 -30.27 26.54
C GLY B 201 -39.40 -31.10 25.69
N GLN B 202 -38.10 -31.12 26.02
CA GLN B 202 -37.14 -31.83 25.20
C GLN B 202 -37.31 -33.33 25.38
N THR B 203 -37.36 -34.05 24.26
CA THR B 203 -37.59 -35.49 24.27
C THR B 203 -36.52 -36.17 23.41
N ALA B 204 -36.52 -37.51 23.47
CA ALA B 204 -35.57 -38.27 22.68
C ALA B 204 -35.76 -38.06 21.19
N LEU B 205 -36.95 -37.60 20.78
CA LEU B 205 -37.16 -37.28 19.38
C LEU B 205 -36.21 -36.18 18.92
N HIS B 206 -36.01 -35.17 19.76
CA HIS B 206 -35.09 -34.09 19.41
C HIS B 206 -33.66 -34.62 19.22
N ILE B 207 -33.22 -35.50 20.13
CA ILE B 207 -31.87 -36.04 20.02
C ILE B 207 -31.74 -36.90 18.76
N ALA B 208 -32.73 -37.74 18.49
CA ALA B 208 -32.68 -38.58 17.29
C ALA B 208 -32.63 -37.73 16.04
N ILE B 209 -33.44 -36.68 15.98
CA ILE B 209 -33.42 -35.78 14.83
C ILE B 209 -32.06 -35.11 14.71
N GLU B 210 -31.53 -34.62 15.83
CA GLU B 210 -30.23 -33.96 15.82
C GLU B 210 -29.10 -34.95 15.59
N ARG B 211 -29.33 -36.23 15.86
CA ARG B 211 -28.35 -37.27 15.58
C ARG B 211 -28.51 -37.89 14.20
N ARG B 212 -29.42 -37.35 13.39
CA ARG B 212 -29.65 -37.84 12.03
C ARG B 212 -30.04 -39.32 12.04
N ASN B 213 -30.90 -39.67 13.00
CA ASN B 213 -31.41 -41.04 13.12
C ASN B 213 -32.66 -41.14 12.26
N MET B 214 -32.55 -41.85 11.14
CA MET B 214 -33.68 -41.97 10.22
C MET B 214 -34.85 -42.72 10.85
N THR B 215 -34.55 -43.81 11.57
CA THR B 215 -35.59 -44.68 12.09
C THR B 215 -36.13 -44.22 13.45
N LEU B 216 -35.25 -43.82 14.36
CA LEU B 216 -35.71 -43.45 15.70
C LEU B 216 -36.73 -42.32 15.62
N VAL B 217 -36.45 -41.29 14.81
CA VAL B 217 -37.42 -40.21 14.63
C VAL B 217 -38.73 -40.77 14.09
N THR B 218 -38.65 -41.72 13.16
CA THR B 218 -39.86 -42.37 12.65
C THR B 218 -40.56 -43.14 13.76
N LEU B 219 -39.80 -43.87 14.58
CA LEU B 219 -40.41 -44.70 15.62
C LEU B 219 -41.13 -43.86 16.65
N LEU B 220 -40.56 -42.70 17.02
CA LEU B 220 -41.20 -41.86 18.03
C LEU B 220 -42.62 -41.49 17.62
N VAL B 221 -42.80 -41.03 16.38
CA VAL B 221 -44.14 -40.67 15.93
C VAL B 221 -44.98 -41.92 15.71
N GLU B 222 -44.38 -43.01 15.23
CA GLU B 222 -45.15 -44.23 15.00
C GLU B 222 -45.78 -44.73 16.29
N ASN B 223 -45.07 -44.58 17.40
CA ASN B 223 -45.64 -44.97 18.69
C ASN B 223 -46.86 -44.13 19.03
N GLY B 224 -46.83 -42.85 18.69
CA GLY B 224 -47.93 -41.95 19.00
C GLY B 224 -47.47 -40.63 19.58
N ALA B 225 -46.16 -40.38 19.53
CA ALA B 225 -45.63 -39.11 20.03
C ALA B 225 -46.14 -37.95 19.20
N ASP B 226 -46.44 -36.85 19.87
CA ASP B 226 -47.00 -35.66 19.23
C ASP B 226 -45.89 -34.62 19.07
N VAL B 227 -45.71 -34.14 17.84
CA VAL B 227 -44.69 -33.12 17.57
C VAL B 227 -45.22 -31.72 17.77
N GLN B 228 -46.53 -31.53 17.87
CA GLN B 228 -47.07 -30.19 18.02
C GLN B 228 -46.51 -29.51 19.26
N ALA B 229 -46.18 -30.28 20.30
CA ALA B 229 -45.54 -29.72 21.47
C ALA B 229 -44.16 -29.18 21.12
N ALA B 230 -43.70 -28.18 21.87
CA ALA B 230 -42.44 -27.52 21.61
C ALA B 230 -41.63 -27.40 22.90
N ALA B 231 -40.32 -27.31 22.75
CA ALA B 231 -39.39 -27.19 23.87
C ALA B 231 -38.77 -25.80 23.88
N ASN B 232 -38.91 -25.10 24.99
CA ASN B 232 -38.37 -23.75 25.15
C ASN B 232 -37.54 -23.67 26.41
N GLY B 233 -36.35 -23.08 26.30
CA GLY B 233 -35.47 -22.91 27.44
C GLY B 233 -34.38 -21.92 27.14
N ASP B 234 -33.66 -21.53 28.19
CA ASP B 234 -32.57 -20.58 28.03
C ASP B 234 -31.54 -21.09 27.02
N PHE B 235 -31.34 -22.41 26.97
CA PHE B 235 -30.42 -22.98 25.99
C PHE B 235 -30.99 -22.88 24.58
N PHE B 236 -32.31 -22.94 24.43
CA PHE B 236 -32.92 -22.89 23.11
C PHE B 236 -33.16 -21.47 22.64
N LYS B 237 -33.35 -20.52 23.55
CA LYS B 237 -33.62 -19.15 23.17
C LYS B 237 -32.37 -18.50 22.55
N LYS B 238 -32.61 -17.49 21.72
CA LYS B 238 -31.54 -16.76 21.05
C LYS B 238 -30.98 -15.71 22.00
N THR B 239 -30.09 -16.17 22.88
CA THR B 239 -29.44 -15.33 23.87
C THR B 239 -27.93 -15.46 23.71
N LYS B 240 -27.25 -14.33 23.50
CA LYS B 240 -25.81 -14.34 23.34
C LYS B 240 -25.06 -14.43 24.67
N GLY B 241 -25.75 -14.18 25.79
CA GLY B 241 -25.08 -14.21 27.08
C GLY B 241 -24.52 -15.58 27.42
N ARG B 242 -25.26 -16.63 27.09
CA ARG B 242 -24.89 -18.01 27.40
C ARG B 242 -24.89 -18.85 26.13
N PRO B 243 -24.17 -19.97 26.12
CA PRO B 243 -24.14 -20.80 24.92
C PRO B 243 -25.53 -21.31 24.58
N GLY B 244 -25.82 -21.38 23.28
CA GLY B 244 -27.11 -21.83 22.83
C GLY B 244 -27.16 -21.85 21.31
N PHE B 245 -28.22 -22.46 20.80
CA PHE B 245 -28.43 -22.61 19.36
C PHE B 245 -29.92 -22.58 19.10
N TYR B 246 -30.42 -21.47 18.55
CA TYR B 246 -31.84 -21.32 18.28
C TYR B 246 -32.18 -21.93 16.93
N PHE B 247 -32.85 -23.07 16.96
CA PHE B 247 -33.37 -23.72 15.77
C PHE B 247 -34.90 -23.64 15.70
N GLY B 248 -35.52 -22.90 16.60
CA GLY B 248 -36.96 -22.87 16.72
C GLY B 248 -37.45 -23.90 17.73
N GLU B 249 -38.62 -23.61 18.29
CA GLU B 249 -39.21 -24.48 19.31
C GLU B 249 -40.03 -25.61 18.71
N LEU B 250 -40.62 -25.42 17.55
CA LEU B 250 -41.37 -26.48 16.90
C LEU B 250 -40.43 -27.63 16.54
N PRO B 251 -40.77 -28.88 16.86
CA PRO B 251 -39.92 -29.99 16.41
C PRO B 251 -39.75 -30.03 14.90
N LEU B 252 -40.78 -29.67 14.14
CA LEU B 252 -40.60 -29.53 12.70
C LEU B 252 -39.58 -28.45 12.38
N SER B 253 -39.60 -27.34 13.12
CA SER B 253 -38.59 -26.31 12.93
C SER B 253 -37.21 -26.86 13.24
N LEU B 254 -37.08 -27.67 14.30
CA LEU B 254 -35.80 -28.28 14.62
C LEU B 254 -35.31 -29.17 13.49
N ALA B 255 -36.19 -30.04 12.98
CA ALA B 255 -35.79 -30.94 11.91
C ALA B 255 -35.40 -30.18 10.66
N ALA B 256 -36.18 -29.15 10.30
CA ALA B 256 -35.85 -28.37 9.12
C ALA B 256 -34.52 -27.65 9.29
N CYS B 257 -34.33 -26.95 10.40
CA CYS B 257 -33.12 -26.19 10.62
C CYS B 257 -31.88 -27.08 10.78
N THR B 258 -32.07 -28.38 10.97
CA THR B 258 -30.97 -29.31 11.16
C THR B 258 -30.56 -30.02 9.89
N ASN B 259 -31.05 -29.57 8.73
CA ASN B 259 -30.67 -30.13 7.44
C ASN B 259 -31.08 -31.60 7.33
N GLN B 260 -32.39 -31.84 7.45
CA GLN B 260 -32.97 -33.17 7.27
C GLN B 260 -34.26 -33.00 6.48
N LEU B 261 -34.14 -33.02 5.15
CA LEU B 261 -35.30 -32.77 4.31
C LEU B 261 -36.25 -33.96 4.28
N ALA B 262 -35.69 -35.18 4.24
CA ALA B 262 -36.54 -36.36 4.20
C ALA B 262 -37.37 -36.48 5.47
N ILE B 263 -36.78 -36.23 6.63
CA ILE B 263 -37.50 -36.38 7.89
C ILE B 263 -38.62 -35.35 7.98
N VAL B 264 -38.33 -34.09 7.63
CA VAL B 264 -39.38 -33.08 7.68
C VAL B 264 -40.48 -33.39 6.69
N LYS B 265 -40.12 -33.89 5.50
CA LYS B 265 -41.15 -34.29 4.55
C LYS B 265 -42.03 -35.39 5.13
N PHE B 266 -41.42 -36.37 5.80
CA PHE B 266 -42.20 -37.44 6.41
C PHE B 266 -43.12 -36.90 7.50
N LEU B 267 -42.61 -36.01 8.37
CA LEU B 267 -43.45 -35.45 9.41
C LEU B 267 -44.63 -34.68 8.82
N LEU B 268 -44.39 -33.88 7.79
CA LEU B 268 -45.47 -33.10 7.21
C LEU B 268 -46.57 -34.00 6.66
N GLN B 269 -46.18 -35.08 5.97
CA GLN B 269 -47.12 -36.02 5.39
C GLN B 269 -47.41 -37.21 6.30
N ASN B 270 -46.93 -37.18 7.54
CA ASN B 270 -47.18 -38.28 8.47
C ASN B 270 -48.68 -38.48 8.65
N SER B 271 -49.11 -39.74 8.55
CA SER B 271 -50.53 -40.04 8.71
C SER B 271 -50.97 -39.86 10.16
N TRP B 272 -50.12 -40.23 11.11
CA TRP B 272 -50.52 -40.18 12.52
C TRP B 272 -50.81 -38.76 12.97
N GLN B 273 -49.87 -37.85 12.72
CA GLN B 273 -50.03 -36.47 13.16
C GLN B 273 -49.12 -35.56 12.33
N PRO B 274 -49.58 -35.07 11.19
CA PRO B 274 -48.72 -34.21 10.37
C PRO B 274 -48.34 -32.94 11.13
N ALA B 275 -47.08 -32.53 10.96
CA ALA B 275 -46.60 -31.32 11.60
C ALA B 275 -47.26 -30.09 10.96
N ASP B 276 -47.61 -29.12 11.80
CA ASP B 276 -48.29 -27.92 11.33
C ASP B 276 -47.27 -26.94 10.78
N ILE B 277 -47.30 -26.71 9.47
CA ILE B 277 -46.36 -25.79 8.85
C ILE B 277 -46.54 -24.37 9.33
N SER B 278 -47.74 -24.02 9.80
CA SER B 278 -48.06 -22.66 10.21
C SER B 278 -47.89 -22.42 11.69
N ALA B 279 -47.39 -23.41 12.44
CA ALA B 279 -47.26 -23.24 13.88
C ALA B 279 -46.29 -22.10 14.21
N ARG B 280 -46.60 -21.37 15.27
CA ARG B 280 -45.78 -20.27 15.74
C ARG B 280 -45.43 -20.50 17.20
N ASP B 281 -44.15 -20.37 17.53
CA ASP B 281 -43.69 -20.59 18.89
C ASP B 281 -44.07 -19.39 19.77
N SER B 282 -43.60 -19.43 21.02
CA SER B 282 -43.91 -18.34 21.94
C SER B 282 -43.35 -17.02 21.44
N VAL B 283 -42.14 -17.03 20.90
CA VAL B 283 -41.55 -15.80 20.35
C VAL B 283 -42.38 -15.31 19.17
N GLY B 284 -42.80 -16.22 18.29
CA GLY B 284 -43.60 -15.87 17.14
C GLY B 284 -42.98 -16.37 15.84
N ASN B 285 -41.67 -16.58 15.84
CA ASN B 285 -40.98 -17.05 14.65
C ASN B 285 -41.48 -18.43 14.26
N THR B 286 -42.13 -18.53 13.10
CA THR B 286 -42.56 -19.82 12.60
C THR B 286 -41.38 -20.50 11.91
N VAL B 287 -41.65 -21.57 11.16
CA VAL B 287 -40.57 -22.32 10.53
C VAL B 287 -39.79 -21.42 9.57
N LEU B 288 -40.50 -20.63 8.76
CA LEU B 288 -39.81 -19.78 7.80
C LEU B 288 -38.92 -18.75 8.50
N HIS B 289 -39.42 -18.13 9.57
CA HIS B 289 -38.57 -17.23 10.33
C HIS B 289 -37.31 -17.95 10.78
N ALA B 290 -37.47 -19.13 11.37
CA ALA B 290 -36.33 -19.87 11.91
C ALA B 290 -35.30 -20.13 10.82
N LEU B 291 -35.76 -20.58 9.66
CA LEU B 291 -34.85 -20.79 8.54
C LEU B 291 -34.16 -19.48 8.18
N VAL B 292 -34.86 -18.36 8.30
CA VAL B 292 -34.27 -17.08 7.92
C VAL B 292 -33.11 -16.74 8.85
N GLU B 293 -33.32 -16.78 10.17
CA GLU B 293 -32.24 -16.32 11.04
C GLU B 293 -31.15 -17.37 11.21
N VAL B 294 -31.46 -18.65 11.00
CA VAL B 294 -30.43 -19.68 11.07
C VAL B 294 -29.35 -19.49 10.00
N ALA B 295 -29.63 -18.71 8.96
CA ALA B 295 -28.64 -18.45 7.93
C ALA B 295 -27.45 -17.70 8.52
N ASP B 296 -26.26 -17.98 7.98
CA ASP B 296 -25.03 -17.36 8.45
C ASP B 296 -24.29 -16.61 7.35
N ASN B 297 -24.91 -16.41 6.20
CA ASN B 297 -24.33 -15.61 5.12
C ASN B 297 -23.03 -16.22 4.60
N THR B 298 -23.12 -17.49 4.20
CA THR B 298 -22.02 -18.16 3.52
C THR B 298 -22.60 -18.87 2.30
N VAL B 299 -21.75 -19.07 1.29
CA VAL B 299 -22.24 -19.62 0.03
C VAL B 299 -22.93 -20.95 0.26
N ASP B 300 -22.26 -21.86 0.97
CA ASP B 300 -22.83 -23.18 1.21
C ASP B 300 -24.12 -23.08 2.03
N ASN B 301 -24.07 -22.38 3.17
CA ASN B 301 -25.23 -22.29 4.03
C ASN B 301 -26.38 -21.56 3.35
N THR B 302 -26.07 -20.46 2.65
CA THR B 302 -27.13 -19.73 1.96
C THR B 302 -27.79 -20.60 0.90
N LYS B 303 -26.98 -21.32 0.11
CA LYS B 303 -27.55 -22.19 -0.91
C LYS B 303 -28.43 -23.25 -0.28
N PHE B 304 -27.94 -23.90 0.78
CA PHE B 304 -28.73 -24.92 1.46
C PHE B 304 -30.04 -24.37 2.01
N VAL B 305 -29.97 -23.23 2.70
CA VAL B 305 -31.16 -22.68 3.34
C VAL B 305 -32.19 -22.29 2.28
N THR B 306 -31.73 -21.66 1.20
CA THR B 306 -32.65 -21.30 0.13
C THR B 306 -33.28 -22.53 -0.51
N SER B 307 -32.47 -23.58 -0.76
CA SER B 307 -33.01 -24.77 -1.40
C SER B 307 -34.08 -25.43 -0.53
N MET B 308 -33.79 -25.58 0.76
CA MET B 308 -34.76 -26.22 1.64
C MET B 308 -35.97 -25.33 1.87
N TYR B 309 -35.78 -24.00 1.86
CA TYR B 309 -36.89 -23.07 1.90
C TYR B 309 -37.82 -23.30 0.71
N ASN B 310 -37.23 -23.43 -0.48
CA ASN B 310 -38.03 -23.72 -1.67
C ASN B 310 -38.79 -25.02 -1.53
N GLU B 311 -38.11 -26.06 -1.05
CA GLU B 311 -38.76 -27.37 -0.95
C GLU B 311 -39.92 -27.33 0.03
N ILE B 312 -39.72 -26.73 1.19
CA ILE B 312 -40.80 -26.66 2.19
C ILE B 312 -41.94 -25.80 1.66
N LEU B 313 -41.63 -24.71 0.96
CA LEU B 313 -42.67 -23.85 0.43
C LEU B 313 -43.51 -24.60 -0.59
N ILE B 314 -42.86 -25.31 -1.52
CA ILE B 314 -43.59 -26.07 -2.52
C ILE B 314 -44.45 -27.13 -1.87
N LEU B 315 -43.90 -27.86 -0.90
CA LEU B 315 -44.66 -28.91 -0.24
C LEU B 315 -45.87 -28.34 0.49
N GLY B 316 -45.67 -27.24 1.23
CA GLY B 316 -46.79 -26.64 1.92
C GLY B 316 -47.87 -26.15 0.96
N ALA B 317 -47.45 -25.54 -0.15
CA ALA B 317 -48.42 -25.10 -1.14
C ALA B 317 -49.21 -26.28 -1.68
N LYS B 318 -48.52 -27.40 -1.95
CA LYS B 318 -49.24 -28.59 -2.40
C LYS B 318 -50.24 -29.05 -1.34
N LEU B 319 -49.83 -29.06 -0.07
CA LEU B 319 -50.73 -29.50 0.99
C LEU B 319 -51.85 -28.49 1.21
N HIS B 320 -51.53 -27.21 1.31
CA HIS B 320 -52.49 -26.17 1.65
C HIS B 320 -52.37 -25.02 0.65
N PRO B 321 -52.92 -25.19 -0.56
CA PRO B 321 -52.93 -24.06 -1.50
C PRO B 321 -53.69 -22.85 -0.98
N THR B 322 -54.68 -23.05 -0.11
CA THR B 322 -55.53 -21.94 0.33
C THR B 322 -54.73 -20.89 1.10
N LEU B 323 -53.81 -21.33 1.96
CA LEU B 323 -53.08 -20.43 2.84
C LEU B 323 -51.70 -20.14 2.27
N LYS B 324 -51.21 -18.92 2.51
CA LYS B 324 -49.87 -18.50 2.14
C LYS B 324 -49.09 -18.21 3.42
N LEU B 325 -47.96 -18.89 3.59
CA LEU B 325 -47.22 -18.87 4.84
C LEU B 325 -46.31 -17.66 4.99
N GLU B 326 -46.04 -16.92 3.90
CA GLU B 326 -45.08 -15.83 3.96
C GLU B 326 -45.66 -14.54 4.53
N GLU B 327 -46.97 -14.49 4.78
CA GLU B 327 -47.61 -13.28 5.31
C GLU B 327 -47.71 -13.26 6.82
N ILE B 328 -47.32 -14.32 7.51
CA ILE B 328 -47.44 -14.40 8.96
C ILE B 328 -46.19 -13.82 9.59
N THR B 329 -46.38 -12.86 10.49
CA THR B 329 -45.27 -12.17 11.14
C THR B 329 -45.07 -12.71 12.56
N ASN B 330 -43.92 -12.37 13.14
CA ASN B 330 -43.58 -12.77 14.50
C ASN B 330 -44.03 -11.68 15.47
N ARG B 331 -43.55 -11.76 16.72
CA ARG B 331 -43.94 -10.78 17.72
C ARG B 331 -43.55 -9.37 17.29
N LYS B 332 -42.37 -9.22 16.69
CA LYS B 332 -41.94 -7.92 16.21
C LYS B 332 -42.75 -7.45 15.01
N GLY B 333 -43.60 -8.31 14.44
CA GLY B 333 -44.46 -7.92 13.35
C GLY B 333 -43.78 -7.70 12.02
N LEU B 334 -42.82 -8.54 11.66
CA LEU B 334 -42.15 -8.45 10.37
C LEU B 334 -42.03 -9.84 9.75
N THR B 335 -42.29 -9.90 8.44
CA THR B 335 -42.37 -11.16 7.71
C THR B 335 -40.99 -11.77 7.52
N PRO B 336 -40.91 -13.04 7.13
CA PRO B 336 -39.60 -13.64 6.86
C PRO B 336 -38.79 -12.86 5.84
N LEU B 337 -39.44 -12.28 4.83
CA LEU B 337 -38.74 -11.40 3.91
C LEU B 337 -38.18 -10.19 4.65
N ALA B 338 -39.02 -9.54 5.46
CA ALA B 338 -38.55 -8.40 6.22
C ALA B 338 -37.49 -8.81 7.23
N LEU B 339 -37.64 -9.99 7.83
CA LEU B 339 -36.63 -10.48 8.78
C LEU B 339 -35.28 -10.66 8.07
N ALA B 340 -35.28 -11.28 6.90
CA ALA B 340 -34.04 -11.49 6.18
C ALA B 340 -33.42 -10.16 5.78
N ALA B 341 -34.24 -9.21 5.33
CA ALA B 341 -33.71 -7.90 4.96
C ALA B 341 -33.13 -7.16 6.16
N SER B 342 -33.79 -7.27 7.31
CA SER B 342 -33.37 -6.50 8.49
C SER B 342 -32.11 -7.09 9.11
N SER B 343 -32.03 -8.42 9.18
CA SER B 343 -30.91 -9.07 9.86
C SER B 343 -29.67 -9.18 8.99
N GLY B 344 -29.70 -8.66 7.77
CA GLY B 344 -28.54 -8.70 6.90
C GLY B 344 -28.37 -9.98 6.13
N LYS B 345 -29.35 -10.89 6.16
CA LYS B 345 -29.26 -12.17 5.48
C LYS B 345 -29.44 -11.92 3.98
N ILE B 346 -28.33 -11.55 3.33
CA ILE B 346 -28.39 -11.16 1.93
C ILE B 346 -28.75 -12.35 1.06
N GLY B 347 -28.30 -13.56 1.42
CA GLY B 347 -28.61 -14.72 0.61
C GLY B 347 -30.10 -15.01 0.56
N VAL B 348 -30.74 -15.02 1.73
CA VAL B 348 -32.18 -15.30 1.79
C VAL B 348 -32.97 -14.20 1.10
N LEU B 349 -32.56 -12.95 1.30
CA LEU B 349 -33.26 -11.84 0.66
C LEU B 349 -33.14 -11.93 -0.85
N ALA B 350 -31.93 -12.17 -1.34
CA ALA B 350 -31.74 -12.31 -2.78
C ALA B 350 -32.56 -13.47 -3.33
N TYR B 351 -32.66 -14.57 -2.57
CA TYR B 351 -33.52 -15.66 -3.00
C TYR B 351 -34.97 -15.22 -3.12
N ILE B 352 -35.52 -14.64 -2.05
CA ILE B 352 -36.97 -14.40 -2.03
C ILE B 352 -37.35 -13.34 -3.05
N LEU B 353 -36.51 -12.32 -3.22
CA LEU B 353 -36.89 -11.20 -4.08
C LEU B 353 -37.05 -11.64 -5.53
N GLN B 354 -36.15 -12.48 -6.03
CA GLN B 354 -36.14 -12.91 -7.41
C GLN B 354 -36.38 -14.41 -7.51
N ARG B 355 -37.34 -14.91 -6.74
CA ARG B 355 -37.65 -16.34 -6.73
C ARG B 355 -38.49 -16.69 -7.95
N GLU B 356 -37.92 -17.47 -8.86
CA GLU B 356 -38.58 -17.90 -10.07
C GLU B 356 -38.76 -19.42 -10.01
N ILE B 357 -40.00 -19.87 -10.11
CA ILE B 357 -40.33 -21.29 -10.15
C ILE B 357 -40.91 -21.59 -11.52
N HIS B 358 -40.23 -22.44 -12.28
CA HIS B 358 -40.67 -22.78 -13.62
C HIS B 358 -41.77 -23.81 -13.66
N GLU B 359 -42.02 -24.50 -12.54
CA GLU B 359 -42.96 -25.62 -12.55
C GLU B 359 -44.36 -25.13 -12.88
N PRO B 360 -45.05 -25.74 -13.85
CA PRO B 360 -46.39 -25.21 -14.22
C PRO B 360 -47.38 -25.19 -13.06
N GLU B 361 -47.36 -26.20 -12.20
CA GLU B 361 -48.31 -26.24 -11.09
C GLU B 361 -47.98 -25.21 -10.01
N CYS B 362 -46.72 -24.75 -9.96
CA CYS B 362 -46.28 -23.78 -8.96
C CYS B 362 -45.82 -22.53 -9.69
N ARG B 363 -46.77 -21.66 -10.00
CA ARG B 363 -46.50 -20.38 -10.64
C ARG B 363 -46.81 -19.19 -9.76
N HIS B 364 -47.93 -19.23 -9.04
CA HIS B 364 -48.24 -18.13 -8.13
C HIS B 364 -47.17 -17.98 -7.07
N LEU B 365 -46.40 -19.04 -6.81
CA LEU B 365 -45.29 -18.94 -5.86
C LEU B 365 -44.18 -18.05 -6.41
N SER B 366 -43.92 -18.12 -7.71
CA SER B 366 -42.84 -17.34 -8.30
C SER B 366 -43.02 -15.86 -8.02
N ARG B 367 -41.91 -15.19 -7.72
CA ARG B 367 -41.90 -13.75 -7.48
C ARG B 367 -41.56 -12.99 -8.75
N LYS B 368 -40.56 -13.47 -9.48
CA LYS B 368 -40.11 -12.86 -10.73
C LYS B 368 -40.62 -13.68 -11.90
N PHE B 369 -41.17 -12.99 -12.91
CA PHE B 369 -41.67 -13.63 -14.12
C PHE B 369 -40.86 -13.14 -15.32
N THR B 370 -40.39 -14.07 -16.14
CA THR B 370 -39.61 -13.74 -17.32
C THR B 370 -40.55 -13.65 -18.53
N GLU B 371 -40.75 -12.43 -19.02
CA GLU B 371 -41.70 -12.23 -20.11
C GLU B 371 -41.24 -12.89 -21.39
N TRP B 372 -39.99 -12.64 -21.78
CA TRP B 372 -39.46 -13.21 -23.03
C TRP B 372 -37.95 -13.00 -23.05
N ALA B 373 -37.28 -13.73 -23.94
CA ALA B 373 -35.83 -13.63 -24.12
C ALA B 373 -35.54 -13.79 -25.60
N TYR B 374 -35.45 -12.65 -26.32
CA TYR B 374 -35.09 -12.71 -27.73
C TYR B 374 -33.63 -13.11 -27.93
N GLY B 375 -32.77 -12.83 -26.95
CA GLY B 375 -31.36 -13.05 -27.10
C GLY B 375 -30.63 -12.74 -25.81
N PRO B 376 -29.54 -11.96 -25.88
CA PRO B 376 -28.91 -11.52 -24.62
C PRO B 376 -29.87 -10.75 -23.73
N VAL B 377 -30.84 -10.07 -24.33
CA VAL B 377 -31.87 -9.36 -23.57
C VAL B 377 -32.92 -10.38 -23.12
N HIS B 378 -33.39 -10.22 -21.88
CA HIS B 378 -34.41 -11.11 -21.31
C HIS B 378 -35.31 -10.26 -20.40
N SER B 379 -36.43 -9.79 -20.96
CA SER B 379 -37.38 -9.00 -20.18
C SER B 379 -37.89 -9.81 -19.00
N SER B 380 -37.96 -9.17 -17.83
CA SER B 380 -38.38 -9.82 -16.60
C SER B 380 -39.36 -8.93 -15.86
N LEU B 381 -40.27 -9.55 -15.11
CA LEU B 381 -41.27 -8.84 -14.33
C LEU B 381 -41.17 -9.28 -12.87
N TYR B 382 -40.89 -8.33 -11.98
CA TYR B 382 -40.76 -8.59 -10.57
C TYR B 382 -42.03 -8.18 -9.83
N ASP B 383 -42.31 -8.87 -8.72
CA ASP B 383 -43.62 -8.74 -8.08
C ASP B 383 -43.79 -7.38 -7.41
N LEU B 384 -42.80 -6.95 -6.64
CA LEU B 384 -42.89 -5.68 -5.92
C LEU B 384 -44.12 -5.61 -5.02
N SER B 385 -44.72 -6.75 -4.69
CA SER B 385 -45.96 -6.73 -3.92
C SER B 385 -45.75 -6.09 -2.55
N CYS B 386 -44.62 -6.37 -1.90
CA CYS B 386 -44.34 -5.82 -0.59
C CYS B 386 -42.90 -5.30 -0.52
N ILE B 387 -42.50 -4.51 -1.51
CA ILE B 387 -41.16 -3.93 -1.48
C ILE B 387 -41.18 -2.44 -1.19
N ASP B 388 -42.23 -1.73 -1.63
CA ASP B 388 -42.36 -0.30 -1.37
C ASP B 388 -43.79 0.00 -0.96
N THR B 389 -43.95 0.89 0.02
CA THR B 389 -45.27 1.33 0.49
C THR B 389 -46.19 0.14 0.71
N CYS B 390 -45.70 -0.83 1.48
CA CYS B 390 -46.45 -2.05 1.74
C CYS B 390 -47.12 -2.06 3.11
N GLU B 391 -46.38 -1.76 4.17
CA GLU B 391 -46.91 -1.74 5.52
C GLU B 391 -45.96 -0.94 6.39
N LYS B 392 -46.12 -1.01 7.70
CA LYS B 392 -45.20 -0.37 8.63
C LYS B 392 -43.78 -0.88 8.48
N ASN B 393 -43.57 -1.95 7.70
CA ASN B 393 -42.25 -2.46 7.40
C ASN B 393 -42.22 -2.92 5.95
N SER B 394 -41.10 -2.66 5.28
CA SER B 394 -40.90 -3.10 3.91
C SER B 394 -39.40 -3.27 3.70
N VAL B 395 -39.05 -4.00 2.63
CA VAL B 395 -37.65 -4.32 2.41
C VAL B 395 -36.81 -3.06 2.26
N LEU B 396 -37.27 -2.10 1.45
CA LEU B 396 -36.55 -0.85 1.28
C LEU B 396 -36.53 -0.04 2.57
N GLU B 397 -37.70 0.11 3.19
CA GLU B 397 -37.81 0.90 4.41
C GLU B 397 -37.03 0.28 5.56
N VAL B 398 -36.74 -1.02 5.49
CA VAL B 398 -36.00 -1.68 6.56
C VAL B 398 -34.50 -1.66 6.28
N ILE B 399 -34.10 -1.84 5.03
CA ILE B 399 -32.68 -1.75 4.67
C ILE B 399 -32.18 -0.33 4.90
N ALA B 400 -32.97 0.67 4.53
CA ALA B 400 -32.54 2.06 4.69
C ALA B 400 -32.32 2.41 6.15
N TYR B 401 -33.21 1.93 7.03
CA TYR B 401 -33.19 2.30 8.45
C TYR B 401 -32.48 1.26 9.31
N SER B 402 -31.42 0.63 8.78
CA SER B 402 -30.61 -0.26 9.58
C SER B 402 -29.73 0.55 10.52
N SER B 403 -29.10 -0.14 11.46
CA SER B 403 -28.32 0.50 12.52
C SER B 403 -26.84 0.62 12.18
N SER B 404 -26.43 0.24 10.98
CA SER B 404 -25.05 0.14 10.52
C SER B 404 -24.36 -1.09 11.11
N GLU B 405 -24.99 -1.81 12.02
CA GLU B 405 -24.45 -3.09 12.48
C GLU B 405 -24.61 -4.15 11.41
N THR B 406 -25.63 -4.04 10.58
CA THR B 406 -25.86 -5.03 9.53
C THR B 406 -24.65 -5.04 8.59
N PRO B 407 -24.13 -6.22 8.23
CA PRO B 407 -22.89 -6.24 7.44
C PRO B 407 -23.09 -5.92 5.97
N ASN B 408 -24.24 -6.32 5.42
CA ASN B 408 -24.45 -6.31 3.98
C ASN B 408 -25.34 -5.17 3.51
N ARG B 409 -25.62 -4.19 4.36
CA ARG B 409 -26.53 -3.11 3.98
C ARG B 409 -26.01 -2.37 2.75
N HIS B 410 -24.70 -2.11 2.69
CA HIS B 410 -24.13 -1.45 1.52
C HIS B 410 -24.30 -2.29 0.26
N ASP B 411 -24.09 -3.60 0.38
CA ASP B 411 -24.26 -4.52 -0.72
C ASP B 411 -25.68 -5.09 -0.82
N MET B 412 -26.57 -4.70 0.09
CA MET B 412 -27.94 -5.19 0.03
C MET B 412 -28.73 -4.48 -1.07
N LEU B 413 -28.43 -3.21 -1.33
CA LEU B 413 -29.13 -2.45 -2.35
C LEU B 413 -28.72 -2.87 -3.76
N LEU B 414 -27.71 -3.72 -3.91
CA LEU B 414 -27.29 -4.16 -5.23
C LEU B 414 -28.26 -5.16 -5.84
N VAL B 415 -29.13 -5.77 -5.03
CA VAL B 415 -30.06 -6.76 -5.56
C VAL B 415 -30.95 -6.11 -6.62
N GLU B 416 -31.15 -6.83 -7.72
CA GLU B 416 -31.68 -6.27 -8.97
C GLU B 416 -32.91 -5.39 -8.77
N PRO B 417 -34.03 -5.94 -8.28
CA PRO B 417 -35.25 -5.14 -8.21
C PRO B 417 -35.09 -3.87 -7.39
N LEU B 418 -34.34 -3.92 -6.28
CA LEU B 418 -34.21 -2.74 -5.43
C LEU B 418 -33.39 -1.65 -6.10
N ASN B 419 -32.27 -2.02 -6.72
CA ASN B 419 -31.47 -1.01 -7.43
C ASN B 419 -32.26 -0.39 -8.56
N ARG B 420 -32.95 -1.23 -9.35
CA ARG B 420 -33.73 -0.68 -10.46
C ARG B 420 -34.84 0.24 -9.94
N LEU B 421 -35.51 -0.16 -8.86
CA LEU B 421 -36.61 0.63 -8.34
C LEU B 421 -36.12 1.96 -7.79
N LEU B 422 -35.00 1.96 -7.07
CA LEU B 422 -34.46 3.21 -6.55
C LEU B 422 -34.01 4.13 -7.67
N GLN B 423 -33.35 3.59 -8.70
CA GLN B 423 -32.95 4.44 -9.82
C GLN B 423 -34.16 5.02 -10.52
N ASP B 424 -35.21 4.21 -10.70
CA ASP B 424 -36.43 4.71 -11.33
C ASP B 424 -37.05 5.82 -10.50
N LYS B 425 -37.10 5.64 -9.18
CA LYS B 425 -37.65 6.68 -8.33
C LYS B 425 -36.82 7.96 -8.43
N TRP B 426 -35.50 7.83 -8.41
CA TRP B 426 -34.64 9.01 -8.49
C TRP B 426 -34.84 9.75 -9.80
N ASP B 427 -34.95 9.01 -10.90
CA ASP B 427 -35.11 9.65 -12.21
C ASP B 427 -36.51 10.20 -12.41
N ARG B 428 -37.50 9.68 -11.70
CA ARG B 428 -38.88 10.04 -11.99
C ARG B 428 -39.28 11.36 -11.35
N PHE B 429 -39.29 11.43 -10.02
CA PHE B 429 -39.79 12.63 -9.36
C PHE B 429 -38.91 13.08 -8.20
N VAL B 430 -38.09 12.18 -7.65
CA VAL B 430 -37.29 12.55 -6.50
C VAL B 430 -36.23 13.57 -6.88
N LYS B 431 -35.67 13.48 -8.09
CA LYS B 431 -34.53 14.31 -8.43
C LYS B 431 -34.88 15.80 -8.39
N ARG B 432 -35.99 16.17 -9.03
CA ARG B 432 -36.36 17.57 -9.05
C ARG B 432 -36.80 18.07 -7.68
N ILE B 433 -37.43 17.22 -6.87
CA ILE B 433 -37.76 17.65 -5.51
C ILE B 433 -36.48 17.88 -4.71
N PHE B 434 -35.49 17.02 -4.87
CA PHE B 434 -34.23 17.23 -4.16
C PHE B 434 -33.57 18.53 -4.61
N TYR B 435 -33.59 18.81 -5.91
CA TYR B 435 -32.94 20.03 -6.40
C TYR B 435 -33.72 21.27 -5.95
N PHE B 436 -35.05 21.17 -5.87
CA PHE B 436 -35.83 22.28 -5.34
C PHE B 436 -35.54 22.50 -3.86
N ASN B 437 -35.38 21.41 -3.11
CA ASN B 437 -35.02 21.52 -1.70
C ASN B 437 -33.67 22.21 -1.54
N PHE B 438 -32.68 21.79 -2.35
CA PHE B 438 -31.37 22.40 -2.28
C PHE B 438 -31.42 23.87 -2.66
N PHE B 439 -32.21 24.22 -3.68
CA PHE B 439 -32.32 25.61 -4.09
C PHE B 439 -32.97 26.47 -3.00
N VAL B 440 -34.04 25.98 -2.39
CA VAL B 440 -34.69 26.77 -1.35
C VAL B 440 -33.77 26.93 -0.14
N TYR B 441 -33.03 25.89 0.24
CA TYR B 441 -32.12 26.06 1.36
C TYR B 441 -30.98 27.00 1.01
N CYS B 442 -30.54 27.00 -0.25
CA CYS B 442 -29.52 27.97 -0.66
C CYS B 442 -30.06 29.39 -0.52
N LEU B 443 -31.31 29.61 -0.92
CA LEU B 443 -31.91 30.94 -0.76
C LEU B 443 -32.08 31.30 0.72
N TYR B 444 -32.46 30.34 1.55
CA TYR B 444 -32.61 30.60 2.98
C TYR B 444 -31.28 30.95 3.61
N MET B 445 -30.20 30.27 3.21
CA MET B 445 -28.87 30.63 3.68
C MET B 445 -28.45 32.01 3.21
N ILE B 446 -28.82 32.39 1.99
CA ILE B 446 -28.47 33.72 1.51
C ILE B 446 -29.19 34.81 2.31
N ILE B 447 -30.49 34.62 2.55
CA ILE B 447 -31.24 35.59 3.35
C ILE B 447 -30.75 35.61 4.80
N PHE B 448 -30.48 34.44 5.37
CA PHE B 448 -29.97 34.38 6.73
C PHE B 448 -28.64 35.11 6.84
N THR B 449 -27.76 34.92 5.85
CA THR B 449 -26.48 35.62 5.86
C THR B 449 -26.66 37.11 5.73
N ALA B 450 -27.56 37.57 4.84
CA ALA B 450 -27.72 39.00 4.65
C ALA B 450 -28.34 39.68 5.87
N ALA B 451 -29.35 39.07 6.48
CA ALA B 451 -29.96 39.65 7.66
C ALA B 451 -29.05 39.55 8.87
N ALA B 452 -28.13 38.58 8.89
CA ALA B 452 -27.13 38.52 9.94
C ALA B 452 -26.03 39.54 9.73
N TYR B 453 -25.69 39.85 8.47
CA TYR B 453 -24.61 40.79 8.20
C TYR B 453 -24.99 42.21 8.61
N TYR B 454 -26.24 42.61 8.38
CA TYR B 454 -26.70 43.97 8.59
C TYR B 454 -27.50 44.12 9.88
N ARG B 455 -27.09 43.43 10.93
CA ARG B 455 -27.78 43.56 12.22
C ARG B 455 -27.50 44.94 12.81
N PRO B 456 -28.51 45.63 13.31
CA PRO B 456 -28.26 46.95 13.92
C PRO B 456 -27.35 46.84 15.13
N VAL B 457 -26.49 47.85 15.29
CA VAL B 457 -25.45 47.83 16.32
C VAL B 457 -25.70 48.86 17.42
N GLU B 458 -26.71 49.71 17.30
CA GLU B 458 -26.97 50.78 18.25
C GLU B 458 -28.12 50.38 19.16
N GLY B 459 -27.87 50.42 20.47
CA GLY B 459 -28.91 50.11 21.43
C GLY B 459 -28.92 48.66 21.83
N LEU B 460 -29.92 48.31 22.64
CA LEU B 460 -30.11 46.94 23.10
C LEU B 460 -31.33 46.33 22.41
N PRO B 461 -31.35 45.01 22.21
CA PRO B 461 -32.52 44.39 21.62
C PRO B 461 -33.69 44.43 22.60
N PRO B 462 -34.93 44.49 22.09
CA PRO B 462 -35.35 44.54 20.69
C PRO B 462 -35.04 45.88 20.04
N TYR B 463 -35.33 45.99 18.75
CA TYR B 463 -35.10 47.21 17.98
C TYR B 463 -36.41 47.66 17.36
N LYS B 464 -36.75 48.93 17.56
CA LYS B 464 -37.98 49.48 16.99
C LYS B 464 -37.88 49.47 15.47
N LEU B 465 -38.96 49.06 14.82
CA LEU B 465 -38.98 48.96 13.36
C LEU B 465 -38.94 50.34 12.73
N LYS B 466 -37.76 50.75 12.25
CA LYS B 466 -37.62 52.05 11.62
C LYS B 466 -38.44 52.09 10.33
N ASN B 467 -38.94 53.28 10.02
CA ASN B 467 -39.78 53.48 8.83
C ASN B 467 -38.85 53.68 7.62
N THR B 468 -38.51 52.56 6.98
CA THR B 468 -37.66 52.59 5.80
C THR B 468 -37.83 51.28 5.05
N VAL B 469 -37.36 51.28 3.79
CA VAL B 469 -37.34 50.06 3.01
C VAL B 469 -36.30 49.09 3.56
N GLY B 470 -35.12 49.61 3.91
CA GLY B 470 -34.08 48.75 4.46
C GLY B 470 -34.48 48.10 5.77
N ASP B 471 -35.12 48.86 6.65
CA ASP B 471 -35.59 48.28 7.91
C ASP B 471 -36.67 47.22 7.67
N TYR B 472 -37.58 47.49 6.73
CA TYR B 472 -38.59 46.49 6.40
C TYR B 472 -37.95 45.21 5.88
N PHE B 473 -36.96 45.34 5.00
CA PHE B 473 -36.28 44.15 4.49
C PHE B 473 -35.57 43.42 5.62
N ARG B 474 -34.94 44.16 6.54
CA ARG B 474 -34.22 43.51 7.63
C ARG B 474 -35.17 42.72 8.53
N VAL B 475 -36.33 43.29 8.86
CA VAL B 475 -37.29 42.58 9.70
C VAL B 475 -37.88 41.38 8.96
N THR B 476 -38.13 41.54 7.65
CA THR B 476 -38.58 40.40 6.86
C THR B 476 -37.55 39.28 6.87
N GLY B 477 -36.28 39.64 6.73
CA GLY B 477 -35.23 38.63 6.78
C GLY B 477 -35.16 37.93 8.12
N GLU B 478 -35.29 38.70 9.21
CA GLU B 478 -35.29 38.07 10.53
C GLU B 478 -36.45 37.09 10.66
N ILE B 479 -37.64 37.47 10.19
CA ILE B 479 -38.79 36.58 10.30
C ILE B 479 -38.58 35.32 9.47
N LEU B 480 -38.04 35.48 8.26
CA LEU B 480 -37.76 34.31 7.43
C LEU B 480 -36.78 33.38 8.13
N SER B 481 -35.74 33.94 8.75
CA SER B 481 -34.76 33.13 9.46
C SER B 481 -35.42 32.35 10.59
N VAL B 482 -36.22 33.02 11.41
CA VAL B 482 -36.81 32.34 12.57
C VAL B 482 -37.81 31.29 12.12
N SER B 483 -38.56 31.56 11.03
CA SER B 483 -39.48 30.56 10.52
C SER B 483 -38.74 29.32 10.06
N GLY B 484 -37.62 29.51 9.36
CA GLY B 484 -36.80 28.36 9.02
C GLY B 484 -36.34 27.60 10.25
N GLY B 485 -36.01 28.33 11.31
CA GLY B 485 -35.60 27.69 12.55
C GLY B 485 -36.68 26.82 13.14
N VAL B 486 -37.92 27.32 13.18
CA VAL B 486 -39.03 26.52 13.70
C VAL B 486 -39.27 25.30 12.82
N TYR B 487 -39.22 25.46 11.51
CA TYR B 487 -39.42 24.32 10.62
C TYR B 487 -38.40 23.23 10.91
N PHE B 488 -37.11 23.61 11.00
CA PHE B 488 -36.09 22.60 11.25
C PHE B 488 -36.23 22.00 12.63
N PHE B 489 -36.67 22.79 13.61
CA PHE B 489 -36.87 22.28 14.96
C PHE B 489 -37.93 21.17 14.98
N PHE B 490 -39.08 21.44 14.35
CA PHE B 490 -40.14 20.43 14.33
C PHE B 490 -39.74 19.22 13.49
N ARG B 491 -39.05 19.45 12.37
CA ARG B 491 -38.57 18.31 11.59
C ARG B 491 -37.69 17.42 12.45
N GLY B 492 -36.75 18.01 13.18
CA GLY B 492 -35.86 17.22 14.01
C GLY B 492 -36.58 16.47 15.11
N ILE B 493 -37.53 17.14 15.78
CA ILE B 493 -38.25 16.49 16.85
C ILE B 493 -39.06 15.31 16.33
N GLN B 494 -39.75 15.49 15.21
CA GLN B 494 -40.57 14.41 14.68
C GLN B 494 -39.69 13.26 14.21
N TYR B 495 -38.52 13.55 13.63
CA TYR B 495 -37.61 12.48 13.28
C TYR B 495 -37.18 11.70 14.51
N PHE B 496 -36.84 12.40 15.58
CA PHE B 496 -36.39 11.71 16.79
C PHE B 496 -37.50 10.90 17.42
N LEU B 497 -38.76 11.35 17.29
CA LEU B 497 -39.88 10.56 17.80
C LEU B 497 -40.15 9.33 16.95
N GLN B 498 -40.13 9.48 15.63
CA GLN B 498 -40.33 8.33 14.75
C GLN B 498 -39.26 7.28 15.01
N ARG B 499 -37.99 7.64 14.79
CA ARG B 499 -36.94 6.64 14.85
C ARG B 499 -36.65 6.21 16.28
N ARG B 500 -36.56 7.16 17.20
CA ARG B 500 -36.14 6.89 18.58
C ARG B 500 -34.82 6.14 18.60
N PRO B 501 -33.75 6.71 18.05
CA PRO B 501 -32.49 5.98 17.97
C PRO B 501 -31.86 5.76 19.34
N SER B 502 -31.11 4.67 19.45
CA SER B 502 -30.39 4.37 20.67
C SER B 502 -29.29 5.40 20.90
N LEU B 503 -28.94 5.61 22.16
CA LEU B 503 -27.96 6.64 22.49
C LEU B 503 -26.62 6.35 21.84
N LYS B 504 -26.19 5.10 21.83
CA LYS B 504 -24.89 4.77 21.25
C LYS B 504 -24.86 5.04 19.75
N SER B 505 -25.95 4.70 19.05
CA SER B 505 -26.05 4.93 17.61
C SER B 505 -26.76 6.22 17.27
N LEU B 506 -26.72 7.20 18.16
CA LEU B 506 -27.29 8.51 17.86
C LEU B 506 -26.39 9.31 16.92
N PHE B 507 -25.08 9.07 17.00
CA PHE B 507 -24.12 9.80 16.19
C PHE B 507 -23.59 9.01 15.00
N VAL B 508 -23.61 7.68 15.07
CA VAL B 508 -23.10 6.88 13.97
C VAL B 508 -24.01 7.00 12.75
N ASP B 509 -25.33 7.07 12.98
CA ASP B 509 -26.28 7.01 11.89
C ASP B 509 -27.15 8.25 11.73
N SER B 510 -27.04 9.24 12.61
CA SER B 510 -27.83 10.46 12.55
C SER B 510 -26.94 11.67 12.76
N TYR B 511 -25.82 11.72 12.03
CA TYR B 511 -24.94 12.89 12.11
C TYR B 511 -25.62 14.13 11.55
N SER B 512 -26.16 14.03 10.35
CA SER B 512 -26.74 15.20 9.69
C SER B 512 -27.99 15.68 10.43
N GLU B 513 -28.81 14.76 10.92
CA GLU B 513 -30.00 15.16 11.66
C GLU B 513 -29.64 15.87 12.94
N ILE B 514 -28.60 15.39 13.63
CA ILE B 514 -28.11 16.07 14.82
C ILE B 514 -27.66 17.48 14.48
N LEU B 515 -26.95 17.65 13.37
CA LEU B 515 -26.42 18.97 13.02
C LEU B 515 -27.54 19.94 12.64
N PHE B 516 -28.53 19.49 11.89
CA PHE B 516 -29.64 20.37 11.57
C PHE B 516 -30.42 20.75 12.83
N PHE B 517 -30.61 19.79 13.74
CA PHE B 517 -31.27 20.11 15.01
C PHE B 517 -30.45 21.11 15.82
N VAL B 518 -29.12 20.99 15.81
CA VAL B 518 -28.30 21.91 16.59
C VAL B 518 -28.34 23.32 16.01
N GLN B 519 -28.34 23.45 14.69
CA GLN B 519 -28.48 24.76 14.08
C GLN B 519 -29.82 25.39 14.45
N SER B 520 -30.89 24.60 14.35
CA SER B 520 -32.20 25.13 14.74
C SER B 520 -32.21 25.54 16.21
N LEU B 521 -31.58 24.74 17.06
CA LEU B 521 -31.52 25.07 18.49
C LEU B 521 -30.81 26.38 18.72
N PHE B 522 -29.69 26.60 18.05
CA PHE B 522 -28.94 27.82 18.30
C PHE B 522 -29.73 29.03 17.85
N MET B 523 -30.42 28.94 16.71
CA MET B 523 -31.25 30.08 16.32
C MET B 523 -32.39 30.31 17.30
N LEU B 524 -32.99 29.23 17.81
CA LEU B 524 -34.07 29.38 18.77
C LEU B 524 -33.59 30.06 20.05
N VAL B 525 -32.44 29.64 20.56
CA VAL B 525 -31.88 30.29 21.73
C VAL B 525 -31.56 31.76 21.43
N SER B 526 -31.08 32.04 20.22
CA SER B 526 -30.76 33.41 19.85
C SER B 526 -32.00 34.28 19.88
N VAL B 527 -33.10 33.80 19.31
CA VAL B 527 -34.32 34.61 19.31
C VAL B 527 -34.86 34.76 20.73
N VAL B 528 -34.73 33.72 21.55
CA VAL B 528 -35.17 33.84 22.94
C VAL B 528 -34.39 34.94 23.64
N LEU B 529 -33.07 34.96 23.47
CA LEU B 529 -32.26 35.96 24.14
C LEU B 529 -32.44 37.35 23.53
N TYR B 530 -32.87 37.43 22.27
CA TYR B 530 -33.18 38.73 21.68
C TYR B 530 -34.51 39.27 22.17
N PHE B 531 -35.45 38.38 22.50
CA PHE B 531 -36.67 38.81 23.17
C PHE B 531 -36.46 39.04 24.67
N SER B 532 -35.36 38.55 25.22
CA SER B 532 -35.04 38.75 26.63
C SER B 532 -34.18 40.00 26.85
N GLN B 533 -33.95 40.79 25.80
CA GLN B 533 -33.27 42.07 25.92
C GLN B 533 -31.83 41.91 26.43
N ARG B 534 -31.09 41.04 25.74
CA ARG B 534 -29.66 40.86 25.98
C ARG B 534 -28.93 40.97 24.66
N LYS B 535 -27.71 41.49 24.71
CA LYS B 535 -26.89 41.65 23.52
C LYS B 535 -26.26 40.35 23.05
N GLU B 536 -26.45 39.26 23.81
CA GLU B 536 -25.80 37.98 23.56
C GLU B 536 -26.56 37.13 22.55
N TYR B 537 -27.36 37.73 21.67
CA TYR B 537 -28.00 36.92 20.65
C TYR B 537 -27.03 36.67 19.49
N VAL B 538 -26.07 37.58 19.27
CA VAL B 538 -25.15 37.47 18.15
C VAL B 538 -24.18 36.32 18.36
N ALA B 539 -23.75 36.08 19.60
CA ALA B 539 -22.84 34.99 19.88
C ALA B 539 -23.43 33.64 19.49
N SER B 540 -24.72 33.45 19.74
CA SER B 540 -25.40 32.25 19.26
C SER B 540 -25.69 32.33 17.77
N MET B 541 -25.91 33.53 17.24
CA MET B 541 -26.29 33.67 15.83
C MET B 541 -25.14 33.28 14.92
N VAL B 542 -23.91 33.64 15.26
CA VAL B 542 -22.79 33.25 14.40
C VAL B 542 -22.61 31.74 14.38
N PHE B 543 -22.68 31.11 15.55
CA PHE B 543 -22.67 29.64 15.58
C PHE B 543 -23.72 29.09 14.63
N SER B 544 -24.95 29.60 14.75
CA SER B 544 -26.04 29.11 13.92
C SER B 544 -25.73 29.30 12.45
N LEU B 545 -25.09 30.41 12.09
CA LEU B 545 -24.88 30.75 10.69
C LEU B 545 -23.76 29.92 10.06
N ALA B 546 -22.62 29.79 10.76
CA ALA B 546 -21.55 28.95 10.26
C ALA B 546 -21.98 27.50 10.16
N MET B 547 -22.72 27.02 11.16
CA MET B 547 -23.36 25.73 11.02
C MET B 547 -24.20 25.68 9.76
N GLY B 548 -24.98 26.73 9.52
CA GLY B 548 -25.87 26.71 8.38
C GLY B 548 -25.14 26.57 7.06
N TRP B 549 -24.01 27.26 6.93
CA TRP B 549 -23.29 27.23 5.66
C TRP B 549 -22.55 25.91 5.48
N THR B 550 -21.83 25.47 6.52
CA THR B 550 -21.11 24.21 6.41
C THR B 550 -22.05 23.01 6.33
N ASN B 551 -23.36 23.22 6.54
CA ASN B 551 -24.34 22.16 6.41
C ASN B 551 -24.79 21.94 4.97
N MET B 552 -24.36 22.73 3.99
CA MET B 552 -24.70 22.36 2.62
C MET B 552 -23.88 21.20 2.11
N LEU B 553 -22.90 20.73 2.88
CA LEU B 553 -22.29 19.45 2.60
C LEU B 553 -23.26 18.30 2.76
N TYR B 554 -24.42 18.55 3.38
CA TYR B 554 -25.42 17.51 3.42
C TYR B 554 -25.94 17.20 2.02
N TYR B 555 -25.98 18.20 1.15
CA TYR B 555 -26.58 18.04 -0.17
C TYR B 555 -25.61 17.54 -1.22
N THR B 556 -24.33 17.40 -0.82
CA THR B 556 -23.29 16.81 -1.65
C THR B 556 -23.48 15.28 -1.69
N ARG B 557 -24.35 14.74 -0.81
CA ARG B 557 -24.79 13.34 -0.79
C ARG B 557 -25.53 12.95 -2.09
N GLY B 558 -26.19 13.92 -2.73
CA GLY B 558 -26.86 13.76 -4.02
C GLY B 558 -25.99 13.63 -5.27
N PHE B 559 -24.65 13.81 -5.20
CA PHE B 559 -23.80 13.59 -6.35
C PHE B 559 -22.90 12.39 -6.08
N GLN B 560 -22.50 11.70 -7.14
CA GLN B 560 -21.65 10.52 -6.98
C GLN B 560 -20.23 10.91 -6.59
N GLN B 561 -19.67 11.88 -7.27
CA GLN B 561 -18.31 12.26 -7.03
C GLN B 561 -18.04 13.06 -5.78
N MET B 562 -18.98 13.91 -5.41
CA MET B 562 -18.80 14.85 -4.31
C MET B 562 -19.24 14.29 -2.96
N GLY B 563 -19.77 13.08 -2.91
CA GLY B 563 -20.29 12.56 -1.65
C GLY B 563 -19.20 12.28 -0.63
N ILE B 564 -18.05 11.76 -1.08
CA ILE B 564 -17.06 11.25 -0.15
C ILE B 564 -16.54 12.34 0.76
N TYR B 565 -16.40 13.57 0.25
CA TYR B 565 -15.90 14.64 1.11
C TYR B 565 -16.82 14.86 2.29
N ALA B 566 -18.13 14.71 2.09
CA ALA B 566 -19.08 14.85 3.19
C ALA B 566 -19.07 13.63 4.10
N VAL B 567 -18.61 12.49 3.62
CA VAL B 567 -18.52 11.27 4.42
C VAL B 567 -17.22 11.23 5.22
N MET B 568 -16.10 11.51 4.56
CA MET B 568 -14.82 11.58 5.26
C MET B 568 -14.93 12.50 6.46
N ILE B 569 -15.28 13.77 6.24
CA ILE B 569 -15.37 14.74 7.32
C ILE B 569 -16.13 14.17 8.50
N GLU B 570 -17.06 13.25 8.25
CA GLU B 570 -17.84 12.67 9.34
C GLU B 570 -17.01 11.68 10.13
N LYS B 571 -16.52 10.64 9.47
CA LYS B 571 -15.77 9.61 10.18
C LYS B 571 -14.53 10.20 10.82
N MET B 572 -13.79 11.03 10.09
CA MET B 572 -12.58 11.63 10.62
C MET B 572 -12.85 12.49 11.84
N ILE B 573 -14.08 12.93 12.06
CA ILE B 573 -14.37 13.72 13.25
C ILE B 573 -14.88 12.86 14.39
N LEU B 574 -15.35 11.66 14.11
CA LEU B 574 -15.94 10.79 15.13
C LEU B 574 -15.01 9.67 15.56
N ARG B 575 -14.29 9.06 14.63
CA ARG B 575 -13.39 7.98 15.00
C ARG B 575 -12.04 8.54 15.45
N ASP B 576 -11.36 9.25 14.57
CA ASP B 576 -9.97 9.62 14.83
C ASP B 576 -9.88 10.75 15.84
N LEU B 577 -10.40 11.92 15.49
CA LEU B 577 -10.15 13.11 16.29
C LEU B 577 -10.65 12.96 17.71
N CYS B 578 -11.84 12.38 17.88
CA CYS B 578 -12.46 12.31 19.19
C CYS B 578 -11.58 11.58 20.18
N ARG B 579 -11.09 10.41 19.81
CA ARG B 579 -10.28 9.60 20.73
C ARG B 579 -8.83 10.03 20.77
N PHE B 580 -8.32 10.66 19.72
CA PHE B 580 -6.98 11.20 19.80
C PHE B 580 -6.91 12.41 20.70
N MET B 581 -8.02 13.11 20.94
CA MET B 581 -7.97 14.24 21.85
C MET B 581 -7.71 13.81 23.29
N PHE B 582 -8.16 12.63 23.69
CA PHE B 582 -7.80 12.12 25.01
C PHE B 582 -6.29 11.95 25.13
N VAL B 583 -5.68 11.35 24.12
CA VAL B 583 -4.24 11.13 24.12
C VAL B 583 -3.50 12.46 24.11
N TYR B 584 -4.04 13.45 23.42
CA TYR B 584 -3.33 14.71 23.34
C TYR B 584 -3.47 15.55 24.61
N LEU B 585 -4.60 15.48 25.31
CA LEU B 585 -4.81 16.40 26.42
C LEU B 585 -4.02 16.02 27.66
N VAL B 586 -3.76 14.73 27.89
CA VAL B 586 -2.85 14.39 28.98
C VAL B 586 -1.50 15.05 28.74
N PHE B 587 -1.01 14.97 27.50
CA PHE B 587 0.24 15.62 27.15
C PHE B 587 0.17 17.11 27.40
N LEU B 588 -0.86 17.77 26.86
CA LEU B 588 -0.94 19.22 26.97
C LEU B 588 -1.04 19.67 28.42
N PHE B 589 -1.93 19.05 29.20
CA PHE B 589 -2.11 19.48 30.57
C PHE B 589 -0.91 19.13 31.45
N GLY B 590 -0.35 17.93 31.31
CA GLY B 590 0.84 17.62 32.09
C GLY B 590 1.96 18.58 31.81
N PHE B 591 2.24 18.82 30.52
CA PHE B 591 3.36 19.69 30.19
C PHE B 591 3.07 21.14 30.54
N SER B 592 1.80 21.57 30.54
CA SER B 592 1.49 22.96 30.86
C SER B 592 1.45 23.23 32.36
N THR B 593 0.89 22.32 33.15
CA THR B 593 1.09 22.40 34.59
C THR B 593 2.58 22.42 34.91
N ALA B 594 3.37 21.56 34.26
CA ALA B 594 4.81 21.57 34.48
C ALA B 594 5.41 22.93 34.17
N VAL B 595 5.09 23.49 33.00
CA VAL B 595 5.70 24.73 32.57
C VAL B 595 5.32 25.88 33.49
N VAL B 596 4.04 25.99 33.86
CA VAL B 596 3.60 27.13 34.66
C VAL B 596 4.10 27.00 36.09
N THR B 597 4.16 25.79 36.63
CA THR B 597 4.75 25.62 37.96
C THR B 597 6.23 26.00 37.94
N LEU B 598 6.95 25.64 36.88
CA LEU B 598 8.38 25.94 36.87
C LEU B 598 8.65 27.42 37.04
N ILE B 599 7.96 28.26 36.26
CA ILE B 599 8.33 29.67 36.18
C ILE B 599 7.22 30.54 36.75
N GLU B 600 6.53 30.05 37.78
CA GLU B 600 5.52 30.88 38.43
C GLU B 600 6.13 32.12 39.06
N ASP B 601 7.41 32.07 39.41
CA ASP B 601 8.13 33.24 39.90
C ASP B 601 7.97 34.43 38.96
N SER B 626 2.83 35.59 27.94
CA SER B 626 2.96 34.39 27.14
C SER B 626 2.82 33.14 28.00
N TYR B 627 3.67 33.04 29.02
CA TYR B 627 3.66 31.91 29.94
C TYR B 627 3.32 32.35 31.36
N ASN B 628 2.50 33.41 31.48
CA ASN B 628 2.12 33.92 32.80
C ASN B 628 0.97 33.11 33.39
N SER B 629 -0.09 32.92 32.60
CA SER B 629 -1.31 32.25 33.05
C SER B 629 -1.37 30.84 32.47
N LEU B 630 -2.11 29.97 33.16
CA LEU B 630 -2.26 28.62 32.63
C LEU B 630 -3.01 28.64 31.30
N TYR B 631 -3.95 29.56 31.14
CA TYR B 631 -4.63 29.71 29.85
C TYR B 631 -3.63 30.06 28.75
N SER B 632 -2.74 31.01 29.01
CA SER B 632 -1.79 31.42 27.98
C SER B 632 -0.77 30.34 27.72
N THR B 633 -0.37 29.59 28.74
CA THR B 633 0.48 28.42 28.51
C THR B 633 -0.24 27.41 27.61
N CYS B 634 -1.52 27.17 27.87
CA CYS B 634 -2.27 26.24 27.03
C CYS B 634 -2.31 26.73 25.59
N LEU B 635 -2.52 28.03 25.38
CA LEU B 635 -2.60 28.54 24.02
C LEU B 635 -1.25 28.47 23.32
N GLU B 636 -0.17 28.90 23.99
CA GLU B 636 1.14 28.89 23.37
C GLU B 636 1.56 27.46 23.04
N LEU B 637 1.27 26.52 23.91
CA LEU B 637 1.63 25.15 23.63
C LEU B 637 0.74 24.51 22.59
N PHE B 638 -0.52 24.93 22.45
CA PHE B 638 -1.31 24.42 21.33
C PHE B 638 -0.74 24.90 20.00
N LYS B 639 -0.36 26.17 19.91
CA LYS B 639 0.30 26.63 18.71
C LYS B 639 1.62 25.90 18.48
N PHE B 640 2.31 25.50 19.55
CA PHE B 640 3.47 24.62 19.38
C PHE B 640 3.08 23.30 18.73
N THR B 641 1.94 22.74 19.14
CA THR B 641 1.49 21.49 18.55
C THR B 641 1.24 21.64 17.07
N ILE B 642 0.58 22.74 16.65
CA ILE B 642 0.23 22.91 15.24
C ILE B 642 1.20 23.84 14.51
N GLY B 643 2.44 23.92 14.96
CA GLY B 643 3.47 24.54 14.15
C GLY B 643 3.35 26.03 13.99
N MET B 644 2.70 26.71 14.92
CA MET B 644 2.62 28.17 14.90
C MET B 644 3.25 28.80 16.14
N GLY B 645 4.15 28.09 16.81
CA GLY B 645 4.81 28.63 17.97
C GLY B 645 6.15 29.28 17.64
N ASP B 646 6.68 30.01 18.62
CA ASP B 646 7.99 30.63 18.49
C ASP B 646 8.80 30.37 19.76
N LEU B 647 9.95 29.74 19.58
CA LEU B 647 10.84 29.40 20.70
C LEU B 647 11.76 30.60 20.94
N GLU B 648 11.21 31.62 21.59
CA GLU B 648 11.94 32.88 21.75
C GLU B 648 13.09 32.73 22.74
N PHE B 649 12.81 32.13 23.91
CA PHE B 649 13.83 31.99 24.95
C PHE B 649 14.49 33.33 25.26
N THR B 650 13.69 34.41 25.28
CA THR B 650 14.23 35.77 25.40
C THR B 650 14.21 36.29 26.83
N GLU B 651 13.03 36.35 27.44
CA GLU B 651 12.94 36.88 28.80
C GLU B 651 13.64 35.95 29.78
N ASN B 652 14.18 36.53 30.85
CA ASN B 652 15.03 35.80 31.78
C ASN B 652 14.16 35.16 32.86
N TYR B 653 13.53 34.05 32.49
CA TYR B 653 12.79 33.24 33.45
C TYR B 653 13.76 32.48 34.33
N ASP B 654 13.29 32.12 35.53
CA ASP B 654 14.11 31.30 36.41
C ASP B 654 14.27 29.91 35.82
N PHE B 655 15.40 29.28 36.11
CA PHE B 655 15.70 27.93 35.65
C PHE B 655 15.50 27.84 34.13
N LYS B 656 16.34 28.60 33.41
CA LYS B 656 16.18 28.70 31.96
C LYS B 656 16.47 27.39 31.26
N ALA B 657 17.50 26.66 31.70
CA ALA B 657 17.84 25.41 31.04
C ALA B 657 16.69 24.42 31.14
N VAL B 658 16.05 24.34 32.30
CA VAL B 658 14.94 23.41 32.47
C VAL B 658 13.77 23.81 31.59
N PHE B 659 13.55 25.11 31.45
CA PHE B 659 12.50 25.63 30.58
C PHE B 659 12.75 25.23 29.12
N ILE B 660 13.99 25.38 28.67
CA ILE B 660 14.36 24.99 27.30
C ILE B 660 14.17 23.50 27.10
N ILE B 661 14.65 22.70 28.05
CA ILE B 661 14.51 21.26 27.92
C ILE B 661 13.03 20.88 27.84
N LEU B 662 12.21 21.48 28.70
CA LEU B 662 10.79 21.15 28.69
C LEU B 662 10.15 21.45 27.35
N LEU B 663 10.36 22.65 26.81
CA LEU B 663 9.67 22.98 25.57
C LEU B 663 10.24 22.28 24.35
N LEU B 664 11.54 21.99 24.31
CA LEU B 664 12.06 21.20 23.20
C LEU B 664 11.52 19.78 23.26
N ALA B 665 11.46 19.18 24.44
CA ALA B 665 10.80 17.90 24.58
C ALA B 665 9.36 17.98 24.10
N TYR B 666 8.65 19.05 24.47
CA TYR B 666 7.25 19.18 24.09
C TYR B 666 7.10 19.26 22.57
N VAL B 667 7.94 20.06 21.90
CA VAL B 667 7.84 20.18 20.45
C VAL B 667 8.10 18.83 19.78
N ILE B 668 9.20 18.17 20.15
CA ILE B 668 9.53 16.90 19.51
C ILE B 668 8.45 15.87 19.78
N LEU B 669 7.85 15.90 20.98
CA LEU B 669 6.92 14.87 21.39
C LEU B 669 5.55 15.06 20.75
N THR B 670 5.11 16.30 20.59
CA THR B 670 3.78 16.58 20.07
C THR B 670 3.79 17.02 18.62
N TYR B 671 4.64 17.99 18.27
CA TYR B 671 4.63 18.54 16.93
C TYR B 671 5.06 17.49 15.90
N ILE B 672 6.06 16.70 16.22
CA ILE B 672 6.64 15.75 15.27
C ILE B 672 6.03 14.37 15.43
N LEU B 673 6.01 13.85 16.64
CA LEU B 673 5.57 12.49 16.88
C LEU B 673 4.04 12.40 16.80
N LEU B 674 3.34 13.18 17.63
CA LEU B 674 1.90 13.03 17.75
C LEU B 674 1.14 13.57 16.54
N LEU B 675 1.51 14.74 16.05
CA LEU B 675 0.76 15.33 14.93
C LEU B 675 0.86 14.45 13.70
N ASN B 676 2.04 13.92 13.41
CA ASN B 676 2.18 13.03 12.27
C ASN B 676 1.57 11.67 12.54
N MET B 677 1.52 11.23 13.80
CA MET B 677 0.75 10.03 14.11
C MET B 677 -0.71 10.22 13.72
N LEU B 678 -1.30 11.34 14.12
CA LEU B 678 -2.68 11.61 13.76
C LEU B 678 -2.85 11.73 12.25
N ILE B 679 -1.90 12.38 11.58
CA ILE B 679 -2.00 12.57 10.14
C ILE B 679 -1.97 11.24 9.41
N ALA B 680 -1.10 10.33 9.84
CA ALA B 680 -1.08 9.00 9.22
C ALA B 680 -2.38 8.25 9.48
N LEU B 681 -2.92 8.37 10.70
CA LEU B 681 -4.18 7.69 10.99
C LEU B 681 -5.33 8.22 10.13
N MET B 682 -5.42 9.54 9.97
CA MET B 682 -6.46 10.12 9.12
C MET B 682 -6.23 9.77 7.66
N GLY B 683 -4.99 9.68 7.22
CA GLY B 683 -4.72 9.23 5.86
C GLY B 683 -5.20 7.82 5.63
N GLU B 684 -5.02 6.95 6.62
CA GLU B 684 -5.56 5.60 6.52
C GLU B 684 -7.08 5.63 6.42
N THR B 685 -7.72 6.47 7.22
CA THR B 685 -9.19 6.61 7.11
C THR B 685 -9.59 7.02 5.70
N VAL B 686 -8.92 8.04 5.16
CA VAL B 686 -9.29 8.56 3.85
C VAL B 686 -9.09 7.49 2.78
N ASN B 687 -7.97 6.78 2.89
CA ASN B 687 -7.67 5.70 1.96
C ASN B 687 -8.76 4.62 2.01
N LYS B 688 -9.21 4.30 3.22
CA LYS B 688 -10.20 3.25 3.42
C LYS B 688 -11.54 3.64 2.82
N ILE B 689 -11.99 4.86 3.06
CA ILE B 689 -13.36 5.22 2.68
C ILE B 689 -13.36 5.97 1.35
N ALA B 690 -12.24 5.99 0.65
CA ALA B 690 -12.20 6.53 -0.71
C ALA B 690 -12.18 5.46 -1.78
N GLN B 691 -11.73 4.24 -1.46
CA GLN B 691 -11.72 3.18 -2.46
C GLN B 691 -13.13 2.77 -2.85
N GLU B 692 -14.01 2.58 -1.87
CA GLU B 692 -15.38 2.13 -2.13
C GLU B 692 -16.33 3.31 -2.12
N SER B 693 -16.23 4.14 -3.17
CA SER B 693 -17.06 5.33 -3.26
C SER B 693 -18.49 5.00 -3.68
N LYS B 694 -18.66 4.06 -4.61
CA LYS B 694 -20.00 3.77 -5.13
C LYS B 694 -20.91 3.26 -4.02
N ASN B 695 -20.41 2.31 -3.21
CA ASN B 695 -21.21 1.81 -2.10
C ASN B 695 -21.55 2.93 -1.12
N ILE B 696 -20.57 3.77 -0.81
CA ILE B 696 -20.80 4.87 0.12
C ILE B 696 -21.92 5.77 -0.39
N TRP B 697 -21.94 6.03 -1.69
CA TRP B 697 -22.92 6.96 -2.25
C TRP B 697 -24.31 6.35 -2.38
N LYS B 698 -24.39 5.07 -2.74
CA LYS B 698 -25.69 4.50 -3.10
C LYS B 698 -26.63 4.46 -1.91
N LEU B 699 -26.11 4.16 -0.72
CA LEU B 699 -26.96 4.10 0.46
C LEU B 699 -27.45 5.49 0.85
N GLN B 700 -26.61 6.51 0.72
CA GLN B 700 -27.05 7.86 0.99
C GLN B 700 -28.17 8.26 0.04
N ARG B 701 -28.04 7.90 -1.24
CA ARG B 701 -29.10 8.16 -2.19
C ARG B 701 -30.38 7.42 -1.81
N ALA B 702 -30.24 6.18 -1.33
CA ALA B 702 -31.41 5.41 -0.93
C ALA B 702 -32.16 6.09 0.21
N ILE B 703 -31.42 6.55 1.22
CA ILE B 703 -32.08 7.21 2.34
C ILE B 703 -32.73 8.52 1.89
N THR B 704 -32.05 9.26 1.01
CA THR B 704 -32.64 10.49 0.48
C THR B 704 -33.95 10.20 -0.23
N ILE B 705 -33.97 9.16 -1.07
CA ILE B 705 -35.18 8.82 -1.81
C ILE B 705 -36.30 8.45 -0.86
N LEU B 706 -35.98 7.62 0.14
CA LEU B 706 -37.02 7.20 1.08
C LEU B 706 -37.60 8.39 1.83
N ASP B 707 -36.74 9.30 2.31
CA ASP B 707 -37.23 10.46 3.05
C ASP B 707 -38.05 11.38 2.18
N THR B 708 -37.61 11.65 0.95
CA THR B 708 -38.40 12.48 0.05
C THR B 708 -39.76 11.85 -0.23
N GLU B 709 -39.79 10.53 -0.44
CA GLU B 709 -41.07 9.87 -0.69
C GLU B 709 -41.98 9.97 0.53
N LYS B 710 -41.42 9.82 1.74
CA LYS B 710 -42.24 9.84 2.94
C LYS B 710 -42.71 11.25 3.30
N SER B 711 -41.98 12.28 2.88
CA SER B 711 -42.32 13.64 3.31
C SER B 711 -43.71 14.04 2.84
N PHE B 712 -44.06 13.72 1.60
CA PHE B 712 -45.32 14.14 1.00
C PHE B 712 -46.11 12.90 0.59
N LEU B 713 -47.25 12.67 1.23
CA LEU B 713 -48.05 11.48 0.95
C LEU B 713 -48.55 11.49 -0.49
N LYS B 714 -49.08 12.61 -0.95
CA LYS B 714 -49.55 12.69 -2.33
C LYS B 714 -48.41 12.45 -3.31
N CYS B 715 -47.19 12.79 -2.93
CA CYS B 715 -46.04 12.51 -3.79
C CYS B 715 -45.93 11.01 -4.07
N MET B 716 -46.01 10.19 -3.03
CA MET B 716 -45.98 8.74 -3.22
C MET B 716 -47.23 8.26 -3.93
N ARG B 717 -48.39 8.84 -3.61
CA ARG B 717 -49.64 8.39 -4.21
C ARG B 717 -49.62 8.56 -5.73
N LYS B 718 -49.15 9.71 -6.21
CA LYS B 718 -49.09 9.99 -7.64
C LYS B 718 -47.76 9.60 -8.27
N ALA B 719 -46.80 9.12 -7.47
CA ALA B 719 -45.52 8.70 -8.05
C ALA B 719 -45.66 7.39 -8.80
N PHE B 720 -46.65 6.57 -8.46
CA PHE B 720 -46.85 5.28 -9.09
C PHE B 720 -45.60 4.43 -8.93
N ARG B 721 -45.28 4.13 -7.68
CA ARG B 721 -44.03 3.44 -7.37
C ARG B 721 -43.86 2.20 -8.24
N SER B 722 -44.90 1.38 -8.32
CA SER B 722 -44.85 0.18 -9.13
C SER B 722 -44.93 0.56 -10.61
N GLY B 723 -44.26 -0.23 -11.45
CA GLY B 723 -44.33 0.01 -12.89
C GLY B 723 -45.73 -0.17 -13.43
N LYS B 724 -46.45 -1.20 -12.97
CA LYS B 724 -47.78 -1.47 -13.47
C LYS B 724 -48.54 -2.28 -12.44
N LEU B 725 -49.84 -2.42 -12.65
CA LEU B 725 -50.71 -3.25 -11.80
C LEU B 725 -51.42 -4.24 -12.72
N LEU B 726 -50.81 -5.42 -12.91
CA LEU B 726 -51.32 -6.39 -13.87
C LEU B 726 -51.48 -7.74 -13.20
N GLN B 727 -52.36 -8.55 -13.78
CA GLN B 727 -52.56 -9.93 -13.36
C GLN B 727 -51.85 -10.84 -14.36
N VAL B 728 -50.87 -11.60 -13.89
CA VAL B 728 -50.00 -12.38 -14.75
C VAL B 728 -50.14 -13.88 -14.55
N GLY B 729 -50.89 -14.32 -13.54
CA GLY B 729 -51.08 -15.74 -13.32
C GLY B 729 -52.40 -16.02 -12.65
N PHE B 730 -52.72 -17.31 -12.55
CA PHE B 730 -53.96 -17.78 -11.93
C PHE B 730 -53.62 -18.57 -10.67
N THR B 731 -54.31 -18.27 -9.58
CA THR B 731 -54.06 -18.93 -8.32
C THR B 731 -54.61 -20.36 -8.34
N PRO B 732 -54.11 -21.23 -7.46
CA PRO B 732 -54.69 -22.57 -7.36
C PRO B 732 -56.16 -22.55 -7.00
N ASP B 733 -56.62 -21.54 -6.27
CA ASP B 733 -58.02 -21.43 -5.90
C ASP B 733 -58.91 -21.10 -7.09
N GLY B 734 -58.33 -20.76 -8.24
CA GLY B 734 -59.10 -20.48 -9.44
C GLY B 734 -59.49 -19.04 -9.63
N LYS B 735 -59.17 -18.16 -8.68
CA LYS B 735 -59.48 -16.74 -8.80
C LYS B 735 -58.26 -16.00 -9.32
N ASP B 736 -58.46 -15.18 -10.35
CA ASP B 736 -57.36 -14.43 -10.93
C ASP B 736 -56.76 -13.48 -9.90
N ASP B 737 -55.43 -13.42 -9.86
CA ASP B 737 -54.71 -12.58 -8.92
C ASP B 737 -54.09 -11.40 -9.67
N TYR B 738 -54.36 -10.20 -9.17
CA TYR B 738 -53.81 -8.98 -9.73
C TYR B 738 -52.72 -8.46 -8.81
N ARG B 739 -51.52 -8.25 -9.35
CA ARG B 739 -50.38 -7.85 -8.56
C ARG B 739 -49.60 -6.76 -9.29
N TRP B 740 -48.86 -5.98 -8.52
CA TRP B 740 -48.00 -4.97 -9.11
C TRP B 740 -46.80 -5.62 -9.79
N CYS B 741 -46.13 -4.85 -10.64
CA CYS B 741 -45.02 -5.39 -11.42
C CYS B 741 -44.11 -4.24 -11.83
N PHE B 742 -42.88 -4.61 -12.20
CA PHE B 742 -41.88 -3.62 -12.57
C PHE B 742 -40.93 -4.27 -13.56
N ARG B 743 -41.16 -4.02 -14.85
CA ARG B 743 -40.38 -4.68 -15.89
C ARG B 743 -38.93 -4.23 -15.85
N VAL B 744 -38.02 -5.18 -16.07
CA VAL B 744 -36.59 -4.90 -16.10
C VAL B 744 -35.98 -5.69 -17.24
N ASP B 745 -34.74 -5.37 -17.59
CA ASP B 745 -34.01 -6.07 -18.64
C ASP B 745 -32.55 -6.23 -18.23
N GLU B 746 -31.90 -7.22 -18.82
CA GLU B 746 -30.49 -7.50 -18.52
C GLU B 746 -29.84 -8.13 -19.74
N VAL B 747 -28.50 -8.10 -19.75
CA VAL B 747 -27.71 -8.60 -20.86
C VAL B 747 -26.71 -9.62 -20.33
N ASN B 748 -26.77 -10.84 -20.87
CA ASN B 748 -25.79 -11.89 -20.56
C ASN B 748 -25.79 -12.86 -21.74
N TRP B 749 -24.77 -12.75 -22.59
CA TRP B 749 -24.64 -13.60 -23.76
C TRP B 749 -23.50 -14.62 -23.67
N THR B 750 -22.68 -14.55 -22.63
CA THR B 750 -21.61 -15.53 -22.47
C THR B 750 -22.16 -16.94 -22.24
N THR B 751 -23.40 -17.06 -21.76
CA THR B 751 -24.03 -18.35 -21.54
C THR B 751 -24.72 -18.90 -22.78
N TRP B 752 -24.80 -18.13 -23.86
CA TRP B 752 -25.47 -18.56 -25.07
C TRP B 752 -26.90 -19.03 -24.78
N SER C 197 34.83 -36.34 23.55
CA SER C 197 34.31 -35.02 23.28
C SER C 197 33.34 -35.05 22.09
N TYR C 198 33.89 -34.93 20.88
CA TYR C 198 33.06 -34.90 19.68
C TYR C 198 32.24 -36.19 19.55
N TYR C 199 32.89 -37.33 19.75
CA TYR C 199 32.25 -38.63 19.59
C TYR C 199 31.97 -39.31 20.93
N LYS C 200 32.09 -38.59 22.05
CA LYS C 200 32.01 -39.20 23.36
C LYS C 200 30.76 -40.05 23.50
N GLY C 201 30.95 -41.37 23.66
CA GLY C 201 29.84 -42.29 23.78
C GLY C 201 29.17 -42.67 22.48
N GLN C 202 29.53 -42.02 21.38
CA GLN C 202 28.88 -42.27 20.11
C GLN C 202 29.28 -43.62 19.56
N THR C 203 28.30 -44.42 19.17
CA THR C 203 28.52 -45.78 18.68
C THR C 203 27.83 -45.96 17.34
N ALA C 204 28.09 -47.11 16.71
CA ALA C 204 27.45 -47.42 15.44
C ALA C 204 25.94 -47.50 15.56
N LEU C 205 25.44 -47.74 16.77
CA LEU C 205 23.99 -47.75 16.96
C LEU C 205 23.39 -46.39 16.60
N HIS C 206 24.06 -45.31 16.99
CA HIS C 206 23.57 -43.98 16.65
C HIS C 206 23.51 -43.77 15.15
N ILE C 207 24.56 -44.20 14.43
CA ILE C 207 24.58 -44.04 12.97
C ILE C 207 23.47 -44.87 12.33
N ALA C 208 23.32 -46.12 12.77
CA ALA C 208 22.28 -46.97 12.21
C ALA C 208 20.90 -46.37 12.43
N ILE C 209 20.65 -45.86 13.64
CA ILE C 209 19.37 -45.22 13.93
C ILE C 209 19.19 -44.00 13.05
N GLU C 210 20.23 -43.17 12.93
CA GLU C 210 20.16 -41.98 12.09
C GLU C 210 20.12 -42.32 10.62
N ARG C 211 20.58 -43.51 10.24
CA ARG C 211 20.51 -43.98 8.86
C ARG C 211 19.24 -44.76 8.58
N ARG C 212 18.32 -44.83 9.54
CA ARG C 212 17.05 -45.55 9.37
C ARG C 212 17.30 -47.01 9.01
N ASN C 213 18.27 -47.61 9.69
CA ASN C 213 18.58 -49.02 9.51
C ASN C 213 17.72 -49.83 10.48
N MET C 214 16.73 -50.53 9.93
CA MET C 214 15.81 -51.29 10.78
C MET C 214 16.52 -52.43 11.49
N THR C 215 17.41 -53.14 10.80
CA THR C 215 18.04 -54.33 11.36
C THR C 215 19.29 -54.01 12.18
N LEU C 216 20.15 -53.13 11.69
CA LEU C 216 21.39 -52.86 12.41
C LEU C 216 21.11 -52.37 13.82
N VAL C 217 20.15 -51.46 13.98
CA VAL C 217 19.78 -51.02 15.31
C VAL C 217 19.30 -52.20 16.15
N THR C 218 18.52 -53.10 15.54
CA THR C 218 18.10 -54.30 16.24
C THR C 218 19.30 -55.18 16.61
N LEU C 219 20.24 -55.34 15.68
CA LEU C 219 21.38 -56.22 15.92
C LEU C 219 22.25 -55.71 17.06
N LEU C 220 22.45 -54.38 17.14
CA LEU C 220 23.29 -53.83 18.20
C LEU C 220 22.78 -54.24 19.58
N VAL C 221 21.48 -54.09 19.82
CA VAL C 221 20.94 -54.48 21.12
C VAL C 221 20.89 -56.01 21.25
N GLU C 222 20.61 -56.72 20.16
CA GLU C 222 20.56 -58.17 20.23
C GLU C 222 21.89 -58.74 20.68
N ASN C 223 22.99 -58.13 20.25
CA ASN C 223 24.31 -58.58 20.69
C ASN C 223 24.48 -58.41 22.19
N GLY C 224 23.93 -57.33 22.74
CA GLY C 224 24.06 -57.03 24.15
C GLY C 224 24.43 -55.59 24.43
N ALA C 225 24.38 -54.74 23.40
CA ALA C 225 24.69 -53.33 23.58
C ALA C 225 23.67 -52.68 24.49
N ASP C 226 24.14 -51.77 25.35
CA ASP C 226 23.31 -51.09 26.33
C ASP C 226 23.00 -49.68 25.84
N VAL C 227 21.72 -49.33 25.77
CA VAL C 227 21.33 -48.00 25.33
C VAL C 227 21.28 -47.00 26.48
N GLN C 228 21.31 -47.46 27.73
CA GLN C 228 21.23 -46.53 28.85
C GLN C 228 22.37 -45.52 28.80
N ALA C 229 23.52 -45.90 28.25
CA ALA C 229 24.60 -44.95 28.09
C ALA C 229 24.20 -43.87 27.09
N ALA C 230 24.81 -42.69 27.24
CA ALA C 230 24.47 -41.54 26.41
C ALA C 230 25.76 -40.88 25.90
N ALA C 231 25.63 -40.19 24.77
CA ALA C 231 26.74 -39.50 24.13
C ALA C 231 26.54 -37.99 24.25
N ASN C 232 27.53 -37.30 24.81
CA ASN C 232 27.48 -35.86 25.00
C ASN C 232 28.74 -35.23 24.43
N GLY C 233 28.57 -34.16 23.65
CA GLY C 233 29.70 -33.45 23.09
C GLY C 233 29.27 -32.10 22.56
N ASP C 234 30.27 -31.28 22.23
CA ASP C 234 29.97 -29.95 21.70
C ASP C 234 29.09 -30.03 20.46
N PHE C 235 29.27 -31.07 19.65
CA PHE C 235 28.42 -31.25 18.48
C PHE C 235 26.99 -31.62 18.87
N PHE C 236 26.82 -32.33 19.99
CA PHE C 236 25.49 -32.75 20.40
C PHE C 236 24.78 -31.68 21.25
N LYS C 237 25.53 -30.85 21.96
CA LYS C 237 24.93 -29.83 22.80
C LYS C 237 24.25 -28.76 21.95
N LYS C 238 23.27 -28.10 22.55
CA LYS C 238 22.51 -27.03 21.89
C LYS C 238 23.30 -25.73 21.99
N THR C 239 24.27 -25.60 21.08
CA THR C 239 25.13 -24.42 21.01
C THR C 239 25.04 -23.82 19.61
N LYS C 240 24.67 -22.55 19.53
CA LYS C 240 24.55 -21.88 18.24
C LYS C 240 25.90 -21.43 17.68
N GLY C 241 26.94 -21.40 18.52
CA GLY C 241 28.24 -20.94 18.04
C GLY C 241 28.81 -21.82 16.94
N ARG C 242 28.63 -23.13 17.07
CA ARG C 242 29.17 -24.10 16.13
C ARG C 242 28.05 -24.98 15.60
N PRO C 243 28.25 -25.62 14.44
CA PRO C 243 27.20 -26.48 13.90
C PRO C 243 26.90 -27.63 14.84
N GLY C 244 25.62 -27.99 14.92
CA GLY C 244 25.21 -29.07 15.80
C GLY C 244 23.71 -29.30 15.68
N PHE C 245 23.28 -30.41 16.27
CA PHE C 245 21.87 -30.82 16.23
C PHE C 245 21.56 -31.55 17.52
N TYR C 246 20.83 -30.89 18.43
CA TYR C 246 20.50 -31.47 19.72
C TYR C 246 19.25 -32.34 19.59
N PHE C 247 19.46 -33.65 19.64
CA PHE C 247 18.36 -34.62 19.67
C PHE C 247 18.25 -35.29 21.03
N GLY C 248 18.99 -34.83 22.02
CA GLY C 248 19.07 -35.49 23.30
C GLY C 248 20.21 -36.49 23.36
N GLU C 249 20.69 -36.73 24.58
CA GLU C 249 21.82 -37.63 24.79
C GLU C 249 21.39 -39.10 24.91
N LEU C 250 20.18 -39.35 25.39
CA LEU C 250 19.70 -40.72 25.48
C LEU C 250 19.55 -41.31 24.08
N PRO C 251 20.06 -42.52 23.83
CA PRO C 251 19.82 -43.13 22.51
C PRO C 251 18.34 -43.28 22.19
N LEU C 252 17.50 -43.55 23.19
CA LEU C 252 16.06 -43.53 22.94
C LEU C 252 15.60 -42.14 22.52
N SER C 253 16.15 -41.10 23.15
CA SER C 253 15.84 -39.74 22.73
C SER C 253 16.27 -39.50 21.28
N LEU C 254 17.44 -40.02 20.91
CA LEU C 254 17.90 -39.89 19.53
C LEU C 254 16.94 -40.57 18.57
N ALA C 255 16.55 -41.80 18.87
CA ALA C 255 15.66 -42.54 17.98
C ALA C 255 14.30 -41.84 17.88
N ALA C 256 13.76 -41.37 19.01
CA ALA C 256 12.48 -40.69 18.97
C ALA C 256 12.56 -39.41 18.16
N CYS C 257 13.56 -38.56 18.44
CA CYS C 257 13.70 -37.29 17.75
C CYS C 257 14.02 -37.45 16.28
N THR C 258 14.42 -38.64 15.84
CA THR C 258 14.79 -38.89 14.46
C THR C 258 13.65 -39.46 13.63
N ASN C 259 12.44 -39.47 14.16
CA ASN C 259 11.25 -39.93 13.44
C ASN C 259 11.37 -41.41 13.10
N GLN C 260 11.49 -42.23 14.13
CA GLN C 260 11.51 -43.69 13.99
C GLN C 260 10.66 -44.27 15.12
N LEU C 261 9.36 -44.40 14.87
CA LEU C 261 8.45 -44.85 15.93
C LEU C 261 8.59 -46.35 16.18
N ALA C 262 8.76 -47.13 15.12
CA ALA C 262 8.89 -48.58 15.29
C ALA C 262 10.13 -48.92 16.10
N ILE C 263 11.26 -48.27 15.82
CA ILE C 263 12.50 -48.59 16.51
C ILE C 263 12.40 -48.22 17.98
N VAL C 264 11.86 -47.03 18.30
CA VAL C 264 11.71 -46.65 19.70
C VAL C 264 10.76 -47.58 20.41
N LYS C 265 9.68 -47.99 19.74
CA LYS C 265 8.77 -48.95 20.35
C LYS C 265 9.49 -50.26 20.67
N PHE C 266 10.33 -50.73 19.73
CA PHE C 266 11.09 -51.95 19.97
C PHE C 266 12.05 -51.80 21.14
N LEU C 267 12.76 -50.67 21.21
CA LEU C 267 13.69 -50.45 22.31
C LEU C 267 12.96 -50.42 23.65
N LEU C 268 11.81 -49.75 23.71
CA LEU C 268 11.08 -49.66 24.97
C LEU C 268 10.64 -51.05 25.45
N GLN C 269 10.16 -51.88 24.53
CA GLN C 269 9.71 -53.22 24.85
C GLN C 269 10.78 -54.27 24.64
N ASN C 270 12.02 -53.86 24.36
CA ASN C 270 13.10 -54.81 24.15
C ASN C 270 13.27 -55.70 25.39
N SER C 271 13.36 -57.01 25.16
CA SER C 271 13.53 -57.93 26.27
C SER C 271 14.91 -57.80 26.90
N TRP C 272 15.94 -57.59 26.07
CA TRP C 272 17.31 -57.58 26.59
C TRP C 272 17.51 -56.41 27.56
N GLN C 273 17.15 -55.20 27.15
CA GLN C 273 17.36 -54.02 27.97
C GLN C 273 16.43 -52.91 27.54
N PRO C 274 15.20 -52.85 28.05
CA PRO C 274 14.28 -51.79 27.62
C PRO C 274 14.83 -50.41 27.95
N ALA C 275 14.65 -49.47 27.03
CA ALA C 275 15.10 -48.11 27.25
C ALA C 275 14.25 -47.45 28.34
N ASP C 276 14.91 -46.67 29.19
CA ASP C 276 14.23 -46.02 30.30
C ASP C 276 13.57 -44.74 29.81
N ILE C 277 12.23 -44.73 29.81
CA ILE C 277 11.49 -43.55 29.36
C ILE C 277 11.74 -42.35 30.24
N SER C 278 12.11 -42.56 31.50
CA SER C 278 12.28 -41.48 32.47
C SER C 278 13.73 -41.01 32.58
N ALA C 279 14.63 -41.51 31.76
CA ALA C 279 16.03 -41.13 31.86
C ALA C 279 16.20 -39.64 31.59
N ARG C 280 17.11 -39.02 32.32
CA ARG C 280 17.43 -37.60 32.16
C ARG C 280 18.92 -37.45 31.90
N ASP C 281 19.26 -36.68 30.87
CA ASP C 281 20.65 -36.48 30.50
C ASP C 281 21.32 -35.51 31.49
N SER C 282 22.57 -35.15 31.19
CA SER C 282 23.29 -34.24 32.07
C SER C 282 22.59 -32.90 32.16
N VAL C 283 22.10 -32.39 31.03
CA VAL C 283 21.38 -31.12 31.04
C VAL C 283 20.11 -31.23 31.88
N GLY C 284 19.39 -32.34 31.72
CA GLY C 284 18.17 -32.56 32.46
C GLY C 284 16.98 -32.87 31.56
N ASN C 285 17.06 -32.42 30.31
CA ASN C 285 15.98 -32.64 29.36
C ASN C 285 15.80 -34.13 29.11
N THR C 286 14.66 -34.67 29.52
CA THR C 286 14.35 -36.06 29.23
C THR C 286 13.81 -36.17 27.81
N VAL C 287 13.25 -37.32 27.47
CA VAL C 287 12.77 -37.53 26.10
C VAL C 287 11.69 -36.50 25.74
N LEU C 288 10.75 -36.26 26.65
CA LEU C 288 9.68 -35.31 26.36
C LEU C 288 10.24 -33.91 26.14
N HIS C 289 11.18 -33.47 26.97
CA HIS C 289 11.80 -32.18 26.73
C HIS C 289 12.41 -32.15 25.33
N ALA C 290 13.18 -33.17 24.98
CA ALA C 290 13.85 -33.20 23.69
C ALA C 290 12.85 -33.06 22.55
N LEU C 291 11.77 -33.83 22.62
CA LEU C 291 10.72 -33.70 21.62
C LEU C 291 10.18 -32.29 21.58
N VAL C 292 10.09 -31.63 22.74
CA VAL C 292 9.53 -30.29 22.79
C VAL C 292 10.42 -29.32 22.03
N GLU C 293 11.73 -29.29 22.33
CA GLU C 293 12.54 -28.26 21.68
C GLU C 293 12.92 -28.62 20.25
N VAL C 294 12.90 -29.91 19.90
CA VAL C 294 13.17 -30.29 18.52
C VAL C 294 12.11 -29.75 17.56
N ALA C 295 10.95 -29.34 18.06
CA ALA C 295 9.93 -28.76 17.21
C ALA C 295 10.42 -27.47 16.59
N ASP C 296 9.97 -27.20 15.35
CA ASP C 296 10.37 -26.00 14.62
C ASP C 296 9.18 -25.15 14.21
N ASN C 297 7.98 -25.42 14.73
CA ASN C 297 6.82 -24.58 14.49
C ASN C 297 6.44 -24.55 13.01
N THR C 298 6.24 -25.74 12.45
CA THR C 298 5.72 -25.90 11.10
C THR C 298 4.61 -26.93 11.14
N VAL C 299 3.67 -26.83 10.21
CA VAL C 299 2.49 -27.70 10.25
C VAL C 299 2.92 -29.16 10.25
N ASP C 300 3.79 -29.53 9.31
CA ASP C 300 4.22 -30.92 9.21
C ASP C 300 4.97 -31.35 10.47
N ASN C 301 5.99 -30.57 10.86
CA ASN C 301 6.79 -30.96 12.02
C ASN C 301 5.96 -30.94 13.29
N THR C 302 5.11 -29.93 13.47
CA THR C 302 4.29 -29.91 14.67
C THR C 302 3.35 -31.11 14.73
N LYS C 303 2.72 -31.44 13.61
CA LYS C 303 1.83 -32.60 13.59
C LYS C 303 2.60 -33.88 13.92
N PHE C 304 3.77 -34.05 13.31
CA PHE C 304 4.58 -35.24 13.57
C PHE C 304 4.99 -35.32 15.04
N VAL C 305 5.50 -34.21 15.59
CA VAL C 305 6.00 -34.23 16.96
C VAL C 305 4.87 -34.52 17.93
N THR C 306 3.71 -33.90 17.72
CA THR C 306 2.57 -34.16 18.58
C THR C 306 2.11 -35.61 18.48
N SER C 307 2.06 -36.16 17.27
CA SER C 307 1.61 -37.54 17.10
C SER C 307 2.54 -38.51 17.82
N MET C 308 3.85 -38.34 17.63
CA MET C 308 4.79 -39.25 18.27
C MET C 308 4.84 -39.02 19.77
N TYR C 309 4.63 -37.79 20.23
CA TYR C 309 4.48 -37.52 21.64
C TYR C 309 3.31 -38.30 22.23
N ASN C 310 2.18 -38.29 21.53
CA ASN C 310 1.03 -39.07 21.97
C ASN C 310 1.36 -40.55 22.04
N GLU C 311 2.02 -41.06 21.00
CA GLU C 311 2.30 -42.50 20.96
C GLU C 311 3.22 -42.91 22.10
N ILE C 312 4.29 -42.13 22.33
CA ILE C 312 5.22 -42.47 23.39
C ILE C 312 4.54 -42.34 24.75
N LEU C 313 3.68 -41.33 24.92
CA LEU C 313 2.98 -41.16 26.19
C LEU C 313 2.07 -42.34 26.47
N ILE C 314 1.30 -42.76 25.47
CA ILE C 314 0.40 -43.89 25.65
C ILE C 314 1.19 -45.16 25.97
N LEU C 315 2.28 -45.39 25.23
CA LEU C 315 3.07 -46.59 25.47
C LEU C 315 3.68 -46.58 26.87
N GLY C 316 4.23 -45.44 27.29
CA GLY C 316 4.78 -45.38 28.64
C GLY C 316 3.74 -45.59 29.71
N ALA C 317 2.55 -45.00 29.51
CA ALA C 317 1.48 -45.21 30.48
C ALA C 317 1.10 -46.68 30.56
N LYS C 318 1.04 -47.36 29.41
CA LYS C 318 0.78 -48.79 29.41
C LYS C 318 1.86 -49.54 30.19
N LEU C 319 3.12 -49.18 29.95
CA LEU C 319 4.22 -49.86 30.64
C LEU C 319 4.24 -49.52 32.12
N HIS C 320 4.14 -48.22 32.45
CA HIS C 320 4.28 -47.74 33.83
C HIS C 320 3.12 -46.82 34.15
N PRO C 321 1.93 -47.38 34.44
CA PRO C 321 0.83 -46.53 34.88
C PRO C 321 1.12 -45.77 36.17
N THR C 322 1.98 -46.31 37.03
CA THR C 322 2.21 -45.71 38.34
C THR C 322 2.82 -44.32 38.21
N LEU C 323 3.78 -44.15 37.29
CA LEU C 323 4.51 -42.90 37.16
C LEU C 323 3.95 -42.05 36.03
N LYS C 324 4.00 -40.73 36.21
CA LYS C 324 3.62 -39.77 35.19
C LYS C 324 4.85 -38.99 34.77
N LEU C 325 5.15 -39.00 33.47
CA LEU C 325 6.41 -38.46 32.97
C LEU C 325 6.39 -36.96 32.75
N GLU C 326 5.21 -36.33 32.77
CA GLU C 326 5.11 -34.92 32.44
C GLU C 326 5.46 -34.01 33.61
N GLU C 327 5.66 -34.55 34.81
CA GLU C 327 5.96 -33.76 35.99
C GLU C 327 7.45 -33.59 36.25
N ILE C 328 8.31 -34.24 35.47
CA ILE C 328 9.75 -34.18 35.69
C ILE C 328 10.32 -32.99 34.94
N THR C 329 11.05 -32.13 35.64
CA THR C 329 11.62 -30.92 35.07
C THR C 329 13.10 -31.11 34.79
N ASN C 330 13.66 -30.19 34.00
CA ASN C 330 15.07 -30.20 33.65
C ASN C 330 15.84 -29.34 34.65
N ARG C 331 17.10 -29.03 34.32
CA ARG C 331 17.92 -28.24 35.24
C ARG C 331 17.27 -26.89 35.51
N LYS C 332 16.70 -26.27 34.48
CA LYS C 332 16.02 -24.99 34.67
C LYS C 332 14.73 -25.13 35.48
N GLY C 333 14.29 -26.36 35.75
CA GLY C 333 13.13 -26.56 36.60
C GLY C 333 11.80 -26.22 35.96
N LEU C 334 11.60 -26.53 34.68
CA LEU C 334 10.34 -26.29 34.00
C LEU C 334 9.95 -27.52 33.19
N THR C 335 8.67 -27.86 33.25
CA THR C 335 8.14 -29.08 32.66
C THR C 335 8.09 -28.97 31.13
N PRO C 336 7.92 -30.09 30.43
CA PRO C 336 7.78 -30.01 28.97
C PRO C 336 6.68 -29.07 28.53
N LEU C 337 5.57 -29.02 29.26
CA LEU C 337 4.54 -28.03 28.97
C LEU C 337 5.08 -26.62 29.13
N ALA C 338 5.75 -26.35 30.24
CA ALA C 338 6.34 -25.04 30.46
C ALA C 338 7.43 -24.76 29.44
N LEU C 339 8.21 -25.78 29.07
CA LEU C 339 9.24 -25.60 28.05
C LEU C 339 8.63 -25.19 26.72
N ALA C 340 7.57 -25.89 26.30
CA ALA C 340 6.92 -25.55 25.04
C ALA C 340 6.34 -24.14 25.08
N ALA C 341 5.71 -23.77 26.21
CA ALA C 341 5.16 -22.43 26.32
C ALA C 341 6.23 -21.37 26.28
N SER C 342 7.38 -21.62 26.94
CA SER C 342 8.41 -20.61 27.04
C SER C 342 9.16 -20.44 25.73
N SER C 343 9.46 -21.54 25.04
CA SER C 343 10.26 -21.48 23.82
C SER C 343 9.45 -21.09 22.59
N GLY C 344 8.16 -20.81 22.74
CA GLY C 344 7.35 -20.40 21.62
C GLY C 344 6.79 -21.52 20.79
N LYS C 345 6.94 -22.77 21.22
CA LYS C 345 6.47 -23.92 20.46
C LYS C 345 4.96 -23.99 20.58
N ILE C 346 4.29 -23.21 19.73
CA ILE C 346 2.84 -23.09 19.81
C ILE C 346 2.17 -24.41 19.48
N GLY C 347 2.73 -25.18 18.55
CA GLY C 347 2.10 -26.44 18.20
C GLY C 347 2.06 -27.43 19.36
N VAL C 348 3.19 -27.59 20.04
CA VAL C 348 3.25 -28.51 21.16
C VAL C 348 2.39 -28.03 22.31
N LEU C 349 2.39 -26.71 22.57
CA LEU C 349 1.57 -26.18 23.63
C LEU C 349 0.09 -26.39 23.34
N ALA C 350 -0.33 -26.09 22.11
CA ALA C 350 -1.72 -26.30 21.72
C ALA C 350 -2.09 -27.77 21.84
N TYR C 351 -1.17 -28.66 21.49
CA TYR C 351 -1.45 -30.09 21.69
C TYR C 351 -1.67 -30.42 23.15
N ILE C 352 -0.73 -30.04 24.02
CA ILE C 352 -0.79 -30.53 25.39
C ILE C 352 -1.99 -29.92 26.13
N LEU C 353 -2.28 -28.65 25.86
CA LEU C 353 -3.33 -27.97 26.63
C LEU C 353 -4.69 -28.63 26.41
N GLN C 354 -5.01 -28.97 25.18
CA GLN C 354 -6.32 -29.52 24.82
C GLN C 354 -6.19 -30.96 24.32
N ARG C 355 -5.37 -31.75 25.00
CA ARG C 355 -5.14 -33.13 24.61
C ARG C 355 -6.31 -33.99 25.05
N GLU C 356 -7.07 -34.51 24.09
CA GLU C 356 -8.21 -35.37 24.34
C GLU C 356 -7.91 -36.75 23.79
N ILE C 357 -7.97 -37.76 24.66
CA ILE C 357 -7.80 -39.15 24.26
C ILE C 357 -9.12 -39.86 24.49
N HIS C 358 -9.70 -40.38 23.42
CA HIS C 358 -10.99 -41.04 23.49
C HIS C 358 -10.89 -42.49 23.99
N GLU C 359 -9.70 -43.06 23.98
CA GLU C 359 -9.55 -44.47 24.27
C GLU C 359 -9.99 -44.77 25.70
N PRO C 360 -10.87 -45.76 25.92
CA PRO C 360 -11.35 -46.00 27.30
C PRO C 360 -10.25 -46.30 28.29
N GLU C 361 -9.23 -47.07 27.90
CA GLU C 361 -8.15 -47.41 28.82
C GLU C 361 -7.25 -46.22 29.13
N CYS C 362 -7.23 -45.21 28.25
CA CYS C 362 -6.38 -44.03 28.42
C CYS C 362 -7.31 -42.82 28.53
N ARG C 363 -7.77 -42.55 29.74
CA ARG C 363 -8.60 -41.40 30.04
C ARG C 363 -7.94 -40.40 30.98
N HIS C 364 -7.24 -40.89 32.01
CA HIS C 364 -6.53 -39.98 32.89
C HIS C 364 -5.48 -39.18 32.13
N LEU C 365 -5.02 -39.70 30.98
CA LEU C 365 -4.08 -38.95 30.17
C LEU C 365 -4.73 -37.72 29.54
N SER C 366 -6.00 -37.82 29.16
CA SER C 366 -6.67 -36.71 28.51
C SER C 366 -6.64 -35.47 29.40
N ARG C 367 -6.42 -34.32 28.78
CA ARG C 367 -6.41 -33.04 29.47
C ARG C 367 -7.78 -32.37 29.40
N LYS C 368 -8.40 -32.40 28.22
CA LYS C 368 -9.71 -31.81 27.99
C LYS C 368 -10.76 -32.92 27.93
N PHE C 369 -11.87 -32.72 28.63
CA PHE C 369 -12.98 -33.67 28.64
C PHE C 369 -14.21 -33.00 28.05
N THR C 370 -14.86 -33.69 27.11
CA THR C 370 -16.06 -33.17 26.46
C THR C 370 -17.29 -33.70 27.20
N GLU C 371 -17.98 -32.80 27.90
CA GLU C 371 -19.11 -33.22 28.73
C GLU C 371 -20.26 -33.73 27.87
N TRP C 372 -20.65 -32.97 26.86
CA TRP C 372 -21.77 -33.36 26.00
C TRP C 372 -21.78 -32.46 24.77
N ALA C 373 -22.53 -32.89 23.76
CA ALA C 373 -22.68 -32.12 22.52
C ALA C 373 -24.12 -32.31 22.03
N TYR C 374 -25.00 -31.38 22.41
CA TYR C 374 -26.36 -31.42 21.93
C TYR C 374 -26.46 -31.09 20.44
N GLY C 375 -25.51 -30.32 19.92
CA GLY C 375 -25.58 -29.84 18.55
C GLY C 375 -24.34 -29.05 18.21
N PRO C 376 -24.50 -27.87 17.61
CA PRO C 376 -23.31 -27.03 17.39
C PRO C 376 -22.59 -26.70 18.68
N VAL C 377 -23.31 -26.65 19.80
CA VAL C 377 -22.70 -26.44 21.11
C VAL C 377 -22.12 -27.77 21.59
N HIS C 378 -20.94 -27.71 22.21
CA HIS C 378 -20.27 -28.89 22.75
C HIS C 378 -19.53 -28.48 24.02
N SER C 379 -20.19 -28.68 25.16
CA SER C 379 -19.58 -28.35 26.44
C SER C 379 -18.30 -29.15 26.64
N SER C 380 -17.25 -28.48 27.12
CA SER C 380 -15.94 -29.09 27.31
C SER C 380 -15.38 -28.69 28.66
N LEU C 381 -14.57 -29.57 29.24
CA LEU C 381 -13.94 -29.35 30.54
C LEU C 381 -12.44 -29.49 30.38
N TYR C 382 -11.70 -28.42 30.68
CA TYR C 382 -10.24 -28.40 30.59
C TYR C 382 -9.63 -28.57 31.96
N ASP C 383 -8.44 -29.16 32.00
CA ASP C 383 -7.86 -29.59 33.27
C ASP C 383 -7.42 -28.41 34.13
N LEU C 384 -6.70 -27.47 33.55
CA LEU C 384 -6.20 -26.31 34.31
C LEU C 384 -5.35 -26.73 35.50
N SER C 385 -4.87 -27.97 35.52
CA SER C 385 -4.14 -28.45 36.70
C SER C 385 -2.89 -27.62 36.95
N CYS C 386 -2.18 -27.24 35.90
CA CYS C 386 -0.96 -26.45 36.05
C CYS C 386 -0.93 -25.31 35.05
N ILE C 387 -2.02 -24.55 34.96
CA ILE C 387 -2.06 -23.40 34.06
C ILE C 387 -2.01 -22.08 34.83
N ASP C 388 -2.58 -22.02 36.02
CA ASP C 388 -2.55 -20.82 36.84
C ASP C 388 -2.24 -21.19 38.28
N THR C 389 -1.42 -20.37 38.94
CA THR C 389 -1.08 -20.57 40.34
C THR C 389 -0.68 -22.02 40.62
N CYS C 390 0.25 -22.53 39.81
CA CYS C 390 0.68 -23.91 39.91
C CYS C 390 2.00 -24.07 40.63
N GLU C 391 3.02 -23.31 40.24
CA GLU C 391 4.35 -23.38 40.85
C GLU C 391 5.09 -22.11 40.48
N LYS C 392 6.39 -22.09 40.74
CA LYS C 392 7.23 -20.97 40.32
C LYS C 392 7.21 -20.76 38.81
N ASN C 393 6.62 -21.68 38.05
CA ASN C 393 6.45 -21.53 36.61
C ASN C 393 5.09 -22.10 36.23
N SER C 394 4.42 -21.41 35.30
CA SER C 394 3.14 -21.87 34.77
C SER C 394 2.99 -21.32 33.36
N VAL C 395 2.07 -21.91 32.60
CA VAL C 395 1.95 -21.55 31.20
C VAL C 395 1.63 -20.07 31.05
N LEU C 396 0.66 -19.57 31.82
CA LEU C 396 0.31 -18.15 31.75
C LEU C 396 1.45 -17.28 32.26
N GLU C 397 2.01 -17.63 33.42
CA GLU C 397 3.08 -16.85 34.01
C GLU C 397 4.34 -16.86 33.15
N VAL C 398 4.49 -17.86 32.28
CA VAL C 398 5.66 -17.95 31.42
C VAL C 398 5.43 -17.24 30.10
N ILE C 399 4.23 -17.37 29.53
CA ILE C 399 3.92 -16.65 28.30
C ILE C 399 3.93 -15.15 28.55
N ALA C 400 3.38 -14.70 29.68
CA ALA C 400 3.33 -13.27 29.96
C ALA C 400 4.72 -12.68 30.10
N TYR C 401 5.64 -13.40 30.74
CA TYR C 401 6.97 -12.90 31.03
C TYR C 401 8.01 -13.35 30.00
N SER C 402 7.61 -13.45 28.73
CA SER C 402 8.57 -13.73 27.68
C SER C 402 9.40 -12.48 27.40
N SER C 403 10.46 -12.67 26.61
CA SER C 403 11.41 -11.60 26.33
C SER C 403 11.11 -10.82 25.06
N SER C 404 10.00 -11.11 24.40
CA SER C 404 9.60 -10.59 23.10
C SER C 404 10.40 -11.24 21.98
N GLU C 405 11.40 -12.07 22.28
CA GLU C 405 12.07 -12.85 21.25
C GLU C 405 11.19 -13.99 20.79
N THR C 406 10.32 -14.49 21.64
CA THR C 406 9.43 -15.58 21.27
C THR C 406 8.55 -15.13 20.12
N PRO C 407 8.39 -15.94 19.06
CA PRO C 407 7.65 -15.46 17.88
C PRO C 407 6.14 -15.48 18.06
N ASN C 408 5.63 -16.44 18.82
CA ASN C 408 4.20 -16.73 18.86
C ASN C 408 3.52 -16.22 20.13
N ARG C 409 4.20 -15.39 20.93
CA ARG C 409 3.62 -14.95 22.18
C ARG C 409 2.31 -14.21 21.96
N HIS C 410 2.25 -13.37 20.92
CA HIS C 410 1.00 -12.66 20.63
C HIS C 410 -0.11 -13.64 20.25
N ASP C 411 0.23 -14.66 19.46
CA ASP C 411 -0.73 -15.68 19.06
C ASP C 411 -0.77 -16.86 20.03
N MET C 412 0.04 -16.84 21.08
CA MET C 412 0.02 -17.93 22.05
C MET C 412 -1.20 -17.84 22.95
N LEU C 413 -1.65 -16.63 23.27
CA LEU C 413 -2.80 -16.44 24.13
C LEU C 413 -4.12 -16.78 23.44
N LEU C 414 -4.10 -17.05 22.13
CA LEU C 414 -5.32 -17.40 21.43
C LEU C 414 -5.79 -18.81 21.74
N VAL C 415 -4.91 -19.65 22.30
CA VAL C 415 -5.30 -21.03 22.60
C VAL C 415 -6.48 -21.02 23.56
N GLU C 416 -7.46 -21.89 23.29
CA GLU C 416 -8.79 -21.82 23.89
C GLU C 416 -8.77 -21.62 25.41
N PRO C 417 -8.23 -22.57 26.17
CA PRO C 417 -8.33 -22.45 27.64
C PRO C 417 -7.72 -21.17 28.16
N LEU C 418 -6.59 -20.72 27.60
CA LEU C 418 -5.94 -19.53 28.13
C LEU C 418 -6.76 -18.27 27.85
N ASN C 419 -7.28 -18.13 26.64
CA ASN C 419 -8.11 -16.96 26.34
C ASN C 419 -9.35 -16.94 27.22
N ARG C 420 -10.02 -18.10 27.35
CA ARG C 420 -11.21 -18.14 28.18
C ARG C 420 -10.88 -17.81 29.63
N LEU C 421 -9.77 -18.36 30.14
CA LEU C 421 -9.42 -18.12 31.53
C LEU C 421 -9.08 -16.66 31.78
N LEU C 422 -8.34 -16.04 30.87
CA LEU C 422 -8.01 -14.63 31.05
C LEU C 422 -9.25 -13.76 30.98
N GLN C 423 -10.15 -14.03 30.03
CA GLN C 423 -11.38 -13.25 29.97
C GLN C 423 -12.21 -13.42 31.23
N ASP C 424 -12.29 -14.65 31.75
CA ASP C 424 -13.02 -14.88 32.98
C ASP C 424 -12.40 -14.11 34.14
N LYS C 425 -11.07 -14.12 34.24
CA LYS C 425 -10.41 -13.37 35.30
C LYS C 425 -10.68 -11.88 35.17
N TRP C 426 -10.61 -11.35 33.94
CA TRP C 426 -10.85 -9.93 33.74
C TRP C 426 -12.28 -9.56 34.13
N ASP C 427 -13.24 -10.39 33.77
CA ASP C 427 -14.64 -10.07 34.06
C ASP C 427 -14.97 -10.30 35.54
N ARG C 428 -14.21 -11.15 36.24
CA ARG C 428 -14.59 -11.52 37.59
C ARG C 428 -14.18 -10.50 38.63
N PHE C 429 -12.88 -10.27 38.79
CA PHE C 429 -12.43 -9.38 39.87
C PHE C 429 -11.34 -8.42 39.42
N VAL C 430 -10.63 -8.75 38.35
CA VAL C 430 -9.53 -7.88 37.93
C VAL C 430 -10.04 -6.54 37.44
N LYS C 431 -11.21 -6.50 36.80
CA LYS C 431 -11.64 -5.27 36.15
C LYS C 431 -11.86 -4.15 37.16
N ARG C 432 -12.58 -4.44 38.24
CA ARG C 432 -12.84 -3.40 39.23
C ARG C 432 -11.58 -3.00 39.99
N ILE C 433 -10.66 -3.94 40.22
CA ILE C 433 -9.40 -3.56 40.85
C ILE C 433 -8.59 -2.64 39.93
N PHE C 434 -8.59 -2.93 38.62
CA PHE C 434 -7.90 -2.06 37.70
C PHE C 434 -8.52 -0.67 37.69
N TYR C 435 -9.86 -0.59 37.70
CA TYR C 435 -10.50 0.71 37.67
C TYR C 435 -10.30 1.47 38.98
N PHE C 436 -10.24 0.76 40.10
CA PHE C 436 -9.91 1.41 41.36
C PHE C 436 -8.47 1.92 41.36
N ASN C 437 -7.55 1.15 40.79
CA ASN C 437 -6.17 1.60 40.67
C ASN C 437 -6.10 2.87 39.82
N PHE C 438 -6.79 2.87 38.68
CA PHE C 438 -6.78 4.05 37.83
C PHE C 438 -7.39 5.25 38.52
N PHE C 439 -8.48 5.03 39.28
CA PHE C 439 -9.11 6.14 40.00
C PHE C 439 -8.20 6.71 41.07
N VAL C 440 -7.54 5.84 41.84
CA VAL C 440 -6.66 6.35 42.89
C VAL C 440 -5.46 7.08 42.29
N TYR C 441 -4.91 6.58 41.18
CA TYR C 441 -3.80 7.32 40.58
C TYR C 441 -4.27 8.63 39.98
N CYS C 442 -5.50 8.69 39.47
CA CYS C 442 -6.03 9.97 39.01
C CYS C 442 -6.14 10.96 40.15
N LEU C 443 -6.60 10.50 41.31
CA LEU C 443 -6.66 11.38 42.48
C LEU C 443 -5.27 11.81 42.95
N TYR C 444 -4.32 10.89 42.92
CA TYR C 444 -2.95 11.22 43.31
C TYR C 444 -2.35 12.25 42.38
N MET C 445 -2.60 12.12 41.07
CA MET C 445 -2.15 13.14 40.13
C MET C 445 -2.82 14.48 40.37
N ILE C 446 -4.10 14.48 40.74
CA ILE C 446 -4.78 15.75 41.00
C ILE C 446 -4.19 16.44 42.24
N ILE C 447 -3.95 15.67 43.32
CA ILE C 447 -3.34 16.25 44.50
C ILE C 447 -1.91 16.69 44.24
N PHE C 448 -1.15 15.88 43.51
CA PHE C 448 0.22 16.26 43.18
C PHE C 448 0.25 17.54 42.37
N THR C 449 -0.67 17.67 41.41
CA THR C 449 -0.73 18.88 40.62
C THR C 449 -1.11 20.09 41.46
N ALA C 450 -2.07 19.93 42.37
CA ALA C 450 -2.51 21.08 43.17
C ALA C 450 -1.42 21.53 44.15
N ALA C 451 -0.76 20.58 44.81
CA ALA C 451 0.29 20.95 45.75
C ALA C 451 1.53 21.45 45.02
N ALA C 452 1.73 21.05 43.77
CA ALA C 452 2.80 21.61 42.97
C ALA C 452 2.47 23.01 42.45
N TYR C 453 1.20 23.27 42.18
CA TYR C 453 0.80 24.58 41.65
C TYR C 453 0.97 25.67 42.70
N TYR C 454 0.64 25.39 43.95
CA TYR C 454 0.62 26.38 45.02
C TYR C 454 1.84 26.29 45.93
N ARG C 455 3.00 26.01 45.35
CA ARG C 455 4.23 25.97 46.14
C ARG C 455 4.60 27.37 46.61
N PRO C 456 4.97 27.55 47.88
CA PRO C 456 5.35 28.89 48.34
C PRO C 456 6.59 29.38 47.61
N VAL C 457 6.62 30.69 47.35
CA VAL C 457 7.66 31.30 46.54
C VAL C 457 8.57 32.22 47.35
N GLU C 458 8.28 32.46 48.63
CA GLU C 458 9.05 33.38 49.45
C GLU C 458 9.98 32.60 50.37
N GLY C 459 11.27 32.92 50.31
CA GLY C 459 12.24 32.27 51.17
C GLY C 459 12.86 31.05 50.52
N LEU C 460 13.69 30.37 51.32
CA LEU C 460 14.36 29.16 50.90
C LEU C 460 13.74 27.95 51.60
N PRO C 461 13.76 26.77 50.97
CA PRO C 461 13.24 25.58 51.65
C PRO C 461 14.16 25.18 52.78
N PRO C 462 13.62 24.57 53.85
CA PRO C 462 12.21 24.24 54.10
C PRO C 462 11.37 25.46 54.40
N TYR C 463 10.06 25.26 54.57
CA TYR C 463 9.13 26.33 54.86
C TYR C 463 8.40 26.01 56.16
N LYS C 464 8.38 26.98 57.09
CA LYS C 464 7.70 26.79 58.35
C LYS C 464 6.20 26.64 58.12
N LEU C 465 5.60 25.67 58.80
CA LEU C 465 4.17 25.39 58.61
C LEU C 465 3.33 26.53 59.17
N LYS C 466 2.83 27.38 58.28
CA LYS C 466 2.00 28.51 58.71
C LYS C 466 0.70 27.99 59.31
N ASN C 467 0.17 28.74 60.28
CA ASN C 467 -1.06 28.36 60.98
C ASN C 467 -2.25 28.82 60.14
N THR C 468 -2.69 27.92 59.26
CA THR C 468 -3.83 28.21 58.40
C THR C 468 -4.37 26.91 57.84
N VAL C 469 -5.60 26.97 57.32
CA VAL C 469 -6.17 25.82 56.64
C VAL C 469 -5.45 25.56 55.33
N GLY C 470 -5.14 26.62 54.58
CA GLY C 470 -4.44 26.45 53.32
C GLY C 470 -3.06 25.84 53.50
N ASP C 471 -2.32 26.31 54.50
CA ASP C 471 -1.00 25.74 54.78
C ASP C 471 -1.10 24.28 55.19
N TYR C 472 -2.10 23.94 56.02
CA TYR C 472 -2.29 22.55 56.41
C TYR C 472 -2.58 21.69 55.18
N PHE C 473 -3.44 22.16 54.29
CA PHE C 473 -3.72 21.40 53.08
C PHE C 473 -2.49 21.25 52.22
N ARG C 474 -1.68 22.31 52.11
CA ARG C 474 -0.48 22.23 51.30
C ARG C 474 0.51 21.20 51.85
N VAL C 475 0.71 21.19 53.16
CA VAL C 475 1.63 20.22 53.74
C VAL C 475 1.07 18.79 53.62
N THR C 476 -0.25 18.64 53.79
CA THR C 476 -0.86 17.34 53.57
C THR C 476 -0.64 16.87 52.14
N GLY C 477 -0.80 17.78 51.18
CA GLY C 477 -0.57 17.41 49.79
C GLY C 477 0.88 17.01 49.53
N GLU C 478 1.82 17.75 50.12
CA GLU C 478 3.22 17.37 49.95
C GLU C 478 3.48 15.97 50.52
N ILE C 479 2.92 15.67 51.69
CA ILE C 479 3.14 14.36 52.29
C ILE C 479 2.52 13.27 51.44
N LEU C 480 1.32 13.51 50.91
CA LEU C 480 0.71 12.52 50.04
C LEU C 480 1.57 12.28 48.80
N SER C 481 2.12 13.35 48.23
CA SER C 481 2.98 13.21 47.06
C SER C 481 4.20 12.36 47.38
N VAL C 482 4.88 12.66 48.49
CA VAL C 482 6.12 11.93 48.79
C VAL C 482 5.81 10.47 49.14
N SER C 483 4.68 10.22 49.80
CA SER C 483 4.30 8.84 50.10
C SER C 483 4.07 8.06 48.81
N GLY C 484 3.39 8.67 47.84
CA GLY C 484 3.26 8.02 46.55
C GLY C 484 4.61 7.75 45.91
N GLY C 485 5.54 8.68 46.08
CA GLY C 485 6.88 8.48 45.54
C GLY C 485 7.57 7.27 46.14
N VAL C 486 7.49 7.12 47.47
CA VAL C 486 8.10 5.95 48.12
C VAL C 486 7.44 4.67 47.65
N TYR C 487 6.10 4.67 47.55
CA TYR C 487 5.41 3.48 47.11
C TYR C 487 5.90 3.06 45.73
N PHE C 488 5.96 4.01 44.78
CA PHE C 488 6.39 3.66 43.43
C PHE C 488 7.86 3.25 43.42
N PHE C 489 8.68 3.85 44.28
CA PHE C 489 10.09 3.47 44.35
C PHE C 489 10.25 2.02 44.75
N PHE C 490 9.56 1.60 45.82
CA PHE C 490 9.67 0.22 46.27
C PHE C 490 9.05 -0.74 45.27
N ARG C 491 7.93 -0.36 44.67
CA ARG C 491 7.35 -1.21 43.62
C ARG C 491 8.37 -1.45 42.51
N GLY C 492 9.02 -0.39 42.04
CA GLY C 492 9.99 -0.54 40.98
C GLY C 492 11.17 -1.39 41.37
N ILE C 493 11.70 -1.19 42.59
CA ILE C 493 12.85 -1.97 43.02
C ILE C 493 12.49 -3.45 43.12
N GLN C 494 11.35 -3.76 43.71
CA GLN C 494 10.97 -5.16 43.85
C GLN C 494 10.72 -5.80 42.49
N TYR C 495 10.13 -5.05 41.55
CA TYR C 495 9.98 -5.59 40.20
C TYR C 495 11.34 -5.91 39.59
N PHE C 496 12.30 -4.99 39.73
CA PHE C 496 13.60 -5.22 39.12
C PHE C 496 14.32 -6.39 39.79
N LEU C 497 14.08 -6.62 41.08
CA LEU C 497 14.68 -7.77 41.76
C LEU C 497 14.04 -9.07 41.31
N GLN C 498 12.71 -9.11 41.23
CA GLN C 498 12.03 -10.31 40.78
C GLN C 498 12.47 -10.68 39.37
N ARG C 499 12.24 -9.78 38.41
CA ARG C 499 12.49 -10.13 37.01
C ARG C 499 13.98 -10.18 36.72
N ARG C 500 14.74 -9.19 37.18
CA ARG C 500 16.15 -9.05 36.83
C ARG C 500 16.33 -9.07 35.30
N PRO C 501 15.72 -8.13 34.59
CA PRO C 501 15.80 -8.16 33.12
C PRO C 501 17.20 -7.88 32.61
N SER C 502 17.50 -8.45 31.46
CA SER C 502 18.78 -8.20 30.81
C SER C 502 18.87 -6.75 30.34
N LEU C 503 20.10 -6.24 30.27
CA LEU C 503 20.29 -4.83 29.94
C LEU C 503 19.73 -4.51 28.56
N LYS C 504 19.94 -5.40 27.59
CA LYS C 504 19.45 -5.14 26.24
C LYS C 504 17.93 -5.07 26.20
N SER C 505 17.25 -5.98 26.91
CA SER C 505 15.79 -6.02 26.95
C SER C 505 15.23 -5.29 28.17
N LEU C 506 15.96 -4.30 28.68
CA LEU C 506 15.43 -3.48 29.76
C LEU C 506 14.41 -2.47 29.25
N PHE C 507 14.55 -2.04 28.01
CA PHE C 507 13.67 -1.04 27.42
C PHE C 507 12.64 -1.62 26.46
N VAL C 508 12.92 -2.78 25.87
CA VAL C 508 11.97 -3.35 24.92
C VAL C 508 10.73 -3.86 25.65
N ASP C 509 10.91 -4.40 26.86
CA ASP C 509 9.82 -5.06 27.57
C ASP C 509 9.43 -4.41 28.89
N SER C 510 10.15 -3.39 29.34
CA SER C 510 9.86 -2.72 30.60
C SER C 510 9.90 -1.21 30.41
N TYR C 511 9.21 -0.72 29.40
CA TYR C 511 9.13 0.72 29.18
C TYR C 511 8.35 1.40 30.30
N SER C 512 7.16 0.90 30.60
CA SER C 512 6.32 1.55 31.60
C SER C 512 6.93 1.46 32.99
N GLU C 513 7.55 0.33 33.33
CA GLU C 513 8.17 0.19 34.64
C GLU C 513 9.34 1.15 34.79
N ILE C 514 10.11 1.32 33.72
CA ILE C 514 11.20 2.30 33.74
C ILE C 514 10.65 3.69 33.97
N LEU C 515 9.54 4.04 33.31
CA LEU C 515 9.01 5.39 33.44
C LEU C 515 8.45 5.66 34.84
N PHE C 516 7.75 4.69 35.41
CA PHE C 516 7.27 4.87 36.77
C PHE C 516 8.42 4.99 37.76
N PHE C 517 9.47 4.17 37.57
CA PHE C 517 10.65 4.30 38.42
C PHE C 517 11.31 5.67 38.27
N VAL C 518 11.35 6.21 37.05
CA VAL C 518 12.01 7.50 36.84
C VAL C 518 11.20 8.63 37.48
N GLN C 519 9.88 8.57 37.40
CA GLN C 519 9.06 9.56 38.09
C GLN C 519 9.29 9.51 39.59
N SER C 520 9.28 8.30 40.15
CA SER C 520 9.54 8.17 41.58
C SER C 520 10.93 8.70 41.93
N LEU C 521 11.92 8.42 41.10
CA LEU C 521 13.27 8.92 41.33
C LEU C 521 13.32 10.43 41.37
N PHE C 522 12.65 11.08 40.40
CA PHE C 522 12.72 12.53 40.35
C PHE C 522 12.06 13.15 41.58
N MET C 523 10.94 12.59 42.02
CA MET C 523 10.34 13.13 43.24
C MET C 523 11.25 12.90 44.45
N LEU C 524 11.90 11.73 44.52
CA LEU C 524 12.79 11.46 45.64
C LEU C 524 13.95 12.45 45.67
N VAL C 525 14.56 12.72 44.51
CA VAL C 525 15.62 13.70 44.45
C VAL C 525 15.10 15.07 44.83
N SER C 526 13.88 15.40 44.41
CA SER C 526 13.30 16.70 44.74
C SER C 526 13.15 16.85 46.25
N VAL C 527 12.65 15.83 46.93
CA VAL C 527 12.47 15.95 48.37
C VAL C 527 13.83 16.01 49.06
N VAL C 528 14.81 15.26 48.55
CA VAL C 528 16.16 15.33 49.13
C VAL C 528 16.69 16.75 49.04
N LEU C 529 16.57 17.39 47.86
CA LEU C 529 17.07 18.73 47.70
C LEU C 529 16.25 19.77 48.45
N TYR C 530 14.98 19.47 48.74
CA TYR C 530 14.18 20.38 49.56
C TYR C 530 14.55 20.26 51.04
N PHE C 531 15.00 19.08 51.47
CA PHE C 531 15.55 18.95 52.81
C PHE C 531 16.99 19.43 52.89
N SER C 532 17.65 19.60 51.75
CA SER C 532 19.00 20.13 51.71
C SER C 532 19.04 21.65 51.56
N GLN C 533 17.90 22.32 51.63
CA GLN C 533 17.84 23.77 51.65
C GLN C 533 18.39 24.38 50.36
N ARG C 534 17.89 23.89 49.24
CA ARG C 534 18.19 24.46 47.93
C ARG C 534 16.88 24.74 47.21
N LYS C 535 16.89 25.78 46.38
CA LYS C 535 15.71 26.18 45.61
C LYS C 535 15.49 25.28 44.41
N GLU C 536 16.39 24.35 44.13
CA GLU C 536 16.36 23.52 42.94
C GLU C 536 15.49 22.28 43.09
N TYR C 537 14.51 22.30 43.99
CA TYR C 537 13.61 21.16 44.06
C TYR C 537 12.53 21.27 42.99
N VAL C 538 12.20 22.49 42.55
CA VAL C 538 11.14 22.70 41.58
C VAL C 538 11.56 22.19 40.20
N ALA C 539 12.83 22.35 39.85
CA ALA C 539 13.31 21.88 38.55
C ALA C 539 13.12 20.38 38.40
N SER C 540 13.36 19.63 39.46
CA SER C 540 13.06 18.20 39.44
C SER C 540 11.57 17.94 39.58
N MET C 541 10.85 18.80 40.30
CA MET C 541 9.43 18.57 40.55
C MET C 541 8.61 18.67 39.26
N VAL C 542 8.93 19.61 38.38
CA VAL C 542 8.18 19.71 37.13
C VAL C 542 8.41 18.48 36.26
N PHE C 543 9.66 18.04 36.15
CA PHE C 543 9.93 16.78 35.44
C PHE C 543 9.05 15.68 36.02
N SER C 544 9.05 15.55 37.34
CA SER C 544 8.28 14.48 37.98
C SER C 544 6.80 14.61 37.65
N LEU C 545 6.29 15.84 37.58
CA LEU C 545 4.85 16.06 37.40
C LEU C 545 4.40 15.79 35.96
N ALA C 546 5.15 16.33 34.99
CA ALA C 546 4.82 16.05 33.59
C ALA C 546 4.95 14.57 33.28
N MET C 547 5.98 13.93 33.81
CA MET C 547 6.04 12.47 33.73
C MET C 547 4.77 11.88 34.32
N GLY C 548 4.36 12.37 35.49
CA GLY C 548 3.20 11.79 36.14
C GLY C 548 1.95 11.85 35.29
N TRP C 549 1.73 12.97 34.61
CA TRP C 549 0.51 13.13 33.84
C TRP C 549 0.57 12.33 32.56
N THR C 550 1.68 12.42 31.82
CA THR C 550 1.80 11.65 30.58
C THR C 550 1.88 10.16 30.83
N ASN C 551 2.02 9.74 32.10
CA ASN C 551 2.03 8.33 32.45
C ASN C 551 0.63 7.73 32.59
N MET C 552 -0.45 8.51 32.48
CA MET C 552 -1.75 7.85 32.46
C MET C 552 -2.05 7.17 31.15
N LEU C 553 -1.19 7.33 30.15
CA LEU C 553 -1.24 6.48 28.97
C LEU C 553 -0.92 5.04 29.31
N TYR C 554 -0.38 4.77 30.50
CA TYR C 554 -0.20 3.39 30.89
C TYR C 554 -1.54 2.70 31.05
N TYR C 555 -2.57 3.43 31.48
CA TYR C 555 -3.86 2.84 31.79
C TYR C 555 -4.80 2.75 30.60
N THR C 556 -4.34 3.29 29.45
CA THR C 556 -5.03 3.18 28.17
C THR C 556 -4.83 1.74 27.62
N ARG C 557 -3.91 0.98 28.22
CA ARG C 557 -3.67 -0.45 27.95
C ARG C 557 -4.92 -1.31 28.27
N GLY C 558 -5.72 -0.87 29.25
CA GLY C 558 -6.98 -1.49 29.62
C GLY C 558 -8.17 -1.35 28.67
N PHE C 559 -8.09 -0.54 27.59
CA PHE C 559 -9.17 -0.48 26.63
C PHE C 559 -8.68 -1.03 25.30
N GLN C 560 -9.60 -1.58 24.52
CA GLN C 560 -9.23 -2.17 23.24
C GLN C 560 -8.86 -1.10 22.21
N GLN C 561 -9.68 -0.08 22.12
CA GLN C 561 -9.47 0.95 21.11
C GLN C 561 -8.36 1.93 21.40
N MET C 562 -8.15 2.25 22.66
CA MET C 562 -7.22 3.30 23.05
C MET C 562 -5.80 2.77 23.31
N GLY C 563 -5.57 1.47 23.21
CA GLY C 563 -4.27 0.93 23.54
C GLY C 563 -3.18 1.34 22.57
N ILE C 564 -3.50 1.39 21.27
CA ILE C 564 -2.48 1.53 20.24
C ILE C 564 -1.74 2.86 20.41
N TYR C 565 -2.43 3.92 20.81
CA TYR C 565 -1.76 5.20 20.96
C TYR C 565 -0.64 5.10 22.00
N ALA C 566 -0.85 4.31 23.05
CA ALA C 566 0.17 4.11 24.05
C ALA C 566 1.27 3.17 23.57
N VAL C 567 0.99 2.34 22.58
CA VAL C 567 1.98 1.44 22.01
C VAL C 567 2.81 2.13 20.94
N MET C 568 2.15 2.83 20.02
CA MET C 568 2.86 3.60 19.01
C MET C 568 3.90 4.49 19.66
N ILE C 569 3.47 5.40 20.53
CA ILE C 569 4.38 6.32 21.18
C ILE C 569 5.61 5.62 21.70
N GLU C 570 5.49 4.35 22.06
CA GLU C 570 6.63 3.61 22.58
C GLU C 570 7.59 3.25 21.47
N LYS C 571 7.12 2.49 20.48
CA LYS C 571 8.01 2.05 19.40
C LYS C 571 8.59 3.24 18.66
N MET C 572 7.74 4.23 18.33
CA MET C 572 8.21 5.39 17.61
C MET C 572 9.27 6.17 18.36
N ILE C 573 9.39 5.98 19.68
CA ILE C 573 10.42 6.68 20.44
C ILE C 573 11.67 5.83 20.59
N LEU C 574 11.57 4.52 20.41
CA LEU C 574 12.69 3.62 20.63
C LEU C 574 13.33 3.16 19.32
N ARG C 575 12.54 2.85 18.31
CA ARG C 575 13.10 2.40 17.04
C ARG C 575 13.49 3.59 16.17
N ASP C 576 12.52 4.42 15.81
CA ASP C 576 12.76 5.45 14.81
C ASP C 576 13.58 6.60 15.36
N LEU C 577 13.04 7.31 16.34
CA LEU C 577 13.63 8.58 16.76
C LEU C 577 15.05 8.39 17.28
N CYS C 578 15.27 7.33 18.06
CA CYS C 578 16.56 7.13 18.71
C CYS C 578 17.69 7.05 17.69
N ARG C 579 17.52 6.22 16.66
CA ARG C 579 18.57 6.03 15.67
C ARG C 579 18.59 7.10 14.61
N PHE C 580 17.47 7.76 14.35
CA PHE C 580 17.49 8.89 13.43
C PHE C 580 18.19 10.09 14.05
N MET C 581 18.29 10.18 15.37
CA MET C 581 19.00 11.31 15.95
C MET C 581 20.51 11.25 15.67
N PHE C 582 21.08 10.04 15.55
CA PHE C 582 22.48 9.95 15.12
C PHE C 582 22.66 10.55 13.73
N VAL C 583 21.77 10.19 12.81
CA VAL C 583 21.85 10.69 11.45
C VAL C 583 21.65 12.20 11.42
N TYR C 584 20.80 12.71 12.30
CA TYR C 584 20.53 14.15 12.26
C TYR C 584 21.64 14.96 12.90
N LEU C 585 22.31 14.44 13.93
CA LEU C 585 23.25 15.28 14.67
C LEU C 585 24.57 15.49 13.92
N VAL C 586 25.01 14.53 13.11
CA VAL C 586 26.16 14.81 12.26
C VAL C 586 25.86 16.00 11.36
N PHE C 587 24.66 16.01 10.78
CA PHE C 587 24.25 17.13 9.94
C PHE C 587 24.25 18.43 10.74
N LEU C 588 23.59 18.42 11.90
CA LEU C 588 23.46 19.66 12.67
C LEU C 588 24.81 20.18 13.12
N PHE C 589 25.65 19.32 13.67
CA PHE C 589 26.93 19.78 14.18
C PHE C 589 27.90 20.17 13.05
N GLY C 590 27.97 19.38 11.98
CA GLY C 590 28.82 19.77 10.87
C GLY C 590 28.42 21.12 10.31
N PHE C 591 27.12 21.31 10.05
CA PHE C 591 26.69 22.56 9.45
C PHE C 591 26.78 23.72 10.43
N SER C 592 26.69 23.46 11.74
CA SER C 592 26.76 24.56 12.70
C SER C 592 28.20 24.97 13.00
N THR C 593 29.11 24.01 13.16
CA THR C 593 30.52 24.36 13.16
C THR C 593 30.88 25.15 11.91
N ALA C 594 30.41 24.69 10.74
CA ALA C 594 30.65 25.42 9.50
C ALA C 594 30.14 26.85 9.57
N VAL C 595 28.90 27.03 10.01
CA VAL C 595 28.29 28.36 10.01
C VAL C 595 29.00 29.28 10.99
N VAL C 596 29.31 28.80 12.20
CA VAL C 596 29.90 29.68 13.20
C VAL C 596 31.35 30.00 12.85
N THR C 597 32.08 29.04 12.28
CA THR C 597 33.43 29.34 11.83
C THR C 597 33.40 30.38 10.71
N LEU C 598 32.43 30.29 9.80
CA LEU C 598 32.41 31.23 8.68
C LEU C 598 32.35 32.67 9.17
N ILE C 599 31.44 32.98 10.08
CA ILE C 599 31.14 34.36 10.42
C ILE C 599 31.53 34.65 11.86
N GLU C 600 32.61 34.04 12.33
CA GLU C 600 33.07 34.33 13.67
C GLU C 600 33.52 35.79 13.79
N ASP C 601 33.91 36.40 12.68
CA ASP C 601 34.23 37.83 12.64
C ASP C 601 33.10 38.66 13.26
N SER C 626 21.91 35.79 17.18
CA SER C 626 21.31 34.71 16.42
C SER C 626 22.35 33.68 16.04
N TYR C 627 23.40 34.12 15.35
CA TYR C 627 24.48 33.26 14.93
C TYR C 627 25.80 33.66 15.59
N ASN C 628 25.74 34.19 16.80
CA ASN C 628 26.94 34.62 17.51
C ASN C 628 27.62 33.44 18.20
N SER C 629 26.85 32.66 18.96
CA SER C 629 27.36 31.55 19.74
C SER C 629 27.01 30.22 19.09
N LEU C 630 27.80 29.20 19.39
CA LEU C 630 27.50 27.89 18.84
C LEU C 630 26.16 27.39 19.36
N TYR C 631 25.82 27.71 20.61
CA TYR C 631 24.51 27.35 21.13
C TYR C 631 23.40 27.99 20.31
N SER C 632 23.53 29.27 20.01
CA SER C 632 22.48 29.95 19.27
C SER C 632 22.41 29.48 17.83
N THR C 633 23.56 29.15 17.23
CA THR C 633 23.54 28.52 15.92
C THR C 633 22.80 27.19 15.98
N CYS C 634 23.05 26.39 17.01
CA CYS C 634 22.35 25.13 17.15
C CYS C 634 20.85 25.33 17.26
N LEU C 635 20.44 26.33 18.04
CA LEU C 635 19.00 26.57 18.21
C LEU C 635 18.36 27.08 16.92
N GLU C 636 18.98 28.05 16.26
CA GLU C 636 18.41 28.59 15.04
C GLU C 636 18.32 27.51 13.97
N LEU C 637 19.33 26.66 13.86
CA LEU C 637 19.30 25.62 12.87
C LEU C 637 18.34 24.50 13.24
N PHE C 638 18.09 24.24 14.52
CA PHE C 638 17.06 23.28 14.86
C PHE C 638 15.68 23.79 14.45
N LYS C 639 15.40 25.06 14.72
CA LYS C 639 14.16 25.63 14.24
C LYS C 639 14.09 25.60 12.71
N PHE C 640 15.22 25.73 12.02
CA PHE C 640 15.23 25.51 10.57
C PHE C 640 14.80 24.09 10.22
N THR C 641 15.26 23.12 11.00
CA THR C 641 14.86 21.73 10.75
C THR C 641 13.37 21.56 10.90
N ILE C 642 12.76 22.14 11.93
CA ILE C 642 11.33 21.93 12.19
C ILE C 642 10.48 23.11 11.70
N GLY C 643 10.96 23.85 10.69
CA GLY C 643 10.09 24.77 10.00
C GLY C 643 9.68 25.98 10.79
N MET C 644 10.47 26.38 11.78
CA MET C 644 10.23 27.61 12.54
C MET C 644 11.36 28.61 12.41
N GLY C 645 12.16 28.52 11.35
CA GLY C 645 13.23 29.45 11.15
C GLY C 645 12.84 30.61 10.25
N ASP C 646 13.71 31.62 10.22
CA ASP C 646 13.52 32.78 9.36
C ASP C 646 14.83 33.11 8.67
N LEU C 647 14.81 33.09 7.33
CA LEU C 647 15.97 33.37 6.51
C LEU C 647 16.05 34.87 6.29
N GLU C 648 16.52 35.58 7.32
CA GLU C 648 16.48 37.04 7.30
C GLU C 648 17.53 37.59 6.33
N PHE C 649 18.76 37.10 6.39
CA PHE C 649 19.84 37.60 5.54
C PHE C 649 19.95 39.12 5.63
N THR C 650 19.78 39.67 6.83
CA THR C 650 19.69 41.12 7.02
C THR C 650 21.02 41.73 7.44
N GLU C 651 21.58 41.31 8.56
CA GLU C 651 22.83 41.89 9.03
C GLU C 651 23.96 41.54 8.06
N ASN C 652 24.94 42.44 7.98
CA ASN C 652 26.01 42.33 6.99
C ASN C 652 27.15 41.50 7.57
N TYR C 653 26.94 40.18 7.55
CA TYR C 653 27.99 39.25 7.92
C TYR C 653 29.03 39.17 6.80
N ASP C 654 30.24 38.79 7.15
CA ASP C 654 31.27 38.58 6.14
C ASP C 654 30.91 37.38 5.29
N PHE C 655 31.34 37.42 4.03
CA PHE C 655 31.09 36.33 3.09
C PHE C 655 29.61 35.97 3.05
N LYS C 656 28.81 36.93 2.61
CA LYS C 656 27.35 36.77 2.65
C LYS C 656 26.88 35.67 1.70
N ALA C 657 27.46 35.60 0.51
CA ALA C 657 27.02 34.59 -0.45
C ALA C 657 27.24 33.19 0.10
N VAL C 658 28.38 32.96 0.74
CA VAL C 658 28.67 31.64 1.29
C VAL C 658 27.70 31.31 2.41
N PHE C 659 27.34 32.32 3.21
CA PHE C 659 26.37 32.15 4.28
C PHE C 659 25.02 31.73 3.72
N ILE C 660 24.57 32.40 2.66
CA ILE C 660 23.29 32.08 2.02
C ILE C 660 23.34 30.66 1.46
N ILE C 661 24.41 30.32 0.76
CA ILE C 661 24.52 28.98 0.19
C ILE C 661 24.46 27.95 1.30
N LEU C 662 25.19 28.17 2.39
CA LEU C 662 25.19 27.20 3.48
C LEU C 662 23.80 26.99 4.03
N LEU C 663 23.07 28.06 4.37
CA LEU C 663 21.78 27.85 5.01
C LEU C 663 20.71 27.36 4.05
N LEU C 664 20.75 27.75 2.77
CA LEU C 664 19.79 27.15 1.82
C LEU C 664 20.06 25.67 1.64
N ALA C 665 21.33 25.28 1.54
CA ALA C 665 21.65 23.87 1.51
C ALA C 665 21.13 23.18 2.76
N TYR C 666 21.30 23.82 3.93
CA TYR C 666 20.86 23.21 5.17
C TYR C 666 19.34 23.01 5.18
N VAL C 667 18.58 24.02 4.76
CA VAL C 667 17.12 23.89 4.75
C VAL C 667 16.69 22.76 3.82
N ILE C 668 17.19 22.77 2.60
CA ILE C 668 16.76 21.74 1.64
C ILE C 668 17.17 20.36 2.13
N LEU C 669 18.33 20.26 2.78
CA LEU C 669 18.87 18.96 3.15
C LEU C 669 18.18 18.39 4.38
N THR C 670 17.81 19.23 5.34
CA THR C 670 17.21 18.76 6.58
C THR C 670 15.71 18.98 6.63
N TYR C 671 15.24 20.19 6.31
CA TYR C 671 13.82 20.48 6.43
C TYR C 671 12.99 19.65 5.47
N ILE C 672 13.45 19.48 4.24
CA ILE C 672 12.69 18.82 3.20
C ILE C 672 13.04 17.34 3.09
N LEU C 673 14.33 17.05 2.98
CA LEU C 673 14.78 15.68 2.76
C LEU C 673 14.66 14.86 4.04
N LEU C 674 15.33 15.30 5.11
CA LEU C 674 15.44 14.50 6.33
C LEU C 674 14.14 14.43 7.11
N LEU C 675 13.47 15.57 7.30
CA LEU C 675 12.26 15.58 8.10
C LEU C 675 11.18 14.70 7.48
N ASN C 676 11.02 14.77 6.17
CA ASN C 676 10.04 13.94 5.51
C ASN C 676 10.50 12.48 5.43
N MET C 677 11.82 12.24 5.40
CA MET C 677 12.30 10.88 5.54
C MET C 677 11.84 10.28 6.87
N LEU C 678 12.04 11.02 7.95
CA LEU C 678 11.59 10.55 9.25
C LEU C 678 10.09 10.38 9.30
N ILE C 679 9.35 11.31 8.70
CA ILE C 679 7.89 11.25 8.75
C ILE C 679 7.38 10.02 8.00
N ALA C 680 7.97 9.70 6.86
CA ALA C 680 7.59 8.49 6.15
C ALA C 680 7.93 7.24 6.97
N LEU C 681 9.09 7.23 7.62
CA LEU C 681 9.45 6.07 8.43
C LEU C 681 8.48 5.87 9.60
N MET C 682 8.11 6.96 10.28
CA MET C 682 7.15 6.84 11.38
C MET C 682 5.77 6.46 10.88
N GLY C 683 5.39 6.93 9.69
CA GLY C 683 4.12 6.50 9.12
C GLY C 683 4.11 5.02 8.83
N GLU C 684 5.23 4.48 8.36
CA GLU C 684 5.33 3.02 8.20
C GLU C 684 5.18 2.31 9.53
N THR C 685 5.82 2.83 10.58
CA THR C 685 5.66 2.23 11.90
C THR C 685 4.19 2.22 12.32
N VAL C 686 3.50 3.35 12.15
CA VAL C 686 2.12 3.46 12.58
C VAL C 686 1.24 2.50 11.80
N ASN C 687 1.49 2.42 10.50
CA ASN C 687 0.76 1.52 9.62
C ASN C 687 0.95 0.07 10.07
N LYS C 688 2.18 -0.27 10.44
CA LYS C 688 2.52 -1.63 10.83
C LYS C 688 1.83 -2.03 12.13
N ILE C 689 1.85 -1.15 13.13
CA ILE C 689 1.38 -1.55 14.46
C ILE C 689 -0.05 -1.07 14.68
N ALA C 690 -0.71 -0.60 13.63
CA ALA C 690 -2.14 -0.28 13.71
C ALA C 690 -3.02 -1.34 13.08
N GLN C 691 -2.49 -2.14 12.15
CA GLN C 691 -3.31 -3.18 11.53
C GLN C 691 -3.67 -4.26 12.53
N GLU C 692 -2.70 -4.73 13.32
CA GLU C 692 -2.92 -5.81 14.27
C GLU C 692 -3.14 -5.24 15.67
N SER C 693 -4.30 -4.61 15.86
CA SER C 693 -4.59 -3.99 17.15
C SER C 693 -5.01 -5.01 18.20
N LYS C 694 -5.78 -6.03 17.80
CA LYS C 694 -6.27 -7.00 18.79
C LYS C 694 -5.12 -7.75 19.45
N ASN C 695 -4.16 -8.21 18.67
CA ASN C 695 -3.01 -8.89 19.24
C ASN C 695 -2.24 -7.96 20.17
N ILE C 696 -2.04 -6.72 19.74
CA ILE C 696 -1.30 -5.76 20.55
C ILE C 696 -1.97 -5.58 21.90
N TRP C 697 -3.30 -5.53 21.91
CA TRP C 697 -4.04 -5.27 23.15
C TRP C 697 -4.10 -6.48 24.06
N LYS C 698 -4.26 -7.68 23.50
CA LYS C 698 -4.56 -8.84 24.32
C LYS C 698 -3.40 -9.17 25.25
N LEU C 699 -2.16 -9.04 24.77
CA LEU C 699 -1.01 -9.35 25.61
C LEU C 699 -0.87 -8.33 26.74
N GLN C 700 -1.14 -7.06 26.46
CA GLN C 700 -1.10 -6.06 27.53
C GLN C 700 -2.14 -6.38 28.59
N ARG C 701 -3.33 -6.80 28.17
CA ARG C 701 -4.35 -7.20 29.14
C ARG C 701 -3.88 -8.41 29.94
N ALA C 702 -3.21 -9.35 29.29
CA ALA C 702 -2.73 -10.54 29.99
C ALA C 702 -1.74 -10.17 31.08
N ILE C 703 -0.79 -9.28 30.76
CA ILE C 703 0.20 -8.88 31.76
C ILE C 703 -0.47 -8.12 32.89
N THR C 704 -1.44 -7.26 32.56
CA THR C 704 -2.18 -6.55 33.60
C THR C 704 -2.87 -7.51 34.54
N ILE C 705 -3.54 -8.53 33.99
CA ILE C 705 -4.25 -9.50 34.80
C ILE C 705 -3.29 -10.25 35.71
N LEU C 706 -2.16 -10.69 35.15
CA LEU C 706 -1.18 -11.43 35.94
C LEU C 706 -0.66 -10.58 37.09
N ASP C 707 -0.31 -9.31 36.82
CA ASP C 707 0.23 -8.47 37.87
C ASP C 707 -0.82 -8.17 38.94
N THR C 708 -2.06 -7.88 38.55
CA THR C 708 -3.11 -7.65 39.54
C THR C 708 -3.30 -8.88 40.41
N GLU C 709 -3.31 -10.07 39.80
CA GLU C 709 -3.47 -11.29 40.57
C GLU C 709 -2.31 -11.49 41.55
N LYS C 710 -1.08 -11.21 41.10
CA LYS C 710 0.08 -11.41 41.96
C LYS C 710 0.19 -10.38 43.07
N SER C 711 -0.38 -9.19 42.88
CA SER C 711 -0.18 -8.11 43.86
C SER C 711 -0.74 -8.49 45.22
N PHE C 712 -1.93 -9.10 45.25
CA PHE C 712 -2.62 -9.43 46.49
C PHE C 712 -2.86 -10.93 46.55
N LEU C 713 -2.21 -11.59 47.50
CA LEU C 713 -2.33 -13.05 47.61
C LEU C 713 -3.75 -13.47 47.91
N LYS C 714 -4.41 -12.81 48.86
CA LYS C 714 -5.80 -13.14 49.16
C LYS C 714 -6.69 -12.92 47.96
N CYS C 715 -6.32 -11.99 47.08
CA CYS C 715 -7.09 -11.79 45.85
C CYS C 715 -7.14 -13.08 45.03
N MET C 716 -5.98 -13.69 44.80
CA MET C 716 -5.93 -14.96 44.08
C MET C 716 -6.61 -16.06 44.88
N ARG C 717 -6.41 -16.08 46.21
CA ARG C 717 -6.97 -17.16 47.02
C ARG C 717 -8.49 -17.19 46.93
N LYS C 718 -9.13 -16.03 47.02
CA LYS C 718 -10.58 -15.93 46.95
C LYS C 718 -11.11 -15.71 45.54
N ALA C 719 -10.22 -15.57 44.55
CA ALA C 719 -10.68 -15.38 43.18
C ALA C 719 -11.22 -16.68 42.59
N PHE C 720 -10.78 -17.83 43.12
CA PHE C 720 -11.21 -19.13 42.62
C PHE C 720 -10.87 -19.24 41.14
N ARG C 721 -9.57 -19.19 40.83
CA ARG C 721 -9.13 -19.14 39.45
C ARG C 721 -9.78 -20.24 38.63
N SER C 722 -9.75 -21.47 39.14
CA SER C 722 -10.38 -22.58 38.45
C SER C 722 -11.89 -22.49 38.55
N GLY C 723 -12.57 -22.96 37.51
CA GLY C 723 -14.02 -22.97 37.53
C GLY C 723 -14.59 -23.86 38.62
N LYS C 724 -13.98 -25.04 38.81
CA LYS C 724 -14.46 -25.99 39.80
C LYS C 724 -13.33 -26.93 40.18
N LEU C 725 -13.55 -27.69 41.24
CA LEU C 725 -12.61 -28.73 41.69
C LEU C 725 -13.38 -30.05 41.75
N LEU C 726 -13.36 -30.80 40.66
CA LEU C 726 -14.17 -31.99 40.53
C LEU C 726 -13.30 -33.16 40.11
N GLN C 727 -13.77 -34.37 40.44
CA GLN C 727 -13.13 -35.60 40.00
C GLN C 727 -13.95 -36.17 38.86
N VAL C 728 -13.33 -36.30 37.69
CA VAL C 728 -14.05 -36.67 36.46
C VAL C 728 -13.61 -38.01 35.91
N GLY C 729 -12.57 -38.64 36.46
CA GLY C 729 -12.12 -39.93 35.97
C GLY C 729 -11.45 -40.72 37.06
N PHE C 730 -11.15 -41.97 36.75
CA PHE C 730 -10.50 -42.90 37.67
C PHE C 730 -9.13 -43.26 37.13
N THR C 731 -8.12 -43.20 37.99
CA THR C 731 -6.76 -43.49 37.59
C THR C 731 -6.56 -45.00 37.40
N PRO C 732 -5.54 -45.39 36.63
CA PRO C 732 -5.24 -46.83 36.53
C PRO C 732 -4.93 -47.48 37.85
N ASP C 733 -4.38 -46.72 38.81
CA ASP C 733 -4.09 -47.25 40.13
C ASP C 733 -5.34 -47.55 40.95
N GLY C 734 -6.52 -47.13 40.48
CA GLY C 734 -7.76 -47.40 41.16
C GLY C 734 -8.19 -46.36 42.17
N LYS C 735 -7.39 -45.33 42.40
CA LYS C 735 -7.73 -44.26 43.32
C LYS C 735 -8.34 -43.09 42.55
N ASP C 736 -9.50 -42.61 43.01
CA ASP C 736 -10.15 -41.51 42.34
C ASP C 736 -9.27 -40.27 42.36
N ASP C 737 -9.20 -39.57 41.23
CA ASP C 737 -8.39 -38.37 41.08
C ASP C 737 -9.30 -37.15 41.03
N TYR C 738 -9.01 -36.17 41.89
CA TYR C 738 -9.75 -34.92 41.92
C TYR C 738 -8.88 -33.83 41.30
N ARG C 739 -9.42 -33.13 40.30
CA ARG C 739 -8.67 -32.14 39.57
C ARG C 739 -9.55 -30.92 39.33
N TRP C 740 -8.89 -29.78 39.12
CA TRP C 740 -9.62 -28.56 38.79
C TRP C 740 -10.14 -28.64 37.36
N CYS C 741 -11.08 -27.76 37.05
CA CYS C 741 -11.73 -27.79 35.75
C CYS C 741 -12.30 -26.41 35.45
N PHE C 742 -12.56 -26.17 34.16
CA PHE C 742 -13.05 -24.88 33.71
C PHE C 742 -13.92 -25.13 32.46
N ARG C 743 -15.23 -25.19 32.65
CA ARG C 743 -16.12 -25.51 31.56
C ARG C 743 -16.11 -24.41 30.50
N VAL C 744 -16.15 -24.83 29.24
CA VAL C 744 -16.19 -23.90 28.11
C VAL C 744 -17.18 -24.43 27.09
N ASP C 745 -17.53 -23.60 26.12
CA ASP C 745 -18.43 -23.99 25.04
C ASP C 745 -17.96 -23.37 23.73
N GLU C 746 -18.38 -23.99 22.63
CA GLU C 746 -17.99 -23.52 21.30
C GLU C 746 -19.06 -23.91 20.30
N VAL C 747 -19.04 -23.24 19.15
CA VAL C 747 -20.03 -23.43 18.10
C VAL C 747 -19.32 -23.77 16.80
N ASN C 748 -19.66 -24.92 16.23
CA ASN C 748 -19.16 -25.31 14.90
C ASN C 748 -20.17 -26.31 14.32
N TRP C 749 -20.99 -25.84 13.39
CA TRP C 749 -22.01 -26.66 12.75
C TRP C 749 -21.72 -26.98 11.29
N THR C 750 -20.67 -26.40 10.70
CA THR C 750 -20.34 -26.72 9.33
C THR C 750 -19.90 -28.16 9.17
N THR C 751 -19.45 -28.80 10.25
CA THR C 751 -19.03 -30.19 10.21
C THR C 751 -20.19 -31.16 10.42
N TRP C 752 -21.38 -30.67 10.75
CA TRP C 752 -22.53 -31.53 11.01
C TRP C 752 -22.20 -32.58 12.07
N SER D 197 -41.87 -1.28 -36.69
CA SER D 197 -40.97 -0.65 -35.73
C SER D 197 -40.22 -1.69 -34.92
N TYR D 198 -40.82 -2.16 -33.83
CA TYR D 198 -40.16 -3.12 -32.96
C TYR D 198 -39.84 -4.40 -33.70
N TYR D 199 -40.79 -4.92 -34.49
CA TYR D 199 -40.63 -6.17 -35.22
C TYR D 199 -40.42 -5.95 -36.71
N LYS D 200 -40.17 -4.71 -37.14
CA LYS D 200 -40.16 -4.41 -38.57
C LYS D 200 -39.24 -5.35 -39.32
N GLY D 201 -39.81 -6.16 -40.22
CA GLY D 201 -39.06 -7.11 -40.99
C GLY D 201 -38.70 -8.39 -40.26
N GLN D 202 -38.96 -8.46 -38.96
CA GLN D 202 -38.55 -9.61 -38.16
C GLN D 202 -39.45 -10.81 -38.51
N THR D 203 -38.82 -11.94 -38.79
CA THR D 203 -39.52 -13.16 -39.19
C THR D 203 -39.08 -14.31 -38.31
N ALA D 204 -39.77 -15.45 -38.47
CA ALA D 204 -39.42 -16.65 -37.72
C ALA D 204 -38.00 -17.12 -38.03
N LEU D 205 -37.46 -16.74 -39.19
CA LEU D 205 -36.08 -17.09 -39.50
C LEU D 205 -35.13 -16.51 -38.47
N HIS D 206 -35.37 -15.26 -38.05
CA HIS D 206 -34.51 -14.65 -37.04
C HIS D 206 -34.57 -15.41 -35.72
N ILE D 207 -35.77 -15.83 -35.31
CA ILE D 207 -35.89 -16.57 -34.05
C ILE D 207 -35.20 -17.93 -34.17
N ALA D 208 -35.42 -18.63 -35.29
CA ALA D 208 -34.77 -19.92 -35.47
C ALA D 208 -33.26 -19.78 -35.43
N ILE D 209 -32.72 -18.77 -36.11
CA ILE D 209 -31.28 -18.55 -36.09
C ILE D 209 -30.81 -18.24 -34.68
N GLU D 210 -31.54 -17.37 -33.98
CA GLU D 210 -31.18 -17.03 -32.61
C GLU D 210 -31.42 -18.17 -31.64
N ARG D 211 -32.28 -19.12 -32.01
CA ARG D 211 -32.52 -20.31 -31.20
C ARG D 211 -31.61 -21.46 -31.60
N ARG D 212 -30.66 -21.24 -32.50
CA ARG D 212 -29.73 -22.27 -32.93
C ARG D 212 -30.46 -23.48 -33.50
N ASN D 213 -31.49 -23.20 -34.29
CA ASN D 213 -32.27 -24.24 -34.97
C ASN D 213 -31.61 -24.53 -36.31
N MET D 214 -30.96 -25.69 -36.41
CA MET D 214 -30.25 -26.04 -37.63
C MET D 214 -31.20 -26.21 -38.80
N THR D 215 -32.34 -26.85 -38.58
CA THR D 215 -33.25 -27.19 -39.67
C THR D 215 -34.22 -26.06 -40.00
N LEU D 216 -34.81 -25.43 -38.98
CA LEU D 216 -35.81 -24.41 -39.25
C LEU D 216 -35.23 -23.29 -40.12
N VAL D 217 -34.01 -22.83 -39.79
CA VAL D 217 -33.36 -21.83 -40.63
C VAL D 217 -33.20 -22.35 -42.05
N THR D 218 -32.84 -23.63 -42.19
CA THR D 218 -32.74 -24.23 -43.52
C THR D 218 -34.11 -24.26 -44.20
N LEU D 219 -35.15 -24.62 -43.46
CA LEU D 219 -36.48 -24.75 -44.06
C LEU D 219 -37.00 -23.41 -44.55
N LEU D 220 -36.75 -22.34 -43.80
CA LEU D 220 -37.24 -21.04 -44.21
C LEU D 220 -36.74 -20.67 -45.61
N VAL D 221 -35.44 -20.83 -45.85
CA VAL D 221 -34.92 -20.52 -47.18
C VAL D 221 -35.35 -21.56 -48.19
N GLU D 222 -35.44 -22.83 -47.79
CA GLU D 222 -35.84 -23.87 -48.74
C GLU D 222 -37.23 -23.59 -49.29
N ASN D 223 -38.13 -23.05 -48.46
CA ASN D 223 -39.45 -22.69 -48.93
C ASN D 223 -39.38 -21.60 -49.99
N GLY D 224 -38.45 -20.66 -49.84
CA GLY D 224 -38.33 -19.55 -50.77
C GLY D 224 -38.18 -18.21 -50.07
N ALA D 225 -37.97 -18.23 -48.76
CA ALA D 225 -37.79 -16.99 -48.03
C ALA D 225 -36.51 -16.28 -48.47
N ASP D 226 -36.58 -14.96 -48.55
CA ASP D 226 -35.46 -14.14 -49.01
C ASP D 226 -34.78 -13.50 -47.80
N VAL D 227 -33.47 -13.71 -47.68
CA VAL D 227 -32.72 -13.12 -46.58
C VAL D 227 -32.22 -11.72 -46.89
N GLN D 228 -32.25 -11.30 -48.16
CA GLN D 228 -31.76 -9.96 -48.49
C GLN D 228 -32.50 -8.88 -47.73
N ALA D 229 -33.77 -9.11 -47.40
CA ALA D 229 -34.51 -8.17 -46.58
C ALA D 229 -33.90 -8.10 -45.18
N ALA D 230 -34.07 -6.96 -44.52
CA ALA D 230 -33.48 -6.72 -43.21
C ALA D 230 -34.51 -6.12 -42.27
N ALA D 231 -34.31 -6.34 -40.98
CA ALA D 231 -35.21 -5.86 -39.93
C ALA D 231 -34.52 -4.76 -39.14
N ASN D 232 -35.16 -3.59 -39.07
CA ASN D 232 -34.64 -2.44 -38.35
C ASN D 232 -35.68 -1.92 -37.38
N GLY D 233 -35.26 -1.65 -36.14
CA GLY D 233 -36.15 -1.11 -35.14
C GLY D 233 -35.38 -0.57 -33.97
N ASP D 234 -36.09 0.15 -33.10
CA ASP D 234 -35.45 0.72 -31.91
C ASP D 234 -34.79 -0.37 -31.08
N PHE D 235 -35.37 -1.57 -31.05
CA PHE D 235 -34.77 -2.67 -30.32
C PHE D 235 -33.51 -3.17 -31.01
N PHE D 236 -33.44 -3.07 -32.33
CA PHE D 236 -32.28 -3.56 -33.06
C PHE D 236 -31.18 -2.51 -33.18
N LYS D 237 -31.53 -1.23 -33.15
CA LYS D 237 -30.54 -0.17 -33.27
C LYS D 237 -29.66 -0.11 -32.04
N LYS D 238 -28.45 0.41 -32.21
CA LYS D 238 -27.47 0.55 -31.13
C LYS D 238 -27.79 1.82 -30.35
N THR D 239 -28.75 1.69 -29.44
CA THR D 239 -29.19 2.79 -28.58
C THR D 239 -29.07 2.35 -27.13
N LYS D 240 -28.32 3.12 -26.34
CA LYS D 240 -28.15 2.80 -24.92
C LYS D 240 -29.33 3.24 -24.07
N GLY D 241 -30.21 4.08 -24.59
CA GLY D 241 -31.34 4.56 -23.81
C GLY D 241 -32.28 3.44 -23.40
N ARG D 242 -32.51 2.49 -24.30
CA ARG D 242 -33.44 1.40 -24.08
C ARG D 242 -32.73 0.07 -24.32
N PRO D 243 -33.25 -1.02 -23.75
CA PRO D 243 -32.61 -2.32 -23.96
C PRO D 243 -32.58 -2.69 -25.44
N GLY D 244 -31.49 -3.32 -25.85
CA GLY D 244 -31.35 -3.72 -27.24
C GLY D 244 -30.05 -4.45 -27.44
N PHE D 245 -29.92 -5.04 -28.62
CA PHE D 245 -28.74 -5.81 -28.99
C PHE D 245 -28.54 -5.67 -30.49
N TYR D 246 -27.53 -4.89 -30.89
CA TYR D 246 -27.26 -4.65 -32.31
C TYR D 246 -26.39 -5.77 -32.85
N PHE D 247 -26.98 -6.62 -33.67
CA PHE D 247 -26.27 -7.67 -34.39
C PHE D 247 -26.22 -7.39 -35.88
N GLY D 248 -26.66 -6.21 -36.31
CA GLY D 248 -26.80 -5.91 -37.72
C GLY D 248 -28.19 -6.22 -38.23
N GLU D 249 -28.57 -5.52 -39.29
CA GLU D 249 -29.89 -5.70 -39.88
C GLU D 249 -29.95 -6.83 -40.89
N LEU D 250 -28.85 -7.11 -41.56
CA LEU D 250 -28.83 -8.22 -42.51
C LEU D 250 -29.04 -9.54 -41.77
N PRO D 251 -29.94 -10.41 -42.24
CA PRO D 251 -30.05 -11.73 -41.59
C PRO D 251 -28.74 -12.50 -41.58
N LEU D 252 -27.93 -12.38 -42.63
CA LEU D 252 -26.60 -12.97 -42.58
C LEU D 252 -25.77 -12.36 -41.47
N SER D 253 -25.88 -11.04 -41.27
CA SER D 253 -25.19 -10.41 -40.16
C SER D 253 -25.68 -10.96 -38.83
N LEU D 254 -26.99 -11.19 -38.71
CA LEU D 254 -27.54 -11.76 -37.49
C LEU D 254 -26.96 -13.15 -37.24
N ALA D 255 -26.97 -13.99 -38.27
CA ALA D 255 -26.46 -15.35 -38.10
C ALA D 255 -24.98 -15.35 -37.75
N ALA D 256 -24.19 -14.51 -38.42
CA ALA D 256 -22.77 -14.43 -38.12
C ALA D 256 -22.53 -13.96 -36.70
N CYS D 257 -23.16 -12.85 -36.31
CA CYS D 257 -22.96 -12.28 -34.98
C CYS D 257 -23.48 -13.18 -33.87
N THR D 258 -24.28 -14.18 -34.20
CA THR D 258 -24.88 -15.08 -33.22
C THR D 258 -24.09 -16.36 -33.03
N ASN D 259 -22.88 -16.44 -33.59
CA ASN D 259 -22.00 -17.59 -33.42
C ASN D 259 -22.63 -18.85 -34.02
N GLN D 260 -22.89 -18.79 -35.33
CA GLN D 260 -23.39 -19.94 -36.09
C GLN D 260 -22.65 -19.94 -37.42
N LEU D 261 -21.50 -20.62 -37.45
CA LEU D 261 -20.67 -20.61 -38.65
C LEU D 261 -21.25 -21.51 -39.74
N ALA D 262 -21.79 -22.66 -39.34
CA ALA D 262 -22.36 -23.58 -40.34
C ALA D 262 -23.54 -22.94 -41.06
N ILE D 263 -24.42 -22.27 -40.30
CA ILE D 263 -25.61 -21.68 -40.92
C ILE D 263 -25.23 -20.56 -41.87
N VAL D 264 -24.29 -19.69 -41.47
CA VAL D 264 -23.88 -18.61 -42.36
C VAL D 264 -23.20 -19.18 -43.60
N LYS D 265 -22.40 -20.23 -43.43
CA LYS D 265 -21.78 -20.85 -44.59
C LYS D 265 -22.85 -21.39 -45.53
N PHE D 266 -23.89 -22.02 -44.99
CA PHE D 266 -24.97 -22.53 -45.82
C PHE D 266 -25.69 -21.40 -46.56
N LEU D 267 -25.99 -20.31 -45.85
CA LEU D 267 -26.67 -19.19 -46.50
C LEU D 267 -25.81 -18.60 -47.63
N LEU D 268 -24.51 -18.44 -47.39
CA LEU D 268 -23.65 -17.86 -48.42
C LEU D 268 -23.64 -18.73 -49.67
N GLN D 269 -23.56 -20.04 -49.50
CA GLN D 269 -23.52 -20.98 -50.61
C GLN D 269 -24.91 -21.53 -50.95
N ASN D 270 -25.96 -21.00 -50.35
CA ASN D 270 -27.31 -21.47 -50.64
C ASN D 270 -27.61 -21.32 -52.12
N SER D 271 -28.14 -22.39 -52.73
CA SER D 271 -28.48 -22.34 -54.14
C SER D 271 -29.65 -21.42 -54.41
N TRP D 272 -30.66 -21.43 -53.52
CA TRP D 272 -31.87 -20.66 -53.77
C TRP D 272 -31.59 -19.17 -53.82
N GLN D 273 -30.90 -18.65 -52.81
CA GLN D 273 -30.63 -17.23 -52.73
C GLN D 273 -29.44 -16.98 -51.81
N PRO D 274 -28.21 -17.02 -52.31
CA PRO D 274 -27.06 -16.79 -51.44
C PRO D 274 -27.09 -15.40 -50.81
N ALA D 275 -26.72 -15.34 -49.55
CA ALA D 275 -26.68 -14.05 -48.85
C ALA D 275 -25.55 -13.20 -49.41
N ASP D 276 -25.81 -11.90 -49.54
CA ASP D 276 -24.84 -10.98 -50.11
C ASP D 276 -23.86 -10.55 -49.03
N ILE D 277 -22.60 -10.97 -49.16
CA ILE D 277 -21.59 -10.63 -48.17
C ILE D 277 -21.33 -9.12 -48.12
N SER D 278 -21.60 -8.41 -49.22
CA SER D 278 -21.30 -6.99 -49.32
C SER D 278 -22.50 -6.10 -48.95
N ALA D 279 -23.61 -6.68 -48.51
CA ALA D 279 -24.79 -5.88 -48.21
C ALA D 279 -24.49 -4.90 -47.07
N ARG D 280 -25.07 -3.71 -47.19
CA ARG D 280 -24.93 -2.67 -46.18
C ARG D 280 -26.31 -2.24 -45.72
N ASP D 281 -26.50 -2.17 -44.39
CA ASP D 281 -27.78 -1.79 -43.83
C ASP D 281 -27.99 -0.29 -43.96
N SER D 282 -29.08 0.20 -43.38
CA SER D 282 -29.37 1.63 -43.44
C SER D 282 -28.27 2.44 -42.78
N VAL D 283 -27.77 1.98 -41.64
CA VAL D 283 -26.68 2.68 -40.96
C VAL D 283 -25.43 2.69 -41.84
N GLY D 284 -25.12 1.55 -42.45
CA GLY D 284 -23.97 1.44 -43.31
C GLY D 284 -23.06 0.29 -42.91
N ASN D 285 -23.13 -0.11 -41.64
CA ASN D 285 -22.29 -1.18 -41.14
C ASN D 285 -22.63 -2.48 -41.85
N THR D 286 -21.68 -3.00 -42.63
CA THR D 286 -21.86 -4.29 -43.27
C THR D 286 -21.56 -5.40 -42.26
N VAL D 287 -21.44 -6.63 -42.75
CA VAL D 287 -21.22 -7.75 -41.85
C VAL D 287 -19.92 -7.57 -41.06
N LEU D 288 -18.84 -7.14 -41.74
CA LEU D 288 -17.57 -6.97 -41.05
C LEU D 288 -17.66 -5.90 -39.98
N HIS D 289 -18.32 -4.79 -40.27
CA HIS D 289 -18.52 -3.77 -39.24
C HIS D 289 -19.23 -4.39 -38.04
N ALA D 290 -20.33 -5.11 -38.29
CA ALA D 290 -21.12 -5.68 -37.21
C ALA D 290 -20.26 -6.58 -36.35
N LEU D 291 -19.48 -7.46 -36.98
CA LEU D 291 -18.57 -8.30 -36.22
C LEU D 291 -17.60 -7.46 -35.40
N VAL D 292 -17.18 -6.31 -35.94
CA VAL D 292 -16.22 -5.48 -35.22
C VAL D 292 -16.83 -4.94 -33.94
N GLU D 293 -18.01 -4.32 -34.03
CA GLU D 293 -18.53 -3.69 -32.80
C GLU D 293 -19.15 -4.69 -31.85
N VAL D 294 -19.59 -5.85 -32.34
CA VAL D 294 -20.12 -6.87 -31.44
C VAL D 294 -19.07 -7.39 -30.48
N ALA D 295 -17.79 -7.16 -30.76
CA ALA D 295 -16.73 -7.59 -29.85
C ALA D 295 -16.85 -6.85 -28.52
N ASP D 296 -16.48 -7.54 -27.44
CA ASP D 296 -16.56 -6.98 -26.09
C ASP D 296 -15.21 -6.98 -25.38
N ASN D 297 -14.11 -7.25 -26.09
CA ASN D 297 -12.78 -7.15 -25.52
C ASN D 297 -12.58 -8.14 -24.37
N THR D 298 -12.84 -9.41 -24.66
CA THR D 298 -12.55 -10.51 -23.75
C THR D 298 -11.84 -11.61 -24.53
N VAL D 299 -11.02 -12.39 -23.83
CA VAL D 299 -10.19 -13.38 -24.51
C VAL D 299 -11.06 -14.32 -25.34
N ASP D 300 -12.11 -14.87 -24.72
CA ASP D 300 -12.97 -15.81 -25.43
C ASP D 300 -13.69 -15.13 -26.60
N ASN D 301 -14.33 -13.99 -26.34
CA ASN D 301 -15.08 -13.32 -27.39
C ASN D 301 -14.16 -12.81 -28.49
N THR D 302 -13.01 -12.24 -28.12
CA THR D 302 -12.08 -11.77 -29.14
C THR D 302 -11.60 -12.91 -30.01
N LYS D 303 -11.22 -14.04 -29.40
CA LYS D 303 -10.77 -15.18 -30.18
C LYS D 303 -11.86 -15.67 -31.12
N PHE D 304 -13.09 -15.79 -30.61
CA PHE D 304 -14.20 -16.24 -31.45
C PHE D 304 -14.45 -15.29 -32.61
N VAL D 305 -14.50 -13.98 -32.33
CA VAL D 305 -14.82 -13.02 -33.36
C VAL D 305 -13.75 -13.01 -34.43
N THR D 306 -12.48 -13.05 -34.02
CA THR D 306 -11.39 -13.09 -34.99
C THR D 306 -11.45 -14.35 -35.83
N SER D 307 -11.71 -15.50 -35.19
CA SER D 307 -11.75 -16.76 -35.94
C SER D 307 -12.85 -16.74 -36.99
N MET D 308 -14.05 -16.31 -36.59
CA MET D 308 -15.15 -16.28 -37.54
C MET D 308 -14.97 -15.20 -38.59
N TYR D 309 -14.31 -14.10 -38.23
CA TYR D 309 -13.93 -13.10 -39.21
C TYR D 309 -13.02 -13.69 -40.28
N ASN D 310 -12.02 -14.48 -39.84
CA ASN D 310 -11.15 -15.15 -40.79
C ASN D 310 -11.92 -16.09 -41.69
N GLU D 311 -12.83 -16.88 -41.10
CA GLU D 311 -13.56 -17.86 -41.89
C GLU D 311 -14.43 -17.17 -42.95
N ILE D 312 -15.15 -16.13 -42.55
CA ILE D 312 -16.02 -15.43 -43.50
C ILE D 312 -15.18 -14.74 -44.56
N LEU D 313 -14.03 -14.18 -44.18
CA LEU D 313 -13.17 -13.51 -45.17
C LEU D 313 -12.66 -14.51 -46.20
N ILE D 314 -12.19 -15.68 -45.74
CA ILE D 314 -11.69 -16.68 -46.67
C ILE D 314 -12.80 -17.15 -47.59
N LEU D 315 -13.98 -17.42 -47.02
CA LEU D 315 -15.09 -17.90 -47.84
C LEU D 315 -15.50 -16.86 -48.88
N GLY D 316 -15.60 -15.60 -48.48
CA GLY D 316 -15.95 -14.56 -49.43
C GLY D 316 -14.91 -14.41 -50.53
N ALA D 317 -13.62 -14.47 -50.15
CA ALA D 317 -12.57 -14.40 -51.16
C ALA D 317 -12.70 -15.55 -52.15
N LYS D 318 -12.98 -16.76 -51.65
CA LYS D 318 -13.19 -17.89 -52.54
C LYS D 318 -14.35 -17.62 -53.48
N LEU D 319 -15.46 -17.10 -52.95
CA LEU D 319 -16.63 -16.82 -53.78
C LEU D 319 -16.37 -15.67 -54.74
N HIS D 320 -15.83 -14.57 -54.24
CA HIS D 320 -15.65 -13.34 -55.02
C HIS D 320 -14.21 -12.85 -54.86
N PRO D 321 -13.26 -13.46 -55.55
CA PRO D 321 -11.89 -12.93 -55.51
C PRO D 321 -11.77 -11.51 -56.04
N THR D 322 -12.66 -11.12 -56.96
CA THR D 322 -12.53 -9.82 -57.60
C THR D 322 -12.68 -8.68 -56.60
N LEU D 323 -13.61 -8.79 -55.67
CA LEU D 323 -13.93 -7.73 -54.73
C LEU D 323 -13.25 -7.96 -53.39
N LYS D 324 -12.86 -6.87 -52.74
CA LYS D 324 -12.30 -6.90 -51.39
C LYS D 324 -13.26 -6.18 -50.45
N LEU D 325 -13.69 -6.87 -49.41
CA LEU D 325 -14.76 -6.38 -48.55
C LEU D 325 -14.27 -5.41 -47.48
N GLU D 326 -12.97 -5.32 -47.23
CA GLU D 326 -12.46 -4.51 -46.14
C GLU D 326 -12.36 -3.03 -46.48
N GLU D 327 -12.59 -2.65 -47.74
CA GLU D 327 -12.48 -1.26 -48.16
C GLU D 327 -13.80 -0.50 -48.10
N ILE D 328 -14.90 -1.16 -47.78
CA ILE D 328 -16.21 -0.53 -47.76
C ILE D 328 -16.45 0.07 -46.39
N THR D 329 -16.77 1.36 -46.35
CA THR D 329 -16.99 2.09 -45.11
C THR D 329 -18.48 2.26 -44.84
N ASN D 330 -18.79 2.65 -43.60
CA ASN D 330 -20.15 2.88 -43.17
C ASN D 330 -20.49 4.36 -43.37
N ARG D 331 -21.62 4.80 -42.78
CA ARG D 331 -22.03 6.19 -42.94
C ARG D 331 -20.96 7.13 -42.41
N LYS D 332 -20.33 6.79 -41.29
CA LYS D 332 -19.26 7.62 -40.74
C LYS D 332 -18.00 7.59 -41.61
N GLY D 333 -17.95 6.71 -42.60
CA GLY D 333 -16.83 6.68 -43.53
C GLY D 333 -15.54 6.14 -42.97
N LEU D 334 -15.61 5.07 -42.17
CA LEU D 334 -14.42 4.44 -41.63
C LEU D 334 -14.54 2.92 -41.75
N THR D 335 -13.44 2.29 -42.15
CA THR D 335 -13.41 0.87 -42.47
C THR D 335 -13.49 0.02 -41.20
N PRO D 336 -13.77 -1.28 -41.34
CA PRO D 336 -13.78 -2.14 -40.15
C PRO D 336 -12.49 -2.07 -39.35
N LEU D 337 -11.34 -1.96 -40.03
CA LEU D 337 -10.10 -1.74 -39.31
C LEU D 337 -10.14 -0.44 -38.53
N ALA D 338 -10.56 0.65 -39.19
CA ALA D 338 -10.66 1.93 -38.51
C ALA D 338 -11.71 1.87 -37.41
N LEU D 339 -12.81 1.16 -37.64
CA LEU D 339 -13.84 1.01 -36.61
C LEU D 339 -13.29 0.31 -35.38
N ALA D 340 -12.56 -0.78 -35.59
CA ALA D 340 -11.98 -1.50 -34.46
C ALA D 340 -10.98 -0.65 -33.71
N ALA D 341 -10.15 0.10 -34.45
CA ALA D 341 -9.18 0.97 -33.80
C ALA D 341 -9.86 2.08 -33.00
N SER D 342 -10.93 2.65 -33.54
CA SER D 342 -11.58 3.80 -32.91
C SER D 342 -12.37 3.37 -31.69
N SER D 343 -13.08 2.25 -31.76
CA SER D 343 -13.95 1.82 -30.68
C SER D 343 -13.20 1.11 -29.56
N GLY D 344 -11.89 0.99 -29.64
CA GLY D 344 -11.11 0.35 -28.60
C GLY D 344 -11.05 -1.15 -28.68
N LYS D 345 -11.55 -1.75 -29.75
CA LYS D 345 -11.57 -3.21 -29.90
C LYS D 345 -10.14 -3.67 -30.20
N ILE D 346 -9.36 -3.83 -29.13
CA ILE D 346 -7.95 -4.16 -29.28
C ILE D 346 -7.77 -5.54 -29.88
N GLY D 347 -8.66 -6.48 -29.55
CA GLY D 347 -8.51 -7.82 -30.10
C GLY D 347 -8.66 -7.85 -31.60
N VAL D 348 -9.71 -7.20 -32.13
CA VAL D 348 -9.93 -7.19 -33.56
C VAL D 348 -8.83 -6.43 -34.28
N LEU D 349 -8.39 -5.32 -33.69
CA LEU D 349 -7.31 -4.54 -34.30
C LEU D 349 -6.03 -5.35 -34.36
N ALA D 350 -5.67 -6.00 -33.24
CA ALA D 350 -4.48 -6.83 -33.22
C ALA D 350 -4.59 -7.96 -34.24
N TYR D 351 -5.78 -8.53 -34.40
CA TYR D 351 -5.96 -9.54 -35.44
C TYR D 351 -5.69 -8.98 -36.82
N ILE D 352 -6.35 -7.89 -37.18
CA ILE D 352 -6.30 -7.43 -38.57
C ILE D 352 -4.90 -6.94 -38.91
N LEU D 353 -4.23 -6.26 -37.98
CA LEU D 353 -2.95 -5.64 -38.29
C LEU D 353 -1.90 -6.69 -38.66
N GLN D 354 -1.85 -7.79 -37.92
CA GLN D 354 -0.84 -8.82 -38.12
C GLN D 354 -1.48 -10.13 -38.56
N ARG D 355 -2.43 -10.04 -39.49
CA ARG D 355 -3.13 -11.21 -39.99
C ARG D 355 -2.26 -11.96 -40.99
N GLU D 356 -1.83 -13.16 -40.61
CA GLU D 356 -1.00 -14.01 -41.45
C GLU D 356 -1.79 -15.25 -41.81
N ILE D 357 -1.96 -15.49 -43.11
CA ILE D 357 -2.63 -16.69 -43.61
C ILE D 357 -1.58 -17.50 -44.37
N HIS D 358 -1.32 -18.71 -43.89
CA HIS D 358 -0.30 -19.56 -44.50
C HIS D 358 -0.81 -20.30 -45.73
N GLU D 359 -2.12 -20.33 -45.95
CA GLU D 359 -2.68 -21.15 -47.01
C GLU D 359 -2.20 -20.65 -48.38
N PRO D 360 -1.67 -21.51 -49.24
CA PRO D 360 -1.14 -21.03 -50.52
C PRO D 360 -2.16 -20.30 -51.37
N GLU D 361 -3.41 -20.77 -51.40
CA GLU D 361 -4.42 -20.11 -52.23
C GLU D 361 -4.85 -18.77 -51.65
N CYS D 362 -4.64 -18.55 -50.35
CA CYS D 362 -5.04 -17.31 -49.68
C CYS D 362 -3.78 -16.65 -49.14
N ARG D 363 -3.12 -15.88 -49.99
CA ARG D 363 -1.92 -15.13 -49.64
C ARG D 363 -2.12 -13.63 -49.70
N HIS D 364 -2.81 -13.14 -50.73
CA HIS D 364 -3.09 -11.71 -50.81
C HIS D 364 -3.90 -11.24 -49.61
N LEU D 365 -4.63 -12.17 -48.97
CA LEU D 365 -5.38 -11.81 -47.77
C LEU D 365 -4.43 -11.48 -46.61
N SER D 366 -3.32 -12.19 -46.50
CA SER D 366 -2.40 -11.98 -45.39
C SER D 366 -1.94 -10.54 -45.35
N ARG D 367 -1.84 -10.00 -44.13
CA ARG D 367 -1.35 -8.65 -43.92
C ARG D 367 0.14 -8.64 -43.61
N LYS D 368 0.58 -9.56 -42.76
CA LYS D 368 1.97 -9.70 -42.37
C LYS D 368 2.59 -10.88 -43.10
N PHE D 369 3.79 -10.67 -43.65
CA PHE D 369 4.53 -11.71 -44.36
C PHE D 369 5.82 -11.98 -43.62
N THR D 370 6.11 -13.26 -43.37
CA THR D 370 7.33 -13.66 -42.67
C THR D 370 8.40 -13.99 -43.71
N GLU D 371 9.41 -13.15 -43.81
CA GLU D 371 10.44 -13.32 -44.83
C GLU D 371 11.25 -14.58 -44.59
N TRP D 372 11.76 -14.76 -43.37
CA TRP D 372 12.58 -15.93 -43.04
C TRP D 372 12.74 -16.00 -41.54
N ALA D 373 13.19 -17.16 -41.07
CA ALA D 373 13.44 -17.40 -39.65
C ALA D 373 14.67 -18.29 -39.53
N TYR D 374 15.84 -17.66 -39.36
CA TYR D 374 17.07 -18.43 -39.16
C TYR D 374 17.08 -19.10 -37.81
N GLY D 375 16.39 -18.55 -36.81
CA GLY D 375 16.46 -19.04 -35.46
C GLY D 375 15.49 -18.27 -34.57
N PRO D 376 15.96 -17.81 -33.40
CA PRO D 376 15.10 -16.95 -32.59
C PRO D 376 14.66 -15.70 -33.35
N VAL D 377 15.48 -15.22 -34.28
CA VAL D 377 15.13 -14.09 -35.12
C VAL D 377 14.21 -14.58 -36.24
N HIS D 378 13.20 -13.78 -36.56
CA HIS D 378 12.23 -14.11 -37.62
C HIS D 378 11.82 -12.81 -38.30
N SER D 379 12.50 -12.48 -39.40
CA SER D 379 12.18 -11.28 -40.15
C SER D 379 10.74 -11.33 -40.65
N SER D 380 10.03 -10.21 -40.51
CA SER D 380 8.63 -10.12 -40.88
C SER D 380 8.38 -8.84 -41.65
N LEU D 381 7.40 -8.89 -42.55
CA LEU D 381 7.02 -7.74 -43.37
C LEU D 381 5.55 -7.44 -43.18
N TYR D 382 5.24 -6.24 -42.69
CA TYR D 382 3.87 -5.81 -42.45
C TYR D 382 3.39 -4.91 -43.57
N ASP D 383 2.08 -4.94 -43.81
CA ASP D 383 1.55 -4.30 -45.02
C ASP D 383 1.61 -2.78 -44.95
N LEU D 384 1.17 -2.20 -43.84
CA LEU D 384 1.16 -0.75 -43.69
C LEU D 384 0.36 -0.06 -44.79
N SER D 385 -0.50 -0.81 -45.50
CA SER D 385 -1.19 -0.22 -46.64
C SER D 385 -2.07 0.95 -46.21
N CYS D 386 -2.74 0.83 -45.07
CA CYS D 386 -3.62 1.88 -44.57
C CYS D 386 -3.40 2.13 -43.09
N ILE D 387 -2.14 2.28 -42.69
CA ILE D 387 -1.83 2.57 -41.29
C ILE D 387 -1.37 4.02 -41.09
N ASP D 388 -0.67 4.59 -42.07
CA ASP D 388 -0.22 5.97 -41.99
C ASP D 388 -0.46 6.66 -43.33
N THR D 389 -0.90 7.92 -43.27
CA THR D 389 -1.13 8.74 -44.46
C THR D 389 -1.93 7.96 -45.51
N CYS D 390 -3.06 7.40 -45.06
CA CYS D 390 -3.90 6.59 -45.93
C CYS D 390 -5.12 7.34 -46.45
N GLU D 391 -5.88 7.98 -45.57
CA GLU D 391 -7.07 8.72 -45.96
C GLU D 391 -7.40 9.68 -44.82
N LYS D 392 -8.60 10.27 -44.86
CA LYS D 392 -9.07 11.10 -43.77
C LYS D 392 -9.15 10.35 -42.45
N ASN D 393 -8.99 9.03 -42.47
CA ASN D 393 -8.92 8.22 -41.26
C ASN D 393 -7.87 7.14 -41.44
N SER D 394 -7.14 6.87 -40.37
CA SER D 394 -6.14 5.80 -40.37
C SER D 394 -5.99 5.30 -38.93
N VAL D 395 -5.40 4.12 -38.80
CA VAL D 395 -5.32 3.51 -37.47
C VAL D 395 -4.56 4.40 -36.50
N LEU D 396 -3.40 4.92 -36.92
CA LEU D 396 -2.63 5.80 -36.06
C LEU D 396 -3.36 7.10 -35.81
N GLU D 397 -3.87 7.72 -36.87
CA GLU D 397 -4.56 9.00 -36.76
C GLU D 397 -5.85 8.88 -35.95
N VAL D 398 -6.40 7.68 -35.84
CA VAL D 398 -7.63 7.48 -35.08
C VAL D 398 -7.33 7.14 -33.63
N ILE D 399 -6.31 6.31 -33.39
CA ILE D 399 -5.92 6.00 -32.02
C ILE D 399 -5.43 7.25 -31.31
N ALA D 400 -4.64 8.08 -32.00
CA ALA D 400 -4.09 9.27 -31.37
C ALA D 400 -5.20 10.24 -30.97
N TYR D 401 -6.22 10.39 -31.81
CA TYR D 401 -7.28 11.37 -31.60
C TYR D 401 -8.52 10.76 -30.94
N SER D 402 -8.32 9.79 -30.04
CA SER D 402 -9.44 9.27 -29.27
C SER D 402 -9.85 10.27 -28.20
N SER D 403 -10.99 10.02 -27.57
CA SER D 403 -11.57 10.93 -26.60
C SER D 403 -11.18 10.64 -25.16
N SER D 404 -10.30 9.67 -24.94
CA SER D 404 -9.92 9.15 -23.63
C SER D 404 -11.00 8.26 -23.05
N GLU D 405 -12.17 8.16 -23.68
CA GLU D 405 -13.17 7.18 -23.26
C GLU D 405 -12.75 5.78 -23.67
N THR D 406 -12.01 5.66 -24.75
CA THR D 406 -11.57 4.34 -25.21
C THR D 406 -10.72 3.69 -24.11
N PRO D 407 -10.95 2.41 -23.79
CA PRO D 407 -10.23 1.82 -22.65
C PRO D 407 -8.80 1.43 -22.96
N ASN D 408 -8.55 1.01 -24.20
CA ASN D 408 -7.29 0.37 -24.57
C ASN D 408 -6.35 1.28 -25.34
N ARG D 409 -6.64 2.58 -25.40
CA ARG D 409 -5.80 3.48 -26.18
C ARG D 409 -4.35 3.46 -25.71
N HIS D 410 -4.13 3.44 -24.39
CA HIS D 410 -2.78 3.36 -23.87
C HIS D 410 -2.10 2.07 -24.28
N ASP D 411 -2.82 0.96 -24.23
CA ASP D 411 -2.30 -0.34 -24.63
C ASP D 411 -2.53 -0.64 -26.10
N MET D 412 -3.17 0.27 -26.84
CA MET D 412 -3.38 0.05 -28.27
C MET D 412 -2.11 0.26 -29.06
N LEU D 413 -1.27 1.19 -28.63
CA LEU D 413 -0.01 1.47 -29.33
C LEU D 413 1.03 0.38 -29.13
N LEU D 414 0.78 -0.58 -28.25
CA LEU D 414 1.74 -1.66 -28.04
C LEU D 414 1.76 -2.65 -29.18
N VAL D 415 0.73 -2.66 -30.04
CA VAL D 415 0.68 -3.61 -31.14
C VAL D 415 1.90 -3.41 -32.03
N GLU D 416 2.51 -4.52 -32.45
CA GLU D 416 3.85 -4.54 -33.03
C GLU D 416 4.07 -3.47 -34.10
N PRO D 417 3.34 -3.54 -35.22
CA PRO D 417 3.64 -2.61 -36.32
C PRO D 417 3.54 -1.16 -35.91
N LEU D 418 2.57 -0.80 -35.06
CA LEU D 418 2.39 0.60 -34.69
C LEU D 418 3.54 1.09 -33.82
N ASN D 419 3.93 0.31 -32.82
CA ASN D 419 5.05 0.71 -31.98
C ASN D 419 6.33 0.84 -32.80
N ARG D 420 6.60 -0.14 -33.66
CA ARG D 420 7.81 -0.06 -34.48
C ARG D 420 7.76 1.16 -35.40
N LEU D 421 6.61 1.43 -36.00
CA LEU D 421 6.51 2.55 -36.93
C LEU D 421 6.68 3.88 -36.21
N LEU D 422 6.07 4.02 -35.03
CA LEU D 422 6.24 5.26 -34.29
C LEU D 422 7.69 5.46 -33.84
N GLN D 423 8.34 4.41 -33.37
CA GLN D 423 9.73 4.55 -32.98
C GLN D 423 10.60 4.91 -34.18
N ASP D 424 10.34 4.30 -35.33
CA ASP D 424 11.09 4.62 -36.53
C ASP D 424 10.89 6.08 -36.92
N LYS D 425 9.65 6.56 -36.86
CA LYS D 425 9.39 7.96 -37.17
C LYS D 425 10.12 8.89 -36.20
N TRP D 426 10.07 8.56 -34.91
CA TRP D 426 10.73 9.41 -33.92
C TRP D 426 12.23 9.45 -34.16
N ASP D 427 12.85 8.31 -34.48
CA ASP D 427 14.28 8.28 -34.68
C ASP D 427 14.69 8.88 -36.01
N ARG D 428 13.78 8.93 -36.99
CA ARG D 428 14.18 9.33 -38.34
C ARG D 428 14.24 10.84 -38.50
N PHE D 429 13.11 11.54 -38.34
CA PHE D 429 13.09 12.98 -38.62
C PHE D 429 12.33 13.76 -37.56
N VAL D 430 11.43 13.11 -36.83
CA VAL D 430 10.63 13.84 -35.86
C VAL D 430 11.48 14.37 -34.73
N LYS D 431 12.52 13.64 -34.32
CA LYS D 431 13.25 14.01 -33.11
C LYS D 431 13.93 15.36 -33.27
N ARG D 432 14.63 15.57 -34.38
CA ARG D 432 15.33 16.84 -34.57
C ARG D 432 14.36 17.98 -34.79
N ILE D 433 13.22 17.74 -35.43
CA ILE D 433 12.22 18.79 -35.56
C ILE D 433 11.66 19.18 -34.20
N PHE D 434 11.42 18.19 -33.34
CA PHE D 434 10.94 18.50 -32.00
C PHE D 434 11.97 19.31 -31.23
N TYR D 435 13.25 18.93 -31.35
CA TYR D 435 14.28 19.66 -30.61
C TYR D 435 14.47 21.06 -31.16
N PHE D 436 14.32 21.24 -32.47
CA PHE D 436 14.36 22.58 -33.05
C PHE D 436 13.18 23.42 -32.58
N ASN D 437 12.00 22.81 -32.49
CA ASN D 437 10.84 23.51 -31.97
C ASN D 437 11.07 23.96 -30.53
N PHE D 438 11.60 23.06 -29.70
CA PHE D 438 11.87 23.40 -28.31
C PHE D 438 12.92 24.51 -28.21
N PHE D 439 13.94 24.45 -29.06
CA PHE D 439 14.98 25.48 -29.03
C PHE D 439 14.43 26.84 -29.44
N VAL D 440 13.61 26.89 -30.51
CA VAL D 440 13.07 28.16 -30.93
C VAL D 440 12.12 28.73 -29.88
N TYR D 441 11.31 27.87 -29.25
CA TYR D 441 10.44 28.41 -28.21
C TYR D 441 11.23 28.87 -27.00
N CYS D 442 12.35 28.21 -26.70
CA CYS D 442 13.20 28.68 -25.61
C CYS D 442 13.75 30.06 -25.93
N LEU D 443 14.17 30.28 -27.18
CA LEU D 443 14.65 31.60 -27.59
C LEU D 443 13.53 32.64 -27.55
N TYR D 444 12.33 32.26 -27.98
CA TYR D 444 11.20 33.19 -27.93
C TYR D 444 10.86 33.57 -26.50
N MET D 445 10.91 32.62 -25.58
CA MET D 445 10.71 32.94 -24.17
C MET D 445 11.80 33.85 -23.63
N ILE D 446 13.04 33.65 -24.07
CA ILE D 446 14.11 34.52 -23.59
C ILE D 446 13.92 35.96 -24.09
N ILE D 447 13.57 36.12 -25.37
CA ILE D 447 13.32 37.46 -25.90
C ILE D 447 12.08 38.09 -25.27
N PHE D 448 11.02 37.30 -25.09
CA PHE D 448 9.82 37.81 -24.45
C PHE D 448 10.12 38.28 -23.04
N THR D 449 10.92 37.50 -22.30
CA THR D 449 11.27 37.89 -20.95
C THR D 449 12.11 39.16 -20.94
N ALA D 450 13.07 39.29 -21.87
CA ALA D 450 13.93 40.46 -21.85
C ALA D 450 13.18 41.72 -22.25
N ALA D 451 12.32 41.64 -23.26
CA ALA D 451 11.56 42.82 -23.67
C ALA D 451 10.47 43.15 -22.65
N ALA D 452 10.02 42.16 -21.88
CA ALA D 452 9.09 42.44 -20.79
C ALA D 452 9.80 43.05 -19.58
N TYR D 453 11.05 42.68 -19.35
CA TYR D 453 11.78 43.18 -18.19
C TYR D 453 12.09 44.66 -18.34
N TYR D 454 12.45 45.09 -19.54
CA TYR D 454 12.92 46.46 -19.80
C TYR D 454 11.84 47.33 -20.43
N ARG D 455 10.59 47.16 -20.01
CA ARG D 455 9.52 47.99 -20.53
C ARG D 455 9.68 49.42 -20.02
N PRO D 456 9.53 50.43 -20.88
CA PRO D 456 9.66 51.81 -20.40
C PRO D 456 8.57 52.13 -19.39
N VAL D 457 8.94 52.95 -18.40
CA VAL D 457 8.06 53.26 -17.27
C VAL D 457 7.58 54.70 -17.26
N GLU D 458 8.08 55.55 -18.16
CA GLU D 458 7.75 56.97 -18.18
C GLU D 458 6.72 57.24 -19.26
N GLY D 459 5.61 57.85 -18.89
CA GLY D 459 4.59 58.21 -19.85
C GLY D 459 3.53 57.13 -20.01
N LEU D 460 2.63 57.39 -20.95
CA LEU D 460 1.56 56.45 -21.28
C LEU D 460 1.83 55.79 -22.62
N PRO D 461 1.36 54.55 -22.84
CA PRO D 461 1.55 53.92 -24.13
C PRO D 461 0.68 54.61 -25.19
N PRO D 462 1.12 54.62 -26.46
CA PRO D 462 2.36 54.07 -27.00
C PRO D 462 3.59 54.88 -26.60
N TYR D 463 4.76 54.42 -27.00
CA TYR D 463 6.02 55.08 -26.69
C TYR D 463 6.75 55.38 -27.99
N LYS D 464 7.19 56.63 -28.14
CA LYS D 464 7.91 57.04 -29.34
C LYS D 464 9.24 56.30 -29.40
N LEU D 465 9.57 55.81 -30.59
CA LEU D 465 10.79 55.03 -30.76
C LEU D 465 12.02 55.92 -30.61
N LYS D 466 12.67 55.86 -29.45
CA LYS D 466 13.86 56.66 -29.21
C LYS D 466 14.99 56.23 -30.14
N ASN D 467 15.82 57.19 -30.52
CA ASN D 467 16.94 56.94 -31.43
C ASN D 467 18.11 56.38 -30.62
N THR D 468 18.14 55.06 -30.51
CA THR D 468 19.21 54.39 -29.78
C THR D 468 19.23 52.93 -30.19
N VAL D 469 20.35 52.26 -29.86
CA VAL D 469 20.44 50.82 -30.08
C VAL D 469 19.52 50.08 -29.12
N GLY D 470 19.50 50.51 -27.85
CA GLY D 470 18.64 49.85 -26.88
C GLY D 470 17.16 49.96 -27.23
N ASP D 471 16.74 51.14 -27.67
CA ASP D 471 15.34 51.32 -28.08
C ASP D 471 15.01 50.46 -29.30
N TYR D 472 15.94 50.39 -30.27
CA TYR D 472 15.71 49.54 -31.43
C TYR D 472 15.57 48.09 -31.01
N PHE D 473 16.43 47.62 -30.11
CA PHE D 473 16.31 46.24 -29.64
C PHE D 473 15.00 46.02 -28.92
N ARG D 474 14.57 46.99 -28.11
CA ARG D 474 13.32 46.83 -27.38
C ARG D 474 12.13 46.73 -28.32
N VAL D 475 12.09 47.57 -29.36
CA VAL D 475 10.97 47.50 -30.30
C VAL D 475 11.03 46.21 -31.12
N THR D 476 12.24 45.77 -31.48
CA THR D 476 12.37 44.49 -32.16
C THR D 476 11.84 43.36 -31.29
N GLY D 477 12.18 43.39 -30.00
CA GLY D 477 11.69 42.37 -29.09
C GLY D 477 10.17 42.39 -28.97
N GLU D 478 9.59 43.58 -28.88
CA GLU D 478 8.13 43.66 -28.83
C GLU D 478 7.50 43.06 -30.09
N ILE D 479 8.06 43.37 -31.26
CA ILE D 479 7.50 42.84 -32.50
C ILE D 479 7.63 41.32 -32.53
N LEU D 480 8.78 40.79 -32.11
CA LEU D 480 8.95 39.35 -32.08
C LEU D 480 7.92 38.71 -31.15
N SER D 481 7.68 39.33 -29.99
CA SER D 481 6.69 38.80 -29.06
C SER D 481 5.31 38.76 -29.69
N VAL D 482 4.88 39.86 -30.31
CA VAL D 482 3.53 39.91 -30.85
C VAL D 482 3.38 38.95 -32.04
N SER D 483 4.44 38.81 -32.84
CA SER D 483 4.39 37.84 -33.94
C SER D 483 4.21 36.43 -33.42
N GLY D 484 4.93 36.08 -32.35
CA GLY D 484 4.70 34.78 -31.73
C GLY D 484 3.28 34.64 -31.25
N GLY D 485 2.71 35.73 -30.72
CA GLY D 485 1.33 35.69 -30.27
C GLY D 485 0.36 35.39 -31.39
N VAL D 486 0.54 36.04 -32.54
CA VAL D 486 -0.34 35.78 -33.68
C VAL D 486 -0.18 34.34 -34.17
N TYR D 487 1.06 33.85 -34.23
CA TYR D 487 1.28 32.48 -34.67
C TYR D 487 0.53 31.51 -33.77
N PHE D 488 0.67 31.66 -32.46
CA PHE D 488 -0.01 30.74 -31.55
C PHE D 488 -1.51 30.90 -31.62
N PHE D 489 -2.00 32.12 -31.84
CA PHE D 489 -3.43 32.35 -31.97
C PHE D 489 -4.00 31.57 -33.16
N PHE D 490 -3.37 31.68 -34.32
CA PHE D 490 -3.87 30.98 -35.49
C PHE D 490 -3.71 29.47 -35.35
N ARG D 491 -2.60 29.02 -34.77
CA ARG D 491 -2.45 27.59 -34.51
C ARG D 491 -3.60 27.08 -33.67
N GLY D 492 -3.94 27.79 -32.59
CA GLY D 492 -5.01 27.34 -31.72
C GLY D 492 -6.36 27.34 -32.42
N ILE D 493 -6.65 28.39 -33.19
CA ILE D 493 -7.93 28.46 -33.89
C ILE D 493 -8.06 27.32 -34.89
N GLN D 494 -7.01 27.06 -35.67
CA GLN D 494 -7.10 26.01 -36.66
C GLN D 494 -7.21 24.64 -36.00
N TYR D 495 -6.54 24.44 -34.87
CA TYR D 495 -6.72 23.19 -34.15
C TYR D 495 -8.16 23.02 -33.70
N PHE D 496 -8.75 24.09 -33.16
CA PHE D 496 -10.12 23.98 -32.67
C PHE D 496 -11.10 23.76 -33.82
N LEU D 497 -10.80 24.29 -35.01
CA LEU D 497 -11.66 24.04 -36.16
C LEU D 497 -11.53 22.61 -36.67
N GLN D 498 -10.30 22.12 -36.78
CA GLN D 498 -10.10 20.73 -37.21
C GLN D 498 -10.78 19.77 -36.26
N ARG D 499 -10.38 19.77 -34.99
CA ARG D 499 -10.89 18.77 -34.07
C ARG D 499 -12.34 19.02 -33.70
N ARG D 500 -12.69 20.27 -33.39
CA ARG D 500 -14.01 20.62 -32.88
C ARG D 500 -14.36 19.75 -31.65
N PRO D 501 -13.57 19.81 -30.60
CA PRO D 501 -13.82 18.94 -29.45
C PRO D 501 -15.10 19.30 -28.72
N SER D 502 -15.70 18.27 -28.11
CA SER D 502 -16.90 18.49 -27.31
C SER D 502 -16.57 19.30 -26.06
N LEU D 503 -17.56 20.02 -25.56
CA LEU D 503 -17.32 20.91 -24.43
C LEU D 503 -16.85 20.15 -23.21
N LYS D 504 -17.45 18.98 -22.95
CA LYS D 504 -17.06 18.21 -21.77
C LYS D 504 -15.61 17.74 -21.87
N SER D 505 -15.18 17.28 -23.04
CA SER D 505 -13.83 16.81 -23.27
C SER D 505 -12.92 17.88 -23.84
N LEU D 506 -13.23 19.14 -23.58
CA LEU D 506 -12.35 20.24 -24.01
C LEU D 506 -11.12 20.34 -23.12
N PHE D 507 -11.25 19.95 -21.84
CA PHE D 507 -10.17 20.05 -20.88
C PHE D 507 -9.51 18.71 -20.59
N VAL D 508 -10.20 17.60 -20.78
CA VAL D 508 -9.61 16.30 -20.48
C VAL D 508 -8.52 15.97 -21.49
N ASP D 509 -8.71 16.36 -22.76
CA ASP D 509 -7.83 15.94 -23.83
C ASP D 509 -7.11 17.08 -24.54
N SER D 510 -7.40 18.33 -24.20
CA SER D 510 -6.78 19.49 -24.83
C SER D 510 -6.35 20.50 -23.77
N TYR D 511 -5.65 20.02 -22.74
CA TYR D 511 -5.14 20.92 -21.72
C TYR D 511 -4.06 21.84 -22.28
N SER D 512 -3.07 21.27 -22.95
CA SER D 512 -1.96 22.07 -23.44
C SER D 512 -2.40 23.04 -24.53
N GLU D 513 -3.30 22.61 -25.41
CA GLU D 513 -3.78 23.50 -26.46
C GLU D 513 -4.55 24.66 -25.88
N ILE D 514 -5.36 24.40 -24.84
CA ILE D 514 -6.06 25.47 -24.15
C ILE D 514 -5.07 26.46 -23.55
N LEU D 515 -3.99 25.96 -22.95
CA LEU D 515 -3.03 26.85 -22.30
C LEU D 515 -2.27 27.71 -23.31
N PHE D 516 -1.85 27.11 -24.43
CA PHE D 516 -1.18 27.92 -25.44
C PHE D 516 -2.13 28.96 -26.03
N PHE D 517 -3.39 28.59 -26.25
CA PHE D 517 -4.37 29.57 -26.73
C PHE D 517 -4.57 30.69 -25.70
N VAL D 518 -4.57 30.38 -24.41
CA VAL D 518 -4.79 31.40 -23.40
C VAL D 518 -3.61 32.36 -23.32
N GLN D 519 -2.39 31.84 -23.43
CA GLN D 519 -1.22 32.71 -23.47
C GLN D 519 -1.28 33.65 -24.67
N SER D 520 -1.60 33.10 -25.84
CA SER D 520 -1.72 33.94 -27.02
C SER D 520 -2.81 34.99 -26.83
N LEU D 521 -3.93 34.60 -26.22
CA LEU D 521 -5.01 35.55 -25.97
C LEU D 521 -4.56 36.69 -25.09
N PHE D 522 -3.85 36.37 -24.00
CA PHE D 522 -3.44 37.43 -23.08
C PHE D 522 -2.49 38.40 -23.76
N MET D 523 -1.56 37.90 -24.57
CA MET D 523 -0.69 38.83 -25.28
C MET D 523 -1.48 39.67 -26.27
N LEU D 524 -2.45 39.08 -26.95
CA LEU D 524 -3.25 39.84 -27.91
C LEU D 524 -4.02 40.95 -27.22
N VAL D 525 -4.63 40.65 -26.07
CA VAL D 525 -5.34 41.67 -25.31
C VAL D 525 -4.36 42.75 -24.84
N SER D 526 -3.15 42.34 -24.45
CA SER D 526 -2.15 43.31 -24.00
C SER D 526 -1.79 44.28 -25.11
N VAL D 527 -1.57 43.76 -26.32
CA VAL D 527 -1.21 44.66 -27.42
C VAL D 527 -2.38 45.55 -27.77
N VAL D 528 -3.61 45.03 -27.70
CA VAL D 528 -4.78 45.85 -27.97
C VAL D 528 -4.84 47.01 -26.99
N LEU D 529 -4.64 46.73 -25.70
CA LEU D 529 -4.71 47.79 -24.70
C LEU D 529 -3.52 48.73 -24.77
N TYR D 530 -2.38 48.27 -25.32
CA TYR D 530 -1.24 49.16 -25.51
C TYR D 530 -1.46 50.09 -26.71
N PHE D 531 -2.21 49.63 -27.71
CA PHE D 531 -2.63 50.51 -28.79
C PHE D 531 -3.81 51.38 -28.40
N SER D 532 -4.51 51.04 -27.32
CA SER D 532 -5.62 51.83 -26.82
C SER D 532 -5.19 52.87 -25.79
N GLN D 533 -3.88 53.03 -25.58
CA GLN D 533 -3.35 54.09 -24.72
C GLN D 533 -3.83 53.93 -23.28
N ARG D 534 -3.64 52.75 -22.74
CA ARG D 534 -3.88 52.48 -21.33
C ARG D 534 -2.65 51.82 -20.72
N LYS D 535 -2.41 52.09 -19.44
CA LYS D 535 -1.27 51.54 -18.73
C LYS D 535 -1.48 50.09 -18.34
N GLU D 536 -2.67 49.54 -18.58
CA GLU D 536 -3.04 48.21 -18.14
C GLU D 536 -2.60 47.11 -19.09
N TYR D 537 -1.57 47.34 -19.90
CA TYR D 537 -1.08 46.26 -20.73
C TYR D 537 -0.16 45.34 -19.93
N VAL D 538 0.50 45.88 -18.91
CA VAL D 538 1.45 45.10 -18.12
C VAL D 538 0.74 44.04 -17.29
N ALA D 539 -0.44 44.35 -16.78
CA ALA D 539 -1.19 43.38 -15.98
C ALA D 539 -1.52 42.13 -16.78
N SER D 540 -1.87 42.30 -18.05
CA SER D 540 -2.04 41.14 -18.93
C SER D 540 -0.71 40.55 -19.35
N MET D 541 0.33 41.39 -19.48
CA MET D 541 1.61 40.90 -19.97
C MET D 541 2.26 39.94 -18.98
N VAL D 542 2.17 40.21 -17.69
CA VAL D 542 2.77 39.28 -16.72
C VAL D 542 2.05 37.94 -16.74
N PHE D 543 0.72 37.95 -16.78
CA PHE D 543 0.00 36.69 -16.95
C PHE D 543 0.53 35.95 -18.16
N SER D 544 0.63 36.64 -19.29
CA SER D 544 1.09 36.00 -20.51
C SER D 544 2.49 35.42 -20.35
N LEU D 545 3.35 36.11 -19.60
CA LEU D 545 4.74 35.70 -19.49
C LEU D 545 4.92 34.50 -18.56
N ALA D 546 4.28 34.54 -17.39
CA ALA D 546 4.34 33.40 -16.48
C ALA D 546 3.71 32.17 -17.11
N MET D 547 2.58 32.34 -17.80
CA MET D 547 2.07 31.26 -18.61
C MET D 547 3.12 30.76 -19.57
N GLY D 548 3.81 31.69 -20.24
CA GLY D 548 4.78 31.29 -21.23
C GLY D 548 5.89 30.41 -20.67
N TRP D 549 6.38 30.76 -19.48
CA TRP D 549 7.49 30.02 -18.91
C TRP D 549 7.03 28.68 -18.37
N THR D 550 5.93 28.66 -17.61
CA THR D 550 5.43 27.40 -17.07
C THR D 550 4.89 26.49 -18.16
N ASN D 551 4.78 26.98 -19.39
CA ASN D 551 4.36 26.15 -20.51
C ASN D 551 5.49 25.35 -21.14
N MET D 552 6.74 25.50 -20.70
CA MET D 552 7.76 24.59 -21.23
C MET D 552 7.65 23.21 -20.63
N LEU D 553 6.79 23.01 -19.65
CA LEU D 553 6.44 21.67 -19.23
C LEU D 553 5.71 20.92 -20.33
N TYR D 554 5.25 21.61 -21.37
CA TYR D 554 4.68 20.88 -22.49
C TYR D 554 5.74 20.05 -23.19
N TYR D 555 6.99 20.51 -23.19
CA TYR D 555 8.05 19.85 -23.94
C TYR D 555 8.77 18.76 -23.16
N THR D 556 8.38 18.61 -21.87
CA THR D 556 8.84 17.54 -21.00
C THR D 556 8.14 16.23 -21.39
N ARG D 557 7.08 16.32 -22.23
CA ARG D 557 6.38 15.19 -22.85
C ARG D 557 7.31 14.35 -23.76
N GLY D 558 8.31 15.01 -24.36
CA GLY D 558 9.34 14.36 -25.16
C GLY D 558 10.40 13.50 -24.45
N PHE D 559 10.46 13.48 -23.11
CA PHE D 559 11.39 12.60 -22.42
C PHE D 559 10.59 11.56 -21.65
N GLN D 560 11.21 10.38 -21.47
CA GLN D 560 10.52 9.30 -20.76
C GLN D 560 10.40 9.60 -19.28
N GLN D 561 11.49 10.02 -18.66
CA GLN D 561 11.50 10.25 -17.23
C GLN D 561 10.80 11.48 -16.75
N MET D 562 10.87 12.55 -17.53
CA MET D 562 10.36 13.85 -17.12
C MET D 562 8.89 14.07 -17.47
N GLY D 563 8.25 13.14 -18.15
CA GLY D 563 6.88 13.37 -18.60
C GLY D 563 5.88 13.44 -17.46
N ILE D 564 6.06 12.58 -16.44
CA ILE D 564 5.02 12.41 -15.43
C ILE D 564 4.76 13.71 -14.68
N TYR D 565 5.81 14.50 -14.43
CA TYR D 565 5.60 15.76 -13.72
C TYR D 565 4.64 16.67 -14.47
N ALA D 566 4.71 16.65 -15.81
CA ALA D 566 3.79 17.44 -16.60
C ALA D 566 2.40 16.82 -16.66
N VAL D 567 2.28 15.52 -16.40
CA VAL D 567 0.99 14.84 -16.39
C VAL D 567 0.32 14.97 -15.03
N MET D 568 1.07 14.72 -13.95
CA MET D 568 0.52 14.91 -12.62
C MET D 568 -0.10 16.28 -12.48
N ILE D 569 0.71 17.32 -12.68
CA ILE D 569 0.22 18.70 -12.54
C ILE D 569 -1.11 18.89 -13.24
N GLU D 570 -1.36 18.13 -14.30
CA GLU D 570 -2.61 18.27 -15.04
C GLU D 570 -3.76 17.65 -14.26
N LYS D 571 -3.68 16.35 -13.98
CA LYS D 571 -4.77 15.66 -13.29
C LYS D 571 -5.02 16.29 -11.92
N MET D 572 -3.94 16.54 -11.17
CA MET D 572 -4.09 17.11 -9.84
C MET D 572 -4.75 18.47 -9.87
N ILE D 573 -4.76 19.17 -11.00
CA ILE D 573 -5.42 20.46 -11.07
C ILE D 573 -6.86 20.34 -11.56
N LEU D 574 -7.21 19.23 -12.22
CA LEU D 574 -8.53 19.06 -12.80
C LEU D 574 -9.42 18.15 -11.98
N ARG D 575 -8.89 17.06 -11.46
CA ARG D 575 -9.71 16.16 -10.66
C ARG D 575 -9.79 16.64 -9.21
N ASP D 576 -8.65 16.71 -8.53
CA ASP D 576 -8.66 16.94 -7.09
C ASP D 576 -9.00 18.38 -6.75
N LEU D 577 -8.15 19.31 -7.15
CA LEU D 577 -8.25 20.68 -6.67
C LEU D 577 -9.59 21.31 -7.04
N CYS D 578 -10.05 21.08 -8.27
CA CYS D 578 -11.25 21.75 -8.75
C CYS D 578 -12.45 21.44 -7.87
N ARG D 579 -12.68 20.15 -7.58
CA ARG D 579 -13.84 19.75 -6.79
C ARG D 579 -13.63 19.91 -5.30
N PHE D 580 -12.40 19.87 -4.83
CA PHE D 580 -12.16 20.16 -3.43
C PHE D 580 -12.36 21.63 -3.10
N MET D 581 -12.27 22.53 -4.09
CA MET D 581 -12.51 23.93 -3.80
C MET D 581 -13.98 24.20 -3.45
N PHE D 582 -14.92 23.44 -4.01
CA PHE D 582 -16.31 23.57 -3.58
C PHE D 582 -16.45 23.22 -2.10
N VAL D 583 -15.83 22.12 -1.68
CA VAL D 583 -15.91 21.70 -0.29
C VAL D 583 -15.23 22.72 0.61
N TYR D 584 -14.17 23.35 0.13
CA TYR D 584 -13.47 24.29 1.00
C TYR D 584 -14.17 25.64 1.10
N LEU D 585 -14.85 26.08 0.05
CA LEU D 585 -15.39 27.44 0.07
C LEU D 585 -16.63 27.58 0.93
N VAL D 586 -17.45 26.53 1.05
CA VAL D 586 -18.54 26.60 2.01
C VAL D 586 -17.98 26.83 3.40
N PHE D 587 -16.91 26.10 3.75
CA PHE D 587 -16.25 26.29 5.03
C PHE D 587 -15.74 27.71 5.18
N LEU D 588 -14.99 28.20 4.18
CA LEU D 588 -14.38 29.51 4.30
C LEU D 588 -15.44 30.61 4.41
N PHE D 589 -16.45 30.57 3.55
CA PHE D 589 -17.45 31.63 3.57
C PHE D 589 -18.35 31.55 4.79
N GLY D 590 -18.79 30.35 5.19
CA GLY D 590 -19.60 30.25 6.38
C GLY D 590 -18.85 30.77 7.59
N PHE D 591 -17.61 30.33 7.77
CA PHE D 591 -16.86 30.75 8.95
C PHE D 591 -16.47 32.22 8.88
N SER D 592 -16.31 32.79 7.69
CA SER D 592 -15.92 34.20 7.58
C SER D 592 -17.11 35.14 7.75
N THR D 593 -18.25 34.82 7.15
CA THR D 593 -19.46 35.54 7.51
C THR D 593 -19.69 35.47 9.01
N ALA D 594 -19.52 34.28 9.62
CA ALA D 594 -19.67 34.16 11.06
C ALA D 594 -18.71 35.09 11.81
N VAL D 595 -17.43 35.08 11.43
CA VAL D 595 -16.43 35.86 12.16
C VAL D 595 -16.69 37.35 12.02
N VAL D 596 -17.00 37.82 10.81
CA VAL D 596 -17.16 39.26 10.60
C VAL D 596 -18.47 39.74 11.23
N THR D 597 -19.52 38.94 11.19
CA THR D 597 -20.74 39.32 11.88
C THR D 597 -20.51 39.41 13.39
N LEU D 598 -19.73 38.48 13.95
CA LEU D 598 -19.54 38.49 15.40
C LEU D 598 -18.97 39.81 15.87
N ILE D 599 -17.89 40.29 15.22
CA ILE D 599 -17.13 41.42 15.75
C ILE D 599 -17.24 42.61 14.83
N GLU D 600 -18.40 42.80 14.20
CA GLU D 600 -18.60 43.97 13.38
C GLU D 600 -18.53 45.25 14.20
N ASP D 601 -18.83 45.16 15.50
CA ASP D 601 -18.67 46.28 16.41
C ASP D 601 -17.28 46.90 16.30
N SER D 626 -7.23 43.54 10.24
CA SER D 626 -7.09 42.09 10.13
C SER D 626 -8.46 41.45 9.93
N TYR D 627 -9.38 41.70 10.86
CA TYR D 627 -10.73 41.16 10.79
C TYR D 627 -11.76 42.28 10.66
N ASN D 628 -11.38 43.37 10.00
CA ASN D 628 -12.30 44.49 9.83
C ASN D 628 -13.24 44.26 8.65
N SER D 629 -12.68 43.90 7.50
CA SER D 629 -13.43 43.73 6.27
C SER D 629 -13.59 42.25 5.95
N LEU D 630 -14.64 41.93 5.19
CA LEU D 630 -14.84 40.55 4.80
C LEU D 630 -13.69 40.06 3.94
N TYR D 631 -13.12 40.94 3.10
CA TYR D 631 -11.95 40.57 2.33
C TYR D 631 -10.79 40.18 3.24
N SER D 632 -10.52 40.98 4.27
CA SER D 632 -9.40 40.69 5.15
C SER D 632 -9.67 39.46 6.00
N THR D 633 -10.92 39.24 6.39
CA THR D 633 -11.25 37.97 7.06
C THR D 633 -10.97 36.80 6.13
N CYS D 634 -11.36 36.91 4.86
CA CYS D 634 -11.09 35.85 3.92
C CYS D 634 -9.59 35.58 3.79
N LEU D 635 -8.79 36.65 3.72
CA LEU D 635 -7.35 36.46 3.58
C LEU D 635 -6.73 35.85 4.83
N GLU D 636 -7.08 36.37 6.01
CA GLU D 636 -6.50 35.84 7.24
C GLU D 636 -6.89 34.38 7.43
N LEU D 637 -8.12 34.03 7.12
CA LEU D 637 -8.54 32.65 7.27
C LEU D 637 -7.96 31.74 6.19
N PHE D 638 -7.66 32.25 5.00
CA PHE D 638 -6.96 31.42 4.03
C PHE D 638 -5.55 31.10 4.52
N LYS D 639 -4.84 32.10 5.04
CA LYS D 639 -3.55 31.82 5.64
C LYS D 639 -3.67 30.87 6.82
N PHE D 640 -4.78 30.92 7.56
CA PHE D 640 -5.01 29.88 8.58
C PHE D 640 -5.10 28.50 7.95
N THR D 641 -5.76 28.40 6.80
CA THR D 641 -5.86 27.11 6.13
C THR D 641 -4.49 26.58 5.74
N ILE D 642 -3.63 27.44 5.20
CA ILE D 642 -2.31 26.97 4.73
C ILE D 642 -1.20 27.27 5.73
N GLY D 643 -1.52 27.36 7.02
CA GLY D 643 -0.49 27.34 8.01
C GLY D 643 0.38 28.57 8.08
N MET D 644 -0.12 29.72 7.62
CA MET D 644 0.59 30.98 7.73
C MET D 644 -0.16 32.00 8.56
N GLY D 645 -1.07 31.55 9.43
CA GLY D 645 -1.81 32.47 10.28
C GLY D 645 -1.17 32.66 11.63
N ASP D 646 -1.65 33.66 12.35
CA ASP D 646 -1.21 33.92 13.71
C ASP D 646 -2.41 34.17 14.60
N LEU D 647 -2.54 33.35 15.65
CA LEU D 647 -3.64 33.44 16.60
C LEU D 647 -3.26 34.44 17.68
N GLU D 648 -3.35 35.72 17.33
CA GLU D 648 -2.86 36.77 18.23
C GLU D 648 -3.76 36.93 19.45
N PHE D 649 -5.08 37.01 19.23
CA PHE D 649 -6.02 37.22 20.32
C PHE D 649 -5.63 38.41 21.18
N THR D 650 -5.16 39.48 20.54
CA THR D 650 -4.59 40.63 21.24
C THR D 650 -5.59 41.76 21.43
N GLU D 651 -6.13 42.29 20.35
CA GLU D 651 -7.06 43.40 20.47
C GLU D 651 -8.34 42.94 21.14
N ASN D 652 -8.99 43.87 21.86
CA ASN D 652 -10.14 43.54 22.70
C ASN D 652 -11.41 43.63 21.86
N TYR D 653 -11.64 42.60 21.06
CA TYR D 653 -12.89 42.47 20.32
C TYR D 653 -14.01 42.07 21.28
N ASP D 654 -15.25 42.41 20.90
CA ASP D 654 -16.39 41.98 21.69
C ASP D 654 -16.53 40.47 21.61
N PHE D 655 -17.07 39.88 22.67
CA PHE D 655 -17.30 38.45 22.74
C PHE D 655 -16.02 37.68 22.38
N LYS D 656 -15.00 37.86 23.23
CA LYS D 656 -13.69 37.29 22.94
C LYS D 656 -13.70 35.77 22.98
N ALA D 657 -14.40 35.19 23.94
CA ALA D 657 -14.43 33.73 24.05
C ALA D 657 -15.03 33.11 22.80
N VAL D 658 -16.10 33.69 22.28
CA VAL D 658 -16.74 33.15 21.09
C VAL D 658 -15.79 33.27 19.90
N PHE D 659 -15.04 34.37 19.82
CA PHE D 659 -14.07 34.57 18.77
C PHE D 659 -12.99 33.50 18.81
N ILE D 660 -12.48 33.21 20.01
CA ILE D 660 -11.46 32.18 20.18
C ILE D 660 -12.01 30.82 19.78
N ILE D 661 -13.21 30.49 20.24
CA ILE D 661 -13.80 29.20 19.91
C ILE D 661 -13.96 29.09 18.40
N LEU D 662 -14.45 30.14 17.75
CA LEU D 662 -14.63 30.10 16.30
C LEU D 662 -13.33 29.82 15.57
N LEU D 663 -12.27 30.57 15.88
CA LEU D 663 -11.04 30.38 15.11
C LEU D 663 -10.31 29.09 15.46
N LEU D 664 -10.36 28.62 16.70
CA LEU D 664 -9.76 27.33 16.99
C LEU D 664 -10.51 26.21 16.28
N ALA D 665 -11.85 26.27 16.26
CA ALA D 665 -12.60 25.33 15.46
C ALA D 665 -12.19 25.41 14.01
N TYR D 666 -12.01 26.62 13.50
CA TYR D 666 -11.65 26.78 12.09
C TYR D 666 -10.30 26.16 11.80
N VAL D 667 -9.30 26.39 12.65
CA VAL D 667 -7.97 25.82 12.42
C VAL D 667 -8.04 24.31 12.44
N ILE D 668 -8.65 23.73 13.47
CA ILE D 668 -8.68 22.27 13.56
C ILE D 668 -9.45 21.69 12.38
N LEU D 669 -10.49 22.38 11.93
CA LEU D 669 -11.39 21.82 10.91
C LEU D 669 -10.78 21.92 9.52
N THR D 670 -10.05 22.99 9.24
CA THR D 670 -9.50 23.20 7.90
C THR D 670 -8.01 22.89 7.84
N TYR D 671 -7.22 23.44 8.76
CA TYR D 671 -5.78 23.26 8.68
C TYR D 671 -5.37 21.81 8.85
N ILE D 672 -6.00 21.10 9.78
CA ILE D 672 -5.62 19.74 10.13
C ILE D 672 -6.44 18.71 9.37
N LEU D 673 -7.76 18.85 9.40
CA LEU D 673 -8.63 17.86 8.81
C LEU D 673 -8.65 17.98 7.28
N LEU D 674 -9.01 19.17 6.78
CA LEU D 674 -9.24 19.34 5.35
C LEU D 674 -7.94 19.35 4.55
N LEU D 675 -6.93 20.08 5.01
CA LEU D 675 -5.69 20.17 4.24
C LEU D 675 -5.04 18.81 4.09
N ASN D 676 -5.00 18.03 5.16
CA ASN D 676 -4.43 16.69 5.07
C ASN D 676 -5.34 15.73 4.31
N MET D 677 -6.66 15.97 4.33
CA MET D 677 -7.53 15.21 3.45
C MET D 677 -7.15 15.41 2.00
N LEU D 678 -6.96 16.67 1.61
CA LEU D 678 -6.55 16.96 0.24
C LEU D 678 -5.18 16.39 -0.06
N ILE D 679 -4.26 16.47 0.89
CA ILE D 679 -2.91 15.98 0.66
C ILE D 679 -2.91 14.47 0.45
N ALA D 680 -3.71 13.74 1.23
CA ALA D 680 -3.81 12.30 1.01
C ALA D 680 -4.44 11.98 -0.34
N LEU D 681 -5.46 12.75 -0.74
CA LEU D 681 -6.08 12.51 -2.03
C LEU D 681 -5.10 12.74 -3.18
N MET D 682 -4.32 13.82 -3.12
CA MET D 682 -3.34 14.09 -4.16
C MET D 682 -2.22 13.07 -4.13
N GLY D 683 -1.84 12.58 -2.95
CA GLY D 683 -0.86 11.51 -2.90
C GLY D 683 -1.35 10.25 -3.58
N GLU D 684 -2.63 9.93 -3.40
CA GLU D 684 -3.21 8.80 -4.13
C GLU D 684 -3.14 9.03 -5.62
N THR D 685 -3.47 10.24 -6.08
CA THR D 685 -3.34 10.55 -7.51
C THR D 685 -1.93 10.31 -8.00
N VAL D 686 -0.94 10.82 -7.27
CA VAL D 686 0.45 10.71 -7.70
C VAL D 686 0.88 9.25 -7.75
N ASN D 687 0.46 8.50 -6.73
CA ASN D 687 0.76 7.08 -6.67
C ASN D 687 0.16 6.34 -7.86
N LYS D 688 -1.05 6.72 -8.23
CA LYS D 688 -1.76 6.06 -9.32
C LYS D 688 -1.10 6.33 -10.67
N ILE D 689 -0.72 7.57 -10.92
CA ILE D 689 -0.26 7.93 -12.26
C ILE D 689 1.26 7.96 -12.32
N ALA D 690 1.92 7.45 -11.27
CA ALA D 690 3.37 7.27 -11.30
C ALA D 690 3.79 5.83 -11.53
N GLN D 691 2.94 4.86 -11.22
CA GLN D 691 3.30 3.47 -11.44
C GLN D 691 3.40 3.16 -12.93
N GLU D 692 2.42 3.60 -13.71
CA GLU D 692 2.40 3.30 -15.16
C GLU D 692 2.95 4.49 -15.94
N SER D 693 4.25 4.70 -15.83
CA SER D 693 4.88 5.82 -16.51
C SER D 693 5.06 5.57 -18.01
N LYS D 694 5.41 4.34 -18.39
CA LYS D 694 5.68 4.07 -19.81
C LYS D 694 4.44 4.29 -20.66
N ASN D 695 3.29 3.79 -20.21
CA ASN D 695 2.05 4.00 -20.95
C ASN D 695 1.73 5.48 -21.03
N ILE D 696 1.89 6.21 -19.93
CA ILE D 696 1.60 7.64 -19.92
C ILE D 696 2.44 8.35 -20.95
N TRP D 697 3.72 7.97 -21.07
CA TRP D 697 4.62 8.66 -21.98
C TRP D 697 4.40 8.30 -23.44
N LYS D 698 4.10 7.04 -23.73
CA LYS D 698 4.10 6.59 -25.11
C LYS D 698 3.01 7.28 -25.92
N LEU D 699 1.83 7.48 -25.33
CA LEU D 699 0.75 8.13 -26.05
C LEU D 699 1.06 9.60 -26.32
N GLN D 700 1.70 10.28 -25.36
CA GLN D 700 2.10 11.66 -25.60
C GLN D 700 3.09 11.74 -26.75
N ARG D 701 4.04 10.79 -26.79
CA ARG D 701 4.97 10.75 -27.92
C ARG D 701 4.25 10.49 -29.23
N ALA D 702 3.23 9.63 -29.21
CA ALA D 702 2.48 9.33 -30.42
C ALA D 702 1.79 10.59 -30.95
N ILE D 703 1.15 11.33 -30.06
CA ILE D 703 0.46 12.56 -30.50
C ILE D 703 1.47 13.57 -31.02
N THR D 704 2.62 13.69 -30.34
CA THR D 704 3.65 14.60 -30.82
C THR D 704 4.10 14.23 -32.23
N ILE D 705 4.34 12.94 -32.47
CA ILE D 705 4.79 12.49 -33.78
C ILE D 705 3.75 12.79 -34.83
N LEU D 706 2.48 12.50 -34.53
CA LEU D 706 1.42 12.75 -35.50
C LEU D 706 1.33 14.23 -35.85
N ASP D 707 1.38 15.10 -34.83
CA ASP D 707 1.26 16.54 -35.10
C ASP D 707 2.46 17.06 -35.88
N THR D 708 3.67 16.63 -35.53
CA THR D 708 4.84 17.06 -36.29
C THR D 708 4.73 16.61 -37.74
N GLU D 709 4.28 15.37 -37.97
CA GLU D 709 4.14 14.88 -39.34
C GLU D 709 3.10 15.70 -40.09
N LYS D 710 1.99 16.03 -39.44
CA LYS D 710 0.91 16.78 -40.12
C LYS D 710 1.27 18.23 -40.36
N SER D 711 2.16 18.81 -39.56
CA SER D 711 2.43 20.24 -39.67
C SER D 711 3.00 20.61 -41.03
N PHE D 712 3.92 19.79 -41.56
CA PHE D 712 4.61 20.07 -42.81
C PHE D 712 4.35 18.93 -43.79
N LEU D 713 3.65 19.23 -44.87
CA LEU D 713 3.29 18.19 -45.84
C LEU D 713 4.54 17.60 -46.49
N LYS D 714 5.48 18.45 -46.91
CA LYS D 714 6.71 17.95 -47.51
C LYS D 714 7.47 17.08 -46.52
N CYS D 715 7.33 17.35 -45.22
CA CYS D 715 7.98 16.51 -44.22
C CYS D 715 7.51 15.07 -44.34
N MET D 716 6.20 14.87 -44.41
CA MET D 716 5.67 13.51 -44.59
C MET D 716 6.03 12.96 -45.96
N ARG D 717 6.00 13.81 -46.99
CA ARG D 717 6.27 13.33 -48.35
C ARG D 717 7.68 12.77 -48.46
N LYS D 718 8.67 13.46 -47.90
CA LYS D 718 10.06 13.02 -47.96
C LYS D 718 10.46 12.17 -46.76
N ALA D 719 9.56 11.97 -45.80
CA ALA D 719 9.88 11.12 -44.65
C ALA D 719 9.92 9.65 -45.03
N PHE D 720 9.20 9.27 -46.07
CA PHE D 720 9.12 7.88 -46.50
C PHE D 720 8.60 7.01 -45.36
N ARG D 721 7.36 7.29 -44.95
CA ARG D 721 6.80 6.64 -43.77
C ARG D 721 6.97 5.13 -43.87
N SER D 722 6.60 4.56 -45.00
CA SER D 722 6.75 3.12 -45.20
C SER D 722 8.21 2.76 -45.38
N GLY D 723 8.59 1.57 -44.91
CA GLY D 723 9.95 1.11 -45.09
C GLY D 723 10.32 0.92 -46.55
N LYS D 724 9.39 0.38 -47.34
CA LYS D 724 9.66 0.12 -48.75
C LYS D 724 8.33 0.02 -49.49
N LEU D 725 8.42 0.02 -50.82
CA LEU D 725 7.26 -0.16 -51.69
C LEU D 725 7.55 -1.34 -52.61
N LEU D 726 7.16 -2.54 -52.20
CA LEU D 726 7.52 -3.75 -52.91
C LEU D 726 6.28 -4.58 -53.18
N GLN D 727 6.37 -5.40 -54.22
CA GLN D 727 5.33 -6.38 -54.54
C GLN D 727 5.79 -7.74 -54.06
N VAL D 728 5.03 -8.34 -53.15
CA VAL D 728 5.44 -9.57 -52.48
C VAL D 728 4.53 -10.75 -52.79
N GLY D 729 3.42 -10.55 -53.49
CA GLY D 729 2.53 -11.63 -53.83
C GLY D 729 1.77 -11.34 -55.10
N PHE D 730 1.05 -12.35 -55.57
CA PHE D 730 0.25 -12.27 -56.79
C PHE D 730 -1.22 -12.41 -56.43
N THR D 731 -2.05 -11.52 -56.95
CA THR D 731 -3.48 -11.54 -56.67
C THR D 731 -4.16 -12.69 -57.39
N PRO D 732 -5.33 -13.11 -56.91
CA PRO D 732 -6.09 -14.14 -57.66
C PRO D 732 -6.44 -13.71 -59.07
N ASP D 733 -6.60 -12.41 -59.30
CA ASP D 733 -6.90 -11.91 -60.64
C ASP D 733 -5.73 -12.04 -61.60
N GLY D 734 -4.54 -12.39 -61.11
CA GLY D 734 -3.38 -12.59 -61.96
C GLY D 734 -2.53 -11.36 -62.17
N LYS D 735 -2.93 -10.20 -61.65
CA LYS D 735 -2.15 -8.98 -61.77
C LYS D 735 -1.30 -8.78 -60.53
N ASP D 736 -0.01 -8.53 -60.73
CA ASP D 736 0.89 -8.34 -59.60
C ASP D 736 0.47 -7.12 -58.79
N ASP D 737 0.49 -7.27 -57.46
CA ASP D 737 0.10 -6.23 -56.54
C ASP D 737 1.35 -5.66 -55.87
N TYR D 738 1.49 -4.34 -55.92
CA TYR D 738 2.59 -3.63 -55.28
C TYR D 738 2.06 -2.91 -54.04
N ARG D 739 2.67 -3.19 -52.89
CA ARG D 739 2.20 -2.65 -51.62
C ARG D 739 3.39 -2.19 -50.80
N TRP D 740 3.12 -1.27 -49.88
CA TRP D 740 4.15 -0.81 -48.96
C TRP D 740 4.46 -1.89 -47.94
N CYS D 741 5.59 -1.74 -47.26
CA CYS D 741 6.04 -2.75 -46.32
C CYS D 741 6.98 -2.11 -45.32
N PHE D 742 7.17 -2.79 -44.19
CA PHE D 742 7.99 -2.27 -43.11
C PHE D 742 8.58 -3.48 -42.37
N ARG D 743 9.82 -3.83 -42.69
CA ARG D 743 10.43 -5.02 -42.12
C ARG D 743 10.66 -4.85 -40.62
N VAL D 744 10.41 -5.91 -39.87
CA VAL D 744 10.62 -5.92 -38.42
C VAL D 744 11.26 -7.25 -38.05
N ASP D 745 11.75 -7.33 -36.81
CA ASP D 745 12.34 -8.56 -36.30
C ASP D 745 11.96 -8.73 -34.83
N GLU D 746 12.02 -9.99 -34.37
CA GLU D 746 11.66 -10.31 -33.01
C GLU D 746 12.42 -11.54 -32.56
N VAL D 747 12.49 -11.73 -31.24
CA VAL D 747 13.25 -12.82 -30.64
C VAL D 747 12.31 -13.63 -29.74
N ASN D 748 12.20 -14.92 -30.01
CA ASN D 748 11.45 -15.84 -29.14
C ASN D 748 12.01 -17.25 -29.39
N TRP D 749 12.84 -17.72 -28.45
CA TRP D 749 13.46 -19.03 -28.56
C TRP D 749 12.91 -20.05 -27.57
N THR D 750 12.06 -19.63 -26.63
CA THR D 750 11.48 -20.59 -25.69
C THR D 750 10.58 -21.60 -26.39
N THR D 751 10.07 -21.27 -27.58
CA THR D 751 9.23 -22.19 -28.34
C THR D 751 10.03 -23.15 -29.22
N TRP D 752 11.35 -22.96 -29.31
CA TRP D 752 12.17 -23.81 -30.16
C TRP D 752 11.66 -23.84 -31.59
CBT 6EU E . 30.54 10.19 1.91
OAH 6EU E . 29.66 9.08 1.75
CBQ 6EU E . 28.28 9.29 1.93
CBO 6EU E . 27.73 10.50 2.33
CBS 6EU E . 27.42 8.22 1.69
OAI 6EU E . 27.97 7.00 1.27
CBR 6EU E . 26.04 8.33 1.82
CBP 6EU E . 25.49 9.55 2.24
CBN 6EU E . 26.35 10.62 2.48
CBM 6EU E . 25.79 11.98 2.92
CBK 6EU E . 25.22 12.80 1.75
OAG 6EU E . 24.42 12.31 1.02
OAF 6EU E . 25.64 14.14 1.57
CBC 6EU E . 24.60 15.09 1.74
CAX 6EU E . 25.14 16.42 1.18
CAS 6EU E . 25.12 16.55 -0.41
CAK 6EU E . 26.50 16.91 -1.27
CAU 6EU E . 26.35 16.95 1.96
CAR 6EU E . 27.20 17.97 1.28
OAD 6EU E . 28.33 17.31 0.74
CAZ 6EU E . 27.65 18.88 2.44
OAE 6EU E . 28.03 18.48 3.49
CBA 6EU E . 27.46 20.30 2.01
CBF 6EU E . 27.89 21.57 2.79
CAW 6EU E . 27.21 20.24 0.52
CAO 6EU E . 26.56 18.87 0.27
CAJ 6EU E . 26.80 18.37 -1.24
OAA 6EU E . 25.69 18.93 -2.21
CAN 6EU E . 28.17 18.72 -1.81
CAT 6EU E . 28.15 20.06 -2.52
CAP 6EU E . 28.65 17.65 -2.92
CAM 6EU E . 27.33 16.97 -3.69
CAV 6EU E . 27.77 16.00 -4.70
CBB 6EU E . 29.00 15.66 -5.11
CBD 6EU E . 26.37 15.48 -5.16
OAC 6EU E . 26.64 18.01 -4.25
CAL 6EU E . 26.27 16.38 -2.59
OAB 6EU E . 25.16 16.85 -2.99
CAQ 6EU E . 25.41 18.10 -3.42
CAY 6EU E . 24.24 18.67 -4.23
CBE 6EU E . 23.07 18.97 -3.26
CBG 6EU E . 22.05 18.05 -3.12
CBI 6EU E . 20.99 18.30 -2.25
CBL 6EU E . 20.97 19.48 -1.51
CBJ 6EU E . 22.01 20.40 -1.64
CBH 6EU E . 23.06 20.15 -2.52
H1 6EU E . 30.19 10.85 2.48
H2 6EU E . 31.34 9.89 2.28
H3 6EU E . 30.71 10.57 1.07
HBS 6EU E . 28.28 11.23 2.50
HAI 6EU E . 28.40 6.67 1.89
HBU 6EU E . 25.49 7.60 1.65
HBT 6EU E . 24.57 9.64 2.34
H4 6EU E . 25.11 11.84 3.58
H5 6EU E . 26.50 12.47 3.30
H6 6EU E . 23.83 14.84 1.26
H7 6EU E . 24.41 15.18 2.66
H8 6EU E . 24.34 16.36 -0.88
H9 6EU E . 27.21 16.43 -0.91
H10 6EU E . 26.88 16.21 2.20
H11 6EU E . 26.03 17.36 2.73
HAD 6EU E . 28.81 17.03 1.36
H12 6EU E . 27.73 21.43 3.71
H13 6EU E . 28.80 21.73 2.65
H14 6EU E . 27.38 22.30 2.50
H15 6EU E . 27.12 20.97 -0.05
H16 6EU E . 25.63 18.96 0.43
H17 6EU E . 28.82 18.74 -1.13
H18 6EU E . 27.42 20.57 -2.23
H19 6EU E . 28.10 19.92 -3.45
H20 6EU E . 28.94 20.51 -2.31
H21 6EU E . 29.15 16.99 -2.49
H22 6EU E . 29.16 18.08 -3.58
H24 6EU E . 29.84 15.97 -4.84
H25 6EU E . 29.32 15.06 -5.74
H27 6EU E . 26.08 14.81 -4.57
H28 6EU E . 26.43 15.10 -6.01
H29 6EU E . 25.75 16.17 -5.19
H30 6EU E . 26.27 15.44 -2.56
H31 6EU E . 24.50 19.45 -4.68
H32 6EU E . 23.97 18.03 -4.87
HBL 6EU E . 22.06 17.26 -3.62
HBN 6EU E . 20.31 17.68 -2.17
HBP 6EU E . 20.27 19.64 -0.92
HBO 6EU E . 22.00 21.18 -1.15
HBM 6EU E . 23.75 20.77 -2.61
C1 PCW F . 41.68 6.01 7.43
C2 PCW F . 42.94 6.85 7.49
C3 PCW F . 42.59 8.32 7.24
C4 PCW F . 38.50 5.54 3.41
C5 PCW F . 37.74 6.56 2.56
C6 PCW F . 36.30 4.75 1.86
C7 PCW F . 36.27 6.84 0.69
C8 PCW F . 38.17 5.38 0.50
C11 PCW F . 41.97 10.42 8.43
C12 PCW F . 42.80 11.55 9.00
C13 PCW F . 44.06 11.72 8.16
C14 PCW F . 45.05 10.60 8.45
C15 PCW F . 45.64 10.76 9.86
C16 PCW F . 46.32 12.11 9.99
C17 PCW F . 46.61 12.43 11.46
C18 PCW F . 45.32 12.46 12.27
C19 PCW F . 45.60 12.90 13.68
C31 PCW F . 44.84 6.00 8.70
C32 PCW F . 45.66 5.81 9.95
C33 PCW F . 47.07 5.35 9.59
C34 PCW F . 47.96 5.32 10.84
C35 PCW F . 48.01 6.69 11.51
N PCW F . 37.12 5.88 1.40
O2 PCW F . 43.57 6.68 8.78
O3 PCW F . 42.49 9.06 8.45
O11 PCW F . 40.86 10.62 7.96
O31 PCW F . 45.25 5.58 7.63
O1P PCW F . 38.63 5.51 6.79
O2P PCW F . 40.24 4.09 5.32
O3P PCW F . 40.96 6.33 6.25
O4P PCW F . 39.20 6.23 4.45
P PCW F . 39.71 5.43 5.76
H11 PCW F . 41.06 6.20 8.31
H12 PCW F . 41.93 4.94 7.43
H2 PCW F . 43.63 6.51 6.71
H31 PCW F . 41.64 8.37 6.70
H32 PCW F . 43.36 8.77 6.60
H41 PCW F . 39.21 4.99 2.78
H42 PCW F . 37.80 4.83 3.84
H51 PCW F . 38.43 7.33 2.20
H52 PCW F . 36.96 7.03 3.15
H61 PCW F . 35.57 5.11 2.56
H62 PCW F . 36.91 4.04 2.34
H63 PCW F . 35.81 4.31 1.04
H71 PCW F . 36.86 7.66 0.38
H72 PCW F . 35.50 7.17 1.32
H73 PCW F . 35.85 6.37 -0.17
H81 PCW F . 38.70 4.59 0.98
H82 PCW F . 38.83 6.17 0.26
H83 PCW F . 37.72 5.02 -0.39
H121 PCW F . 43.06 11.33 10.03
H122 PCW F . 42.22 12.47 8.98
H131 PCW F . 44.52 12.68 8.39
H132 PCW F . 43.80 11.70 7.10
H141 PCW F . 45.86 10.62 7.71
H142 PCW F . 44.55 9.63 8.38
H151 PCW F . 46.36 9.96 10.04
H152 PCW F . 44.84 10.67 10.59
H161 PCW F . 45.69 12.89 9.57
H162 PCW F . 47.26 12.10 9.44
H171 PCW F . 47.09 13.40 11.53
H172 PCW F . 47.28 11.68 11.87
H181 PCW F . 44.86 11.47 12.28
H182 PCW F . 44.60 13.14 11.80
H321 PCW F . 45.18 5.08 10.60
H322 PCW F . 45.71 6.76 10.50
H331 PCW F . 47.50 6.03 8.86
H332 PCW F . 47.03 4.35 9.16
H341 PCW F . 48.97 5.02 10.56
H342 PCW F . 47.57 4.58 11.54
C1 LBN G . 18.72 51.10 -20.79
N1 LBN G . 15.85 48.20 -14.84
P1 LBN G . 17.85 50.20 -18.36
C2 LBN G . 19.29 49.64 -20.96
C3 LBN G . 19.53 49.35 -22.46
C4 LBN G . 17.26 39.38 -30.55
C5 LBN G . 19.00 39.65 -24.10
C6 LBN G . 15.86 49.10 -16.12
O1 LBN G . 18.43 51.35 -19.45
C8 LBN G . 19.32 38.21 -24.32
C9 LBN G . 16.65 50.46 -15.94
O2 LBN G . 16.78 51.01 -17.18
C11 LBN G . 18.65 37.53 -25.55
C12 LBN G . 15.08 48.88 -13.71
O3 LBN G . 18.96 49.81 -17.45
C14 LBN G . 19.60 36.89 -26.57
C15 LBN G . 17.27 47.90 -14.36
O4 LBN G . 16.88 49.33 -19.06
C17 LBN G . 18.89 35.95 -27.58
C18 LBN G . 15.17 46.88 -15.15
C25 LBN G . 18.22 47.54 -23.37
O5 LBN G . 19.34 47.96 -22.71
C26 LBN G . 18.34 46.18 -24.03
O6 LBN G . 17.23 48.24 -23.41
C27 LBN G . 17.14 45.24 -23.79
C28 LBN G . 16.62 44.52 -25.04
C29 LBN G . 16.81 42.97 -25.12
C30 LBN G . 16.14 42.26 -26.31
C31 LBN G . 16.95 41.16 -27.04
C32 LBN G . 16.41 40.67 -28.42
C33 LBN G . 17.48 40.54 -29.54
C34 LBN G . 20.96 48.40 -19.69
O7 LBN G . 20.58 49.54 -20.36
C35 LBN G . 22.05 47.60 -20.39
O8 LBN G . 20.42 48.11 -18.64
C36 LBN G . 22.21 46.12 -19.92
C37 LBN G . 21.55 45.06 -20.84
C38 LBN G . 21.88 43.58 -20.52
C39 LBN G . 20.74 42.59 -20.88
C40 LBN G . 21.21 41.27 -21.53
C41 LBN G . 20.10 40.22 -21.83
C42 LBN G . 19.32 40.47 -23.09
H1 LBN G . 17.91 51.20 -21.32
H2 LBN G . 19.34 51.76 -21.13
H3 LBN G . 18.66 49.00 -20.59
H4 LBN G . 20.45 49.54 -22.72
H5 LBN G . 18.98 49.93 -23.01
H6 LBN G . 16.55 39.59 -31.17
H7 LBN G . 18.06 39.32 -31.11
H8 LBN G . 18.51 40.02 -24.79
H9 LBN G . 14.94 49.29 -16.37
H10 LBN G . 16.23 48.58 -16.85
H13 LBN G . 20.28 38.12 -24.38
H14 LBN G . 19.08 37.71 -23.52
H15 LBN G . 16.17 51.03 -15.32
H16 LBN G . 17.51 50.28 -15.53
H19 LBN G . 18.11 38.20 -26.00
H20 LBN G . 15.61 49.55 -13.25
H21 LBN G . 14.78 48.24 -13.04
H22 LBN G . 14.28 49.33 -14.05
H25 LBN G . 20.08 37.59 -27.05
H26 LBN G . 17.85 47.66 -15.12
H27 LBN G . 17.68 48.64 -13.91
H28 LBN G . 17.30 47.14 -13.76
H33 LBN G . 19.55 35.52 -28.15
H34 LBN G . 15.62 46.40 -15.86
H35 LBN G . 15.15 46.30 -14.38
H36 LBN G . 14.26 47.02 -15.45
H51 LBN G . 18.46 46.38 -24.97
H52 LBN G . 19.17 45.74 -23.76
H53 LBN G . 17.37 44.61 -23.08
H54 LBN G . 16.41 45.76 -23.41
H55 LBN G . 15.68 44.73 -25.15
H56 LBN G . 17.01 44.90 -25.84
H57 LBN G . 17.77 42.80 -25.13
H58 LBN G . 16.52 42.56 -24.29
H59 LBN G . 15.90 42.93 -26.97
H60 LBN G . 15.28 41.92 -26.02
H61 LBN G . 17.07 40.40 -26.46
H62 LBN G . 17.85 41.51 -27.16
H63 LBN G . 15.72 41.28 -28.73
H64 LBN G . 15.95 39.84 -28.27
H65 LBN G . 17.53 41.38 -30.02
H66 LBN G . 18.36 40.45 -29.15
H67 LBN G . 21.87 47.66 -21.33
H68 LBN G . 22.90 48.06 -20.28
H69 LBN G . 21.85 46.03 -19.02
H70 LBN G . 23.15 45.94 -19.82
H71 LBN G . 20.59 45.17 -20.78
H72 LBN G . 21.76 45.22 -21.76
H73 LBN G . 22.09 43.49 -19.58
H74 LBN G . 22.71 43.33 -20.96
H75 LBN G . 20.10 43.02 -21.47
H76 LBN G . 21.85 40.85 -20.93
H77 LBN G . 19.48 40.16 -21.10
H78 LBN G . 20.50 39.34 -21.88
H79 LBN G . 19.02 41.34 -23.16
H80 LBN G . 17.99 36.88 -25.26
H81 LBN G . 20.29 36.38 -26.12
H82 LBN G . 20.24 42.39 -20.08
H83 LBN G . 21.73 41.44 -22.32
H482 LBN G . 18.46 35.22 -27.12
C11 6OU H . 21.99 18.37 -12.92
C12 6OU H . 22.36 17.32 -14.03
C13 6OU H . 21.22 16.41 -14.54
C14 6OU H . 21.64 15.32 -15.59
C15 6OU H . 20.74 14.05 -15.63
C16 6OU H . 21.13 13.04 -16.75
O17 6OU H . 21.74 13.34 -17.73
O18 6OU H . 20.75 11.74 -16.54
C19 6OU H . 21.79 10.74 -16.57
C20 6OU H . 21.47 9.48 -15.70
C21 6OU H . 20.02 8.90 -16.00
O30 6OU H . 21.58 9.84 -14.31
C31 6OU H . 22.84 10.00 -13.75
O32 6OU H . 23.80 10.13 -14.44
C33 6OU H . 22.93 9.99 -12.19
C34 6OU H . 23.37 11.37 -11.57
C35 6OU H . 22.69 12.65 -12.15
C36 6OU H . 22.48 13.82 -11.15
C37 6OU H . 23.70 14.34 -10.37
C38 6OU H . 23.64 15.82 -9.89
C39 6OU H . 22.73 16.09 -8.69
C40 6OU H . 23.14 17.24 -7.81
C41 6OU H . 22.31 18.08 -7.15
C42 6OU H . 20.82 18.01 -7.15
H23 6OU H . 22.65 18.30 -12.20
H24 6OU H . 22.75 17.77 -14.78
H25 6OU H . 23.08 16.76 -13.69
H26 6OU H . 20.53 16.97 -14.94
H27 6OU H . 20.76 16.00 -13.79
H28 6OU H . 21.67 15.72 -16.47
H29 6OU H . 22.56 15.05 -15.43
H30 6OU H . 20.67 13.63 -14.77
H31 6OU H . 19.84 14.31 -15.86
H32 6OU H . 22.01 10.45 -17.47
H33 6OU H . 22.60 11.14 -16.23
H34 6OU H . 22.10 8.78 -15.95
H35 6OU H . 19.91 8.77 -16.95
H36 6OU H . 19.93 8.04 -15.57
H45 6OU H . 23.48 9.27 -11.87
H46 6OU H . 22.03 9.79 -11.89
H47 6OU H . 24.32 11.45 -11.70
H48 6OU H . 23.22 11.34 -10.61
H49 6OU H . 21.83 12.41 -12.52
H50 6OU H . 23.20 12.97 -12.91
H51 6OU H . 21.80 13.58 -10.50
H52 6OU H . 22.10 14.57 -11.62
H53 6OU H . 23.89 13.77 -9.60
H54 6OU H . 24.50 14.23 -10.92
H55 6OU H . 24.53 16.13 -9.70
H56 6OU H . 23.33 16.34 -10.65
H57 6OU H . 22.61 15.27 -8.18
H58 6OU H . 21.83 16.25 -9.05
H59 6OU H . 24.05 17.38 -7.75
H60 6OU H . 22.69 18.76 -6.65
H62 6OU H . 20.58 17.14 -6.79
H422 6OU H . 20.52 17.98 -8.07
C1 LBN I . 43.37 31.51 22.81
N1 LBN I . 36.68 32.27 20.24
P1 LBN I . 40.79 32.02 22.10
C2 LBN I . 42.84 30.07 23.18
C3 LBN I . 44.02 29.07 23.21
C4 LBN I . 46.23 16.98 18.85
C5 LBN I . 40.76 19.98 21.28
C6 LBN I . 38.24 32.44 20.23
O1 LBN I . 42.31 32.41 22.71
C8 LBN I . 40.28 18.57 21.38
C9 LBN I . 38.75 33.57 21.20
O2 LBN I . 40.11 33.45 21.27
C11 LBN I . 41.01 17.52 20.51
C12 LBN I . 35.99 33.51 19.68
O3 LBN I . 39.84 31.93 23.24
C14 LBN I . 41.63 16.33 21.25
C15 LBN I . 36.16 31.99 21.65
O4 LBN I . 40.95 31.09 20.95
C17 LBN I . 42.03 15.15 20.33
C18 LBN I . 36.30 31.09 19.37
C25 LBN I . 43.91 27.29 21.60
O5 LBN I . 43.56 27.78 22.82
C26 LBN I . 43.83 25.78 21.46
O6 LBN I . 44.25 28.04 20.70
C27 LBN I . 43.13 25.28 20.19
C28 LBN I . 43.87 24.14 19.45
C29 LBN I . 43.19 22.73 19.44
C30 LBN I . 43.88 21.67 18.56
C31 LBN I . 44.01 20.23 19.14
C32 LBN I . 44.96 19.25 18.40
C33 LBN I . 45.91 18.43 19.31
C34 LBN I . 41.18 29.32 24.79
O7 LBN I . 42.30 30.05 24.50
C35 LBN I . 41.44 28.12 25.70
O8 LBN I . 40.11 29.65 24.33
C36 LBN I . 40.33 27.04 25.71
C37 LBN I . 40.59 25.79 24.83
C38 LBN I . 39.61 24.60 25.00
C39 LBN I . 39.43 23.75 23.71
C40 LBN I . 39.36 22.23 23.93
C41 LBN I . 39.10 21.36 22.67
C42 LBN I . 40.29 21.11 21.80
H1 LBN I . 43.87 31.48 21.97
H2 LBN I . 44.01 31.83 23.48
H3 LBN I . 42.19 29.79 22.50
H4 LBN I . 44.37 28.96 24.12
H5 LBN I . 44.77 29.40 22.69
H6 LBN I . 46.86 17.00 18.11
H7 LBN I . 46.72 16.54 19.56
H8 LBN I . 41.54 20.06 20.76
H9 LBN I . 38.51 32.63 19.32
H10 LBN I . 38.63 31.59 20.45
H13 LBN I . 40.32 18.32 22.32
H14 LBN I . 39.33 18.55 21.17
H15 LBN I . 38.48 34.44 20.86
H16 LBN I . 38.33 33.48 22.07
H19 LBN I . 41.71 17.97 20.02
H20 LBN I . 35.93 34.23 20.34
H21 LBN I . 35.09 33.32 19.39
H22 LBN I . 36.48 33.87 18.93
H25 LBN I . 42.39 16.62 21.77
H26 LBN I . 36.73 31.35 22.11
H27 LBN I . 36.13 32.79 22.19
H28 LBN I . 35.26 31.62 21.65
H33 LBN I . 42.34 14.41 20.87
H34 LBN I . 36.70 30.26 19.68
H35 LBN I . 35.34 30.95 19.35
H36 LBN I . 36.60 31.22 18.45
H51 LBN I . 44.75 25.49 21.50
H52 LBN I . 43.41 25.39 22.25
H53 LBN I . 42.22 25.03 20.41
H54 LBN I . 43.02 26.03 19.58
H55 LBN I . 44.03 24.43 18.54
H56 LBN I . 44.77 24.04 19.80
H57 LBN I . 43.15 22.42 20.36
H58 LBN I . 42.26 22.81 19.18
H59 LBN I . 44.77 21.98 18.34
H60 LBN I . 43.44 21.64 17.69
H61 LBN I . 43.14 19.83 19.22
H62 LBN I . 44.31 20.32 20.06
H63 LBN I . 45.51 19.75 17.76
H64 LBN I . 44.41 18.67 17.85
H65 LBN I . 46.74 18.93 19.41
H66 LBN I . 45.57 18.39 20.21
H67 LBN I . 42.29 27.76 25.43
H68 LBN I . 41.59 28.44 26.60
H69 LBN I . 39.48 27.43 25.44
H70 LBN I . 40.17 26.77 26.63
H71 LBN I . 40.57 26.07 23.90
H72 LBN I . 41.49 25.45 24.96
H73 LBN I . 38.74 24.94 25.29
H74 LBN I . 39.91 24.04 25.74
H75 LBN I . 40.13 23.96 23.07
H76 LBN I . 38.66 22.04 24.58
H77 LBN I . 38.40 21.75 22.12
H78 LBN I . 38.73 20.51 22.94
H79 LBN I . 40.76 21.89 21.61
H80 LBN I . 40.43 17.19 19.80
H81 LBN I . 41.00 15.99 21.92
H82 LBN I . 38.61 24.04 23.27
H83 LBN I . 40.16 21.93 24.39
H482 LBN I . 41.26 14.80 19.86
C06 6OU J . -5.70 31.40 -7.44
C07 6OU J . -6.43 32.33 -6.42
C08 6OU J . -6.52 33.85 -6.78
C09 6OU J . -7.80 34.60 -6.30
C10 6OU J . -7.59 36.02 -5.72
C11 6OU J . -8.75 37.05 -5.87
C12 6OU J . -8.66 38.31 -4.96
C13 6OU J . -8.22 39.64 -5.62
C14 6OU J . -8.76 40.93 -4.96
C15 6OU J . -7.73 42.09 -4.81
C16 6OU J . -8.22 43.25 -3.93
O17 6OU J . -9.31 43.75 -4.03
O18 6OU J . -7.33 43.70 -2.98
C19 6OU J . -7.88 44.38 -1.85
C20 6OU J . -7.06 44.17 -0.53
C21 6OU J . -5.88 45.22 -0.38
O22 6OU J . -6.32 46.50 -0.64
P23 6OU J . -7.67 47.16 0.29
O24 6OU J . -7.70 46.41 1.57
O25 6OU J . -8.81 47.25 -0.66
O26 6OU J . -7.22 48.78 0.67
O30 6OU J . -6.51 42.82 -0.55
C31 6OU J . -7.37 41.74 -0.38
O32 6OU J . -8.53 41.83 -0.61
C33 6OU J . -6.73 40.42 0.11
C34 6OU J . -7.13 39.17 -0.73
C35 6OU J . -8.67 38.91 -0.95
C36 6OU J . -9.08 37.45 -1.34
C37 6OU J . -8.32 36.28 -0.65
C38 6OU J . -9.03 34.90 -0.61
C39 6OU J . -8.26 33.75 -1.29
C40 6OU J . -8.91 32.40 -1.22
H12 6OU J . -5.78 31.77 -8.33
H13 6OU J . -4.74 31.45 -7.28
H14 6OU J . -7.33 32.00 -6.29
H15 6OU J . -6.01 32.26 -5.55
H16 6OU J . -5.74 34.29 -6.42
H17 6OU J . -6.41 33.95 -7.74
H18 6OU J . -8.28 34.06 -5.65
H19 6OU J . -8.42 34.67 -7.04
H20 6OU J . -6.79 36.40 -6.12
H21 6OU J . -7.35 35.94 -4.77
H22 6OU J . -9.59 36.58 -5.72
H23 6OU J . -8.82 37.33 -6.79
H24 6OU J . -9.52 38.45 -4.53
H25 6OU J . -8.06 38.12 -4.22
H26 6OU J . -8.48 39.62 -6.55
H27 6OU J . -7.25 39.66 -5.67
H28 6OU J . -9.52 41.25 -5.46
H29 6OU J . -9.12 40.73 -4.08
H30 6OU J . -6.86 41.77 -4.55
H31 6OU J . -7.60 42.49 -5.69
H32 6OU J . -8.00 45.33 -1.98
H33 6OU J . -8.77 44.02 -1.68
H34 6OU J . -7.66 44.30 0.22
H35 6OU J . -5.17 44.99 -1.00
H36 6OU J . -5.51 45.14 0.51
H45 6OU J . -6.88 40.27 1.06
H46 6OU J . -5.78 40.56 0.02
H47 6OU J . -6.76 38.39 -0.28
H48 6OU J . -6.70 39.20 -1.60
H49 6OU J . -9.15 39.17 -0.15
H50 6OU J . -9.00 39.53 -1.62
H51 6OU J . -9.00 37.33 -2.30
H52 6OU J . -10.03 37.34 -1.16
H53 6OU J . -7.44 36.18 -1.05
H54 6OU J . -8.11 36.53 0.27
H55 6OU J . -9.22 34.65 0.30
H56 6OU J . -9.89 35.01 -1.05
H57 6OU J . -8.03 34.01 -2.20
H58 6OU J . -7.39 33.72 -0.87
H401 6OU J . -9.20 32.14 -0.38
CBT 6EU K . -25.26 18.39 7.98
OAH 6EU K . -24.81 17.20 7.35
CBQ 6EU K . -23.41 17.00 7.17
CBO 6EU K . -22.46 17.95 7.52
CBS 6EU K . -22.97 15.80 6.64
OAI 6EU K . -23.92 14.83 6.30
CBR 6EU K . -21.62 15.53 6.43
CBP 6EU K . -20.68 16.50 6.78
CBN 6EU K . -21.11 17.70 7.32
CBM 6EU K . -20.10 18.78 7.71
CBK 6EU K . -19.42 18.51 9.08
OAG 6EU K . -18.91 17.46 9.27
OAF 6EU K . -19.42 19.51 10.07
CBC 6EU K . -18.12 19.98 10.39
CAX 6EU K . -18.27 20.79 11.68
CAS 6EU K . -18.37 19.94 13.03
CAK 6EU K . -19.66 20.13 14.07
CAU 6EU K . -19.14 22.04 11.52
CAR 6EU K . -19.71 22.66 12.77
OAD 6EU K . -21.02 22.21 12.92
CAZ 6EU K . -19.70 24.17 12.44
OAE 6EU K . -20.07 24.62 11.41
CBA 6EU K . -19.12 24.89 13.61
CBF 6EU K . -19.03 26.42 13.79
CAW 6EU K . -19.07 23.86 14.73
CAO 6EU K . -18.92 22.51 14.03
CAJ 6EU K . -19.48 21.31 14.96
OAA 6EU K . -18.35 20.80 15.94
CAN 6EU K . -20.70 21.66 15.77
CAT 6EU K . -20.34 22.22 17.14
CAP 6EU K . -21.62 20.36 16.07
CAM 6EU K . -20.68 18.98 16.13
CAV 6EU K . -21.51 17.80 16.39
CBB 6EU K . -22.82 17.71 16.65
CBD 6EU K . -20.41 16.70 16.29
OAC 6EU K . -19.77 19.20 17.12
CAL 6EU K . -19.75 18.87 14.77
OAB 6EU K . -18.60 18.62 15.26
CAQ 6EU K . -18.47 19.36 16.37
CAY 6EU K . -17.29 18.93 17.23
CBE 6EU K . -15.99 19.36 16.52
CBG 6EU K . -15.30 18.43 15.74
CBI 6EU K . -14.13 18.80 15.08
CBL 6EU K . -13.65 20.11 15.19
CBJ 6EU K . -14.35 21.03 15.97
CBH 6EU K . -15.52 20.67 16.63
H1 6EU K . -24.65 19.09 7.88
H2 6EU K . -26.07 18.64 7.59
H3 6EU K . -25.38 18.20 8.89
HBS 6EU K . -22.73 18.78 7.88
HAI 6EU K . -24.37 15.11 5.65
HBU 6EU K . -21.36 14.71 6.06
HBT 6EU K . -19.77 16.33 6.65
H4 6EU K . -19.44 18.85 7.04
H5 6EU K . -20.56 19.60 7.78
H6 6EU K . -17.53 19.27 10.54
H7 6EU K . -17.81 20.54 9.69
H8 6EU K . -17.76 19.27 13.20
H9 6EU K . -20.44 20.22 13.58
H10 6EU K . -19.85 21.81 10.95
H11 6EU K . -18.63 22.71 11.12
HAD 6EU K . -21.50 22.52 12.32
H12 6EU K . -18.82 26.82 12.96
H13 6EU K . -19.86 26.75 14.10
H14 6EU K . -18.35 26.63 14.42
H15 6EU K . -18.81 24.02 15.61
H16 6EU K . -18.00 22.37 13.86
H17 6EU K . -21.23 22.30 15.32
H18 6EU K . -19.46 22.53 17.13
H19 6EU K . -20.44 21.55 17.78
H20 6EU K . -20.92 22.93 17.33
H21 6EU K . -22.26 20.29 15.39
H22 6EU K . -22.03 20.45 16.90
H24 6EU K . -23.49 18.36 16.72
H25 6EU K . -23.39 16.99 16.83
H27 6EU K . -20.28 16.48 15.39
H28 6EU K . -20.70 15.94 16.75
H29 6EU K . -19.61 16.99 16.67
H30 6EU K . -20.05 18.19 14.19
H31 6EU K . -17.33 19.33 18.09
H32 6EU K . -17.30 17.99 17.32
HBL 6EU K . -15.62 17.57 15.67
HBN 6EU K . -13.67 18.18 14.56
HBP 6EU K . -12.88 20.35 14.75
HBO 6EU K . -14.04 21.90 16.04
HBM 6EU K . -15.98 21.28 17.13
C1 PCW L . -36.47 22.16 2.33
C2 PCW L . -37.39 23.22 2.92
C3 PCW L . -36.61 24.04 3.96
C4 PCW L . -34.07 18.40 4.90
C5 PCW L . -33.13 18.39 6.09
C6 PCW L . -32.41 16.20 5.40
C7 PCW L . -31.86 17.01 7.58
C8 PCW L . -34.12 16.44 7.06
C11 PCW L . -35.22 26.10 4.21
C12 PCW L . -35.58 27.53 4.53
C13 PCW L . -36.81 27.56 5.43
C14 PCW L . -38.07 27.22 4.64
C15 PCW L . -38.42 28.37 3.69
C16 PCW L . -38.62 29.66 4.45
C17 PCW L . -38.61 30.87 3.52
C18 PCW L . -37.30 30.96 2.75
C19 PCW L . -37.28 32.23 1.93
C31 PCW L . -39.32 23.93 1.67
C32 PCW L . -40.01 24.80 0.65
C33 PCW L . -41.52 24.70 0.81
C34 PCW L . -42.23 25.70 -0.09
C35 PCW L . -41.76 27.13 0.19
N PCW L . -32.88 17.00 6.53
O2 PCW L . -37.89 24.06 1.88
O3 PCW L . -36.15 25.28 3.44
O11 PCW L . -34.17 25.62 4.58
O31 PCW L . -39.95 23.11 2.31
O1P PCW L . -33.83 20.45 2.19
O2P PCW L . -35.97 19.04 2.69
O3P PCW L . -35.81 21.46 3.38
O4P PCW L . -34.40 19.75 4.56
P PCW L . -34.99 20.11 3.10
H11 PCW L . -35.73 22.64 1.68
H12 PCW L . -37.06 21.46 1.72
H2 PCW L . -38.22 22.72 3.42
H31 PCW L . -35.76 23.45 4.32
H32 PCW L . -37.26 24.23 4.83
H41 PCW L . -34.98 17.85 5.14
H42 PCW L . -33.60 17.91 4.03
H51 PCW L . -33.56 18.96 6.91
H52 PCW L . -32.18 18.86 5.81
H61 PCW L . -31.54 16.64 4.98
H62 PCW L . -33.17 16.14 4.66
H63 PCW L . -32.18 15.22 5.73
H71 PCW L . -32.18 17.62 8.38
H72 PCW L . -30.95 17.39 7.19
H73 PCW L . -31.70 16.02 7.93
H81 PCW L . -34.82 16.31 6.27
H82 PCW L . -34.53 17.09 7.79
H83 PCW L . -33.92 15.49 7.51
H121 PCW L . -35.78 28.08 3.61
H122 PCW L . -34.74 28.02 5.03
H131 PCW L . -36.91 28.55 5.88
H132 PCW L . -36.68 26.83 6.23
H141 PCW L . -38.90 27.05 5.32
H142 PCW L . -37.92 26.31 4.07
H151 PCW L . -39.34 28.12 3.14
H152 PCW L . -37.62 28.49 2.95
H161 PCW L . -37.81 29.78 5.19
H162 PCW L . -39.56 29.63 5.00
H171 PCW L . -38.76 31.78 4.10
H172 PCW L . -39.45 30.78 2.81
H181 PCW L . -37.20 30.10 2.10
H182 PCW L . -36.47 30.95 3.45
H321 PCW L . -39.72 24.49 -0.36
H322 PCW L . -39.69 25.84 0.79
H331 PCW L . -41.78 24.89 1.86
H332 PCW L . -41.84 23.69 0.56
H341 PCW L . -43.30 25.63 0.06
H342 PCW L . -42.03 25.45 -1.14
C1 LBN M . -3.54 31.09 49.17
N1 LBN M . -1.13 31.60 42.39
P1 LBN M . -2.76 31.60 46.60
C2 LBN M . -4.57 30.09 48.48
C3 LBN M . -5.06 29.05 49.52
C4 LBN M . -6.99 16.16 49.73
C5 LBN M . -7.83 20.78 44.96
C6 LBN M . -0.98 31.49 43.94
O1 LBN M . -3.05 31.98 48.22
C8 LBN M . -8.62 19.68 44.32
C9 LBN M . -1.28 32.85 44.70
O2 LBN M . -1.36 32.56 46.03
C11 LBN M . -8.33 18.25 44.81
C12 LBN M . -0.06 32.53 41.81
O3 LBN M . -3.82 32.21 45.77
C14 LBN M . -9.54 17.46 45.35
C15 LBN M . -2.51 32.12 41.99
O4 LBN M . -2.20 30.24 46.53
C17 LBN M . -9.29 15.94 45.51
C18 LBN M . -0.94 30.22 41.78
C25 LBN M . -4.50 26.77 49.02
O5 LBN M . -5.35 27.83 48.87
C26 LBN M . -5.11 25.40 48.74
O6 LBN M . -3.35 26.94 49.37
C27 LBN M . -4.26 24.49 47.86
C28 LBN M . -4.14 23.02 48.37
C29 LBN M . -4.83 21.92 47.52
C30 LBN M . -4.54 20.46 47.97
C31 LBN M . -5.74 19.48 47.98
C32 LBN M . -5.54 18.13 48.71
C33 LBN M . -6.71 17.69 49.65
C34 LBN M . -6.40 30.48 46.92
O7 LBN M . -5.76 30.78 48.09
C35 LBN M . -7.77 29.81 47.12
O8 LBN M . -5.87 30.72 45.86
C36 LBN M . -8.32 29.06 45.89
C37 LBN M . -8.15 27.51 45.89
C38 LBN M . -8.90 26.73 44.79
C39 LBN M . -8.19 25.42 44.37
C40 LBN M . -9.11 24.21 44.13
C41 LBN M . -8.44 22.90 43.63
C42 LBN M . -7.76 22.09 44.69
H1 LBN M . -2.82 30.58 49.55
H2 LBN M . -3.96 31.57 49.90
H3 LBN M . -4.15 29.65 47.75
H4 LBN M . -5.89 29.33 49.96
H5 LBN M . -4.42 28.97 50.26
H6 LBN M . -6.32 15.72 50.28
H7 LBN M . -7.82 16.04 50.23
H8 LBN M . -7.32 20.49 45.69
H9 LBN M . -0.09 31.19 44.15
H10 LBN M . -1.58 30.80 44.25
H13 LBN M . -9.57 19.90 44.42
H14 LBN M . -8.47 19.73 43.36
H15 LBN M . -0.57 33.49 44.50
H16 LBN M . -2.10 33.25 44.36
H19 LBN M . -7.68 18.29 45.51
H20 LBN M . -0.29 33.46 41.91
H21 LBN M . 0.10 32.37 40.86
H22 LBN M . 0.80 32.40 42.27
H25 LBN M . -9.83 17.84 46.20
H26 LBN M . -3.20 31.68 42.51
H27 LBN M . -2.60 33.06 42.12
H28 LBN M . -2.71 31.93 41.06
H33 LBN M . -10.12 15.51 45.78
H34 LBN M . -1.60 29.59 42.09
H35 LBN M . -1.02 30.25 40.80
H36 LBN M . -0.07 29.86 41.99
H51 LBN M . -5.27 25.02 49.62
H52 LBN M . -6.00 25.51 48.37
H53 LBN M . -4.60 24.52 46.95
H54 LBN M . -3.36 24.86 47.79
H55 LBN M . -3.20 22.82 48.47
H56 LBN M . -4.47 22.96 49.28
H57 LBN M . -5.79 22.08 47.53
H58 LBN M . -4.59 22.00 46.58
H59 LBN M . -4.18 20.48 48.87
H60 LBN M . -3.81 20.10 47.44
H61 LBN M . -6.03 19.30 47.08
H62 LBN M . -6.49 19.94 48.38
H63 LBN M . -4.73 18.16 49.25
H64 LBN M . -5.36 17.44 48.05
H65 LBN M . -6.54 18.04 50.54
H66 LBN M . -7.53 18.13 49.39
H67 LBN M . -7.67 29.23 47.89
H68 LBN M . -8.40 30.49 47.40
H69 LBN M . -7.93 29.42 45.08
H70 LBN M . -9.26 29.28 45.79
H71 LBN M . -7.20 27.32 45.82
H72 LBN M . -8.41 27.15 46.75
H73 LBN M . -9.02 27.29 44.01
H74 LBN M . -9.81 26.55 45.09
H75 LBN M . -7.51 25.18 45.03
H76 LBN M . -9.78 24.47 43.49
H77 LBN M . -7.79 23.10 42.94
H78 LBN M . -9.11 22.35 43.19
H79 LBN M . -7.20 22.60 45.23
H80 LBN M . -7.90 17.73 44.12
H81 LBN M . -10.30 17.59 44.76
H82 LBN M . -7.69 25.58 43.55
H83 LBN M . -9.63 24.04 44.94
H482 LBN M . -9.07 15.54 44.65
C11 6OU N . -16.22 12.79 23.69
C12 6OU N . -17.02 11.47 23.99
C13 6OU N . -16.29 10.12 23.73
C14 6OU N . -17.15 8.84 23.94
C15 6OU N . -16.72 7.59 23.13
C16 6OU N . -17.54 6.30 23.45
O17 6OU N . -18.11 6.13 24.48
O18 6OU N . -17.56 5.35 22.45
C19 6OU N . -18.86 4.93 22.01
C20 6OU N . -18.87 4.42 20.53
C21 6OU N . -17.73 3.36 20.25
O30 6OU N . -18.71 5.56 19.64
C31 6OU N . -19.79 6.41 19.44
O32 6OU N . -20.72 6.39 20.17
C33 6OU N . -19.70 7.36 18.21
C34 6OU N . -19.61 8.89 18.59
C35 6OU N . -18.62 9.27 19.74
C36 6OU N . -17.93 10.66 19.61
C37 6OU N . -18.84 11.90 19.44
C38 6OU N . -18.26 13.25 19.96
C39 6OU N . -17.18 13.87 19.05
C40 6OU N . -17.10 15.38 19.10
C41 6OU N . -15.98 16.13 18.98
C42 6OU N . -14.59 15.60 18.77
H23 6OU N . -16.79 13.37 23.16
H24 6OU N . -17.33 11.48 24.90
H25 6OU N . -17.83 11.49 23.46
H26 6OU N . -15.51 10.08 24.30
H27 6OU N . -15.92 10.13 22.83
H28 6OU N . -17.14 8.60 24.88
H29 6OU N . -18.08 9.03 23.76
H30 6OU N . -16.69 7.78 22.17
H31 6OU N . -15.81 7.36 23.36
H32 6OU N . -19.27 4.25 22.58
H33 6OU N . -19.46 5.69 22.05
H34 6OU N . -19.71 3.96 20.38
H35 6OU N . -17.78 2.66 20.92
H36 6OU N . -17.87 2.96 19.39
H45 6OU N . -20.41 7.21 17.57
H46 6OU N . -18.89 7.11 17.75
H47 6OU N . -20.49 9.18 18.84
H48 6OU N . -19.37 9.41 17.80
H49 6OU N . -17.93 8.59 19.79
H50 6OU N . -19.08 9.21 20.59
H51 6OU N . -17.30 10.65 18.88
H52 6OU N . -17.39 10.81 20.41
H53 6OU N . -19.10 12.00 18.52
H54 6OU N . -19.68 11.74 19.91
H55 6OU N . -18.97 13.88 20.08
H56 6OU N . -17.88 13.08 20.83
H57 6OU N . -17.28 13.54 18.15
H58 6OU N . -16.33 13.49 19.33
H59 6OU N . -17.92 15.81 19.23
H60 6OU N . -16.06 17.05 19.03
H62 6OU N . -14.61 15.10 17.94
H422 6OU N . -14.43 14.93 19.44
C06 6OU O . 14.60 16.79 24.10
C07 6OU O . 15.71 17.84 23.76
C08 6OU O . 16.23 18.70 24.94
C09 6OU O . 17.75 19.14 24.87
C10 6OU O . 18.06 20.59 25.28
C11 6OU O . 19.47 20.89 25.88
C12 6OU O . 19.90 22.38 25.93
C13 6OU O . 19.83 23.10 27.31
C14 6OU O . 20.84 24.28 27.49
C15 6OU O . 20.26 25.54 28.20
C16 6OU O . 21.19 26.76 28.13
O17 6OU O . 22.36 26.71 28.38
O18 6OU O . 20.60 27.95 27.75
C19 6OU O . 21.46 28.95 27.19
C20 6OU O . 20.77 29.84 26.11
C21 6OU O . 20.01 31.07 26.76
O22 6OU O . 20.82 31.72 27.68
P23 6OU O . 22.40 32.33 27.19
O24 6OU O . 22.33 32.55 25.72
O25 6OU O . 23.41 31.46 27.86
O26 6OU O . 22.54 33.89 27.92
O30 6OU O . 19.82 29.02 25.38
C31 6OU O . 20.29 28.06 24.51
O32 6OU O . 21.38 27.61 24.61
C33 6OU O . 19.32 27.59 23.39
C34 6OU O . 19.20 26.03 23.27
C35 6OU O . 20.53 25.23 23.12
C36 6OU O . 20.42 23.79 22.50
C37 6OU O . 19.39 23.59 21.34
C38 6OU O . 19.61 22.37 20.40
C39 6OU O . 18.45 21.37 20.34
C40 6OU O . 18.63 20.22 19.40
H12 6OU O . 14.71 16.49 25.01
H13 6OU O . 13.74 17.23 24.09
H14 6OU O . 16.46 17.38 23.36
H15 6OU O . 15.39 18.45 23.08
H16 6OU O . 15.69 19.50 25.01
H17 6OU O . 16.08 18.24 25.78
H18 6OU O . 18.09 18.97 23.97
H19 6OU O . 18.27 18.54 25.43
H20 6OU O . 17.40 20.89 25.92
H21 6OU O . 17.93 21.17 24.52
H22 6OU O . 20.13 20.36 25.40
H23 6OU O . 19.53 20.50 26.77
H24 6OU O . 20.80 22.46 25.58
H25 6OU O . 19.35 22.87 25.30
H26 6OU O . 19.98 22.43 28.00
H27 6OU O . 18.93 23.39 27.46
H28 6OU O . 21.60 23.95 27.99
H29 6OU O . 21.21 24.53 26.64
H30 6OU O . 19.37 25.73 27.89
H31 6OU O . 20.17 25.34 29.15
H32 6OU O . 21.88 29.52 27.86
H33 6OU O . 22.20 28.49 26.75
H34 6OU O . 21.46 30.20 25.55
H35 6OU O . 19.20 30.77 27.20
H36 6OU O . 19.74 31.68 26.06
H45 6OU O . 19.52 28.00 22.54
H46 6OU O . 18.46 27.95 23.66
H47 6OU O . 18.66 25.85 22.49
H48 6OU O . 18.71 25.69 24.03
H49 6OU O . 21.16 25.74 22.58
H50 6OU O . 20.97 25.16 23.98
H51 6OU O . 20.20 23.15 23.20
H52 6OU O . 21.28 23.50 22.17
H53 6OU O . 18.49 23.55 21.69
H54 6OU O . 19.38 24.39 20.79
H55 6OU O . 19.82 22.68 19.50
H56 6OU O . 20.41 21.91 20.71
H57 6OU O . 18.22 21.09 21.24
H58 6OU O . 17.67 21.88 20.08
H401 6OU O . 18.91 20.44 18.54
C1 LBN P . -28.14 50.71 5.57
N1 LBN P . -21.90 47.56 7.33
P1 LBN P . -25.64 49.81 6.15
C2 LBN P . -28.06 49.70 4.36
C3 LBN P . -29.50 49.37 3.86
C4 LBN P . -35.95 38.62 0.30
C5 LBN P . -29.58 40.50 -0.42
C6 LBN P . -23.30 48.18 7.61
O1 LBN P . -26.87 50.96 6.08
C8 LBN P . -29.56 39.38 -1.40
C9 LBN P . -23.32 49.76 7.57
O2 LBN P . -24.63 50.15 7.60
C11 LBN P . -30.69 38.32 -1.26
C12 LBN P . -20.92 47.91 8.44
O3 LBN P . -24.64 50.13 5.09
C14 LBN P . -31.56 38.09 -2.50
C15 LBN P . -21.35 48.04 5.98
O4 LBN P . -26.21 48.50 6.52
C17 LBN P . -32.42 36.81 -2.43
C18 LBN P . -22.02 46.05 7.27
C25 LBN P . -30.14 47.06 4.05
O5 LBN P . -29.53 48.04 3.34
C26 LBN P . -30.57 45.85 3.25
O6 LBN P . -30.33 47.19 5.26
C27 LBN P . -30.23 44.49 3.88
C28 LBN P . -31.37 43.46 3.86
C29 LBN P . -31.18 42.20 2.95
C30 LBN P . -32.27 41.12 3.09
C31 LBN P . -32.80 40.46 1.78
C32 LBN P . -34.08 39.60 1.89
C33 LBN P . -35.14 39.86 0.77
C34 LBN P . -26.56 49.59 2.44
O7 LBN P . -27.42 50.31 3.24
C35 LBN P . -27.09 49.33 1.04
O8 LBN P . -25.50 49.22 2.89
C36 LBN P . -26.40 48.18 0.26
C37 LBN P . -27.14 46.82 0.24
C38 LBN P . -26.58 45.74 -0.73
C39 LBN P . -26.82 44.30 -0.23
C40 LBN P . -27.23 43.29 -1.33
C41 LBN P . -27.40 41.81 -0.88
C42 LBN P . -28.71 41.49 -0.21
H1 LBN P . -28.72 50.34 6.27
H2 LBN P . -28.57 51.54 5.30
H3 LBN P . -27.62 48.89 4.66
H4 LBN P . -29.76 49.94 3.12
H5 LBN P . -30.15 49.54 4.55
H6 LBN P . -36.62 38.39 0.96
H7 LBN P . -36.47 38.88 -0.48
H8 LBN P . -30.34 40.50 0.12
H9 LBN P . -23.61 47.87 8.48
H10 LBN P . -23.93 47.81 6.97
H13 LBN P . -29.58 39.76 -2.30
H14 LBN P . -28.70 38.93 -1.35
H15 LBN P . -22.82 50.10 8.33
H16 LBN P . -22.86 50.07 6.78
H19 LBN P . -31.26 38.58 -0.53
H20 LBN P . -20.56 48.81 8.34
H21 LBN P . -20.17 47.30 8.46
H22 LBN P . -21.36 47.88 9.31
H25 LBN P . -32.14 38.86 -2.64
H26 LBN P . -22.03 48.03 5.30
H27 LBN P . -21.00 48.94 6.03
H28 LBN P . -20.63 47.47 5.67
H33 LBN P . -32.90 36.68 -3.27
H34 LBN P . -22.63 45.77 6.57
H35 LBN P . -21.17 45.63 7.09
H36 LBN P . -22.36 45.69 8.10
H51 LBN P . -31.52 45.96 3.13
H52 LBN P . -30.21 45.91 2.35
H53 LBN P . -29.42 44.15 3.46
H54 LBN P . -29.95 44.64 4.80
H55 LBN P . -31.52 43.18 4.78
H56 LBN P . -32.20 43.89 3.62
H57 LBN P . -31.14 42.51 2.03
H58 LBN P . -30.32 41.80 3.11
H59 LBN P . -33.04 41.50 3.55
H60 LBN P . -31.95 40.44 3.71
H61 LBN P . -32.09 39.92 1.38
H62 LBN P . -32.94 41.17 1.15
H63 LBN P . -34.50 39.76 2.74
H64 LBN P . -33.82 38.67 1.90
H65 LBN P . -35.74 40.55 1.08
H66 LBN P . -34.72 40.25 -0.01
H67 LBN P . -28.05 49.18 1.13
H68 LBN P . -27.03 50.15 0.53
H69 LBN P . -25.50 48.05 0.61
H70 LBN P . -26.24 48.49 -0.65
H71 LBN P . -27.14 46.46 1.14
H72 LBN P . -28.09 46.95 0.03
H73 LBN P . -25.63 45.88 -0.86
H74 LBN P . -26.96 45.88 -1.61
H75 LBN P . -27.49 44.29 0.47
H76 LBN P . -26.56 43.31 -2.02
H77 LBN P . -26.69 41.55 -0.29
H78 LBN P . -27.30 41.23 -1.65
H79 LBN P . -28.91 42.10 0.46
H80 LBN P . -30.32 37.47 -0.97
H81 LBN P . -31.01 38.04 -3.30
H82 LBN P . -26.03 43.97 0.20
H83 LBN P . -28.03 43.60 -1.78
H482 LBN P . -31.87 36.02 -2.36
C06 6OU Q . 21.49 24.65 -2.40
C07 6OU Q . 21.02 26.05 -2.89
C08 6OU Q . 22.06 27.20 -2.82
C09 6OU Q . 21.97 28.30 -3.96
C10 6OU Q . 22.14 29.76 -3.50
C11 6OU Q . 22.74 30.77 -4.54
C12 6OU Q . 22.55 32.27 -4.19
C13 6OU Q . 23.79 33.04 -3.65
C14 6OU Q . 23.81 34.57 -3.96
C15 6OU Q . 24.29 35.48 -2.79
C16 6OU Q . 24.04 36.98 -3.05
O17 6OU Q . 24.34 37.54 -4.06
O18 6OU Q . 23.46 37.67 -2.00
C19 6OU Q . 22.77 38.89 -2.35
C20 6OU Q . 21.55 39.19 -1.42
C21 6OU Q . 21.96 39.98 -0.12
O22 6OU Q . 22.78 41.04 -0.42
P23 6OU Q . 22.25 42.27 -1.58
O24 6OU Q . 20.77 42.24 -1.56
O25 6OU Q . 23.09 42.08 -2.79
O26 6OU Q . 22.72 43.79 -0.88
O30 6OU Q . 20.93 37.92 -1.05
C31 6OU Q . 20.24 37.20 -2.02
O32 6OU Q . 20.44 37.36 -3.18
C33 6OU Q . 19.19 36.20 -1.51
C34 6OU Q . 19.31 34.77 -2.15
C35 6OU Q . 19.34 34.70 -3.71
C36 6OU Q . 18.95 33.30 -4.34
C37 6OU Q . 17.80 32.49 -3.67
C38 6OU Q . 17.10 31.42 -4.54
C39 6OU Q . 17.15 29.99 -3.99
C40 6OU Q . 16.43 28.95 -4.80
H12 6OU Q . 22.44 24.56 -2.53
H13 6OU Q . 21.39 24.61 -1.42
H14 6OU Q . 20.73 25.96 -3.81
H15 6OU Q . 20.23 26.33 -2.40
H16 6OU Q . 21.99 27.64 -1.97
H17 6OU Q . 22.96 26.83 -2.82
H18 6OU Q . 21.12 28.20 -4.42
H19 6OU Q . 22.63 28.10 -4.64
H20 6OU Q . 22.70 29.77 -2.71
H21 6OU Q . 21.28 30.10 -3.19
H22 6OU Q . 22.36 30.57 -5.41
H23 6OU Q . 23.67 30.58 -4.67
H24 6OU Q . 22.22 32.74 -4.99
H25 6OU Q . 21.83 32.36 -3.55
H26 6OU Q . 24.58 32.63 -4.03
H27 6OU Q . 23.86 32.88 -2.70
H28 6OU Q . 24.39 34.73 -4.72
H29 6OU Q . 22.94 34.87 -4.26
H30 6OU Q . 23.92 35.18 -1.95
H31 6OU Q . 25.25 35.39 -2.70
H32 6OU Q . 23.35 39.67 -2.37
H33 6OU Q . 22.43 38.79 -3.25
H34 6OU Q . 20.94 39.76 -1.92
H35 6OU Q . 22.42 39.38 0.50
H36 6OU Q . 21.16 40.28 0.33
H45 6OU Q . 18.28 36.53 -1.57
H46 6OU Q . 19.36 36.12 -0.55
H47 6OU Q . 18.56 34.25 -1.83
H48 6OU Q . 20.09 34.33 -1.80
H49 6OU Q . 18.74 35.36 -4.08
H50 6OU Q . 20.22 34.96 -4.04
H51 6OU Q . 19.74 32.74 -4.39
H52 6OU Q . 18.71 33.44 -5.27
H53 6OU Q . 18.14 32.08 -2.86
H54 6OU Q . 17.14 33.12 -3.34
H55 6OU Q . 16.17 31.67 -4.67
H56 6OU Q . 17.50 31.45 -5.42
H57 6OU Q . 18.08 29.74 -3.84
H58 6OU Q . 16.79 30.02 -3.09
H401 6OU Q . 15.55 29.17 -5.04
CBT 6EU R . 4.16 4.80 31.63
OAH 6EU R . 3.74 3.92 30.60
CBQ 6EU R . 3.64 4.40 29.28
CBO 6EU R . 3.85 5.73 28.93
CBS 6EU R . 3.31 3.50 28.27
OAI 6EU R . 3.11 2.16 28.61
CBR 6EU R . 3.19 3.89 26.94
CBP 6EU R . 3.41 5.23 26.60
CBN 6EU R . 3.74 6.13 27.60
CBM 6EU R . 3.99 7.61 27.26
CBK 6EU R . 5.40 7.87 26.69
OAG 6EU R . 5.77 7.23 25.76
OAF 6EU R . 6.21 8.86 27.26
CBC 6EU R . 6.48 9.93 26.38
CAX 6EU R . 7.63 10.74 27.01
CAS 6EU R . 9.09 10.11 26.85
CAK 6EU R . 10.06 9.79 28.17
CAU 6EU R . 7.25 11.36 28.36
CAR 6EU R . 8.35 11.79 29.26
OAD 6EU R . 8.55 10.79 30.23
CAZ 6EU R . 7.79 13.06 29.93
OAE 6EU R . 6.69 13.15 30.38
CBA 6EU R . 8.84 14.11 29.90
CBF 6EU R . 8.78 15.52 30.56
CAW 6EU R . 10.12 13.40 29.48
CAO 6EU R . 9.65 12.21 28.64
CAJ 6EU R . 10.75 11.02 28.66
OAA 6EU R . 11.83 11.24 27.53
CAN 6EU R . 11.45 10.84 29.98
CAT 6EU R . 12.72 11.67 30.06
CAP 6EU R . 11.93 9.30 30.20
CAM 6EU R . 12.24 8.57 28.73
CAV 6EU R . 12.66 7.17 28.93
CBB 6EU R . 12.89 6.49 30.06
CBD 6EU R . 12.77 6.74 27.44
OAC 6EU R . 13.20 9.32 28.14
CAL 6EU R . 10.94 8.75 27.73
OAB 6EU R . 11.49 9.15 26.66
CAQ 6EU R . 12.47 10.00 27.01
CAY 6EU R . 13.43 10.29 25.85
CBE 6EU R . 12.69 11.20 24.84
CBG 6EU R . 12.10 10.63 23.72
CBI 6EU R . 11.42 11.43 22.81
CBL 6EU R . 11.33 12.81 23.01
CBJ 6EU R . 11.93 13.37 24.14
CBH 6EU R . 12.61 12.58 25.05
H1 6EU R . 3.97 5.70 31.42
H2 6EU R . 3.72 4.59 32.42
H3 6EU R . 5.09 4.71 31.74
HBS 6EU R . 4.07 6.35 29.59
HAI 6EU R . 2.42 2.10 29.07
HBU 6EU R . 2.97 3.26 26.29
HBT 6EU R . 3.33 5.50 25.72
H4 6EU R . 3.33 7.91 26.66
H5 6EU R . 3.91 8.09 28.07
H6 6EU R . 6.76 9.62 25.54
H7 6EU R . 5.72 10.48 26.29
H8 6EU R . 9.39 9.86 26.01
H9 6EU R . 9.53 9.43 28.85
H10 6EU R . 6.70 10.75 28.81
H11 6EU R . 6.76 12.15 28.18
HAD 6EU R . 7.89 10.76 30.74
H12 6EU R . 7.90 15.86 30.48
H13 6EU R . 9.02 15.44 31.46
H14 6EU R . 9.39 16.10 30.12
H15 6EU R . 10.97 13.78 29.42
H16 6EU R . 9.53 12.51 27.75
H17 6EU R . 10.89 11.07 30.70
H18 6EU R . 12.69 12.36 29.44
H19 6EU R . 13.47 11.12 29.90
H20 6EU R . 12.78 12.04 30.93
H21 6EU R . 11.25 8.84 30.66
H22 6EU R . 12.72 9.29 30.69
H24 6EU R . 12.84 6.75 30.96
H25 6EU R . 13.17 5.62 30.23
H27 6EU R . 11.92 6.49 27.13
H28 6EU R . 13.34 6.00 27.36
H29 6EU R . 13.11 7.43 26.91
H30 6EU R . 10.47 7.94 27.62
H31 6EU R . 14.21 10.72 26.16
H32 6EU R . 13.67 9.49 25.43
HBL 6EU R . 12.15 9.73 23.58
HBN 6EU R . 11.02 11.05 22.06
HBP 6EU R . 10.87 13.34 22.40
HBO 6EU R . 11.87 14.29 24.28
HBM 6EU R . 12.99 12.96 25.81
C1 PCW S . -2.35 1.97 42.65
C2 PCW S . -1.95 2.52 44.01
C3 PCW S . -1.04 3.72 43.83
C4 PCW S . 0.86 0.18 39.04
C5 PCW S . 2.07 0.79 38.33
C6 PCW S . 1.76 -0.86 36.60
C7 PCW S . 3.79 0.39 36.72
C8 PCW S . 3.31 -1.27 38.38
C11 PCW S . -1.08 6.21 43.61
C12 PCW S . -1.01 7.33 44.63
C13 PCW S . -0.17 6.88 45.81
C14 PCW S . -0.93 5.88 46.67
C15 PCW S . -2.06 6.58 47.42
C16 PCW S . -1.51 7.71 48.29
C17 PCW S . -2.63 8.63 48.76
C18 PCW S . -3.36 9.25 47.57
C19 PCW S . -4.37 10.25 48.07
C31 PCW S . -3.36 2.04 45.91
C32 PCW S . -4.52 2.33 46.82
C33 PCW S . -4.39 1.54 48.11
C34 PCW S . -5.47 1.96 49.12
C35 PCW S . -5.40 3.44 49.41
N PCW S . 2.74 -0.24 37.50
O2 PCW S . -3.13 2.87 44.74
O3 PCW S . -1.74 4.96 43.96
O11 PCW S . -0.61 6.36 42.50
O31 PCW S . -2.60 1.10 46.14
O1P PCW S . -2.12 1.74 39.51
O2P PCW S . -1.47 -0.46 40.77
O3P PCW S . -1.17 1.81 41.85
O4P PCW S . 0.30 1.15 39.92
P PCW S . -1.21 1.00 40.46
H11 PCW S . -3.05 2.65 42.16
H12 PCW S . -2.84 1.00 42.77
H2 PCW S . -1.41 1.75 44.56
H31 PCW S . -0.57 3.68 42.84
H32 PCW S . -0.24 3.68 44.58
H41 PCW S . 1.16 -0.70 39.60
H42 PCW S . 0.10 -0.12 38.30
H51 PCW S . 2.78 1.17 39.06
H52 PCW S . 1.75 1.61 37.69
H61 PCW S . 1.31 -0.11 36.00
H62 PCW S . 1.02 -1.37 37.16
H63 PCW S . 2.25 -1.56 35.97
H71 PCW S . 4.48 0.87 37.37
H72 PCW S . 3.37 1.10 36.06
H73 PCW S . 4.31 -0.35 36.16
H81 PCW S . 2.53 -1.81 38.85
H82 PCW S . 3.92 -0.80 39.11
H83 PCW S . 3.91 -1.93 37.80
H121 PCW S . -2.02 7.59 44.97
H122 PCW S . -0.56 8.22 44.18
H131 PCW S . 0.12 7.74 46.41
H132 PCW S . 0.75 6.40 45.44
H141 PCW S . -0.25 5.42 47.39
H142 PCW S . -1.34 5.09 46.05
H151 PCW S . -2.57 5.86 48.05
H152 PCW S . -2.77 6.98 46.71
H161 PCW S . -0.78 8.29 47.72
H162 PCW S . -0.99 7.28 49.16
H171 PCW S . -2.20 9.42 49.38
H172 PCW S . -3.33 8.06 49.37
H181 PCW S . -3.86 8.46 47.01
H182 PCW S . -2.65 9.73 46.91
H321 PCW S . -5.45 2.08 46.32
H322 PCW S . -4.55 3.41 47.06
H331 PCW S . -3.41 1.72 48.55
H332 PCW S . -4.48 0.48 47.90
H341 PCW S . -5.33 1.39 50.05
H342 PCW S . -6.45 1.71 48.71
C11 6OU T . 20.82 6.30 22.68
C12 6OU T . 21.29 4.81 22.78
C13 6OU T . 21.27 3.97 21.49
C14 6OU T . 21.68 2.46 21.66
C15 6OU T . 21.08 1.48 20.60
C16 6OU T . 21.58 0.02 20.75
O17 6OU T . 22.61 -0.28 21.27
O18 6OU T . 20.75 -0.94 20.22
C19 6OU T . 20.35 -1.99 21.11
C20 6OU T . 18.96 -2.63 20.73
C21 6OU T . 18.90 -3.02 19.20
O30 6OU T . 17.91 -1.67 21.03
C31 6OU T . 17.54 -1.48 22.36
O32 6OU T . 18.24 -1.85 23.24
C33 6OU T . 16.18 -0.77 22.60
C34 6OU T . 16.31 0.64 23.28
C35 6OU T . 17.41 1.59 22.71
C36 6OU T . 17.09 3.12 22.76
C37 6OU T . 16.69 3.73 24.12
C38 6OU T . 17.00 5.25 24.29
C39 6OU T . 16.04 6.20 23.56
C40 6OU T . 15.85 7.55 24.20
C41 6OU T . 15.64 8.71 23.57
C42 6OU T . 15.56 8.91 22.08
H23 6OU T . 20.19 6.47 23.39
H24 6OU T . 22.19 4.79 23.16
H25 6OU T . 20.75 4.37 23.46
H26 6OU T . 21.87 4.38 20.84
H27 6OU T . 20.40 4.04 21.07
H28 6OU T . 22.65 2.38 21.64
H29 6OU T . 21.43 2.15 22.55
H30 6OU T . 20.12 1.54 20.58
H31 6OU T . 21.37 1.76 19.72
H32 6OU T . 21.00 -2.70 21.21
H33 6OU T . 20.25 -1.62 22.00
H34 6OU T . 18.86 -3.45 21.23
H35 6OU T . 19.66 -3.58 18.98
H36 6OU T . 18.10 -3.56 19.05
H45 6OU T . 15.56 -1.33 23.10
H46 6OU T . 15.78 -0.66 21.73
H47 6OU T . 16.50 0.51 24.22
H48 6OU T . 15.46 1.10 23.24
H49 6OU T . 17.60 1.35 21.79
H50 6OU T . 18.25 1.43 23.17
H51 6OU T . 16.38 3.32 22.12
H52 6OU T . 17.87 3.60 22.43
H53 6OU T . 15.76 3.57 24.30
H54 6OU T . 17.16 3.26 24.83
H55 6OU T . 17.00 5.48 25.24
H56 6OU T . 17.91 5.40 23.98
H57 6OU T . 15.20 5.75 23.39
H58 6OU T . 16.40 6.32 22.66
H59 6OU T . 15.88 7.55 25.13
H60 6OU T . 15.54 9.49 24.07
H62 6OU T . 14.82 8.35 21.77
H422 6OU T . 16.34 8.49 21.69
C06 6OU U . -12.59 23.55 19.04
C07 6OU U . -11.76 24.12 20.23
C08 6OU U . -12.36 25.35 20.98
C09 6OU U . -12.04 25.43 22.52
C10 6OU U . -11.69 26.85 23.05
C11 6OU U . -12.04 27.15 24.54
C12 6OU U . -11.34 28.40 25.15
C13 6OU U . -12.21 29.68 25.32
C14 6OU U . -11.78 30.64 26.48
C15 6OU U . -11.80 32.15 26.15
C16 6OU U . -11.13 33.03 27.22
O17 6OU U . -11.34 32.92 28.39
O18 6OU U . -10.24 33.98 26.74
C19 6OU U . -9.25 34.44 27.67
C20 6OU U . -7.89 34.82 26.98
C21 6OU U . -7.89 36.32 26.46
O22 6OU U . -8.36 37.18 27.42
P23 6OU U . -7.59 37.22 29.01
O24 6OU U . -6.21 36.73 28.82
O25 6OU U . -8.57 36.63 29.96
O26 6OU U . -7.47 38.91 29.43
O30 6OU U . -7.67 33.92 25.87
C31 6OU U . -7.36 32.60 26.12
O32 6OU U . -7.63 32.08 27.16
C33 6OU U . -6.64 31.82 24.99
C34 6OU U . -7.28 30.43 24.66
C35 6OU U . -7.50 29.45 25.86
C36 6OU U . -7.65 27.93 25.49
C37 6OU U . -6.76 27.37 24.34
C38 6OU U . -6.52 25.84 24.31
C39 6OU U . -6.98 25.13 23.03
C40 6OU U . -6.71 23.65 22.97
H12 6OU U . -13.53 23.70 19.20
H13 6OU U . -12.41 24.07 18.24
H14 6OU U . -11.61 23.41 20.87
H15 6OU U . -10.87 24.37 19.91
H16 6OU U . -12.05 26.16 20.55
H17 6OU U . -13.32 25.35 20.85
H18 6OU U . -11.33 24.82 22.74
H19 6OU U . -12.80 25.10 23.02
H20 6OU U . -12.13 27.51 22.49
H21 6OU U . -10.75 27.00 22.91
H22 6OU U . -11.85 26.36 25.08
H23 6OU U . -13.00 27.24 24.65
H24 6OU U . -10.98 28.16 26.02
H25 6OU U . -10.58 28.62 24.61
H26 6OU U . -13.14 29.42 25.45
H27 6OU U . -12.24 30.16 24.48
H28 6OU U . -12.35 30.47 27.25
H29 6OU U . -10.90 30.39 26.79
H30 6OU U . -11.47 32.32 25.26
H31 6OU U . -12.73 32.44 26.13
H32 6OU U . -9.54 35.19 28.21
H33 6OU U . -9.05 33.72 28.28
H34 6OU U . -7.20 34.76 27.65
H35 6OU U . -8.45 36.39 25.67
H36 6OU U . -6.99 36.56 26.19
H45 6OU U . -5.68 31.74 25.14
H46 6OU U . -6.72 32.39 24.20
H47 6OU U . -6.70 30.00 24.02
H48 6OU U . -8.13 30.56 24.21
H49 6OU U . -6.76 29.54 26.48
H50 6OU U . -8.27 29.73 26.38
H51 6OU U . -8.58 27.73 25.27
H52 6OU U . -7.48 27.39 26.28
H53 6OU U . -7.11 27.65 23.48
H54 6OU U . -5.89 27.81 24.37
H55 6OU U . -5.58 25.65 24.45
H56 6OU U . -7.00 25.46 25.07
H57 6OU U . -7.91 25.34 22.86
H58 6OU U . -6.53 25.58 22.30
H401 6OU U . -5.85 23.40 23.19
CBT 6EU V . 1.12 23.78 -21.75
OAH 6EU V . 1.12 22.37 -21.52
CBQ 6EU V . 1.21 21.90 -20.20
CBO 6EU V . 1.40 22.73 -19.10
CBS 6EU V . 1.12 20.53 -19.97
OAI 6EU V . 0.92 19.69 -21.07
CBR 6EU V . 1.20 19.98 -18.69
CBP 6EU V . 1.39 20.82 -17.60
CBN 6EU V . 1.49 22.20 -17.81
CBM 6EU V . 1.70 23.16 -16.63
CBK 6EU V . 0.38 23.46 -15.86
OAG 6EU V . -0.27 22.55 -15.47
OAF 6EU V . 0.01 24.79 -15.62
CBC 6EU V . -0.01 25.13 -14.25
CAX 6EU V . -0.74 26.47 -14.15
CAS 6EU V . -2.35 26.38 -14.23
CAK 6EU V . -3.20 27.25 -15.36
CAU 6EU V . -0.04 27.62 -14.88
CAR 6EU V . -0.84 28.83 -15.23
OAD 6EU V . -1.23 28.73 -16.56
CAZ 6EU V . 0.18 29.98 -15.05
OAE 6EU V . 1.28 29.96 -15.47
CBA 6EU V . -0.48 31.07 -14.27
CBF 6EU V . 0.10 32.47 -13.96
CAW 6EU V . -1.96 30.70 -14.23
CAO 6EU V . -2.00 29.18 -14.34
CAJ 6EU V . -3.40 28.68 -14.94
OAA 6EU V . -4.48 28.51 -13.80
CAN 6EU V . -3.97 29.56 -16.03
CAT 6EU V . -4.89 30.63 -15.46
CAP 6EU V . -4.89 28.72 -17.07
CAM 6EU V . -5.58 27.41 -16.31
CAV 6EU V . -6.41 26.64 -17.26
CBB 6EU V . -6.72 26.90 -18.54
CBD 6EU V . -6.82 25.46 -16.33
OAC 6EU V . -6.32 27.91 -15.28
CAL 6EU V . -4.43 26.52 -15.56
OAB 6EU V . -4.94 26.34 -14.40
CAQ 6EU V . -5.55 27.49 -14.07
CAY 6EU V . -6.48 27.32 -12.86
CBE 6EU V . -5.60 27.15 -11.60
CBG 6EU V . -5.35 25.86 -11.11
CBI 6EU V . -4.56 25.68 -9.99
CBL 6EU V . -4.01 26.79 -9.34
CBJ 6EU V . -4.26 28.07 -9.82
CBH 6EU V . -5.06 28.26 -10.95
H1 6EU V . 1.57 24.24 -21.07
H2 6EU V . 1.56 23.95 -22.55
H3 6EU V . 0.24 24.07 -21.80
HBS 6EU V . 1.47 23.66 -19.22
HAI 6EU V . 1.60 19.69 -21.54
HBU 6EU V . 1.14 19.06 -18.57
HBT 6EU V . 1.45 20.47 -16.74
H4 6EU V . 2.34 22.80 -16.05
H5 6EU V . 2.01 23.97 -16.98
H6 6EU V . -0.46 24.49 -13.74
H7 6EU V . 0.88 25.24 -13.95
H8 6EU V . -2.80 25.79 -13.69
H9 6EU V . -2.74 27.22 -16.18
H10 6EU V . 0.33 27.27 -15.67
H11 6EU V . 0.66 27.93 -14.33
HAD 6EU V . -0.57 28.80 -17.05
H12 6EU V . 1.03 32.39 -13.80
H13 6EU V . -0.04 33.04 -14.70
H14 6EU V . -0.33 32.83 -13.20
H15 6EU V . -2.64 31.22 -13.86
H16 6EU V . -1.88 28.83 -13.46
H17 6EU V . -3.29 29.98 -16.52
H18 6EU V . -4.71 30.75 -14.54
H19 6EU V . -5.78 30.37 -15.57
H20 6EU V . -4.73 31.43 -15.91
H21 6EU V . -4.35 28.45 -17.78
H22 6EU V . -5.59 29.26 -17.38
H24 6EU V . -6.48 27.61 -19.10
H25 6EU V . -7.24 26.44 -19.17
H27 6EU V . -6.13 24.82 -16.32
H28 6EU V . -7.60 25.06 -16.65
H29 6EU V . -6.98 25.76 -15.46
H30 6EU V . -4.25 25.71 -15.99
H31 6EU V . -7.03 28.08 -12.77
H32 6EU V . -7.01 26.56 -12.99
HBL 6EU V . -5.72 25.13 -11.55
HBN 6EU V . -4.40 24.83 -9.67
HBP 6EU V . -3.49 26.67 -8.58
HBO 6EU V . -3.90 28.80 -9.40
HBM 6EU V . -5.23 29.10 -11.27
C1 PCW W . 7.58 26.20 -32.90
C2 PCW W . 7.54 27.56 -33.60
C3 PCW W . 7.04 28.62 -32.63
C4 PCW W . 3.59 23.77 -30.76
C5 PCW W . 2.56 24.17 -29.70
C6 PCW W . 2.13 21.83 -29.35
C7 PCW W . 0.62 23.48 -28.48
C8 PCW W . 0.74 23.10 -30.84
C11 PCW W . 7.88 30.30 -30.97
C12 PCW W . 8.27 31.75 -31.10
C13 PCW W . 7.47 32.40 -32.21
C14 PCW W . 7.96 31.94 -33.58
C15 PCW W . 9.33 32.53 -33.89
C16 PCW W . 9.28 34.06 -33.83
C17 PCW W . 10.68 34.66 -33.77
C18 PCW W . 11.43 34.16 -32.54
C19 PCW W . 12.76 34.86 -32.45
C31 PCW W . 8.92 27.89 -35.55
C32 PCW W . 10.22 28.28 -36.22
C33 PCW W . 9.99 28.51 -37.70
C34 PCW W . 11.24 29.07 -38.37
C35 PCW W . 11.69 30.35 -37.70
N PCW W . 1.51 23.14 -29.59
O2 PCW W . 8.85 27.86 -34.09
O3 PCW W . 8.11 29.38 -32.06
O11 PCW W . 7.35 29.89 -29.95
O31 PCW W . 7.95 27.59 -36.21
O1P PCW W . 6.94 24.22 -30.53
O2P PCW W . 5.76 23.59 -32.77
O3P PCW W . 6.34 25.99 -32.24
O4P PCW W . 4.52 24.83 -30.94
P PCW W . 5.95 24.55 -31.63
H11 PCW W . 8.40 26.18 -32.18
H12 PCW W . 7.75 25.41 -33.63
H2 PCW W . 6.85 27.49 -34.45
H31 PCW W . 6.48 28.14 -31.83
H32 PCW W . 6.37 29.31 -33.16
H41 PCW W . 3.08 23.56 -31.70
H42 PCW W . 4.11 22.87 -30.43
H51 PCW W . 2.10 25.13 -29.97
H52 PCW W . 3.04 24.29 -28.73
H61 PCW W . 2.73 21.88 -28.48
H62 PCW W . 2.73 21.56 -30.18
H63 PCW W . 1.37 21.11 -29.22
H71 PCW W . 0.21 24.44 -28.63
H72 PCW W . 1.17 23.46 -27.57
H73 PCW W . -0.16 22.76 -28.42
H81 PCW W . 1.34 22.74 -31.63
H82 PCW W . 0.40 24.07 -31.08
H83 PCW W . -0.10 22.46 -30.71
H121 PCW W . 9.34 31.82 -31.32
H122 PCW W . 8.09 32.27 -30.16
H131 PCW W . 7.54 33.49 -32.14
H132 PCW W . 6.41 32.13 -32.11
H141 PCW W . 7.26 32.26 -34.35
H142 PCW W . 8.02 30.85 -33.60
H151 PCW W . 9.66 32.22 -34.87
H152 PCW W . 10.06 32.17 -33.15
H161 PCW W . 8.71 34.37 -32.94
H162 PCW W . 8.76 34.44 -34.71
H171 PCW W . 10.61 35.75 -33.74
H172 PCW W . 11.23 34.39 -34.67
H181 PCW W . 11.59 33.07 -32.62
H182 PCW W . 10.84 34.35 -31.65
H321 PCW W . 10.96 27.48 -36.08
H322 PCW W . 10.61 29.18 -35.76
H331 PCW W . 9.16 29.21 -37.84
H332 PCW W . 9.71 27.57 -38.19
H341 PCW W . 11.05 29.25 -39.43
H342 PCW W . 12.04 28.32 -38.31
C11 6OU X . -15.07 24.89 -11.94
C12 6OU X . -15.99 24.01 -12.86
C13 6OU X . -16.39 22.61 -12.34
C14 6OU X . -17.23 21.74 -13.34
C15 6OU X . -17.09 20.19 -13.16
C16 6OU X . -18.03 19.38 -14.09
O17 6OU X . -19.03 19.81 -14.57
O18 6OU X . -17.62 18.08 -14.35
C19 6OU X . -17.47 17.72 -15.72
C20 6OU X . -16.42 16.58 -15.95
C21 6OU X . -16.65 15.36 -14.99
O30 6OU X . -15.10 17.12 -15.73
C31 6OU X . -14.53 17.94 -16.71
O32 6OU X . -15.20 18.42 -17.56
C33 6OU X . -12.99 18.17 -16.63
C34 6OU X . -12.58 19.64 -16.30
C35 6OU X . -13.38 20.36 -15.16
C36 6OU X . -12.58 21.39 -14.31
C37 6OU X . -11.86 22.54 -15.07
C38 6OU X . -11.64 23.85 -14.27
C39 6OU X . -10.51 23.79 -13.21
C40 6OU X . -9.82 25.10 -12.94
C41 6OU X . -9.33 25.51 -11.75
C42 6OU X . -9.36 24.73 -10.47
H23 6OU X . -14.34 25.23 -12.46
H24 6OU X . -16.79 24.51 -13.07
H25 6OU X . -15.54 23.91 -13.72
H26 6OU X . -16.88 22.72 -11.52
H27 6OU X . -15.59 22.13 -12.07
H28 6OU X . -18.17 21.99 -13.26
H29 6OU X . -17.00 21.97 -14.25
H30 6OU X . -16.17 19.91 -13.21
H31 6OU X . -17.39 19.97 -12.25
H32 6OU X . -18.30 17.47 -16.15
H33 6OU X . -17.16 18.50 -16.22
H34 6OU X . -16.53 16.26 -16.86
H35 6OU X . -17.58 15.06 -15.06
H36 6OU X . -16.10 14.61 -15.28
H45 6OU X . -12.53 17.84 -17.43
H46 6OU X . -12.69 17.59 -15.91
H47 6OU X . -12.69 20.16 -17.10
H48 6OU X . -11.64 19.68 -16.08
H49 6OU X . -13.73 19.68 -14.56
H50 6OU X . -14.16 20.79 -15.54
H51 6OU X . -11.93 20.94 -13.77
H52 6OU X . -13.19 21.80 -13.68
H53 6OU X . -11.01 22.23 -15.42
H54 6OU X . -12.36 22.76 -15.87
H55 6OU X . -11.46 24.58 -14.87
H56 6OU X . -12.47 24.06 -13.83
H57 6OU X . -9.88 23.09 -13.44
H58 6OU X . -10.91 23.45 -12.40
H59 6OU X . -9.74 25.67 -13.67
H60 6OU X . -8.92 26.35 -11.71
H62 6OU X . -8.87 23.91 -10.64
H422 6OU X . -10.27 24.45 -10.33
#